data_5OGK
#
_entry.id   5OGK
#
_cell.length_a   45.319
_cell.length_b   101.694
_cell.length_c   180.192
_cell.angle_alpha   89.86
_cell.angle_beta   90.07
_cell.angle_gamma   90.11
#
_symmetry.space_group_name_H-M   'P 1'
#
loop_
_entity.id
_entity.type
_entity.pdbx_description
1 polymer 'GDP-mannose transporter 1'
2 non-polymer "GUANOSINE-5'-DIPHOSPHATE-ALPHA-D-MANNOSE"
3 non-polymer '(2R)-2,3-dihydroxypropyl (9Z)-octadec-9-enoate'
#
_entity_poly.entity_id   1
_entity_poly.type   'polypeptide(L)'
_entity_poly.pdbx_seq_one_letter_code
;MSELKTGHAGHNPWASVANSGPISILSYCGSSILMTVTNKFVVNLKDFNMNFVMLFVQSLVCTITLIILRILGYAKFRSL
NKTDAKNWFPISFLLVLMIYTSSKALQYLAVPIYTIFKNLTIILIAYGEVLFFGGSVTSMELSSFLLMVLSSVVATWGDQ
QAVAAKAASLAEGAAGAVASFNPGYFWMFTNCITSALFVLIMRKRIKLTNFKDFDTMFYNNVLALPILLLFSFCVEDWSS
VNLTNNFSNDSLTAMIISGVASVGISYCSGWCVRVTSSTTYSMVGALNKLPIALSGLIFFDAPRNFLSILSIFIGFLSGI
IYAVAKQKKQQAQPLRK
;
_entity_poly.pdbx_strand_id   A,B,C,D,E,F,G,H
#
loop_
_chem_comp.id
_chem_comp.type
_chem_comp.name
_chem_comp.formula
GDD non-polymer GUANOSINE-5'-DIPHOSPHATE-ALPHA-D-MANNOSE 'C16 H25 N5 O16 P2'
OLC non-polymer '(2R)-2,3-dihydroxypropyl (9Z)-octadec-9-enoate' 'C21 H40 O4'
#
# COMPACT_ATOMS: atom_id res chain seq x y z
N ASN A 19 3.55 -15.18 13.65
CA ASN A 19 4.68 -14.62 12.92
C ASN A 19 4.17 -14.15 11.56
N SER A 20 3.87 -12.85 11.47
CA SER A 20 3.53 -12.17 10.24
C SER A 20 3.39 -10.68 10.54
N GLY A 21 3.40 -9.87 9.48
CA GLY A 21 3.21 -8.45 9.62
C GLY A 21 4.48 -7.75 10.09
N PRO A 22 4.32 -6.56 10.68
CA PRO A 22 5.50 -5.77 11.07
C PRO A 22 6.28 -6.39 12.21
N ILE A 23 5.73 -7.40 12.89
CA ILE A 23 6.43 -8.05 13.97
C ILE A 23 7.80 -8.52 13.50
N SER A 24 7.89 -8.98 12.25
CA SER A 24 9.18 -9.33 11.68
C SER A 24 10.21 -8.24 11.90
N ILE A 25 9.85 -6.99 11.61
CA ILE A 25 10.82 -5.91 11.64
C ILE A 25 11.27 -5.62 13.07
N LEU A 26 10.32 -5.56 14.02
CA LEU A 26 10.70 -5.40 15.42
C LEU A 26 11.59 -6.54 15.88
N SER A 27 11.32 -7.76 15.40
CA SER A 27 12.14 -8.91 15.73
C SER A 27 13.57 -8.73 15.22
N TYR A 28 13.71 -8.36 13.94
CA TYR A 28 15.03 -8.15 13.35
C TYR A 28 15.83 -7.10 14.09
N CYS A 29 15.15 -6.09 14.64
CA CYS A 29 15.86 -5.03 15.37
C CYS A 29 16.52 -5.58 16.62
N GLY A 30 15.74 -6.20 17.51
CA GLY A 30 16.30 -6.70 18.76
C GLY A 30 17.54 -7.56 18.56
N SER A 31 17.54 -8.41 17.53
CA SER A 31 18.70 -9.25 17.29
C SER A 31 19.86 -8.44 16.70
N SER A 32 19.58 -7.60 15.70
CA SER A 32 20.63 -6.73 15.19
C SER A 32 21.06 -5.72 16.26
N ILE A 33 20.12 -5.34 17.13
CA ILE A 33 20.46 -4.53 18.28
C ILE A 33 21.22 -5.38 19.30
N LEU A 34 20.68 -6.57 19.58
CA LEU A 34 21.35 -7.49 20.48
C LEU A 34 22.71 -7.92 19.93
N MET A 35 22.78 -8.22 18.63
CA MET A 35 24.05 -8.65 18.05
C MET A 35 25.08 -7.55 18.02
N THR A 36 24.64 -6.30 17.85
CA THR A 36 25.60 -5.19 17.85
C THR A 36 26.13 -4.95 19.26
N VAL A 37 25.22 -4.81 20.23
CA VAL A 37 25.64 -4.60 21.62
C VAL A 37 26.40 -5.81 22.13
N THR A 38 25.79 -6.99 22.04
CA THR A 38 26.41 -8.20 22.58
C THR A 38 27.78 -8.44 21.98
N ASN A 39 27.98 -8.13 20.70
CA ASN A 39 29.27 -8.32 20.06
C ASN A 39 30.28 -7.24 20.44
N LYS A 40 29.82 -6.13 21.04
CA LYS A 40 30.68 -5.05 21.46
C LYS A 40 30.72 -4.89 22.98
N PHE A 41 29.70 -5.38 23.69
CA PHE A 41 29.68 -5.39 25.15
C PHE A 41 30.08 -6.76 25.70
N VAL A 42 29.39 -7.81 25.28
CA VAL A 42 29.65 -9.15 25.82
C VAL A 42 30.99 -9.68 25.33
N VAL A 43 31.28 -9.55 24.03
CA VAL A 43 32.52 -10.04 23.47
C VAL A 43 33.39 -8.88 23.03
N ASN A 44 34.13 -8.30 23.98
CA ASN A 44 35.03 -7.21 23.66
C ASN A 44 36.17 -7.69 22.78
N LEU A 45 36.57 -6.84 21.82
CA LEU A 45 37.57 -7.15 20.82
C LEU A 45 37.30 -8.50 20.15
N LYS A 46 36.17 -8.56 19.45
CA LYS A 46 35.82 -9.69 18.61
C LYS A 46 36.50 -9.62 17.24
N ASP A 47 37.45 -8.72 17.04
CA ASP A 47 38.20 -8.64 15.78
C ASP A 47 39.21 -9.77 15.76
N PHE A 48 38.70 -10.95 15.41
CA PHE A 48 39.39 -12.22 15.45
C PHE A 48 40.32 -12.38 14.26
N ASN A 49 41.15 -13.42 14.30
CA ASN A 49 42.07 -13.69 13.21
C ASN A 49 41.39 -14.37 12.03
N MET A 50 40.27 -15.06 12.26
CA MET A 50 39.58 -15.87 11.26
C MET A 50 38.08 -15.58 11.29
N ASN A 51 37.63 -14.59 10.50
CA ASN A 51 36.25 -14.14 10.58
C ASN A 51 35.27 -15.27 10.28
N PHE A 52 35.58 -16.10 9.28
CA PHE A 52 34.65 -17.15 8.88
C PHE A 52 34.41 -18.15 9.99
N VAL A 53 35.40 -18.37 10.85
CA VAL A 53 35.26 -19.33 11.94
C VAL A 53 34.18 -18.87 12.91
N MET A 54 34.23 -17.59 13.30
CA MET A 54 33.14 -17.02 14.12
C MET A 54 31.78 -17.19 13.44
N LEU A 55 31.72 -16.96 12.13
CA LEU A 55 30.45 -17.16 11.42
C LEU A 55 30.11 -18.64 11.29
N PHE A 56 31.12 -19.51 11.19
CA PHE A 56 30.87 -20.94 11.15
C PHE A 56 30.20 -21.41 12.43
N VAL A 57 30.70 -20.95 13.57
CA VAL A 57 30.05 -21.28 14.85
C VAL A 57 28.70 -20.58 14.94
N GLN A 58 28.64 -19.28 14.63
CA GLN A 58 27.38 -18.57 14.70
C GLN A 58 26.29 -19.30 13.92
N SER A 59 26.64 -19.86 12.77
CA SER A 59 25.70 -20.70 12.05
C SER A 59 25.68 -22.13 12.56
N LEU A 60 26.72 -22.57 13.27
CA LEU A 60 26.71 -23.91 13.83
C LEU A 60 25.98 -23.94 15.17
N VAL A 61 26.29 -23.00 16.06
CA VAL A 61 25.54 -22.92 17.32
C VAL A 61 24.06 -22.72 17.02
N CYS A 62 23.75 -21.94 15.97
CA CYS A 62 22.38 -21.80 15.53
C CYS A 62 21.78 -23.13 15.06
N THR A 63 22.57 -23.93 14.34
CA THR A 63 22.07 -25.23 13.88
C THR A 63 21.74 -26.14 15.05
N ILE A 64 22.70 -26.30 15.98
CA ILE A 64 22.47 -27.12 17.17
C ILE A 64 21.22 -26.65 17.89
N THR A 65 21.08 -25.34 18.08
CA THR A 65 19.93 -24.81 18.81
C THR A 65 18.62 -25.30 18.21
N LEU A 66 18.54 -25.38 16.88
CA LEU A 66 17.31 -25.82 16.25
C LEU A 66 17.07 -27.29 16.48
N ILE A 67 18.12 -28.11 16.39
CA ILE A 67 17.97 -29.56 16.54
C ILE A 67 17.42 -29.90 17.92
N ILE A 68 17.86 -29.15 18.94
CA ILE A 68 17.29 -29.27 20.28
C ILE A 68 15.80 -28.98 20.26
N LEU A 69 15.37 -28.04 19.40
CA LEU A 69 13.97 -27.65 19.33
C LEU A 69 13.10 -28.64 18.57
N ARG A 70 13.65 -29.37 17.60
CA ARG A 70 12.83 -30.33 16.87
C ARG A 70 12.29 -31.44 17.78
N ILE A 71 13.02 -31.81 18.83
CA ILE A 71 12.61 -32.92 19.67
C ILE A 71 11.81 -32.44 20.87
N LEU A 72 11.45 -31.15 20.87
CA LEU A 72 10.65 -30.55 21.95
C LEU A 72 9.56 -29.71 21.31
N GLY A 73 8.41 -30.34 21.04
CA GLY A 73 7.27 -29.64 20.47
C GLY A 73 5.97 -30.40 20.63
N PHE A 77 8.87 -28.88 13.67
CA PHE A 77 9.16 -27.48 13.35
C PHE A 77 9.79 -27.34 11.98
N ARG A 78 10.54 -28.36 11.55
CA ARG A 78 11.34 -28.26 10.35
C ARG A 78 11.18 -29.49 9.44
N SER A 79 12.00 -29.57 8.39
CA SER A 79 12.04 -30.74 7.53
C SER A 79 13.44 -30.86 6.94
N LEU A 80 13.74 -32.02 6.37
CA LEU A 80 15.00 -32.27 5.67
C LEU A 80 14.72 -32.94 4.33
N ASN A 81 15.28 -32.38 3.25
CA ASN A 81 15.11 -32.91 1.91
C ASN A 81 16.45 -33.05 1.21
N LYS A 82 16.38 -33.64 0.01
CA LYS A 82 17.45 -33.57 -0.97
C LYS A 82 17.03 -32.88 -2.26
N THR A 83 15.73 -32.79 -2.54
CA THR A 83 15.27 -32.00 -3.68
C THR A 83 15.38 -30.51 -3.39
N ASP A 84 14.86 -30.07 -2.24
CA ASP A 84 15.07 -28.69 -1.82
C ASP A 84 16.54 -28.41 -1.53
N ALA A 85 17.27 -29.43 -1.07
CA ALA A 85 18.63 -29.21 -0.59
C ALA A 85 19.51 -28.60 -1.67
N LYS A 86 19.60 -29.26 -2.82
CA LYS A 86 20.52 -28.79 -3.85
C LYS A 86 20.04 -27.51 -4.53
N ASN A 87 18.79 -27.10 -4.28
CA ASN A 87 18.29 -25.82 -4.76
C ASN A 87 18.57 -24.67 -3.83
N TRP A 88 18.94 -24.94 -2.56
CA TRP A 88 19.28 -23.86 -1.65
C TRP A 88 20.77 -23.57 -1.62
N PHE A 89 21.60 -24.55 -1.99
CA PHE A 89 23.04 -24.33 -1.95
C PHE A 89 23.47 -23.05 -2.65
N PRO A 90 22.85 -22.62 -3.75
CA PRO A 90 23.22 -21.33 -4.34
C PRO A 90 23.00 -20.17 -3.37
N ILE A 91 21.94 -20.23 -2.57
CA ILE A 91 21.68 -19.16 -1.60
C ILE A 91 22.82 -19.07 -0.59
N SER A 92 23.15 -20.20 0.03
CA SER A 92 24.27 -20.24 0.98
C SER A 92 25.56 -19.78 0.31
N PHE A 93 25.84 -20.30 -0.88
CA PHE A 93 27.05 -19.87 -1.60
C PHE A 93 27.03 -18.37 -1.84
N LEU A 94 25.85 -17.80 -2.09
CA LEU A 94 25.74 -16.35 -2.17
C LEU A 94 26.02 -15.70 -0.83
N LEU A 95 25.66 -16.36 0.26
CA LEU A 95 25.86 -15.81 1.60
C LEU A 95 27.35 -15.68 1.92
N VAL A 96 28.08 -16.78 1.86
CA VAL A 96 29.50 -16.75 2.18
C VAL A 96 30.24 -15.81 1.23
N LEU A 97 29.89 -15.86 -0.05
CA LEU A 97 30.46 -14.92 -1.00
C LEU A 97 30.03 -13.50 -0.66
N MET A 98 28.79 -13.33 -0.19
CA MET A 98 28.35 -12.02 0.31
C MET A 98 29.30 -11.53 1.40
N ILE A 99 29.71 -12.41 2.31
CA ILE A 99 30.65 -12.03 3.35
C ILE A 99 32.05 -11.86 2.76
N TYR A 100 32.51 -12.83 1.96
CA TYR A 100 33.85 -12.72 1.40
C TYR A 100 33.99 -11.43 0.61
N THR A 101 33.01 -11.12 -0.23
CA THR A 101 33.05 -9.85 -0.95
C THR A 101 32.90 -8.68 0.01
N SER A 102 31.96 -8.77 0.95
CA SER A 102 31.78 -7.71 1.95
C SER A 102 33.02 -7.59 2.83
N SER A 103 33.49 -8.71 3.37
CA SER A 103 34.70 -8.70 4.19
C SER A 103 35.86 -8.10 3.41
N LYS A 104 35.98 -8.46 2.12
CA LYS A 104 37.06 -7.93 1.29
C LYS A 104 36.84 -6.48 0.94
N ALA A 105 35.58 -6.03 0.86
CA ALA A 105 35.33 -4.62 0.62
C ALA A 105 35.87 -3.76 1.75
N LEU A 106 35.53 -4.13 3.00
CA LEU A 106 35.96 -3.35 4.15
C LEU A 106 37.47 -3.39 4.38
N GLN A 107 38.19 -4.34 3.76
CA GLN A 107 39.64 -4.32 3.87
C GLN A 107 40.22 -3.12 3.13
N TYR A 108 39.62 -2.77 1.99
CA TYR A 108 40.10 -1.66 1.17
C TYR A 108 39.16 -0.46 1.18
N LEU A 109 38.06 -0.51 1.93
CA LEU A 109 37.04 0.53 1.88
C LEU A 109 36.70 1.04 3.27
N ALA A 110 36.23 2.29 3.32
CA ALA A 110 35.83 2.92 4.57
C ALA A 110 34.40 2.53 4.95
N VAL A 111 34.14 2.53 6.27
CA VAL A 111 32.83 2.11 6.75
C VAL A 111 31.71 2.99 6.23
N PRO A 112 31.83 4.32 6.23
CA PRO A 112 30.68 5.14 5.77
C PRO A 112 30.38 4.96 4.30
N ILE A 113 31.40 4.85 3.46
CA ILE A 113 31.18 4.72 2.03
C ILE A 113 30.64 3.33 1.70
N TYR A 114 31.12 2.30 2.39
CA TYR A 114 30.52 0.98 2.23
C TYR A 114 29.01 1.04 2.47
N THR A 115 28.59 1.84 3.45
CA THR A 115 27.16 2.01 3.68
C THR A 115 26.51 2.68 2.48
N ILE A 116 27.19 3.67 1.88
CA ILE A 116 26.65 4.33 0.70
C ILE A 116 26.36 3.31 -0.39
N PHE A 117 27.38 2.51 -0.77
CA PHE A 117 27.13 1.46 -1.76
C PHE A 117 26.18 0.40 -1.22
N LYS A 118 26.35 0.00 0.05
CA LYS A 118 25.37 -0.88 0.64
C LYS A 118 23.99 -0.25 0.66
N ASN A 119 23.90 1.08 0.64
CA ASN A 119 22.60 1.73 0.48
C ASN A 119 22.22 1.84 -0.99
N LEU A 120 23.21 1.94 -1.87
CA LEU A 120 22.90 1.92 -3.29
C LEU A 120 22.40 0.55 -3.72
N THR A 121 22.89 -0.50 -3.07
CA THR A 121 22.38 -1.85 -3.31
C THR A 121 20.88 -1.93 -3.03
N ILE A 122 20.38 -1.11 -2.10
CA ILE A 122 18.97 -1.14 -1.75
C ILE A 122 18.10 -0.88 -2.96
N ILE A 123 18.51 0.06 -3.82
CA ILE A 123 17.68 0.43 -4.97
C ILE A 123 17.50 -0.77 -5.90
N LEU A 124 18.62 -1.35 -6.35
CA LEU A 124 18.54 -2.50 -7.25
C LEU A 124 17.75 -3.64 -6.65
N ILE A 125 17.91 -3.88 -5.34
CA ILE A 125 17.12 -4.92 -4.69
C ILE A 125 15.63 -4.61 -4.83
N ALA A 126 15.24 -3.35 -4.63
CA ALA A 126 13.86 -2.96 -4.85
C ALA A 126 13.43 -3.23 -6.28
N TYR A 127 14.29 -2.90 -7.24
CA TYR A 127 13.99 -3.19 -8.64
C TYR A 127 14.33 -4.62 -9.02
N GLY A 128 15.11 -5.31 -8.19
CA GLY A 128 15.32 -6.73 -8.41
C GLY A 128 14.10 -7.57 -8.05
N GLU A 129 13.33 -7.14 -7.05
CA GLU A 129 12.07 -7.81 -6.75
C GLU A 129 11.10 -7.76 -7.92
N VAL A 130 11.21 -6.73 -8.76
CA VAL A 130 10.34 -6.65 -9.92
C VAL A 130 10.64 -7.79 -10.89
N LEU A 131 11.91 -8.18 -11.01
CA LEU A 131 12.27 -9.27 -11.92
C LEU A 131 11.93 -10.65 -11.37
N PHE A 132 11.68 -10.78 -10.07
CA PHE A 132 11.31 -12.06 -9.48
C PHE A 132 9.82 -12.17 -9.16
N PHE A 133 9.16 -11.05 -8.89
CA PHE A 133 7.74 -11.07 -8.56
C PHE A 133 6.94 -10.08 -9.39
N GLY A 134 7.56 -9.03 -9.93
CA GLY A 134 6.93 -8.16 -10.90
C GLY A 134 6.33 -6.88 -10.35
N GLY A 135 6.32 -6.70 -9.03
CA GLY A 135 5.76 -5.49 -8.46
C GLY A 135 6.42 -4.22 -8.98
N SER A 136 5.69 -3.12 -8.87
CA SER A 136 6.16 -1.80 -9.27
C SER A 136 6.79 -1.09 -8.08
N VAL A 137 7.84 -0.30 -8.36
CA VAL A 137 8.52 0.50 -7.35
C VAL A 137 7.84 1.86 -7.25
N THR A 138 7.14 2.09 -6.13
CA THR A 138 6.45 3.36 -5.95
C THR A 138 7.42 4.52 -6.05
N SER A 139 6.97 5.61 -6.69
CA SER A 139 7.78 6.82 -6.71
C SER A 139 8.13 7.28 -5.30
N MET A 140 7.23 7.04 -4.34
CA MET A 140 7.54 7.40 -2.95
C MET A 140 8.64 6.52 -2.39
N GLU A 141 8.59 5.22 -2.65
CA GLU A 141 9.68 4.34 -2.24
C GLU A 141 11.00 4.85 -2.80
N LEU A 142 10.98 5.31 -4.04
CA LEU A 142 12.18 5.84 -4.67
C LEU A 142 12.74 7.02 -3.89
N SER A 143 11.87 7.86 -3.35
CA SER A 143 12.33 9.01 -2.57
C SER A 143 13.04 8.56 -1.30
N SER A 144 12.46 7.61 -0.58
CA SER A 144 13.05 7.11 0.66
C SER A 144 14.48 6.63 0.44
N PHE A 145 14.68 5.76 -0.55
CA PHE A 145 16.01 5.20 -0.80
C PHE A 145 17.03 6.30 -1.06
N LEU A 146 16.64 7.32 -1.84
CA LEU A 146 17.55 8.43 -2.11
C LEU A 146 17.92 9.16 -0.83
N LEU A 147 16.95 9.31 0.08
CA LEU A 147 17.23 9.98 1.34
C LEU A 147 18.28 9.21 2.14
N MET A 148 18.14 7.88 2.20
CA MET A 148 19.19 7.07 2.81
C MET A 148 20.52 7.30 2.11
N VAL A 149 20.49 7.48 0.79
CA VAL A 149 21.70 7.80 0.05
C VAL A 149 22.31 9.09 0.57
N LEU A 150 21.48 10.12 0.70
CA LEU A 150 21.94 11.38 1.28
C LEU A 150 22.36 11.16 2.73
N SER A 151 21.47 10.60 3.54
CA SER A 151 21.85 10.26 4.91
C SER A 151 23.13 9.44 4.92
N SER A 152 23.34 8.62 3.89
CA SER A 152 24.61 7.91 3.76
C SER A 152 25.71 8.88 3.36
N VAL A 153 25.51 9.59 2.26
CA VAL A 153 26.49 10.58 1.81
C VAL A 153 26.67 11.63 2.89
N VAL A 154 25.57 12.14 3.44
CA VAL A 154 25.65 13.23 4.40
C VAL A 154 26.51 12.82 5.59
N ALA A 155 26.31 11.59 6.09
CA ALA A 155 27.19 11.09 7.15
C ALA A 155 28.61 10.92 6.64
N THR A 156 28.77 10.37 5.44
CA THR A 156 30.09 10.20 4.86
C THR A 156 30.80 11.54 4.72
N TRP A 157 30.13 12.53 4.15
CA TRP A 157 30.71 13.86 4.02
C TRP A 157 31.13 14.43 5.37
N GLY A 158 30.66 13.87 6.48
CA GLY A 158 31.12 14.34 7.77
C GLY A 158 32.10 13.43 8.51
N ASP A 159 33.10 12.90 7.80
CA ASP A 159 34.10 12.06 8.44
C ASP A 159 35.34 12.00 7.55
N GLN A 160 36.39 11.35 8.06
CA GLN A 160 37.66 11.28 7.35
C GLN A 160 37.87 9.89 6.78
N GLN A 161 38.52 8.99 7.50
CA GLN A 161 38.77 7.64 7.03
C GLN A 161 38.21 6.60 8.00
N ASN A 182 41.03 2.03 -6.15
CA ASN A 182 40.24 1.06 -6.91
C ASN A 182 40.07 -0.32 -6.28
N PRO A 183 41.07 -0.92 -5.62
CA PRO A 183 40.88 -2.30 -5.14
C PRO A 183 39.59 -2.54 -4.38
N GLY A 184 39.12 -1.55 -3.61
CA GLY A 184 37.89 -1.73 -2.86
C GLY A 184 36.64 -1.75 -3.73
N TYR A 185 36.47 -0.75 -4.60
CA TYR A 185 35.23 -0.61 -5.36
C TYR A 185 34.89 -1.88 -6.14
N PHE A 186 35.90 -2.60 -6.62
CA PHE A 186 35.61 -3.82 -7.36
C PHE A 186 34.91 -4.84 -6.47
N TRP A 187 35.45 -5.07 -5.26
CA TRP A 187 34.80 -5.98 -4.32
C TRP A 187 33.45 -5.45 -3.85
N MET A 188 33.29 -4.13 -3.72
CA MET A 188 32.00 -3.60 -3.33
C MET A 188 31.00 -3.75 -4.46
N PHE A 189 31.45 -3.60 -5.71
CA PHE A 189 30.59 -3.91 -6.83
C PHE A 189 30.12 -5.34 -6.76
N THR A 190 30.95 -6.23 -6.19
CA THR A 190 30.56 -7.62 -6.00
C THR A 190 29.64 -7.79 -4.81
N ASN A 191 29.94 -7.12 -3.70
CA ASN A 191 29.07 -7.22 -2.53
C ASN A 191 27.68 -6.70 -2.86
N CYS A 192 27.61 -5.59 -3.60
CA CYS A 192 26.31 -5.05 -4.00
C CYS A 192 25.49 -6.10 -4.75
N ILE A 193 26.14 -6.86 -5.63
CA ILE A 193 25.41 -7.83 -6.44
C ILE A 193 25.16 -9.12 -5.67
N THR A 194 26.16 -9.63 -4.94
CA THR A 194 25.96 -10.88 -4.22
C THR A 194 24.95 -10.70 -3.08
N SER A 195 25.02 -9.57 -2.38
CA SER A 195 24.02 -9.27 -1.36
C SER A 195 22.63 -9.14 -1.98
N ALA A 196 22.55 -8.67 -3.22
CA ALA A 196 21.25 -8.57 -3.90
C ALA A 196 20.76 -9.94 -4.36
N LEU A 197 21.56 -10.65 -5.15
CA LEU A 197 21.13 -11.96 -5.62
C LEU A 197 20.84 -12.90 -4.46
N PHE A 198 21.49 -12.69 -3.32
CA PHE A 198 21.25 -13.51 -2.15
C PHE A 198 19.87 -13.25 -1.57
N VAL A 199 19.64 -12.02 -1.08
CA VAL A 199 18.38 -11.71 -0.43
C VAL A 199 17.21 -11.93 -1.38
N LEU A 200 17.46 -11.78 -2.69
CA LEU A 200 16.41 -12.02 -3.68
C LEU A 200 16.07 -13.50 -3.78
N ILE A 201 17.08 -14.34 -4.04
CA ILE A 201 16.84 -15.75 -4.33
C ILE A 201 16.23 -16.45 -3.12
N MET A 202 16.78 -16.21 -1.93
CA MET A 202 16.20 -16.80 -0.73
C MET A 202 14.71 -16.53 -0.65
N ARG A 203 14.32 -15.28 -0.86
CA ARG A 203 12.90 -14.92 -0.92
C ARG A 203 12.18 -15.71 -2.02
N LYS A 204 12.87 -15.99 -3.13
CA LYS A 204 12.26 -16.78 -4.19
C LYS A 204 12.05 -18.22 -3.75
N ARG A 205 13.14 -18.91 -3.38
CA ARG A 205 13.02 -20.30 -2.97
C ARG A 205 12.15 -20.48 -1.74
N ILE A 206 12.07 -19.45 -0.87
CA ILE A 206 11.22 -19.55 0.30
C ILE A 206 9.77 -19.67 -0.13
N LYS A 207 9.28 -18.69 -0.88
CA LYS A 207 7.90 -18.74 -1.34
C LYS A 207 7.67 -19.83 -2.39
N LEU A 208 8.74 -20.33 -3.01
CA LEU A 208 8.61 -21.41 -3.98
C LEU A 208 8.46 -22.77 -3.31
N THR A 209 9.22 -23.03 -2.25
CA THR A 209 9.18 -24.28 -1.53
C THR A 209 8.35 -24.18 -0.25
N ASN A 210 7.54 -23.13 -0.13
CA ASN A 210 6.72 -22.89 1.06
C ASN A 210 7.53 -23.09 2.34
N PHE A 211 8.79 -22.65 2.31
CA PHE A 211 9.67 -22.70 3.47
C PHE A 211 9.15 -21.79 4.57
N LYS A 212 8.52 -22.37 5.59
CA LYS A 212 8.16 -21.57 6.75
C LYS A 212 9.41 -21.19 7.54
N ASP A 213 9.24 -20.22 8.45
CA ASP A 213 10.35 -19.81 9.29
C ASP A 213 10.86 -21.00 10.10
N PHE A 214 12.10 -20.87 10.56
CA PHE A 214 12.86 -22.02 11.06
C PHE A 214 13.44 -22.77 9.86
N ASP A 215 12.56 -23.19 8.94
CA ASP A 215 13.01 -23.81 7.71
C ASP A 215 14.03 -22.94 6.99
N THR A 216 13.68 -21.68 6.74
CA THR A 216 14.65 -20.74 6.21
C THR A 216 15.91 -20.71 7.07
N MET A 217 15.73 -20.55 8.39
CA MET A 217 16.88 -20.47 9.29
C MET A 217 17.73 -21.74 9.19
N PHE A 218 17.09 -22.90 9.30
CA PHE A 218 17.84 -24.15 9.36
C PHE A 218 18.74 -24.33 8.14
N TYR A 219 18.15 -24.30 6.94
CA TYR A 219 18.92 -24.56 5.72
C TYR A 219 20.08 -23.58 5.57
N ASN A 220 19.86 -22.31 5.87
CA ASN A 220 20.93 -21.33 5.73
C ASN A 220 22.07 -21.59 6.70
N ASN A 221 21.75 -22.07 7.92
CA ASN A 221 22.80 -22.37 8.88
C ASN A 221 23.56 -23.62 8.49
N VAL A 222 22.85 -24.69 8.13
CA VAL A 222 23.48 -25.98 7.85
C VAL A 222 24.35 -25.88 6.60
N LEU A 223 23.75 -25.52 5.46
CA LEU A 223 24.46 -25.55 4.19
C LEU A 223 25.61 -24.56 4.11
N ALA A 224 25.61 -23.52 4.94
CA ALA A 224 26.74 -22.60 4.95
C ALA A 224 27.96 -23.23 5.61
N LEU A 225 27.74 -24.10 6.61
CA LEU A 225 28.82 -24.78 7.32
C LEU A 225 29.92 -25.32 6.41
N PRO A 226 29.63 -26.01 5.31
CA PRO A 226 30.71 -26.50 4.44
C PRO A 226 31.43 -25.38 3.70
N ILE A 227 30.65 -24.50 3.08
CA ILE A 227 31.21 -23.41 2.28
C ILE A 227 32.19 -22.57 3.11
N LEU A 228 31.85 -22.32 4.37
CA LEU A 228 32.76 -21.57 5.23
C LEU A 228 34.11 -22.25 5.34
N LEU A 229 34.13 -23.59 5.41
CA LEU A 229 35.40 -24.30 5.46
C LEU A 229 36.20 -24.14 4.17
N LEU A 230 35.53 -24.03 3.03
CA LEU A 230 36.26 -23.70 1.81
C LEU A 230 36.91 -22.33 1.92
N PHE A 231 36.12 -21.30 2.25
CA PHE A 231 36.70 -19.98 2.39
C PHE A 231 37.58 -19.86 3.63
N SER A 232 37.30 -20.64 4.67
CA SER A 232 38.17 -20.63 5.84
C SER A 232 39.55 -21.15 5.48
N PHE A 233 39.59 -22.23 4.68
CA PHE A 233 40.85 -22.79 4.21
C PHE A 233 41.44 -22.00 3.05
N CYS A 234 40.59 -21.41 2.21
CA CYS A 234 41.10 -20.67 1.06
C CYS A 234 41.60 -19.28 1.43
N VAL A 235 41.01 -18.64 2.45
CA VAL A 235 41.25 -17.23 2.74
C VAL A 235 42.07 -17.03 4.01
N GLU A 236 41.56 -17.49 5.15
CA GLU A 236 42.33 -17.30 6.38
C GLU A 236 43.65 -18.08 6.29
N ASP A 237 44.56 -17.76 7.20
CA ASP A 237 45.79 -18.50 7.36
C ASP A 237 45.67 -19.43 8.55
N TRP A 238 45.94 -20.71 8.34
CA TRP A 238 45.92 -21.71 9.39
C TRP A 238 47.38 -22.10 9.67
N SER A 239 47.73 -22.19 10.94
CA SER A 239 49.07 -22.66 11.30
C SER A 239 49.01 -23.27 12.69
N SER A 240 49.13 -24.59 12.75
CA SER A 240 49.06 -25.27 14.05
C SER A 240 50.20 -24.86 14.97
N VAL A 241 51.29 -24.34 14.40
CA VAL A 241 52.38 -23.84 15.22
C VAL A 241 52.02 -22.50 15.85
N ASN A 242 51.16 -21.72 15.22
CA ASN A 242 50.86 -20.36 15.68
C ASN A 242 49.42 -20.19 16.16
N LEU A 243 48.44 -20.43 15.28
CA LEU A 243 47.05 -20.09 15.56
C LEU A 243 46.36 -21.09 16.49
N THR A 244 46.80 -22.35 16.51
CA THR A 244 46.24 -23.30 17.47
C THR A 244 46.23 -22.73 18.88
N ASN A 245 47.23 -21.92 19.22
CA ASN A 245 47.23 -21.21 20.50
C ASN A 245 46.35 -19.97 20.47
N ASN A 246 46.07 -19.41 19.29
CA ASN A 246 45.35 -18.13 19.23
C ASN A 246 43.92 -18.28 19.72
N PHE A 247 43.12 -19.09 19.04
CA PHE A 247 41.74 -19.32 19.50
C PHE A 247 41.80 -20.45 20.52
N SER A 248 42.18 -20.08 21.74
CA SER A 248 42.33 -21.02 22.83
C SER A 248 40.97 -21.30 23.48
N ASN A 249 40.99 -22.11 24.54
CA ASN A 249 39.77 -22.47 25.25
C ASN A 249 38.94 -21.25 25.64
N ASP A 250 39.59 -20.10 25.84
CA ASP A 250 38.85 -18.89 26.18
C ASP A 250 38.08 -18.34 24.99
N SER A 251 38.77 -18.10 23.87
CA SER A 251 38.16 -17.36 22.76
C SER A 251 36.89 -18.03 22.26
N LEU A 252 36.88 -19.37 22.20
CA LEU A 252 35.69 -20.08 21.74
C LEU A 252 34.46 -19.68 22.52
N THR A 253 34.62 -19.33 23.80
CA THR A 253 33.48 -18.87 24.59
C THR A 253 32.76 -17.71 23.89
N ALA A 254 33.52 -16.77 23.34
CA ALA A 254 32.91 -15.65 22.63
C ALA A 254 32.23 -16.12 21.35
N MET A 255 32.93 -16.97 20.57
CA MET A 255 32.36 -17.45 19.32
C MET A 255 31.06 -18.19 19.55
N ILE A 256 30.93 -18.90 20.68
CA ILE A 256 29.68 -19.55 21.01
C ILE A 256 28.72 -18.56 21.64
N ILE A 257 29.23 -17.67 22.50
CA ILE A 257 28.40 -16.59 23.02
C ILE A 257 27.85 -15.79 21.85
N SER A 258 28.69 -15.51 20.85
CA SER A 258 28.23 -14.80 19.67
C SER A 258 27.15 -15.60 18.95
N GLY A 259 27.33 -16.92 18.87
CA GLY A 259 26.34 -17.74 18.20
C GLY A 259 24.97 -17.70 18.85
N VAL A 260 24.93 -17.75 20.19
CA VAL A 260 23.64 -17.71 20.87
C VAL A 260 22.94 -16.38 20.62
N ALA A 261 23.70 -15.29 20.65
CA ALA A 261 23.11 -13.98 20.35
C ALA A 261 22.74 -13.89 18.88
N SER A 262 23.59 -14.47 18.01
CA SER A 262 23.32 -14.51 16.58
C SER A 262 22.13 -15.39 16.22
N VAL A 263 21.61 -16.17 17.18
CA VAL A 263 20.42 -16.97 16.91
C VAL A 263 19.25 -16.08 16.51
N GLY A 264 19.09 -14.95 17.20
CA GLY A 264 18.04 -14.01 16.89
C GLY A 264 18.07 -13.60 15.44
N ILE A 265 19.14 -12.92 15.03
CA ILE A 265 19.26 -12.44 13.66
C ILE A 265 19.05 -13.59 12.68
N SER A 266 19.52 -14.79 13.04
CA SER A 266 19.40 -15.93 12.13
C SER A 266 17.94 -16.22 11.79
N TYR A 267 17.10 -16.40 12.80
CA TYR A 267 15.69 -16.71 12.56
C TYR A 267 14.95 -15.52 11.95
N CYS A 268 15.27 -14.31 12.38
CA CYS A 268 14.47 -13.15 11.99
C CYS A 268 14.76 -12.69 10.57
N SER A 269 16.00 -12.82 10.11
CA SER A 269 16.33 -12.40 8.75
C SER A 269 15.42 -13.08 7.73
N GLY A 270 15.40 -14.42 7.74
CA GLY A 270 14.55 -15.15 6.83
C GLY A 270 13.07 -14.93 7.07
N TRP A 271 12.69 -14.63 8.30
CA TRP A 271 11.29 -14.30 8.59
C TRP A 271 10.90 -12.96 7.96
N CYS A 272 11.82 -11.99 8.00
CA CYS A 272 11.52 -10.67 7.44
C CYS A 272 11.36 -10.72 5.93
N VAL A 273 12.34 -11.30 5.22
CA VAL A 273 12.27 -11.36 3.77
C VAL A 273 11.01 -12.09 3.33
N ARG A 274 10.64 -13.15 4.04
CA ARG A 274 9.52 -13.99 3.61
C ARG A 274 8.20 -13.24 3.68
N VAL A 275 7.84 -12.76 4.87
CA VAL A 275 6.53 -12.17 5.07
C VAL A 275 6.44 -10.83 4.33
N THR A 276 7.41 -9.95 4.56
CA THR A 276 7.34 -8.60 4.05
C THR A 276 7.86 -8.53 2.61
N SER A 277 9.11 -8.10 2.44
CA SER A 277 9.70 -8.05 1.12
C SER A 277 11.21 -8.14 1.24
N SER A 278 11.85 -8.67 0.19
CA SER A 278 13.30 -8.66 0.15
C SER A 278 13.85 -7.23 0.20
N THR A 279 13.03 -6.26 -0.20
CA THR A 279 13.38 -4.86 -0.01
C THR A 279 13.29 -4.48 1.48
N THR A 280 12.22 -4.89 2.14
CA THR A 280 12.03 -4.52 3.55
C THR A 280 13.20 -4.98 4.41
N TYR A 281 13.61 -6.24 4.27
CA TYR A 281 14.77 -6.72 5.02
C TYR A 281 16.04 -5.96 4.64
N SER A 282 16.21 -5.67 3.35
CA SER A 282 17.38 -4.92 2.90
C SER A 282 17.36 -3.49 3.40
N MET A 283 16.18 -2.96 3.72
CA MET A 283 16.08 -1.59 4.20
C MET A 283 16.32 -1.51 5.71
N VAL A 284 15.57 -2.30 6.47
CA VAL A 284 15.69 -2.31 7.93
C VAL A 284 17.14 -2.53 8.35
N GLY A 285 17.89 -3.35 7.61
CA GLY A 285 19.28 -3.57 7.94
C GLY A 285 20.12 -2.30 7.91
N ALA A 286 19.87 -1.44 6.93
CA ALA A 286 20.57 -0.16 6.88
C ALA A 286 20.06 0.82 7.92
N LEU A 287 18.75 0.77 8.22
CA LEU A 287 18.16 1.68 9.19
C LEU A 287 18.63 1.37 10.61
N ASN A 288 18.87 0.10 10.92
CA ASN A 288 19.17 -0.28 12.30
C ASN A 288 20.35 0.50 12.85
N LYS A 289 21.39 0.69 12.04
CA LYS A 289 22.60 1.32 12.56
C LYS A 289 22.35 2.73 13.05
N LEU A 290 21.22 3.35 12.68
CA LEU A 290 20.95 4.71 13.16
C LEU A 290 20.65 4.72 14.65
N PRO A 291 19.58 4.07 15.13
CA PRO A 291 19.35 4.03 16.58
C PRO A 291 20.58 3.53 17.33
N ILE A 292 21.38 2.66 16.70
CA ILE A 292 22.66 2.30 17.29
C ILE A 292 23.61 3.48 17.23
N ALA A 293 23.67 4.15 16.08
CA ALA A 293 24.46 5.37 15.97
C ALA A 293 23.87 6.48 16.82
N LEU A 294 22.54 6.61 16.83
CA LEU A 294 21.91 7.59 17.72
C LEU A 294 22.19 7.25 19.17
N SER A 295 22.14 5.95 19.51
CA SER A 295 22.52 5.54 20.85
C SER A 295 23.96 5.90 21.16
N GLY A 296 24.84 5.84 20.15
CA GLY A 296 26.24 6.16 20.37
C GLY A 296 26.48 7.61 20.75
N LEU A 297 25.61 8.51 20.29
CA LEU A 297 25.76 9.92 20.60
C LEU A 297 25.16 10.27 21.97
N ILE A 298 24.08 9.58 22.35
CA ILE A 298 23.45 9.84 23.64
C ILE A 298 24.27 9.22 24.75
N PHE A 299 24.38 7.89 24.74
CA PHE A 299 25.08 7.11 25.75
C PHE A 299 26.58 7.39 25.82
N PHE A 300 27.11 8.24 24.94
CA PHE A 300 28.55 8.42 24.90
C PHE A 300 28.90 9.89 24.72
N ASP A 301 29.86 10.38 25.51
CA ASP A 301 30.42 11.71 25.29
C ASP A 301 31.55 11.58 24.27
N ALA A 302 31.15 11.53 23.00
CA ALA A 302 32.06 11.34 21.88
C ALA A 302 32.02 12.56 20.97
N PRO A 303 33.16 12.98 20.43
CA PRO A 303 33.15 14.10 19.48
C PRO A 303 32.24 13.83 18.30
N ARG A 304 31.31 14.75 18.06
CA ARG A 304 30.30 14.65 17.01
C ARG A 304 30.42 15.82 16.03
N ASN A 305 29.70 15.70 14.91
CA ASN A 305 29.58 16.76 13.93
C ASN A 305 28.12 16.87 13.49
N PHE A 306 27.65 18.10 13.29
CA PHE A 306 26.27 18.28 12.83
C PHE A 306 26.00 17.52 11.54
N LEU A 307 26.98 17.45 10.65
CA LEU A 307 26.80 16.69 9.43
C LEU A 307 26.44 15.24 9.74
N SER A 308 27.20 14.63 10.65
CA SER A 308 26.89 13.26 11.07
C SER A 308 25.46 13.15 11.59
N ILE A 309 25.01 14.16 12.33
CA ILE A 309 23.66 14.11 12.89
C ILE A 309 22.62 14.16 11.78
N LEU A 310 22.76 15.10 10.85
CA LEU A 310 21.81 15.18 9.75
C LEU A 310 21.64 13.83 9.07
N SER A 311 22.76 13.15 8.80
CA SER A 311 22.68 11.83 8.18
C SER A 311 21.75 10.92 8.97
N ILE A 312 21.93 10.87 10.29
CA ILE A 312 21.11 9.98 11.11
C ILE A 312 19.64 10.38 10.99
N PHE A 313 19.35 11.67 11.20
CA PHE A 313 17.97 12.12 11.07
C PHE A 313 17.46 12.01 9.64
N ILE A 314 18.34 12.17 8.65
CA ILE A 314 17.95 11.91 7.27
C ILE A 314 17.56 10.45 7.11
N GLY A 315 18.37 9.55 7.67
CA GLY A 315 18.01 8.15 7.68
C GLY A 315 16.69 7.91 8.38
N PHE A 316 16.47 8.59 9.50
CA PHE A 316 15.20 8.47 10.19
C PHE A 316 14.05 8.90 9.31
N LEU A 317 14.20 10.04 8.63
CA LEU A 317 13.19 10.47 7.66
C LEU A 317 12.95 9.39 6.61
N SER A 318 14.04 8.81 6.07
CA SER A 318 13.91 7.80 5.03
C SER A 318 12.95 6.70 5.43
N GLY A 319 13.00 6.28 6.69
CA GLY A 319 12.06 5.27 7.16
C GLY A 319 10.63 5.76 7.10
N ILE A 320 10.39 6.99 7.57
CA ILE A 320 9.03 7.50 7.61
C ILE A 320 8.43 7.52 6.20
N ILE A 321 9.22 7.99 5.22
CA ILE A 321 8.75 7.98 3.83
C ILE A 321 8.52 6.55 3.36
N TYR A 322 9.49 5.66 3.63
CA TYR A 322 9.31 4.28 3.24
C TYR A 322 8.15 3.64 4.00
N ALA A 323 8.00 4.01 5.28
CA ALA A 323 6.90 3.48 6.06
C ALA A 323 5.56 3.92 5.47
N VAL A 324 5.46 5.21 5.13
CA VAL A 324 4.23 5.73 4.53
C VAL A 324 4.06 5.18 3.12
N ALA A 325 5.16 5.03 2.39
CA ALA A 325 5.10 4.51 1.03
C ALA A 325 4.39 3.16 0.99
N LYS A 326 4.75 2.26 1.90
CA LYS A 326 4.03 0.99 1.99
C LYS A 326 2.53 1.20 2.16
N GLN A 327 2.15 2.24 2.90
CA GLN A 327 0.73 2.53 3.07
C GLN A 327 0.07 2.88 1.74
N LYS A 328 0.74 3.68 0.91
CA LYS A 328 0.15 4.10 -0.35
C LYS A 328 0.01 2.96 -1.34
N LYS A 329 0.79 1.89 -1.17
CA LYS A 329 0.61 0.73 -2.03
C LYS A 329 -0.71 0.05 -1.74
N GLN A 330 -1.00 -0.21 -0.46
CA GLN A 330 -2.24 -0.88 -0.09
C GLN A 330 -3.48 -0.04 -0.43
N GLN A 331 -3.46 1.25 -0.06
CA GLN A 331 -4.64 2.09 -0.27
C GLN A 331 -4.93 2.28 -1.75
N ALA A 332 -3.89 2.49 -2.56
CA ALA A 332 -4.08 2.75 -3.98
C ALA A 332 -4.63 1.54 -4.71
N GLN A 333 -4.24 0.35 -4.28
CA GLN A 333 -4.55 -0.89 -4.96
C GLN A 333 -5.39 -1.81 -4.08
N ASN B 19 3.82 31.66 -27.99
CA ASN B 19 4.60 31.62 -26.76
C ASN B 19 3.83 30.79 -25.73
N SER B 20 4.20 29.51 -25.61
CA SER B 20 3.66 28.64 -24.58
C SER B 20 4.40 27.31 -24.65
N GLY B 21 4.25 26.52 -23.58
CA GLY B 21 4.82 25.19 -23.51
C GLY B 21 6.30 25.18 -23.17
N PRO B 22 6.96 24.06 -23.49
CA PRO B 22 8.38 23.92 -23.11
C PRO B 22 9.30 24.85 -23.86
N ILE B 23 8.81 25.52 -24.90
CA ILE B 23 9.64 26.48 -25.62
C ILE B 23 10.20 27.50 -24.64
N SER B 24 9.40 27.86 -23.64
CA SER B 24 9.84 28.73 -22.57
C SER B 24 11.18 28.28 -22.00
N ILE B 25 11.33 26.98 -21.75
CA ILE B 25 12.50 26.50 -21.03
C ILE B 25 13.77 26.74 -21.84
N LEU B 26 13.75 26.41 -23.13
CA LEU B 26 14.90 26.71 -23.97
C LEU B 26 15.20 28.20 -23.97
N SER B 27 14.16 29.02 -24.00
CA SER B 27 14.37 30.47 -23.96
C SER B 27 15.05 30.88 -22.66
N TYR B 28 14.52 30.43 -21.52
CA TYR B 28 15.19 30.72 -20.26
C TYR B 28 16.58 30.10 -20.23
N CYS B 29 16.74 28.93 -20.86
CA CYS B 29 18.05 28.28 -20.89
C CYS B 29 19.01 29.06 -21.78
N GLY B 30 18.69 29.21 -23.06
CA GLY B 30 19.57 29.94 -23.95
C GLY B 30 19.94 31.30 -23.42
N SER B 31 18.99 31.98 -22.79
CA SER B 31 19.27 33.31 -22.25
C SER B 31 20.21 33.23 -21.06
N SER B 32 19.97 32.27 -20.16
CA SER B 32 20.88 32.08 -19.04
C SER B 32 22.25 31.63 -19.52
N ILE B 33 22.30 30.88 -20.64
CA ILE B 33 23.58 30.46 -21.20
C ILE B 33 24.28 31.63 -21.87
N LEU B 34 23.56 32.36 -22.73
CA LEU B 34 24.18 33.51 -23.39
C LEU B 34 24.66 34.51 -22.37
N MET B 35 23.86 34.73 -21.32
CA MET B 35 24.22 35.69 -20.29
C MET B 35 25.43 35.19 -19.50
N THR B 36 25.58 33.87 -19.40
CA THR B 36 26.73 33.32 -18.68
C THR B 36 28.02 33.60 -19.43
N VAL B 37 28.05 33.29 -20.73
CA VAL B 37 29.24 33.55 -21.53
C VAL B 37 29.52 35.05 -21.60
N THR B 38 28.52 35.83 -22.01
CA THR B 38 28.74 37.26 -22.21
C THR B 38 29.30 37.93 -20.96
N ASN B 39 28.88 37.49 -19.78
CA ASN B 39 29.41 38.05 -18.53
C ASN B 39 30.78 37.50 -18.17
N LYS B 40 31.21 36.40 -18.79
CA LYS B 40 32.45 35.76 -18.41
C LYS B 40 33.53 35.81 -19.47
N PHE B 41 33.16 35.83 -20.75
CA PHE B 41 34.13 35.95 -21.84
C PHE B 41 34.18 37.34 -22.46
N VAL B 42 33.03 37.89 -22.86
CA VAL B 42 33.03 39.20 -23.51
C VAL B 42 33.43 40.28 -22.52
N VAL B 43 32.86 40.23 -21.31
CA VAL B 43 33.21 41.18 -20.26
C VAL B 43 33.90 40.43 -19.14
N ASN B 44 35.20 40.16 -19.30
CA ASN B 44 35.94 39.49 -18.24
C ASN B 44 36.05 40.42 -17.04
N LEU B 45 36.10 39.80 -15.85
CA LEU B 45 35.95 40.51 -14.60
C LEU B 45 34.64 41.30 -14.58
N LYS B 46 33.54 40.54 -14.68
CA LYS B 46 32.20 41.04 -14.48
C LYS B 46 31.85 41.10 -13.00
N ASP B 47 32.82 40.79 -12.14
CA ASP B 47 32.69 40.92 -10.68
C ASP B 47 33.03 42.36 -10.32
N PHE B 48 32.05 43.24 -10.50
CA PHE B 48 32.28 44.67 -10.33
C PHE B 48 32.28 45.04 -8.85
N ASN B 49 32.68 46.28 -8.57
CA ASN B 49 32.71 46.77 -7.21
C ASN B 49 31.34 47.14 -6.69
N MET B 50 30.39 47.45 -7.58
CA MET B 50 29.03 47.84 -7.21
C MET B 50 28.03 47.06 -8.05
N ASN B 51 27.62 45.88 -7.58
CA ASN B 51 26.75 45.04 -8.38
C ASN B 51 25.43 45.74 -8.68
N PHE B 52 24.89 46.47 -7.70
CA PHE B 52 23.57 47.06 -7.86
C PHE B 52 23.54 48.09 -8.98
N VAL B 53 24.61 48.87 -9.13
CA VAL B 53 24.67 49.84 -10.22
C VAL B 53 24.82 49.12 -11.56
N MET B 54 25.74 48.15 -11.61
CA MET B 54 25.85 47.29 -12.79
C MET B 54 24.53 46.63 -13.12
N LEU B 55 23.83 46.12 -12.10
CA LEU B 55 22.51 45.52 -12.30
C LEU B 55 21.44 46.58 -12.53
N PHE B 56 21.60 47.76 -11.94
CA PHE B 56 20.66 48.85 -12.19
C PHE B 56 20.63 49.22 -13.67
N VAL B 57 21.80 49.23 -14.31
CA VAL B 57 21.86 49.48 -15.75
C VAL B 57 21.17 48.34 -16.50
N GLN B 58 21.50 47.09 -16.14
CA GLN B 58 20.86 45.94 -16.76
C GLN B 58 19.35 46.04 -16.70
N SER B 59 18.82 46.56 -15.60
CA SER B 59 17.39 46.83 -15.51
C SER B 59 17.00 48.12 -16.21
N LEU B 60 17.97 49.01 -16.46
CA LEU B 60 17.67 50.23 -17.19
C LEU B 60 17.68 50.00 -18.69
N VAL B 61 18.70 49.31 -19.21
CA VAL B 61 18.72 48.98 -20.62
C VAL B 61 17.50 48.19 -21.01
N CYS B 62 17.07 47.26 -20.15
CA CYS B 62 15.81 46.55 -20.40
C CYS B 62 14.65 47.53 -20.42
N THR B 63 14.63 48.48 -19.50
CA THR B 63 13.59 49.50 -19.49
C THR B 63 13.65 50.33 -20.77
N ILE B 64 14.83 50.87 -21.07
CA ILE B 64 15.01 51.63 -22.31
C ILE B 64 14.62 50.77 -23.52
N THR B 65 15.15 49.54 -23.55
CA THR B 65 14.88 48.65 -24.68
C THR B 65 13.39 48.44 -24.90
N LEU B 66 12.62 48.34 -23.81
CA LEU B 66 11.20 48.02 -23.94
C LEU B 66 10.42 49.16 -24.57
N ILE B 67 10.67 50.40 -24.17
CA ILE B 67 9.88 51.52 -24.66
C ILE B 67 10.03 51.65 -26.16
N ILE B 68 11.23 51.40 -26.68
CA ILE B 68 11.43 51.43 -28.12
C ILE B 68 10.52 50.43 -28.80
N LEU B 69 10.33 49.25 -28.18
CA LEU B 69 9.41 48.27 -28.74
C LEU B 69 7.97 48.61 -28.40
N ARG B 70 7.74 49.34 -27.30
CA ARG B 70 6.38 49.80 -27.01
C ARG B 70 5.86 50.64 -28.17
N ILE B 71 6.75 51.37 -28.84
CA ILE B 71 6.40 52.23 -29.96
C ILE B 71 6.71 51.58 -31.31
N LEU B 72 7.04 50.28 -31.33
CA LEU B 72 7.36 49.56 -32.57
C LEU B 72 6.66 48.20 -32.61
N GLY B 73 5.45 48.19 -33.19
CA GLY B 73 4.70 46.96 -33.33
C GLY B 73 3.60 47.06 -34.38
N PHE B 77 2.99 46.60 -26.22
CA PHE B 77 3.29 45.27 -25.72
C PHE B 77 3.06 45.15 -24.21
N ARG B 78 3.18 46.26 -23.50
CA ARG B 78 3.16 46.28 -22.04
C ARG B 78 2.17 47.33 -21.52
N SER B 79 2.15 47.55 -20.20
CA SER B 79 1.30 48.61 -19.63
C SER B 79 1.90 49.12 -18.32
N LEU B 80 1.37 50.26 -17.86
CA LEU B 80 1.73 50.88 -16.58
C LEU B 80 0.46 51.26 -15.82
N ASN B 81 0.42 50.90 -14.53
CA ASN B 81 -0.72 51.15 -13.65
C ASN B 81 -0.27 51.80 -12.35
N LYS B 82 -1.24 52.09 -11.49
CA LYS B 82 -1.02 52.33 -10.08
C LYS B 82 -1.64 51.26 -9.20
N THR B 83 -2.62 50.53 -9.72
CA THR B 83 -3.13 49.37 -9.00
C THR B 83 -2.12 48.23 -9.04
N ASP B 84 -1.55 47.99 -10.22
CA ASP B 84 -0.48 47.00 -10.34
C ASP B 84 0.75 47.40 -9.55
N ALA B 85 1.00 48.71 -9.40
CA ALA B 85 2.27 49.18 -8.87
C ALA B 85 2.53 48.66 -7.45
N LYS B 86 1.65 48.99 -6.50
CA LYS B 86 1.95 48.59 -5.13
C LYS B 86 1.74 47.11 -4.85
N ASN B 87 1.16 46.36 -5.78
CA ASN B 87 1.15 44.91 -5.63
C ASN B 87 2.38 44.27 -6.24
N TRP B 88 3.11 45.00 -7.09
CA TRP B 88 4.34 44.49 -7.68
C TRP B 88 5.59 44.91 -6.93
N PHE B 89 5.53 46.03 -6.19
CA PHE B 89 6.70 46.50 -5.46
C PHE B 89 7.36 45.43 -4.61
N PRO B 90 6.63 44.51 -3.97
CA PRO B 90 7.32 43.46 -3.21
C PRO B 90 8.21 42.57 -4.06
N ILE B 91 7.80 42.27 -5.30
CA ILE B 91 8.62 41.42 -6.16
C ILE B 91 9.95 42.08 -6.43
N SER B 92 9.94 43.33 -6.90
CA SER B 92 11.19 44.03 -7.11
C SER B 92 12.01 44.08 -5.83
N PHE B 93 11.36 44.46 -4.72
CA PHE B 93 12.03 44.40 -3.43
C PHE B 93 12.38 42.97 -3.06
N LEU B 94 11.50 42.01 -3.34
CA LEU B 94 11.84 40.61 -3.17
C LEU B 94 12.93 40.19 -4.14
N LEU B 95 12.88 40.73 -5.36
CA LEU B 95 13.88 40.41 -6.37
C LEU B 95 15.25 40.91 -5.94
N VAL B 96 15.35 42.21 -5.68
CA VAL B 96 16.63 42.79 -5.27
C VAL B 96 17.09 42.20 -3.95
N LEU B 97 16.16 42.00 -3.00
CA LEU B 97 16.54 41.37 -1.74
C LEU B 97 17.02 39.94 -1.96
N MET B 98 16.41 39.22 -2.90
CA MET B 98 16.92 37.91 -3.28
C MET B 98 18.39 37.98 -3.68
N ILE B 99 18.76 39.03 -4.40
CA ILE B 99 20.14 39.18 -4.84
C ILE B 99 21.04 39.57 -3.68
N TYR B 100 20.65 40.57 -2.89
CA TYR B 100 21.49 41.02 -1.79
C TYR B 100 21.82 39.88 -0.85
N THR B 101 20.83 39.04 -0.55
CA THR B 101 21.09 37.87 0.28
C THR B 101 22.06 36.93 -0.43
N SER B 102 21.88 36.74 -1.73
CA SER B 102 22.81 35.91 -2.50
C SER B 102 24.21 36.50 -2.50
N SER B 103 24.32 37.80 -2.83
CA SER B 103 25.62 38.45 -2.80
C SER B 103 26.26 38.35 -1.42
N LYS B 104 25.49 38.59 -0.36
CA LYS B 104 26.05 38.51 1.00
C LYS B 104 26.24 37.07 1.44
N ALA B 105 25.39 36.14 0.98
CA ALA B 105 25.60 34.73 1.27
C ALA B 105 26.88 34.23 0.62
N LEU B 106 27.08 34.59 -0.65
CA LEU B 106 28.24 34.12 -1.40
C LEU B 106 29.55 34.65 -0.83
N GLN B 107 29.50 35.67 0.02
CA GLN B 107 30.74 36.15 0.64
C GLN B 107 31.33 35.12 1.59
N TYR B 108 30.49 34.38 2.30
CA TYR B 108 30.97 33.46 3.32
C TYR B 108 30.82 31.99 2.93
N LEU B 109 30.33 31.68 1.73
CA LEU B 109 30.09 30.31 1.33
C LEU B 109 30.74 30.03 -0.01
N ALA B 110 31.10 28.77 -0.22
CA ALA B 110 31.68 28.31 -1.47
C ALA B 110 30.59 28.09 -2.51
N VAL B 111 30.97 28.19 -3.78
CA VAL B 111 29.99 28.08 -4.87
C VAL B 111 29.21 26.77 -4.80
N PRO B 112 29.84 25.62 -4.58
CA PRO B 112 29.06 24.37 -4.56
C PRO B 112 28.09 24.31 -3.39
N ILE B 113 28.47 24.81 -2.22
CA ILE B 113 27.58 24.71 -1.06
C ILE B 113 26.38 25.63 -1.24
N TYR B 114 26.60 26.83 -1.77
CA TYR B 114 25.47 27.70 -2.11
C TYR B 114 24.50 26.99 -3.03
N THR B 115 25.03 26.18 -3.96
CA THR B 115 24.17 25.44 -4.88
C THR B 115 23.26 24.46 -4.15
N ILE B 116 23.79 23.77 -3.14
CA ILE B 116 23.01 22.77 -2.43
C ILE B 116 21.73 23.37 -1.89
N PHE B 117 21.85 24.42 -1.08
CA PHE B 117 20.67 25.01 -0.46
C PHE B 117 19.75 25.64 -1.49
N LYS B 118 20.31 26.34 -2.49
CA LYS B 118 19.47 26.89 -3.54
C LYS B 118 18.72 25.81 -4.29
N ASN B 119 19.21 24.57 -4.26
CA ASN B 119 18.45 23.45 -4.80
C ASN B 119 17.45 22.93 -3.78
N LEU B 120 17.75 23.10 -2.49
CA LEU B 120 16.79 22.73 -1.46
C LEU B 120 15.55 23.62 -1.51
N THR B 121 15.72 24.89 -1.89
CA THR B 121 14.56 25.76 -2.06
C THR B 121 13.58 25.17 -3.07
N ILE B 122 14.07 24.39 -4.02
CA ILE B 122 13.19 23.75 -4.99
C ILE B 122 12.13 22.93 -4.28
N ILE B 123 12.51 22.25 -3.20
CA ILE B 123 11.55 21.43 -2.46
C ILE B 123 10.46 22.32 -1.89
N LEU B 124 10.86 23.33 -1.12
CA LEU B 124 9.86 24.24 -0.55
C LEU B 124 9.06 24.92 -1.63
N ILE B 125 9.72 25.35 -2.70
CA ILE B 125 9.02 26.01 -3.81
C ILE B 125 7.96 25.07 -4.37
N ALA B 126 8.32 23.82 -4.60
CA ALA B 126 7.33 22.84 -5.04
C ALA B 126 6.23 22.71 -4.00
N TYR B 127 6.60 22.63 -2.73
CA TYR B 127 5.62 22.55 -1.65
C TYR B 127 5.09 23.92 -1.24
N GLY B 128 5.77 25.00 -1.63
CA GLY B 128 5.20 26.32 -1.45
C GLY B 128 4.04 26.56 -2.39
N GLU B 129 4.09 25.93 -3.57
CA GLU B 129 2.97 25.98 -4.50
C GLU B 129 1.73 25.37 -3.90
N VAL B 130 1.90 24.44 -2.94
CA VAL B 130 0.75 23.85 -2.27
C VAL B 130 -0.02 24.91 -1.50
N LEU B 131 0.71 25.89 -0.94
CA LEU B 131 0.08 26.98 -0.22
C LEU B 131 -0.48 28.05 -1.15
N PHE B 132 -0.07 28.07 -2.42
CA PHE B 132 -0.50 29.11 -3.35
C PHE B 132 -1.55 28.67 -4.36
N PHE B 133 -1.54 27.41 -4.79
CA PHE B 133 -2.46 26.94 -5.81
C PHE B 133 -3.16 25.63 -5.48
N GLY B 134 -2.61 24.79 -4.60
CA GLY B 134 -3.29 23.61 -4.12
C GLY B 134 -2.93 22.32 -4.83
N GLY B 135 -2.19 22.39 -5.94
CA GLY B 135 -1.78 21.18 -6.61
C GLY B 135 -0.98 20.28 -5.71
N SER B 136 -0.95 19.00 -6.05
CA SER B 136 -0.21 18.02 -5.27
C SER B 136 1.20 17.87 -5.81
N VAL B 137 2.14 17.66 -4.90
CA VAL B 137 3.53 17.42 -5.26
C VAL B 137 3.68 15.92 -5.48
N THR B 138 3.76 15.51 -6.74
CA THR B 138 3.89 14.09 -7.03
C THR B 138 5.13 13.50 -6.35
N SER B 139 4.99 12.28 -5.84
CA SER B 139 6.14 11.57 -5.30
C SER B 139 7.26 11.50 -6.33
N MET B 140 6.90 11.40 -7.62
CA MET B 140 7.92 11.37 -8.65
C MET B 140 8.62 12.72 -8.72
N GLU B 141 7.86 13.82 -8.63
CA GLU B 141 8.51 15.13 -8.55
C GLU B 141 9.45 15.18 -7.35
N LEU B 142 9.03 14.60 -6.22
CA LEU B 142 9.88 14.58 -5.04
C LEU B 142 11.18 13.85 -5.32
N SER B 143 11.13 12.79 -6.14
CA SER B 143 12.34 12.05 -6.45
C SER B 143 13.36 12.95 -7.13
N SER B 144 12.91 13.70 -8.15
CA SER B 144 13.80 14.58 -8.88
C SER B 144 14.50 15.55 -7.93
N PHE B 145 13.72 16.27 -7.12
CA PHE B 145 14.29 17.29 -6.25
C PHE B 145 15.36 16.69 -5.33
N LEU B 146 15.13 15.49 -4.81
CA LEU B 146 16.14 14.83 -4.01
C LEU B 146 17.39 14.54 -4.83
N LEU B 147 17.19 14.10 -6.08
CA LEU B 147 18.32 13.84 -6.96
C LEU B 147 19.11 15.10 -7.23
N MET B 148 18.43 16.22 -7.47
CA MET B 148 19.14 17.50 -7.62
C MET B 148 20.04 17.76 -6.42
N VAL B 149 19.57 17.39 -5.23
CA VAL B 149 20.41 17.52 -4.03
C VAL B 149 21.68 16.70 -4.18
N LEU B 150 21.55 15.45 -4.62
CA LEU B 150 22.71 14.60 -4.79
C LEU B 150 23.69 15.19 -5.79
N SER B 151 23.23 15.47 -7.02
CA SER B 151 24.10 16.09 -8.01
C SER B 151 24.76 17.34 -7.45
N SER B 152 24.04 18.09 -6.61
CA SER B 152 24.64 19.21 -5.89
C SER B 152 25.51 18.71 -4.73
N VAL B 153 24.94 17.87 -3.86
CA VAL B 153 25.71 17.32 -2.75
C VAL B 153 26.92 16.54 -3.27
N VAL B 154 26.70 15.69 -4.27
CA VAL B 154 27.78 14.85 -4.75
C VAL B 154 28.96 15.71 -5.22
N ALA B 155 28.66 16.78 -5.95
CA ALA B 155 29.71 17.68 -6.42
C ALA B 155 30.43 18.36 -5.26
N THR B 156 29.69 18.82 -4.25
CA THR B 156 30.32 19.49 -3.11
C THR B 156 31.36 18.58 -2.46
N TRP B 157 30.97 17.36 -2.13
CA TRP B 157 31.92 16.38 -1.62
C TRP B 157 33.06 16.14 -2.60
N GLY B 158 32.89 16.57 -3.86
CA GLY B 158 33.92 16.50 -4.87
C GLY B 158 34.54 17.86 -5.16
N ASP B 159 34.92 18.58 -4.11
CA ASP B 159 35.48 19.92 -4.23
C ASP B 159 36.35 20.22 -3.00
N GLN B 160 36.99 21.39 -3.03
CA GLN B 160 37.85 21.83 -1.93
C GLN B 160 37.11 22.88 -1.12
N GLN B 161 37.17 24.14 -1.54
CA GLN B 161 36.46 25.20 -0.83
C GLN B 161 35.47 25.91 -1.74
N ALA B 177 35.57 30.80 12.75
CA ALA B 177 35.22 31.25 14.09
C ALA B 177 33.78 30.88 14.43
N VAL B 178 33.17 30.03 13.61
CA VAL B 178 31.78 29.60 13.82
C VAL B 178 30.86 30.80 13.60
N ALA B 179 31.10 31.89 14.32
CA ALA B 179 30.35 33.11 14.08
C ALA B 179 30.66 33.69 12.70
N SER B 180 31.66 33.15 11.99
CA SER B 180 31.95 33.51 10.61
C SER B 180 31.36 32.52 9.63
N PHE B 181 31.24 31.24 10.02
CA PHE B 181 30.48 30.27 9.24
C PHE B 181 29.03 30.76 9.18
N ASN B 182 28.38 30.78 10.34
CA ASN B 182 26.94 31.02 10.41
C ASN B 182 26.48 32.23 9.63
N PRO B 183 27.18 33.36 9.62
CA PRO B 183 26.68 34.52 8.88
C PRO B 183 26.30 34.17 7.45
N GLY B 184 27.05 33.28 6.80
CA GLY B 184 26.69 32.89 5.45
C GLY B 184 25.42 32.06 5.43
N TYR B 185 25.37 31.01 6.23
CA TYR B 185 24.19 30.16 6.27
C TYR B 185 22.95 30.97 6.62
N PHE B 186 23.11 31.97 7.50
CA PHE B 186 22.01 32.86 7.86
C PHE B 186 21.54 33.66 6.65
N TRP B 187 22.49 34.26 5.92
CA TRP B 187 22.13 35.00 4.72
C TRP B 187 21.51 34.07 3.69
N MET B 188 21.93 32.80 3.66
CA MET B 188 21.37 31.85 2.73
C MET B 188 19.94 31.46 3.11
N PHE B 189 19.66 31.36 4.42
CA PHE B 189 18.28 31.09 4.84
C PHE B 189 17.30 32.14 4.34
N THR B 190 17.75 33.39 4.22
CA THR B 190 16.87 34.43 3.71
C THR B 190 16.74 34.35 2.19
N ASN B 191 17.86 34.09 1.50
CA ASN B 191 17.80 33.96 0.05
C ASN B 191 16.88 32.81 -0.34
N CYS B 192 16.95 31.69 0.36
CA CYS B 192 16.09 30.55 0.06
C CYS B 192 14.62 30.93 0.16
N ILE B 193 14.24 31.69 1.17
CA ILE B 193 12.83 32.05 1.33
C ILE B 193 12.47 33.20 0.40
N THR B 194 13.35 34.20 0.28
CA THR B 194 13.06 35.29 -0.65
C THR B 194 13.08 34.78 -2.09
N SER B 195 13.98 33.85 -2.40
CA SER B 195 13.94 33.22 -3.71
C SER B 195 12.64 32.45 -3.90
N ALA B 196 12.10 31.89 -2.82
CA ALA B 196 10.79 31.27 -2.88
C ALA B 196 9.70 32.33 -2.90
N LEU B 197 9.71 33.22 -1.91
CA LEU B 197 8.70 34.28 -1.85
C LEU B 197 8.70 35.12 -3.11
N PHE B 198 9.83 35.20 -3.81
CA PHE B 198 9.90 35.97 -5.04
C PHE B 198 9.19 35.29 -6.21
N VAL B 199 9.73 34.17 -6.71
CA VAL B 199 9.13 33.53 -7.88
C VAL B 199 7.73 33.05 -7.59
N LEU B 200 7.42 32.75 -6.33
CA LEU B 200 6.08 32.29 -6.00
C LEU B 200 5.05 33.39 -6.21
N ILE B 201 5.27 34.53 -5.55
CA ILE B 201 4.27 35.60 -5.56
C ILE B 201 4.10 36.15 -6.97
N MET B 202 5.21 36.37 -7.67
CA MET B 202 5.13 36.85 -9.06
C MET B 202 4.21 35.97 -9.89
N ARG B 203 4.41 34.65 -9.85
CA ARG B 203 3.56 33.75 -10.61
C ARG B 203 2.09 33.91 -10.23
N LYS B 204 1.81 34.14 -8.95
CA LYS B 204 0.43 34.38 -8.54
C LYS B 204 -0.09 35.68 -9.12
N ARG B 205 0.58 36.79 -8.81
CA ARG B 205 0.14 38.07 -9.33
C ARG B 205 0.18 38.07 -10.86
N ILE B 206 1.04 37.26 -11.46
CA ILE B 206 1.05 37.13 -12.92
C ILE B 206 -0.26 36.51 -13.39
N LYS B 207 -0.61 35.33 -12.87
CA LYS B 207 -1.87 34.72 -13.26
C LYS B 207 -3.08 35.48 -12.71
N LEU B 208 -2.88 36.32 -11.70
CA LEU B 208 -3.97 37.15 -11.21
C LEU B 208 -4.16 38.39 -12.07
N THR B 209 -3.06 39.01 -12.50
CA THR B 209 -3.12 40.22 -13.32
C THR B 209 -2.93 39.94 -14.81
N ASN B 210 -3.04 38.68 -15.24
CA ASN B 210 -2.86 38.29 -16.63
C ASN B 210 -1.65 38.97 -17.24
N PHE B 211 -0.58 39.10 -16.47
CA PHE B 211 0.64 39.72 -16.96
C PHE B 211 1.24 38.92 -18.10
N LYS B 212 1.03 39.36 -19.33
CA LYS B 212 1.77 38.75 -20.43
C LYS B 212 3.24 39.15 -20.33
N ASP B 213 4.08 38.46 -21.08
CA ASP B 213 5.50 38.79 -21.05
C ASP B 213 5.71 40.25 -21.44
N PHE B 214 6.88 40.78 -21.08
CA PHE B 214 7.15 42.21 -21.11
C PHE B 214 6.57 42.85 -19.85
N ASP B 215 5.27 42.65 -19.63
CA ASP B 215 4.67 43.07 -18.38
C ASP B 215 5.46 42.51 -17.21
N THR B 216 5.63 41.19 -17.19
CA THR B 216 6.55 40.58 -16.23
C THR B 216 7.93 41.22 -16.36
N MET B 217 8.46 41.26 -17.58
CA MET B 217 9.78 41.86 -17.79
C MET B 217 9.78 43.33 -17.36
N PHE B 218 8.82 44.11 -17.88
CA PHE B 218 8.82 45.55 -17.64
C PHE B 218 8.73 45.87 -16.14
N TYR B 219 7.67 45.41 -15.49
CA TYR B 219 7.40 45.82 -14.11
C TYR B 219 8.55 45.48 -13.17
N ASN B 220 9.14 44.29 -13.31
CA ASN B 220 10.27 43.97 -12.44
C ASN B 220 11.46 44.87 -12.72
N ASN B 221 11.67 45.25 -13.97
CA ASN B 221 12.78 46.15 -14.27
C ASN B 221 12.51 47.55 -13.76
N VAL B 222 11.31 48.08 -14.03
CA VAL B 222 11.02 49.48 -13.67
C VAL B 222 11.03 49.66 -12.17
N LEU B 223 10.16 48.93 -11.46
CA LEU B 223 10.03 49.16 -10.03
C LEU B 223 11.29 48.74 -9.28
N ALA B 224 12.09 47.83 -9.85
CA ALA B 224 13.33 47.44 -9.20
C ALA B 224 14.41 48.51 -9.30
N LEU B 225 14.47 49.22 -10.43
CA LEU B 225 15.46 50.30 -10.60
C LEU B 225 15.59 51.19 -9.37
N PRO B 226 14.51 51.69 -8.78
CA PRO B 226 14.68 52.57 -7.60
C PRO B 226 15.29 51.82 -6.44
N ILE B 227 14.75 50.64 -6.13
CA ILE B 227 15.28 49.86 -5.02
C ILE B 227 16.77 49.58 -5.23
N LEU B 228 17.17 49.33 -6.48
CA LEU B 228 18.59 49.08 -6.75
C LEU B 228 19.44 50.27 -6.33
N LEU B 229 19.00 51.50 -6.64
CA LEU B 229 19.70 52.66 -6.15
C LEU B 229 19.57 52.80 -4.64
N LEU B 230 18.45 52.31 -4.08
CA LEU B 230 18.32 52.26 -2.64
C LEU B 230 19.44 51.44 -2.01
N PHE B 231 19.63 50.22 -2.50
CA PHE B 231 20.70 49.38 -1.99
C PHE B 231 22.07 49.89 -2.38
N SER B 232 22.16 50.72 -3.43
CA SER B 232 23.45 51.26 -3.84
C SER B 232 24.07 52.12 -2.74
N PHE B 233 23.27 52.97 -2.10
CA PHE B 233 23.79 53.76 -0.99
C PHE B 233 23.80 52.94 0.30
N CYS B 234 22.90 51.96 0.41
CA CYS B 234 22.81 51.19 1.65
C CYS B 234 24.01 50.28 1.85
N VAL B 235 24.59 49.78 0.77
CA VAL B 235 25.64 48.77 0.84
C VAL B 235 26.98 49.31 0.35
N GLU B 236 27.02 49.82 -0.89
CA GLU B 236 28.28 50.28 -1.47
C GLU B 236 28.85 51.48 -0.70
N ASP B 237 30.15 51.68 -0.88
CA ASP B 237 30.88 52.86 -0.44
C ASP B 237 31.23 53.69 -1.67
N TRP B 238 30.93 54.98 -1.61
CA TRP B 238 31.15 55.88 -2.74
C TRP B 238 32.33 56.80 -2.45
N SER B 239 33.22 56.97 -3.43
CA SER B 239 34.32 57.93 -3.32
C SER B 239 34.71 58.34 -4.74
N SER B 240 34.35 59.57 -5.12
CA SER B 240 34.64 60.05 -6.48
C SER B 240 36.12 60.22 -6.75
N VAL B 241 36.95 60.41 -5.71
CA VAL B 241 38.39 60.50 -5.92
C VAL B 241 39.00 59.13 -6.23
N ASN B 242 38.38 58.07 -5.74
CA ASN B 242 38.91 56.71 -5.86
C ASN B 242 38.04 55.82 -6.74
N LEU B 243 36.75 55.71 -6.43
CA LEU B 243 35.88 54.76 -7.11
C LEU B 243 35.50 55.23 -8.51
N THR B 244 35.41 56.54 -8.72
CA THR B 244 35.23 57.08 -10.06
C THR B 244 36.29 56.55 -11.02
N ASN B 245 37.49 56.22 -10.51
CA ASN B 245 38.54 55.67 -11.35
C ASN B 245 38.26 54.21 -11.73
N ASN B 246 37.45 53.50 -10.95
CA ASN B 246 37.21 52.09 -11.21
C ASN B 246 36.40 51.91 -12.50
N PHE B 247 35.19 52.49 -12.55
CA PHE B 247 34.31 52.36 -13.70
C PHE B 247 34.68 53.38 -14.78
N SER B 248 35.70 53.02 -15.55
CA SER B 248 36.20 53.81 -16.67
C SER B 248 35.40 53.51 -17.93
N ASN B 249 35.78 54.15 -19.04
CA ASN B 249 35.10 53.91 -20.32
C ASN B 249 35.04 52.44 -20.69
N ASP B 250 36.03 51.64 -20.25
CA ASP B 250 35.97 50.22 -20.54
C ASP B 250 34.88 49.56 -19.70
N SER B 251 34.98 49.68 -18.39
CA SER B 251 34.03 49.03 -17.51
C SER B 251 32.63 49.60 -17.69
N LEU B 252 32.52 50.93 -17.81
CA LEU B 252 31.21 51.53 -18.02
C LEU B 252 30.55 51.00 -19.27
N THR B 253 31.32 50.84 -20.35
CA THR B 253 30.80 50.21 -21.55
C THR B 253 30.33 48.79 -21.27
N ALA B 254 31.05 48.08 -20.39
CA ALA B 254 30.72 46.71 -20.06
C ALA B 254 29.36 46.60 -19.38
N MET B 255 29.07 47.50 -18.45
CA MET B 255 27.81 47.42 -17.72
C MET B 255 26.60 47.39 -18.65
N ILE B 256 26.71 48.02 -19.83
CA ILE B 256 25.62 47.94 -20.80
C ILE B 256 25.69 46.62 -21.58
N ILE B 257 26.90 46.12 -21.85
CA ILE B 257 27.04 44.87 -22.59
C ILE B 257 26.29 43.74 -21.90
N SER B 258 26.44 43.61 -20.58
CA SER B 258 25.77 42.53 -19.85
C SER B 258 24.26 42.67 -19.91
N GLY B 259 23.75 43.89 -19.78
CA GLY B 259 22.32 44.11 -19.86
C GLY B 259 21.74 43.65 -21.18
N VAL B 260 22.48 43.84 -22.27
CA VAL B 260 22.00 43.45 -23.59
C VAL B 260 21.69 41.95 -23.62
N ALA B 261 22.56 41.14 -23.02
CA ALA B 261 22.30 39.70 -22.96
C ALA B 261 21.19 39.39 -21.96
N SER B 262 21.16 40.11 -20.84
CA SER B 262 20.15 39.89 -19.81
C SER B 262 18.75 40.22 -20.30
N VAL B 263 18.60 40.80 -21.50
CA VAL B 263 17.27 41.02 -22.04
C VAL B 263 16.54 39.70 -22.16
N GLY B 264 17.23 38.67 -22.64
CA GLY B 264 16.63 37.35 -22.74
C GLY B 264 16.10 36.85 -21.41
N ILE B 265 17.00 36.59 -20.47
CA ILE B 265 16.58 36.01 -19.19
C ILE B 265 15.50 36.87 -18.53
N SER B 266 15.64 38.19 -18.63
CA SER B 266 14.65 39.06 -18.01
C SER B 266 13.27 38.77 -18.58
N TYR B 267 13.16 38.79 -19.91
CA TYR B 267 11.90 38.45 -20.55
C TYR B 267 11.56 36.98 -20.34
N CYS B 268 12.57 36.11 -20.37
CA CYS B 268 12.35 34.67 -20.30
C CYS B 268 12.12 34.18 -18.87
N SER B 269 12.77 34.80 -17.89
CA SER B 269 12.53 34.39 -16.50
C SER B 269 11.04 34.47 -16.18
N GLY B 270 10.46 35.66 -16.36
CA GLY B 270 9.04 35.83 -16.13
C GLY B 270 8.20 35.04 -17.11
N TRP B 271 8.72 34.81 -18.32
CA TRP B 271 8.01 33.97 -19.27
C TRP B 271 7.99 32.52 -18.81
N CYS B 272 9.10 32.05 -18.23
CA CYS B 272 9.17 30.67 -17.78
C CYS B 272 8.21 30.42 -16.63
N VAL B 273 8.28 31.25 -15.58
CA VAL B 273 7.42 31.06 -14.42
C VAL B 273 5.95 31.08 -14.83
N ARG B 274 5.60 31.97 -15.75
CA ARG B 274 4.20 32.16 -16.11
C ARG B 274 3.62 30.92 -16.80
N VAL B 275 4.23 30.50 -17.90
CA VAL B 275 3.64 29.47 -18.74
C VAL B 275 3.66 28.11 -18.04
N THR B 276 4.84 27.67 -17.58
CA THR B 276 4.98 26.31 -17.06
C THR B 276 4.54 26.26 -15.60
N SER B 277 5.49 26.31 -14.67
CA SER B 277 5.17 26.31 -13.25
C SER B 277 6.28 27.04 -12.51
N SER B 278 5.91 27.64 -11.38
CA SER B 278 6.93 28.29 -10.54
C SER B 278 7.97 27.30 -10.07
N THR B 279 7.63 26.01 -9.99
CA THR B 279 8.64 25.00 -9.74
C THR B 279 9.54 24.82 -10.97
N THR B 280 8.93 24.74 -12.15
CA THR B 280 9.70 24.54 -13.37
C THR B 280 10.76 25.61 -13.55
N TYR B 281 10.39 26.89 -13.38
CA TYR B 281 11.38 27.95 -13.47
C TYR B 281 12.47 27.76 -12.43
N SER B 282 12.08 27.34 -11.22
CA SER B 282 13.08 27.08 -10.18
C SER B 282 13.90 25.84 -10.50
N MET B 283 13.37 24.92 -11.30
CA MET B 283 14.06 23.69 -11.65
C MET B 283 14.97 23.89 -12.87
N VAL B 284 14.39 24.36 -13.98
CA VAL B 284 15.17 24.58 -15.20
C VAL B 284 16.35 25.52 -14.93
N GLY B 285 16.15 26.53 -14.09
CA GLY B 285 17.24 27.42 -13.74
C GLY B 285 18.38 26.69 -13.07
N ALA B 286 18.06 25.74 -12.19
CA ALA B 286 19.09 24.93 -11.56
C ALA B 286 19.67 23.94 -12.56
N LEU B 287 18.85 23.46 -13.49
CA LEU B 287 19.33 22.50 -14.48
C LEU B 287 20.33 23.13 -15.44
N ASN B 288 20.17 24.42 -15.73
CA ASN B 288 20.99 25.06 -16.75
C ASN B 288 22.48 24.92 -16.46
N LYS B 289 22.88 25.11 -15.22
CA LYS B 289 24.30 25.15 -14.91
C LYS B 289 25.00 23.82 -15.17
N LEU B 290 24.27 22.73 -15.41
CA LEU B 290 24.93 21.47 -15.72
C LEU B 290 25.64 21.56 -17.08
N PRO B 291 24.93 21.78 -18.18
CA PRO B 291 25.63 21.90 -19.48
C PRO B 291 26.74 22.92 -19.49
N ILE B 292 26.62 24.01 -18.72
CA ILE B 292 27.73 24.95 -18.60
C ILE B 292 28.87 24.29 -17.84
N ALA B 293 28.55 23.58 -16.75
CA ALA B 293 29.58 22.82 -16.05
C ALA B 293 30.13 21.71 -16.92
N LEU B 294 29.26 21.04 -17.68
CA LEU B 294 29.74 20.03 -18.62
C LEU B 294 30.67 20.63 -19.66
N SER B 295 30.38 21.85 -20.11
CA SER B 295 31.30 22.53 -21.01
C SER B 295 32.68 22.67 -20.40
N GLY B 296 32.76 22.87 -19.08
CA GLY B 296 34.06 23.05 -18.45
C GLY B 296 34.95 21.82 -18.56
N LEU B 297 34.34 20.64 -18.65
CA LEU B 297 35.10 19.40 -18.81
C LEU B 297 35.44 19.11 -20.26
N ILE B 298 34.54 19.44 -21.18
CA ILE B 298 34.76 19.18 -22.60
C ILE B 298 35.66 20.25 -23.21
N PHE B 299 35.16 21.48 -23.30
CA PHE B 299 35.89 22.58 -23.93
C PHE B 299 37.16 22.97 -23.20
N PHE B 300 37.49 22.36 -22.05
CA PHE B 300 38.63 22.76 -21.26
C PHE B 300 39.41 21.55 -20.76
N ASP B 301 40.74 21.62 -20.89
CA ASP B 301 41.64 20.62 -20.31
C ASP B 301 41.83 20.97 -18.84
N ALA B 302 40.83 20.61 -18.04
CA ALA B 302 40.80 20.98 -16.64
C ALA B 302 40.83 19.75 -15.74
N PRO B 303 41.54 19.79 -14.62
CA PRO B 303 41.50 18.67 -13.68
C PRO B 303 40.06 18.38 -13.28
N ARG B 304 39.68 17.12 -13.40
CA ARG B 304 38.30 16.69 -13.17
C ARG B 304 38.24 15.73 -11.98
N ASN B 305 37.02 15.44 -11.55
CA ASN B 305 36.77 14.38 -10.59
C ASN B 305 35.57 13.57 -11.07
N PHE B 306 35.67 12.25 -10.97
CA PHE B 306 34.54 11.42 -11.32
C PHE B 306 33.31 11.81 -10.51
N LEU B 307 33.51 12.18 -9.25
CA LEU B 307 32.40 12.68 -8.45
C LEU B 307 31.74 13.87 -9.14
N SER B 308 32.56 14.82 -9.60
CA SER B 308 32.02 15.96 -10.32
C SER B 308 31.19 15.51 -11.52
N ILE B 309 31.69 14.53 -12.27
CA ILE B 309 30.96 14.05 -13.43
C ILE B 309 29.69 13.34 -13.01
N LEU B 310 29.80 12.44 -12.03
CA LEU B 310 28.62 11.76 -11.52
C LEU B 310 27.55 12.77 -11.13
N SER B 311 27.95 13.82 -10.41
CA SER B 311 27.00 14.85 -10.02
C SER B 311 26.27 15.38 -11.24
N ILE B 312 27.01 15.72 -12.29
CA ILE B 312 26.40 16.34 -13.47
C ILE B 312 25.40 15.38 -14.11
N PHE B 313 25.82 14.14 -14.36
CA PHE B 313 24.88 13.18 -14.94
C PHE B 313 23.77 12.83 -13.95
N ILE B 314 24.06 12.92 -12.65
CA ILE B 314 22.98 12.83 -11.67
C ILE B 314 21.97 13.94 -11.92
N GLY B 315 22.44 15.14 -12.24
CA GLY B 315 21.55 16.23 -12.60
C GLY B 315 20.70 15.93 -13.82
N PHE B 316 21.29 15.35 -14.87
CA PHE B 316 20.51 14.98 -16.04
C PHE B 316 19.41 14.00 -15.68
N LEU B 317 19.74 12.97 -14.89
CA LEU B 317 18.69 12.10 -14.37
C LEU B 317 17.61 12.92 -13.69
N SER B 318 18.02 13.88 -12.86
CA SER B 318 17.07 14.73 -12.16
C SER B 318 16.07 15.36 -13.12
N GLY B 319 16.55 15.84 -14.27
CA GLY B 319 15.64 16.42 -15.23
C GLY B 319 14.68 15.40 -15.81
N ILE B 320 15.20 14.25 -16.24
CA ILE B 320 14.37 13.24 -16.89
C ILE B 320 13.23 12.83 -15.97
N ILE B 321 13.52 12.64 -14.69
CA ILE B 321 12.46 12.30 -13.74
C ILE B 321 11.45 13.44 -13.66
N TYR B 322 11.94 14.68 -13.57
CA TYR B 322 11.03 15.82 -13.51
C TYR B 322 10.28 15.98 -14.83
N ALA B 323 10.94 15.69 -15.96
CA ALA B 323 10.26 15.76 -17.24
C ALA B 323 9.13 14.76 -17.30
N VAL B 324 9.36 13.54 -16.82
CA VAL B 324 8.30 12.54 -16.79
C VAL B 324 7.25 12.92 -15.76
N ALA B 325 7.68 13.46 -14.62
CA ALA B 325 6.73 13.90 -13.60
C ALA B 325 5.76 14.93 -14.18
N LYS B 326 6.28 15.97 -14.82
CA LYS B 326 5.39 16.91 -15.52
C LYS B 326 4.55 16.17 -16.54
N GLN B 327 5.15 15.20 -17.21
CA GLN B 327 4.43 14.42 -18.21
C GLN B 327 3.32 13.61 -17.55
N LYS B 328 3.58 13.02 -16.39
CA LYS B 328 2.53 12.26 -15.70
C LYS B 328 1.48 13.17 -15.06
N LYS B 329 1.84 14.40 -14.71
CA LYS B 329 0.85 15.32 -14.16
C LYS B 329 -0.17 15.74 -15.21
N GLN B 330 0.32 16.25 -16.34
CA GLN B 330 -0.57 16.71 -17.40
C GLN B 330 -1.40 15.56 -17.94
N GLN B 331 -0.79 14.38 -18.08
CA GLN B 331 -1.51 13.21 -18.57
C GLN B 331 -2.69 12.86 -17.66
N ALA B 332 -2.54 13.04 -16.35
CA ALA B 332 -3.56 12.56 -15.43
C ALA B 332 -4.88 13.30 -15.57
N GLN B 333 -4.83 14.62 -15.68
CA GLN B 333 -6.07 15.39 -15.78
C GLN B 333 -6.12 16.32 -16.99
N ALA C 18 -45.65 7.31 -27.16
CA ALA C 18 -44.23 7.58 -27.31
C ALA C 18 -43.45 7.19 -26.06
N ASN C 19 -43.94 7.55 -24.88
CA ASN C 19 -43.25 7.32 -23.62
C ASN C 19 -44.13 6.50 -22.68
N SER C 20 -43.90 5.19 -22.62
CA SER C 20 -44.55 4.36 -21.60
C SER C 20 -43.97 2.96 -21.68
N GLY C 21 -44.19 2.19 -20.62
CA GLY C 21 -43.77 0.82 -20.58
C GLY C 21 -42.29 0.69 -20.28
N PRO C 22 -41.70 -0.44 -20.69
CA PRO C 22 -40.30 -0.71 -20.36
C PRO C 22 -39.32 0.25 -21.03
N ILE C 23 -39.77 1.11 -21.93
CA ILE C 23 -38.86 2.06 -22.58
C ILE C 23 -38.09 2.81 -21.52
N SER C 24 -38.73 3.12 -20.39
CA SER C 24 -38.03 3.74 -19.27
C SER C 24 -36.76 2.97 -18.94
N ILE C 25 -36.86 1.64 -18.84
CA ILE C 25 -35.71 0.86 -18.37
C ILE C 25 -34.58 0.92 -19.38
N LEU C 26 -34.89 0.72 -20.66
CA LEU C 26 -33.87 0.89 -21.70
C LEU C 26 -33.35 2.32 -21.73
N SER C 27 -34.24 3.30 -21.56
CA SER C 27 -33.83 4.69 -21.53
C SER C 27 -32.89 4.97 -20.37
N TYR C 28 -33.29 4.55 -19.16
CA TYR C 28 -32.46 4.77 -17.98
C TYR C 28 -31.10 4.11 -18.14
N CYS C 29 -31.03 2.98 -18.87
CA CYS C 29 -29.75 2.32 -19.09
C CYS C 29 -28.84 3.18 -19.95
N GLY C 30 -29.30 3.54 -21.15
CA GLY C 30 -28.48 4.36 -22.02
C GLY C 30 -27.95 5.60 -21.34
N SER C 31 -28.77 6.21 -20.50
CA SER C 31 -28.32 7.41 -19.78
C SER C 31 -27.32 7.06 -18.69
N SER C 32 -27.62 6.03 -17.89
CA SER C 32 -26.65 5.57 -16.91
C SER C 32 -25.43 4.96 -17.61
N ILE C 33 -25.64 4.38 -18.79
CA ILE C 33 -24.53 3.88 -19.60
C ILE C 33 -23.75 5.06 -20.18
N LEU C 34 -24.46 6.03 -20.74
CA LEU C 34 -23.81 7.20 -21.32
C LEU C 34 -23.07 7.99 -20.25
N MET C 35 -23.72 8.23 -19.10
CA MET C 35 -23.09 9.04 -18.06
C MET C 35 -21.96 8.30 -17.36
N THR C 36 -22.02 6.98 -17.28
CA THR C 36 -20.95 6.24 -16.63
C THR C 36 -19.68 6.28 -17.47
N VAL C 37 -19.77 5.92 -18.74
CA VAL C 37 -18.60 5.94 -19.62
C VAL C 37 -18.07 7.36 -19.78
N THR C 38 -18.95 8.28 -20.15
CA THR C 38 -18.53 9.66 -20.42
C THR C 38 -17.77 10.27 -19.26
N ASN C 39 -18.12 9.91 -18.02
CA ASN C 39 -17.41 10.44 -16.86
C ASN C 39 -16.05 9.82 -16.66
N LYS C 40 -15.75 8.70 -17.32
CA LYS C 40 -14.50 7.99 -17.13
C LYS C 40 -13.62 7.98 -18.38
N PHE C 41 -14.20 8.17 -19.56
CA PHE C 41 -13.44 8.31 -20.79
C PHE C 41 -13.26 9.78 -21.17
N VAL C 42 -14.36 10.54 -21.24
CA VAL C 42 -14.31 11.94 -21.65
C VAL C 42 -13.65 12.80 -20.58
N VAL C 43 -14.00 12.58 -19.32
CA VAL C 43 -13.48 13.37 -18.21
C VAL C 43 -12.55 12.56 -17.32
N ASN C 44 -11.27 12.49 -17.70
CA ASN C 44 -10.30 11.77 -16.90
C ASN C 44 -10.08 12.45 -15.55
N LEU C 45 -9.95 11.63 -14.50
CA LEU C 45 -9.82 12.08 -13.12
C LEU C 45 -10.86 13.16 -12.79
N LYS C 46 -12.13 12.74 -12.84
CA LYS C 46 -13.26 13.56 -12.43
C LYS C 46 -13.52 13.55 -10.93
N ASP C 47 -12.59 13.02 -10.12
CA ASP C 47 -12.73 13.03 -8.67
C ASP C 47 -12.41 14.45 -8.18
N PHE C 48 -13.43 15.29 -8.24
CA PHE C 48 -13.38 16.73 -8.02
C PHE C 48 -13.27 17.08 -6.54
N ASN C 49 -12.93 18.34 -6.28
CA ASN C 49 -12.79 18.85 -4.92
C ASN C 49 -14.13 19.26 -4.32
N MET C 50 -15.11 19.61 -5.15
CA MET C 50 -16.41 20.10 -4.71
C MET C 50 -17.49 19.36 -5.50
N ASN C 51 -17.92 18.22 -4.96
CA ASN C 51 -18.84 17.36 -5.71
C ASN C 51 -20.14 18.08 -6.03
N PHE C 52 -20.66 18.85 -5.08
CA PHE C 52 -21.94 19.52 -5.30
C PHE C 52 -21.86 20.55 -6.43
N VAL C 53 -20.69 21.18 -6.62
CA VAL C 53 -20.55 22.18 -7.66
C VAL C 53 -20.72 21.53 -9.03
N MET C 54 -20.03 20.42 -9.27
CA MET C 54 -20.27 19.64 -10.47
C MET C 54 -21.74 19.23 -10.56
N LEU C 55 -22.35 18.87 -9.43
CA LEU C 55 -23.77 18.50 -9.42
C LEU C 55 -24.66 19.72 -9.65
N PHE C 56 -24.23 20.90 -9.20
CA PHE C 56 -25.00 22.11 -9.47
C PHE C 56 -25.06 22.37 -10.98
N VAL C 57 -23.94 22.17 -11.66
CA VAL C 57 -23.92 22.28 -13.12
C VAL C 57 -24.78 21.19 -13.75
N GLN C 58 -24.60 19.94 -13.31
CA GLN C 58 -25.43 18.86 -13.85
C GLN C 58 -26.90 19.20 -13.75
N SER C 59 -27.31 19.85 -12.67
CA SER C 59 -28.68 20.34 -12.58
C SER C 59 -28.86 21.67 -13.29
N LEU C 60 -27.77 22.43 -13.50
CA LEU C 60 -27.88 23.69 -14.24
C LEU C 60 -27.76 23.49 -15.75
N VAL C 61 -26.75 22.73 -16.20
CA VAL C 61 -26.62 22.46 -17.62
C VAL C 61 -27.88 21.79 -18.14
N CYS C 62 -28.46 20.89 -17.34
CA CYS C 62 -29.75 20.31 -17.70
C CYS C 62 -30.83 21.38 -17.78
N THR C 63 -30.83 22.32 -16.83
CA THR C 63 -31.81 23.40 -16.86
C THR C 63 -31.66 24.24 -18.11
N ILE C 64 -30.42 24.68 -18.40
CA ILE C 64 -30.17 25.41 -19.64
C ILE C 64 -30.69 24.60 -20.83
N THR C 65 -30.35 23.31 -20.85
CA THR C 65 -30.82 22.43 -21.91
C THR C 65 -32.34 22.47 -22.02
N LEU C 66 -33.03 22.53 -20.87
CA LEU C 66 -34.48 22.54 -20.86
C LEU C 66 -35.05 23.86 -21.37
N ILE C 67 -34.46 24.99 -20.95
CA ILE C 67 -35.01 26.30 -21.30
C ILE C 67 -35.01 26.51 -22.81
N ILE C 68 -33.96 26.07 -23.48
CA ILE C 68 -33.93 26.15 -24.94
C ILE C 68 -35.08 25.37 -25.54
N LEU C 69 -35.46 24.26 -24.90
CA LEU C 69 -36.47 23.36 -25.44
C LEU C 69 -37.90 23.90 -25.27
N ARG C 70 -38.16 24.66 -24.22
CA ARG C 70 -39.50 25.25 -24.07
C ARG C 70 -39.81 26.21 -25.21
N ILE C 71 -38.79 26.89 -25.75
CA ILE C 71 -38.98 27.90 -26.77
C ILE C 71 -38.79 27.35 -28.18
N LEU C 72 -38.62 26.03 -28.32
CA LEU C 72 -38.49 25.39 -29.63
C LEU C 72 -39.33 24.12 -29.58
N GLY C 73 -40.60 24.24 -29.93
CA GLY C 73 -41.49 23.09 -29.97
C GLY C 73 -42.75 23.35 -30.78
N PHE C 77 -43.69 22.08 -23.69
CA PHE C 77 -43.36 20.77 -23.14
C PHE C 77 -43.55 20.73 -21.62
N ARG C 78 -43.36 21.88 -20.98
CA ARG C 78 -43.28 21.95 -19.52
C ARG C 78 -44.18 23.03 -18.94
N SER C 79 -44.03 23.31 -17.65
CA SER C 79 -44.77 24.39 -17.00
C SER C 79 -43.93 24.98 -15.88
N LEU C 80 -44.37 26.13 -15.39
CA LEU C 80 -43.76 26.81 -14.25
C LEU C 80 -44.86 27.21 -13.27
N ASN C 81 -44.70 26.82 -12.00
CA ASN C 81 -45.66 27.18 -10.97
C ASN C 81 -44.96 27.73 -9.74
N LYS C 82 -45.77 28.26 -8.82
CA LYS C 82 -45.36 28.53 -7.45
C LYS C 82 -46.18 27.80 -6.41
N THR C 83 -47.39 27.34 -6.75
CA THR C 83 -48.16 26.51 -5.81
C THR C 83 -47.56 25.12 -5.70
N ASP C 84 -47.34 24.45 -6.84
CA ASP C 84 -46.64 23.16 -6.82
C ASP C 84 -45.20 23.31 -6.38
N ALA C 85 -44.59 24.46 -6.66
CA ALA C 85 -43.14 24.61 -6.50
C ALA C 85 -42.71 24.26 -5.08
N LYS C 86 -43.31 24.92 -4.09
CA LYS C 86 -42.85 24.72 -2.73
C LYS C 86 -43.18 23.33 -2.21
N ASN C 87 -43.95 22.55 -2.96
CA ASN C 87 -44.22 21.16 -2.65
C ASN C 87 -43.17 20.20 -3.19
N TRP C 88 -42.33 20.63 -4.11
CA TRP C 88 -41.26 19.79 -4.63
C TRP C 88 -39.94 19.98 -3.90
N PHE C 89 -39.75 21.13 -3.26
CA PHE C 89 -38.49 21.41 -2.57
C PHE C 89 -38.05 20.27 -1.65
N PRO C 90 -38.94 19.54 -0.97
CA PRO C 90 -38.47 18.41 -0.15
C PRO C 90 -37.74 17.35 -0.96
N ILE C 91 -38.16 17.11 -2.21
CA ILE C 91 -37.46 16.13 -3.04
C ILE C 91 -36.03 16.57 -3.27
N SER C 92 -35.84 17.81 -3.72
CA SER C 92 -34.50 18.33 -3.94
C SER C 92 -33.69 18.26 -2.65
N PHE C 93 -34.27 18.70 -1.54
CA PHE C 93 -33.60 18.59 -0.25
C PHE C 93 -33.37 17.12 0.08
N LEU C 94 -34.33 16.25 -0.27
CA LEU C 94 -34.11 14.82 -0.17
C LEU C 94 -33.08 14.34 -1.19
N LEU C 95 -33.11 14.91 -2.40
CA LEU C 95 -32.16 14.51 -3.43
C LEU C 95 -30.74 14.91 -3.05
N VAL C 96 -30.53 16.21 -2.83
CA VAL C 96 -29.20 16.68 -2.48
C VAL C 96 -28.72 16.01 -1.21
N LEU C 97 -29.62 15.84 -0.25
CA LEU C 97 -29.27 15.09 0.96
C LEU C 97 -28.93 13.66 0.63
N MET C 98 -29.63 13.08 -0.36
CA MET C 98 -29.25 11.74 -0.84
C MET C 98 -27.79 11.72 -1.26
N ILE C 99 -27.33 12.78 -1.91
CA ILE C 99 -25.92 12.85 -2.33
C ILE C 99 -25.02 13.04 -1.12
N TYR C 100 -25.37 13.99 -0.25
CA TYR C 100 -24.50 14.28 0.89
C TYR C 100 -24.28 13.05 1.76
N THR C 101 -25.35 12.29 2.04
CA THR C 101 -25.19 11.08 2.84
C THR C 101 -24.35 10.05 2.10
N SER C 102 -24.63 9.83 0.82
CA SER C 102 -23.85 8.87 0.04
C SER C 102 -22.39 9.31 -0.07
N SER C 103 -22.16 10.57 -0.44
CA SER C 103 -20.78 11.06 -0.50
C SER C 103 -20.09 10.86 0.84
N LYS C 104 -20.79 11.17 1.94
CA LYS C 104 -20.23 10.96 3.26
C LYS C 104 -20.24 9.49 3.66
N ALA C 105 -21.21 8.72 3.17
CA ALA C 105 -21.21 7.29 3.42
C ALA C 105 -20.00 6.62 2.77
N LEU C 106 -19.78 6.92 1.48
CA LEU C 106 -18.65 6.31 0.77
C LEU C 106 -17.31 6.79 1.31
N GLN C 107 -17.28 7.88 2.07
CA GLN C 107 -16.02 8.32 2.66
C GLN C 107 -15.54 7.32 3.71
N TYR C 108 -16.46 6.72 4.46
CA TYR C 108 -16.14 5.79 5.53
C TYR C 108 -16.49 4.35 5.18
N LEU C 109 -16.96 4.08 3.96
CA LEU C 109 -17.45 2.76 3.58
C LEU C 109 -16.77 2.29 2.30
N ALA C 110 -16.67 0.97 2.15
CA ALA C 110 -16.06 0.39 0.97
C ALA C 110 -17.05 0.36 -0.20
N VAL C 111 -16.51 0.43 -1.41
CA VAL C 111 -17.35 0.45 -2.60
C VAL C 111 -18.18 -0.82 -2.72
N PRO C 112 -17.60 -2.02 -2.54
CA PRO C 112 -18.43 -3.23 -2.68
C PRO C 112 -19.48 -3.36 -1.60
N ILE C 113 -19.14 -3.01 -0.35
CA ILE C 113 -20.08 -3.14 0.75
C ILE C 113 -21.15 -2.03 0.69
N TYR C 114 -20.76 -0.83 0.28
CA TYR C 114 -21.75 0.24 0.10
C TYR C 114 -22.88 -0.19 -0.83
N THR C 115 -22.54 -0.92 -1.89
CA THR C 115 -23.57 -1.41 -2.81
C THR C 115 -24.55 -2.33 -2.10
N ILE C 116 -24.06 -3.16 -1.18
CA ILE C 116 -24.92 -4.08 -0.45
C ILE C 116 -26.09 -3.31 0.16
N PHE C 117 -25.79 -2.26 0.93
CA PHE C 117 -26.85 -1.47 1.54
C PHE C 117 -27.71 -0.77 0.49
N LYS C 118 -27.08 -0.24 -0.56
CA LYS C 118 -27.86 0.38 -1.64
C LYS C 118 -28.82 -0.58 -2.32
N ASN C 119 -28.51 -1.89 -2.28
CA ASN C 119 -29.46 -2.87 -2.81
C ASN C 119 -30.47 -3.31 -1.78
N LEU C 120 -30.11 -3.28 -0.49
CA LEU C 120 -31.10 -3.54 0.55
C LEU C 120 -32.16 -2.46 0.57
N THR C 121 -31.77 -1.23 0.19
CA THR C 121 -32.73 -0.15 0.05
C THR C 121 -33.85 -0.53 -0.90
N ILE C 122 -33.57 -1.38 -1.89
CA ILE C 122 -34.60 -1.83 -2.80
C ILE C 122 -35.73 -2.50 -2.04
N ILE C 123 -35.40 -3.26 -1.00
CA ILE C 123 -36.42 -3.96 -0.22
C ILE C 123 -37.34 -2.95 0.45
N LEU C 124 -36.78 -2.04 1.25
CA LEU C 124 -37.62 -1.03 1.89
C LEU C 124 -38.35 -0.19 0.85
N ILE C 125 -37.65 0.19 -0.23
CA ILE C 125 -38.31 0.91 -1.31
C ILE C 125 -39.45 0.09 -1.88
N ALA C 126 -39.21 -1.21 -2.11
CA ALA C 126 -40.27 -2.10 -2.56
C ALA C 126 -41.42 -2.13 -1.56
N TYR C 127 -41.10 -2.20 -0.27
CA TYR C 127 -42.12 -2.18 0.77
C TYR C 127 -42.56 -0.77 1.10
N GLY C 128 -41.82 0.26 0.68
CA GLY C 128 -42.31 1.62 0.81
C GLY C 128 -43.42 1.95 -0.16
N GLU C 129 -43.40 1.36 -1.37
CA GLU C 129 -44.50 1.54 -2.30
C GLU C 129 -45.81 1.00 -1.77
N VAL C 130 -45.76 -0.03 -0.91
CA VAL C 130 -46.99 -0.56 -0.35
C VAL C 130 -47.66 0.47 0.56
N LEU C 131 -46.87 1.26 1.28
CA LEU C 131 -47.44 2.29 2.14
C LEU C 131 -47.84 3.54 1.36
N PHE C 132 -47.37 3.69 0.11
CA PHE C 132 -47.69 4.85 -0.71
C PHE C 132 -48.67 4.54 -1.83
N PHE C 133 -48.68 3.30 -2.33
CA PHE C 133 -49.59 2.94 -3.41
C PHE C 133 -50.37 1.69 -3.06
N GLY C 134 -49.83 0.87 -2.16
CA GLY C 134 -50.59 -0.24 -1.62
C GLY C 134 -50.38 -1.57 -2.31
N GLY C 135 -49.64 -1.59 -3.42
CA GLY C 135 -49.43 -2.84 -4.12
C GLY C 135 -48.82 -3.92 -3.24
N SER C 136 -49.06 -5.16 -3.65
CA SER C 136 -48.53 -6.32 -2.94
C SER C 136 -47.17 -6.72 -3.50
N VAL C 137 -46.29 -7.17 -2.62
CA VAL C 137 -44.97 -7.65 -3.01
C VAL C 137 -45.08 -9.15 -3.29
N THR C 138 -45.00 -9.52 -4.57
CA THR C 138 -45.05 -10.94 -4.90
C THR C 138 -43.93 -11.66 -4.16
N SER C 139 -44.22 -12.86 -3.67
CA SER C 139 -43.15 -13.66 -3.07
C SER C 139 -41.99 -13.81 -4.04
N MET C 140 -42.28 -13.80 -5.34
CA MET C 140 -41.23 -13.83 -6.34
C MET C 140 -40.40 -12.55 -6.29
N GLU C 141 -41.07 -11.41 -6.20
CA GLU C 141 -40.36 -10.14 -6.10
C GLU C 141 -39.39 -10.13 -4.94
N LEU C 142 -39.79 -10.72 -3.80
CA LEU C 142 -38.91 -10.78 -2.65
C LEU C 142 -37.64 -11.57 -2.96
N SER C 143 -37.76 -12.63 -3.78
CA SER C 143 -36.59 -13.43 -4.13
C SER C 143 -35.56 -12.61 -4.89
N SER C 144 -36.02 -11.81 -5.87
CA SER C 144 -35.11 -11.00 -6.66
C SER C 144 -34.21 -10.16 -5.77
N PHE C 145 -34.82 -9.41 -4.85
CA PHE C 145 -34.04 -8.53 -3.99
C PHE C 145 -32.98 -9.31 -3.22
N LEU C 146 -33.36 -10.49 -2.68
CA LEU C 146 -32.37 -11.31 -1.99
C LEU C 146 -31.30 -11.79 -2.96
N LEU C 147 -31.69 -12.16 -4.18
CA LEU C 147 -30.69 -12.56 -5.17
C LEU C 147 -29.76 -11.40 -5.48
N MET C 148 -30.34 -10.22 -5.70
CA MET C 148 -29.50 -9.02 -5.82
C MET C 148 -28.67 -8.83 -4.57
N VAL C 149 -29.25 -9.10 -3.41
CA VAL C 149 -28.50 -9.03 -2.16
C VAL C 149 -27.33 -10.01 -2.18
N LEU C 150 -27.59 -11.25 -2.61
CA LEU C 150 -26.51 -12.22 -2.71
C LEU C 150 -25.44 -11.73 -3.67
N SER C 151 -25.84 -11.40 -4.90
CA SER C 151 -24.91 -10.82 -5.86
C SER C 151 -24.17 -9.63 -5.26
N SER C 152 -24.83 -8.90 -4.37
CA SER C 152 -24.16 -7.80 -3.68
C SER C 152 -23.15 -8.33 -2.67
N VAL C 153 -23.61 -9.19 -1.75
CA VAL C 153 -22.69 -9.78 -0.77
C VAL C 153 -21.60 -10.57 -1.48
N VAL C 154 -21.98 -11.37 -2.48
CA VAL C 154 -21.03 -12.28 -3.12
C VAL C 154 -19.81 -11.52 -3.60
N ALA C 155 -20.00 -10.34 -4.18
CA ALA C 155 -18.86 -9.53 -4.56
C ALA C 155 -18.05 -9.14 -3.32
N THR C 156 -18.74 -8.80 -2.22
CA THR C 156 -18.04 -8.44 -0.99
C THR C 156 -17.15 -9.57 -0.49
N TRP C 157 -17.72 -10.76 -0.30
CA TRP C 157 -16.91 -11.91 0.10
C TRP C 157 -15.79 -12.21 -0.89
N GLY C 158 -15.89 -11.72 -2.12
CA GLY C 158 -14.80 -11.89 -3.05
C GLY C 158 -14.04 -10.61 -3.33
N ASP C 159 -13.75 -9.84 -2.29
CA ASP C 159 -13.04 -8.57 -2.48
C ASP C 159 -12.42 -8.14 -1.16
N GLN C 160 -11.66 -7.04 -1.22
CA GLN C 160 -10.99 -6.50 -0.03
C GLN C 160 -11.72 -5.24 0.44
N GLN C 161 -11.33 -4.09 -0.10
CA GLN C 161 -11.96 -2.83 0.26
C GLN C 161 -12.50 -2.12 -0.98
N PHE C 181 -15.28 1.65 12.50
CA PHE C 181 -16.46 1.09 11.84
C PHE C 181 -17.62 2.07 11.66
N ASN C 182 -18.27 2.43 12.76
CA ASN C 182 -19.57 3.09 12.73
C ASN C 182 -19.68 4.32 11.82
N PRO C 183 -18.69 5.21 11.71
CA PRO C 183 -18.92 6.43 10.91
C PRO C 183 -19.51 6.16 9.54
N GLY C 184 -19.09 5.10 8.87
CA GLY C 184 -19.66 4.78 7.57
C GLY C 184 -21.08 4.24 7.68
N TYR C 185 -21.26 3.20 8.50
CA TYR C 185 -22.57 2.56 8.60
C TYR C 185 -23.67 3.53 8.99
N PHE C 186 -23.34 4.52 9.82
CA PHE C 186 -24.35 5.50 10.22
C PHE C 186 -24.82 6.33 9.03
N TRP C 187 -23.87 6.84 8.24
CA TRP C 187 -24.26 7.62 7.06
C TRP C 187 -25.03 6.78 6.05
N MET C 188 -24.73 5.49 5.96
CA MET C 188 -25.51 4.63 5.06
C MET C 188 -26.93 4.42 5.57
N PHE C 189 -27.10 4.35 6.89
CA PHE C 189 -28.44 4.31 7.45
C PHE C 189 -29.26 5.53 7.02
N THR C 190 -28.57 6.65 6.76
CA THR C 190 -29.23 7.85 6.26
C THR C 190 -29.50 7.76 4.76
N ASN C 191 -28.52 7.27 4.00
CA ASN C 191 -28.68 7.17 2.54
C ASN C 191 -29.88 6.29 2.19
N CYS C 192 -30.03 5.16 2.89
CA CYS C 192 -31.13 4.26 2.58
C CYS C 192 -32.48 4.96 2.69
N ILE C 193 -32.66 5.81 3.71
CA ILE C 193 -33.96 6.45 3.86
C ILE C 193 -34.08 7.64 2.91
N THR C 194 -33.05 8.48 2.81
CA THR C 194 -33.14 9.61 1.89
C THR C 194 -33.14 9.14 0.44
N SER C 195 -32.29 8.16 0.12
CA SER C 195 -32.36 7.58 -1.23
C SER C 195 -33.69 6.89 -1.46
N ALA C 196 -34.27 6.30 -0.41
CA ALA C 196 -35.60 5.72 -0.51
C ALA C 196 -36.68 6.79 -0.48
N LEU C 197 -36.70 7.60 0.58
CA LEU C 197 -37.70 8.65 0.69
C LEU C 197 -37.64 9.57 -0.52
N PHE C 198 -36.47 9.70 -1.14
CA PHE C 198 -36.33 10.50 -2.35
C PHE C 198 -37.03 9.80 -3.52
N VAL C 199 -36.52 8.62 -3.90
CA VAL C 199 -37.10 7.93 -5.05
C VAL C 199 -38.56 7.62 -4.81
N LEU C 200 -38.95 7.44 -3.55
CA LEU C 200 -40.34 7.13 -3.21
C LEU C 200 -41.26 8.32 -3.46
N ILE C 201 -40.97 9.44 -2.79
CA ILE C 201 -41.89 10.58 -2.80
C ILE C 201 -42.01 11.18 -4.20
N MET C 202 -40.89 11.34 -4.90
CA MET C 202 -40.94 11.88 -6.26
C MET C 202 -42.01 11.17 -7.07
N ARG C 203 -42.03 9.84 -7.02
CA ARG C 203 -43.09 9.10 -7.67
C ARG C 203 -44.47 9.53 -7.16
N LYS C 204 -44.57 9.91 -5.89
CA LYS C 204 -45.85 10.39 -5.36
C LYS C 204 -46.26 11.72 -5.97
N ARG C 205 -45.47 12.78 -5.73
CA ARG C 205 -45.81 14.10 -6.23
C ARG C 205 -45.87 14.14 -7.75
N ILE C 206 -45.12 13.26 -8.42
CA ILE C 206 -45.16 13.22 -9.89
C ILE C 206 -46.56 12.82 -10.36
N LYS C 207 -47.03 11.65 -9.93
CA LYS C 207 -48.35 11.20 -10.34
C LYS C 207 -49.47 12.02 -9.72
N LEU C 208 -49.20 12.77 -8.66
CA LEU C 208 -50.25 13.59 -8.04
C LEU C 208 -50.52 14.86 -8.84
N THR C 209 -49.48 15.51 -9.34
CA THR C 209 -49.63 16.74 -10.12
C THR C 209 -49.59 16.47 -11.62
N ASN C 210 -49.81 15.22 -12.02
CA ASN C 210 -49.77 14.83 -13.43
C ASN C 210 -48.55 15.42 -14.12
N PHE C 211 -47.43 15.43 -13.40
CA PHE C 211 -46.15 15.88 -13.94
C PHE C 211 -45.71 14.94 -15.06
N LYS C 212 -45.90 15.37 -16.30
CA LYS C 212 -45.33 14.59 -17.40
C LYS C 212 -43.82 14.71 -17.39
N ASP C 213 -43.16 13.83 -18.13
CA ASP C 213 -41.72 13.90 -18.22
C ASP C 213 -41.32 15.27 -18.77
N PHE C 214 -40.08 15.66 -18.50
CA PHE C 214 -39.65 17.05 -18.63
C PHE C 214 -40.04 17.80 -17.36
N ASP C 215 -41.34 17.76 -17.02
CA ASP C 215 -41.80 18.34 -15.76
C ASP C 215 -41.03 17.79 -14.59
N THR C 216 -41.01 16.47 -14.44
CA THR C 216 -40.20 15.83 -13.41
C THR C 216 -38.75 16.28 -13.49
N MET C 217 -38.16 16.21 -14.68
CA MET C 217 -36.75 16.57 -14.84
C MET C 217 -36.49 18.00 -14.39
N PHE C 218 -37.29 18.95 -14.87
CA PHE C 218 -37.01 20.35 -14.61
C PHE C 218 -36.97 20.65 -13.12
N TYR C 219 -38.04 20.32 -12.39
CA TYR C 219 -38.13 20.70 -10.99
C TYR C 219 -36.95 20.17 -10.19
N ASN C 220 -36.52 18.94 -10.46
CA ASN C 220 -35.39 18.37 -9.74
C ASN C 220 -34.09 19.11 -10.05
N ASN C 221 -33.92 19.56 -11.29
CA ASN C 221 -32.70 20.26 -11.65
C ASN C 221 -32.65 21.65 -11.03
N VAL C 222 -33.75 22.40 -11.17
CA VAL C 222 -33.78 23.78 -10.70
C VAL C 222 -33.71 23.85 -9.18
N LEU C 223 -34.65 23.19 -8.50
CA LEU C 223 -34.76 23.32 -7.05
C LEU C 223 -33.55 22.77 -6.31
N ALA C 224 -32.77 21.88 -6.92
CA ALA C 224 -31.55 21.43 -6.26
C ALA C 224 -30.49 22.52 -6.27
N LEU C 225 -30.45 23.31 -7.34
CA LEU C 225 -29.52 24.43 -7.46
C LEU C 225 -29.42 25.27 -6.19
N PRO C 226 -30.51 25.70 -5.56
CA PRO C 226 -30.38 26.49 -4.34
C PRO C 226 -29.82 25.65 -3.21
N ILE C 227 -30.42 24.47 -3.01
CA ILE C 227 -29.98 23.57 -1.95
C ILE C 227 -28.51 23.21 -2.14
N LEU C 228 -28.08 22.95 -3.38
CA LEU C 228 -26.68 22.61 -3.61
C LEU C 228 -25.74 23.71 -3.12
N LEU C 229 -26.09 24.97 -3.39
CA LEU C 229 -25.27 26.06 -2.89
C LEU C 229 -25.34 26.14 -1.37
N LEU C 230 -26.48 25.74 -0.78
CA LEU C 230 -26.51 25.57 0.67
C LEU C 230 -25.50 24.53 1.10
N PHE C 231 -25.55 23.33 0.48
CA PHE C 231 -24.61 22.28 0.83
C PHE C 231 -23.19 22.59 0.36
N SER C 232 -23.05 23.35 -0.72
CA SER C 232 -21.72 23.71 -1.21
C SER C 232 -20.99 24.58 -0.21
N PHE C 233 -21.70 25.54 0.39
CA PHE C 233 -21.11 26.43 1.38
C PHE C 233 -20.94 25.77 2.74
N CYS C 234 -21.84 24.84 3.08
CA CYS C 234 -21.77 24.21 4.39
C CYS C 234 -20.67 23.15 4.49
N VAL C 235 -20.35 22.46 3.39
CA VAL C 235 -19.52 21.27 3.43
C VAL C 235 -18.16 21.51 2.78
N GLU C 236 -18.15 21.88 1.50
CA GLU C 236 -16.88 22.08 0.82
C GLU C 236 -16.10 23.22 1.46
N ASP C 237 -14.81 23.27 1.17
CA ASP C 237 -13.95 24.37 1.56
C ASP C 237 -13.69 25.25 0.35
N TRP C 238 -13.96 26.53 0.50
CA TRP C 238 -13.78 27.53 -0.56
C TRP C 238 -12.56 28.37 -0.22
N SER C 239 -11.72 28.64 -1.22
CA SER C 239 -10.56 29.50 -0.99
C SER C 239 -10.16 30.16 -2.30
N SER C 240 -10.40 31.47 -2.40
CA SER C 240 -10.03 32.20 -3.60
C SER C 240 -8.52 32.19 -3.82
N VAL C 241 -7.75 31.90 -2.77
CA VAL C 241 -6.30 31.79 -2.93
C VAL C 241 -5.95 30.51 -3.67
N ASN C 242 -6.76 29.46 -3.53
CA ASN C 242 -6.47 28.16 -4.12
C ASN C 242 -7.52 27.74 -5.16
N LEU C 243 -8.80 27.68 -4.77
CA LEU C 243 -9.80 27.03 -5.60
C LEU C 243 -10.23 27.86 -6.81
N THR C 244 -10.20 29.19 -6.71
CA THR C 244 -10.46 30.00 -7.90
C THR C 244 -9.56 29.55 -9.05
N ASN C 245 -8.36 29.06 -8.72
CA ASN C 245 -7.49 28.46 -9.72
C ASN C 245 -7.91 27.05 -10.08
N ASN C 246 -8.67 26.36 -9.22
CA ASN C 246 -8.97 24.96 -9.43
C ASN C 246 -9.87 24.74 -10.64
N PHE C 247 -11.08 25.32 -10.62
CA PHE C 247 -11.98 25.14 -11.76
C PHE C 247 -11.58 26.15 -12.83
N SER C 248 -10.55 25.78 -13.60
CA SER C 248 -10.02 26.64 -14.63
C SER C 248 -10.87 26.54 -15.90
N ASN C 249 -10.49 27.32 -16.91
CA ASN C 249 -11.22 27.28 -18.18
C ASN C 249 -11.30 25.86 -18.71
N ASP C 250 -10.29 25.04 -18.42
CA ASP C 250 -10.32 23.64 -18.86
C ASP C 250 -11.29 22.83 -18.00
N SER C 251 -11.09 22.85 -16.68
CA SER C 251 -11.88 21.97 -15.81
C SER C 251 -13.37 22.25 -15.92
N LEU C 252 -13.74 23.53 -16.01
CA LEU C 252 -15.15 23.87 -16.14
C LEU C 252 -15.77 23.22 -17.37
N THR C 253 -15.02 23.13 -18.46
CA THR C 253 -15.52 22.45 -19.65
C THR C 253 -15.90 21.01 -19.32
N ALA C 254 -15.09 20.33 -18.51
CA ALA C 254 -15.42 18.96 -18.12
C ALA C 254 -16.66 18.94 -17.24
N MET C 255 -16.74 19.84 -16.26
CA MET C 255 -17.90 19.87 -15.37
C MET C 255 -19.18 20.09 -16.15
N ILE C 256 -19.11 20.83 -17.26
CA ILE C 256 -20.26 21.03 -18.12
C ILE C 256 -20.48 19.83 -19.02
N ILE C 257 -19.38 19.20 -19.46
CA ILE C 257 -19.51 17.98 -20.25
C ILE C 257 -20.36 16.96 -19.49
N SER C 258 -20.12 16.83 -18.19
CA SER C 258 -20.94 15.92 -17.39
C SER C 258 -22.39 16.36 -17.40
N GLY C 259 -22.63 17.67 -17.30
CA GLY C 259 -24.01 18.16 -17.34
C GLY C 259 -24.70 17.85 -18.66
N VAL C 260 -23.99 18.02 -19.77
CA VAL C 260 -24.58 17.70 -21.07
C VAL C 260 -24.83 16.19 -21.17
N ALA C 261 -23.87 15.38 -20.71
CA ALA C 261 -24.06 13.94 -20.73
C ALA C 261 -25.04 13.50 -19.65
N SER C 262 -25.01 14.16 -18.47
CA SER C 262 -25.94 13.85 -17.40
C SER C 262 -27.37 14.21 -17.73
N VAL C 263 -27.61 14.91 -18.84
CA VAL C 263 -28.97 15.21 -19.25
C VAL C 263 -29.76 13.92 -19.43
N GLY C 264 -29.12 12.90 -20.00
CA GLY C 264 -29.75 11.61 -20.19
C GLY C 264 -30.34 11.06 -18.91
N ILE C 265 -29.49 10.78 -17.92
CA ILE C 265 -29.98 10.20 -16.68
C ILE C 265 -31.08 11.07 -16.08
N SER C 266 -30.93 12.40 -16.21
CA SER C 266 -31.89 13.32 -15.60
C SER C 266 -33.31 13.06 -16.11
N TYR C 267 -33.49 13.10 -17.43
CA TYR C 267 -34.83 12.90 -17.98
C TYR C 267 -35.31 11.46 -17.76
N CYS C 268 -34.41 10.48 -17.83
CA CYS C 268 -34.81 9.09 -17.76
C CYS C 268 -35.10 8.64 -16.34
N SER C 269 -34.39 9.17 -15.34
CA SER C 269 -34.65 8.80 -13.96
C SER C 269 -36.11 9.04 -13.60
N GLY C 270 -36.57 10.27 -13.77
CA GLY C 270 -37.96 10.59 -13.48
C GLY C 270 -38.95 9.88 -14.39
N TRP C 271 -38.53 9.56 -15.62
CA TRP C 271 -39.44 8.85 -16.51
C TRP C 271 -39.66 7.41 -16.04
N CYS C 272 -38.61 6.75 -15.56
CA CYS C 272 -38.76 5.38 -15.07
C CYS C 272 -39.59 5.36 -13.80
N VAL C 273 -39.22 6.19 -12.82
CA VAL C 273 -39.96 6.21 -11.55
C VAL C 273 -41.44 6.48 -11.81
N ARG C 274 -41.74 7.35 -12.79
CA ARG C 274 -43.11 7.75 -13.04
C ARG C 274 -43.96 6.59 -13.55
N VAL C 275 -43.54 5.98 -14.67
CA VAL C 275 -44.39 4.97 -15.31
C VAL C 275 -44.45 3.69 -14.48
N THR C 276 -43.29 3.16 -14.11
CA THR C 276 -43.21 1.85 -13.46
C THR C 276 -43.44 1.95 -11.95
N SER C 277 -42.35 1.95 -11.20
CA SER C 277 -42.41 2.07 -9.75
C SER C 277 -41.11 2.68 -9.25
N SER C 278 -41.19 3.36 -8.10
CA SER C 278 -39.97 3.82 -7.47
C SER C 278 -39.05 2.65 -7.15
N THR C 279 -39.60 1.44 -7.04
CA THR C 279 -38.79 0.24 -6.91
C THR C 279 -38.08 -0.07 -8.22
N THR C 280 -38.81 -0.04 -9.33
CA THR C 280 -38.21 -0.35 -10.62
C THR C 280 -37.01 0.56 -10.90
N TYR C 281 -37.18 1.87 -10.68
CA TYR C 281 -36.04 2.77 -10.80
C TYR C 281 -34.94 2.40 -9.80
N SER C 282 -35.33 2.05 -8.58
CA SER C 282 -34.34 1.65 -7.58
C SER C 282 -33.72 0.31 -7.94
N MET C 283 -34.44 -0.52 -8.68
CA MET C 283 -33.95 -1.83 -9.12
C MET C 283 -33.12 -1.73 -10.39
N VAL C 284 -33.70 -1.16 -11.45
CA VAL C 284 -32.97 -1.00 -12.71
C VAL C 284 -31.66 -0.26 -12.48
N GLY C 285 -31.67 0.75 -11.61
CA GLY C 285 -30.45 1.48 -11.32
C GLY C 285 -29.35 0.60 -10.75
N ALA C 286 -29.73 -0.34 -9.87
CA ALA C 286 -28.75 -1.28 -9.35
C ALA C 286 -28.36 -2.31 -10.40
N LEU C 287 -29.29 -2.68 -11.27
CA LEU C 287 -28.98 -3.66 -12.31
C LEU C 287 -28.01 -3.08 -13.33
N ASN C 288 -28.11 -1.78 -13.62
CA ASN C 288 -27.31 -1.21 -14.70
C ASN C 288 -25.82 -1.46 -14.51
N LYS C 289 -25.32 -1.29 -13.29
CA LYS C 289 -23.88 -1.38 -13.08
C LYS C 289 -23.31 -2.77 -13.40
N LEU C 290 -24.17 -3.78 -13.54
CA LEU C 290 -23.65 -5.11 -13.88
C LEU C 290 -23.08 -5.13 -15.30
N PRO C 291 -23.86 -4.88 -16.34
CA PRO C 291 -23.27 -4.83 -17.69
C PRO C 291 -22.09 -3.88 -17.81
N ILE C 292 -22.05 -2.82 -17.00
CA ILE C 292 -20.87 -1.95 -16.96
C ILE C 292 -19.69 -2.69 -16.34
N ALA C 293 -19.94 -3.41 -15.24
CA ALA C 293 -18.88 -4.22 -14.63
C ALA C 293 -18.43 -5.33 -15.58
N LEU C 294 -19.37 -5.93 -16.30
CA LEU C 294 -19.02 -6.95 -17.29
C LEU C 294 -18.09 -6.39 -18.36
N SER C 295 -18.34 -5.14 -18.77
CA SER C 295 -17.43 -4.51 -19.73
C SER C 295 -16.01 -4.45 -19.19
N GLY C 296 -15.85 -4.23 -17.88
CA GLY C 296 -14.52 -4.13 -17.31
C GLY C 296 -13.75 -5.42 -17.34
N LEU C 297 -14.45 -6.57 -17.34
CA LEU C 297 -13.77 -7.85 -17.35
C LEU C 297 -13.39 -8.25 -18.76
N ILE C 298 -14.23 -7.92 -19.74
CA ILE C 298 -13.95 -8.22 -21.13
C ILE C 298 -12.93 -7.25 -21.70
N PHE C 299 -13.31 -5.96 -21.75
CA PHE C 299 -12.49 -4.92 -22.35
C PHE C 299 -11.15 -4.74 -21.65
N PHE C 300 -10.90 -5.43 -20.54
CA PHE C 300 -9.70 -5.13 -19.79
C PHE C 300 -9.09 -6.40 -19.25
N ASP C 301 -7.76 -6.51 -19.38
CA ASP C 301 -7.02 -7.60 -18.75
C ASP C 301 -6.86 -7.21 -17.28
N ALA C 302 -7.92 -7.46 -16.52
CA ALA C 302 -8.02 -7.05 -15.14
C ALA C 302 -8.07 -8.28 -14.24
N PRO C 303 -7.38 -8.23 -13.10
CA PRO C 303 -7.45 -9.36 -12.15
C PRO C 303 -8.89 -9.65 -11.74
N ARG C 304 -9.25 -10.93 -11.85
CA ARG C 304 -10.58 -11.41 -11.53
C ARG C 304 -10.53 -12.44 -10.40
N ASN C 305 -11.70 -12.74 -9.86
CA ASN C 305 -11.88 -13.83 -8.91
C ASN C 305 -13.16 -14.55 -9.32
N PHE C 306 -13.16 -15.89 -9.21
CA PHE C 306 -14.40 -16.58 -9.51
C PHE C 306 -15.53 -16.01 -8.67
N LEU C 307 -15.23 -15.58 -7.45
CA LEU C 307 -16.24 -14.91 -6.62
C LEU C 307 -16.81 -13.69 -7.35
N SER C 308 -15.93 -12.87 -7.93
CA SER C 308 -16.40 -11.70 -8.67
C SER C 308 -17.37 -12.10 -9.78
N ILE C 309 -17.06 -13.16 -10.51
CA ILE C 309 -17.90 -13.56 -11.65
C ILE C 309 -19.26 -14.04 -11.17
N LEU C 310 -19.28 -14.93 -10.16
CA LEU C 310 -20.56 -15.40 -9.64
C LEU C 310 -21.47 -14.25 -9.28
N SER C 311 -20.93 -13.20 -8.66
CA SER C 311 -21.74 -12.04 -8.30
C SER C 311 -22.55 -11.54 -9.51
N ILE C 312 -21.88 -11.36 -10.64
CA ILE C 312 -22.56 -10.79 -11.80
C ILE C 312 -23.68 -11.70 -12.29
N PHE C 313 -23.38 -12.99 -12.50
CA PHE C 313 -24.43 -13.89 -12.97
C PHE C 313 -25.56 -14.03 -11.96
N ILE C 314 -25.25 -13.99 -10.66
CA ILE C 314 -26.29 -13.96 -9.66
C ILE C 314 -27.10 -12.67 -9.78
N GLY C 315 -26.41 -11.55 -9.94
CA GLY C 315 -27.12 -10.29 -10.16
C GLY C 315 -28.01 -10.32 -11.39
N PHE C 316 -27.49 -10.89 -12.48
CA PHE C 316 -28.30 -11.01 -13.68
C PHE C 316 -29.53 -11.89 -13.44
N LEU C 317 -29.34 -13.02 -12.77
CA LEU C 317 -30.48 -13.83 -12.37
C LEU C 317 -31.48 -12.99 -11.59
N SER C 318 -30.98 -12.18 -10.65
CA SER C 318 -31.84 -11.32 -9.86
C SER C 318 -32.74 -10.47 -10.75
N GLY C 319 -32.20 -9.95 -11.84
CA GLY C 319 -33.02 -9.20 -12.77
C GLY C 319 -34.10 -10.05 -13.39
N ILE C 320 -33.74 -11.27 -13.80
CA ILE C 320 -34.70 -12.15 -14.46
C ILE C 320 -35.87 -12.43 -13.54
N ILE C 321 -35.60 -12.69 -12.26
CA ILE C 321 -36.68 -12.98 -11.32
C ILE C 321 -37.61 -11.78 -11.18
N TYR C 322 -37.05 -10.59 -10.98
CA TYR C 322 -37.88 -9.40 -10.89
C TYR C 322 -38.57 -9.14 -12.22
N ALA C 323 -37.87 -9.41 -13.32
CA ALA C 323 -38.48 -9.24 -14.64
C ALA C 323 -39.67 -10.17 -14.80
N VAL C 324 -39.53 -11.42 -14.37
CA VAL C 324 -40.62 -12.38 -14.50
C VAL C 324 -41.76 -12.01 -13.56
N ALA C 325 -41.43 -11.56 -12.35
CA ALA C 325 -42.45 -11.16 -11.39
C ALA C 325 -43.39 -10.13 -11.98
N LYS C 326 -42.83 -9.11 -12.62
CA LYS C 326 -43.66 -8.12 -13.31
C LYS C 326 -44.62 -8.80 -14.28
N GLN C 327 -44.15 -9.85 -14.95
CA GLN C 327 -45.03 -10.60 -15.86
C GLN C 327 -46.14 -11.32 -15.11
N LYS C 328 -45.80 -12.00 -14.01
CA LYS C 328 -46.81 -12.78 -13.29
C LYS C 328 -47.80 -11.91 -12.55
N LYS C 329 -47.44 -10.66 -12.23
CA LYS C 329 -48.42 -9.75 -11.64
C LYS C 329 -49.54 -9.46 -12.64
N GLN C 330 -49.16 -9.16 -13.88
CA GLN C 330 -50.15 -8.80 -14.89
C GLN C 330 -51.14 -9.94 -15.16
N GLN C 331 -50.63 -11.17 -15.32
CA GLN C 331 -51.54 -12.27 -15.64
C GLN C 331 -52.53 -12.56 -14.52
N ALA C 332 -52.07 -12.53 -13.27
CA ALA C 332 -52.92 -12.95 -12.16
C ALA C 332 -54.08 -11.99 -11.96
N GLN C 333 -53.83 -10.71 -12.14
CA GLN C 333 -54.83 -9.67 -11.87
C GLN C 333 -55.12 -8.83 -13.12
N ALA D 18 9.06 -75.53 10.82
CA ALA D 18 7.68 -75.96 11.00
C ALA D 18 7.13 -76.59 9.73
N ASN D 19 7.34 -75.96 8.57
CA ASN D 19 6.79 -76.40 7.30
C ASN D 19 7.92 -76.69 6.31
N SER D 20 8.26 -77.97 6.17
CA SER D 20 9.18 -78.44 5.14
C SER D 20 9.18 -79.95 5.18
N GLY D 21 9.68 -80.55 4.11
CA GLY D 21 9.79 -81.99 4.03
C GLY D 21 8.46 -82.64 3.71
N PRO D 22 8.33 -83.93 4.01
CA PRO D 22 7.12 -84.67 3.62
C PRO D 22 5.87 -84.27 4.40
N ILE D 23 6.01 -83.53 5.50
CA ILE D 23 4.83 -83.11 6.27
C ILE D 23 3.87 -82.35 5.38
N SER D 24 4.40 -81.54 4.45
CA SER D 24 3.55 -80.82 3.51
C SER D 24 2.52 -81.72 2.86
N ILE D 25 2.93 -82.89 2.39
CA ILE D 25 2.04 -83.73 1.61
C ILE D 25 0.90 -84.25 2.47
N LEU D 26 1.20 -84.66 3.70
CA LEU D 26 0.14 -85.14 4.59
C LEU D 26 -0.92 -84.07 4.79
N SER D 27 -0.52 -82.80 4.86
CA SER D 27 -1.49 -81.72 4.97
C SER D 27 -2.41 -81.72 3.75
N TYR D 28 -1.83 -81.80 2.56
CA TYR D 28 -2.64 -81.87 1.35
C TYR D 28 -3.56 -83.08 1.42
N CYS D 29 -3.10 -84.17 2.02
CA CYS D 29 -3.93 -85.35 2.19
C CYS D 29 -5.03 -85.08 3.21
N GLY D 30 -4.66 -84.73 4.44
CA GLY D 30 -5.66 -84.47 5.47
C GLY D 30 -6.70 -83.47 5.02
N SER D 31 -6.27 -82.41 4.32
CA SER D 31 -7.23 -81.45 3.78
C SER D 31 -7.96 -82.03 2.58
N SER D 32 -7.24 -82.69 1.67
CA SER D 32 -7.89 -83.38 0.56
C SER D 32 -8.72 -84.55 1.06
N ILE D 33 -8.33 -85.15 2.19
CA ILE D 33 -9.15 -86.20 2.78
C ILE D 33 -10.41 -85.60 3.39
N LEU D 34 -10.25 -84.51 4.15
CA LEU D 34 -11.40 -83.86 4.78
C LEU D 34 -12.37 -83.30 3.74
N MET D 35 -11.86 -82.64 2.71
CA MET D 35 -12.74 -82.01 1.73
C MET D 35 -13.48 -83.02 0.87
N THR D 36 -12.90 -84.20 0.68
CA THR D 36 -13.60 -85.21 -0.11
C THR D 36 -14.84 -85.71 0.63
N VAL D 37 -14.65 -86.14 1.88
CA VAL D 37 -15.78 -86.58 2.69
C VAL D 37 -16.73 -85.42 2.98
N THR D 38 -16.17 -84.30 3.46
CA THR D 38 -17.00 -83.17 3.87
C THR D 38 -17.96 -82.75 2.76
N ASN D 39 -17.54 -82.85 1.50
CA ASN D 39 -18.45 -82.55 0.40
C ASN D 39 -19.45 -83.67 0.15
N LYS D 40 -19.23 -84.85 0.72
CA LYS D 40 -20.08 -86.00 0.47
C LYS D 40 -20.87 -86.47 1.68
N PHE D 41 -20.41 -86.18 2.90
CA PHE D 41 -21.19 -86.47 4.10
C PHE D 41 -21.92 -85.24 4.64
N VAL D 42 -21.19 -84.15 4.88
CA VAL D 42 -21.79 -82.95 5.47
C VAL D 42 -22.73 -82.25 4.49
N VAL D 43 -22.32 -82.13 3.23
CA VAL D 43 -23.09 -81.41 2.22
C VAL D 43 -23.70 -82.37 1.20
N ASN D 44 -24.85 -82.92 1.52
CA ASN D 44 -25.54 -83.82 0.60
C ASN D 44 -26.02 -83.08 -0.65
N LEU D 45 -25.93 -83.75 -1.79
CA LEU D 45 -26.24 -83.19 -3.11
C LEU D 45 -25.57 -81.82 -3.29
N LYS D 46 -24.25 -81.84 -3.29
CA LYS D 46 -23.50 -80.65 -3.64
C LYS D 46 -23.34 -80.46 -5.15
N ASP D 47 -24.10 -81.22 -5.95
CA ASP D 47 -24.10 -81.04 -7.41
C ASP D 47 -24.90 -79.79 -7.71
N PHE D 48 -24.21 -78.66 -7.60
CA PHE D 48 -24.79 -77.33 -7.63
C PHE D 48 -25.17 -76.92 -9.05
N ASN D 49 -26.00 -75.88 -9.13
CA ASN D 49 -26.45 -75.34 -10.42
C ASN D 49 -25.43 -74.39 -11.03
N MET D 50 -24.58 -73.78 -10.21
CA MET D 50 -23.60 -72.78 -10.66
C MET D 50 -22.26 -73.16 -10.01
N ASN D 51 -21.48 -73.99 -10.69
CA ASN D 51 -20.28 -74.56 -10.08
C ASN D 51 -19.34 -73.46 -9.63
N PHE D 52 -19.16 -72.43 -10.45
CA PHE D 52 -18.23 -71.36 -10.12
C PHE D 52 -18.69 -70.57 -8.90
N VAL D 53 -20.00 -70.42 -8.72
CA VAL D 53 -20.51 -69.68 -7.56
C VAL D 53 -20.15 -70.41 -6.27
N MET D 54 -20.38 -71.71 -6.22
CA MET D 54 -19.89 -72.51 -5.10
C MET D 54 -18.40 -72.31 -4.92
N LEU D 55 -17.66 -72.26 -6.03
CA LEU D 55 -16.22 -72.00 -5.95
C LEU D 55 -15.92 -70.57 -5.56
N PHE D 56 -16.78 -69.62 -5.94
CA PHE D 56 -16.54 -68.23 -5.57
C PHE D 56 -16.53 -68.06 -4.06
N VAL D 57 -17.47 -68.69 -3.36
CA VAL D 57 -17.43 -68.70 -1.89
C VAL D 57 -16.23 -69.50 -1.40
N GLN D 58 -16.03 -70.68 -1.99
CA GLN D 58 -14.90 -71.53 -1.60
C GLN D 58 -13.59 -70.77 -1.64
N SER D 59 -13.40 -69.90 -2.65
CA SER D 59 -12.24 -69.03 -2.68
C SER D 59 -12.44 -67.76 -1.87
N LEU D 60 -13.68 -67.38 -1.57
CA LEU D 60 -13.94 -66.19 -0.79
C LEU D 60 -13.83 -66.48 0.71
N VAL D 61 -14.41 -67.58 1.16
CA VAL D 61 -14.29 -67.95 2.57
C VAL D 61 -12.83 -68.09 2.95
N CYS D 62 -12.01 -68.60 2.03
CA CYS D 62 -10.57 -68.69 2.27
C CYS D 62 -9.95 -67.31 2.49
N THR D 63 -10.32 -66.34 1.67
CA THR D 63 -9.75 -65.00 1.81
C THR D 63 -10.11 -64.39 3.15
N ILE D 64 -11.41 -64.38 3.49
CA ILE D 64 -11.84 -63.85 4.78
C ILE D 64 -11.08 -64.54 5.91
N THR D 65 -10.97 -65.87 5.82
CA THR D 65 -10.28 -66.62 6.86
C THR D 65 -8.89 -66.05 7.10
N LEU D 66 -8.20 -65.64 6.04
CA LEU D 66 -6.86 -65.08 6.19
C LEU D 66 -6.91 -63.71 6.87
N ILE D 67 -7.86 -62.86 6.48
CA ILE D 67 -7.91 -61.50 7.01
C ILE D 67 -8.12 -61.52 8.51
N ILE D 68 -8.96 -62.44 9.00
CA ILE D 68 -9.08 -62.65 10.43
C ILE D 68 -7.74 -63.11 10.99
N LEU D 69 -6.99 -63.91 10.22
CA LEU D 69 -5.72 -64.44 10.66
C LEU D 69 -4.57 -63.45 10.52
N ARG D 70 -4.62 -62.54 9.55
CA ARG D 70 -3.59 -61.52 9.42
C ARG D 70 -3.51 -60.61 10.64
N ILE D 71 -4.65 -60.36 11.27
CA ILE D 71 -4.75 -59.42 12.39
C ILE D 71 -4.66 -60.14 13.72
N LEU D 72 -4.30 -61.43 13.68
CA LEU D 72 -4.16 -62.26 14.87
C LEU D 72 -2.84 -63.04 14.76
N GLY D 73 -1.75 -62.45 15.27
CA GLY D 73 -0.46 -63.11 15.26
C GLY D 73 0.56 -62.53 16.21
N PHE D 77 1.55 -61.89 8.45
CA PHE D 77 1.98 -63.20 7.95
C PHE D 77 2.16 -63.14 6.44
N ARG D 78 1.41 -62.23 5.81
CA ARG D 78 1.32 -62.16 4.37
C ARG D 78 1.60 -60.75 3.89
N SER D 79 1.37 -60.47 2.61
CA SER D 79 1.55 -59.12 2.11
C SER D 79 0.58 -58.86 0.96
N LEU D 80 0.46 -57.59 0.60
CA LEU D 80 -0.36 -57.13 -0.51
C LEU D 80 0.49 -56.22 -1.39
N ASN D 81 0.53 -56.51 -2.69
CA ASN D 81 1.29 -55.71 -3.63
C ASN D 81 0.45 -55.33 -4.84
N LYS D 82 1.06 -54.48 -5.67
CA LYS D 82 0.63 -54.25 -7.04
C LYS D 82 1.68 -54.65 -8.05
N THR D 83 2.95 -54.75 -7.65
CA THR D 83 3.99 -55.23 -8.55
C THR D 83 3.87 -56.74 -8.74
N ASP D 84 3.80 -57.50 -7.64
CA ASP D 84 3.58 -58.94 -7.73
C ASP D 84 2.19 -59.27 -8.26
N ALA D 85 1.20 -58.44 -7.93
CA ALA D 85 -0.20 -58.80 -8.17
C ALA D 85 -0.46 -59.10 -9.64
N LYS D 86 -0.16 -58.14 -10.51
CA LYS D 86 -0.54 -58.29 -11.91
C LYS D 86 0.30 -59.35 -12.62
N ASN D 87 1.36 -59.85 -11.97
CA ASN D 87 2.15 -60.97 -12.46
C ASN D 87 1.56 -62.31 -12.05
N TRP D 88 0.61 -62.31 -11.12
CA TRP D 88 -0.08 -63.53 -10.71
C TRP D 88 -1.31 -63.82 -11.53
N PHE D 89 -1.86 -62.81 -12.20
CA PHE D 89 -3.08 -62.98 -12.98
C PHE D 89 -3.07 -64.20 -13.89
N PRO D 90 -1.96 -64.56 -14.55
CA PRO D 90 -1.99 -65.79 -15.38
C PRO D 90 -2.26 -67.05 -14.58
N ILE D 91 -1.76 -67.15 -13.34
CA ILE D 91 -1.98 -68.35 -12.54
C ILE D 91 -3.46 -68.51 -12.25
N SER D 92 -4.10 -67.45 -11.74
CA SER D 92 -5.53 -67.50 -11.48
C SER D 92 -6.31 -67.85 -12.74
N PHE D 93 -5.98 -67.19 -13.85
CA PHE D 93 -6.63 -67.50 -15.12
C PHE D 93 -6.38 -68.94 -15.53
N LEU D 94 -5.20 -69.46 -15.23
CA LEU D 94 -4.93 -70.88 -15.47
C LEU D 94 -5.79 -71.76 -14.58
N LEU D 95 -6.02 -71.35 -13.33
CA LEU D 95 -6.78 -72.18 -12.41
C LEU D 95 -8.23 -72.31 -12.85
N VAL D 96 -8.91 -71.17 -13.04
CA VAL D 96 -10.32 -71.22 -13.42
C VAL D 96 -10.49 -71.97 -14.72
N LEU D 97 -9.59 -71.75 -15.68
CA LEU D 97 -9.65 -72.52 -16.90
C LEU D 97 -9.38 -74.00 -16.62
N MET D 98 -8.48 -74.28 -15.67
CA MET D 98 -8.31 -75.66 -15.22
C MET D 98 -9.63 -76.24 -14.74
N ILE D 99 -10.42 -75.44 -14.01
CA ILE D 99 -11.74 -75.89 -13.59
C ILE D 99 -12.70 -75.90 -14.77
N TYR D 100 -12.74 -74.81 -15.54
CA TYR D 100 -13.66 -74.76 -16.67
C TYR D 100 -13.42 -75.89 -17.65
N THR D 101 -12.15 -76.17 -17.96
CA THR D 101 -11.86 -77.26 -18.87
C THR D 101 -12.33 -78.58 -18.27
N SER D 102 -12.09 -78.78 -16.97
CA SER D 102 -12.55 -79.98 -16.30
C SER D 102 -14.07 -80.08 -16.31
N SER D 103 -14.76 -78.99 -15.96
CA SER D 103 -16.22 -79.02 -15.99
C SER D 103 -16.74 -79.45 -17.35
N LYS D 104 -16.19 -78.86 -18.42
CA LYS D 104 -16.59 -79.26 -19.76
C LYS D 104 -15.97 -80.57 -20.20
N ALA D 105 -14.77 -80.90 -19.71
CA ALA D 105 -14.19 -82.19 -20.02
C ALA D 105 -15.05 -83.32 -19.44
N LEU D 106 -15.38 -83.23 -18.16
CA LEU D 106 -16.19 -84.26 -17.52
C LEU D 106 -17.63 -84.25 -18.02
N GLN D 107 -18.06 -83.17 -18.68
CA GLN D 107 -19.40 -83.19 -19.26
C GLN D 107 -19.48 -84.18 -20.42
N TYR D 108 -18.41 -84.32 -21.19
CA TYR D 108 -18.38 -85.21 -22.34
C TYR D 108 -17.53 -86.45 -22.13
N LEU D 109 -16.93 -86.64 -20.95
CA LEU D 109 -16.00 -87.74 -20.72
C LEU D 109 -16.38 -88.52 -19.46
N ALA D 110 -15.99 -89.79 -19.44
CA ALA D 110 -16.24 -90.64 -18.29
C ALA D 110 -15.21 -90.38 -17.19
N VAL D 111 -15.63 -90.62 -15.94
CA VAL D 111 -14.76 -90.32 -14.81
C VAL D 111 -13.44 -91.08 -14.85
N PRO D 112 -13.43 -92.40 -15.10
CA PRO D 112 -12.13 -93.11 -15.09
C PRO D 112 -11.20 -92.65 -16.20
N ILE D 113 -11.73 -92.39 -17.39
CA ILE D 113 -10.87 -92.00 -18.51
C ILE D 113 -10.30 -90.61 -18.28
N TYR D 114 -11.11 -89.70 -17.72
CA TYR D 114 -10.59 -88.39 -17.35
C TYR D 114 -9.35 -88.54 -16.46
N THR D 115 -9.37 -89.52 -15.55
CA THR D 115 -8.22 -89.74 -14.70
C THR D 115 -6.99 -90.11 -15.51
N ILE D 116 -7.17 -90.95 -16.54
CA ILE D 116 -6.04 -91.36 -17.37
C ILE D 116 -5.35 -90.13 -17.93
N PHE D 117 -6.11 -89.26 -18.59
CA PHE D 117 -5.52 -88.02 -19.09
C PHE D 117 -5.01 -87.17 -17.94
N LYS D 118 -5.79 -87.08 -16.85
CA LYS D 118 -5.29 -86.39 -15.66
C LYS D 118 -4.05 -87.08 -15.12
N ASN D 119 -3.89 -88.38 -15.38
CA ASN D 119 -2.67 -89.09 -15.02
C ASN D 119 -1.60 -88.97 -16.09
N LEU D 120 -2.00 -88.82 -17.37
CA LEU D 120 -1.02 -88.56 -18.40
C LEU D 120 -0.40 -87.18 -18.25
N THR D 121 -1.18 -86.22 -17.76
CA THR D 121 -0.63 -84.91 -17.44
C THR D 121 0.51 -85.02 -16.43
N ILE D 122 0.51 -86.06 -15.61
CA ILE D 122 1.57 -86.22 -14.62
C ILE D 122 2.93 -86.24 -15.31
N ILE D 123 3.02 -86.94 -16.44
CA ILE D 123 4.29 -87.02 -17.16
C ILE D 123 4.72 -85.65 -17.64
N LEU D 124 3.83 -84.96 -18.36
CA LEU D 124 4.15 -83.63 -18.86
C LEU D 124 4.50 -82.68 -17.74
N ILE D 125 3.77 -82.73 -16.62
CA ILE D 125 4.11 -81.88 -15.48
C ILE D 125 5.52 -82.22 -15.01
N ALA D 126 5.83 -83.51 -14.88
CA ALA D 126 7.17 -83.93 -14.49
C ALA D 126 8.22 -83.45 -15.47
N TYR D 127 7.95 -83.57 -16.77
CA TYR D 127 8.90 -83.10 -17.78
C TYR D 127 8.84 -81.60 -18.01
N GLY D 128 7.78 -80.93 -17.54
CA GLY D 128 7.78 -79.48 -17.57
C GLY D 128 8.72 -78.86 -16.56
N GLU D 129 8.92 -79.52 -15.41
CA GLU D 129 9.88 -79.01 -14.44
C GLU D 129 11.30 -79.00 -15.00
N VAL D 130 11.64 -79.94 -15.88
CA VAL D 130 12.96 -79.95 -16.49
C VAL D 130 13.12 -78.74 -17.40
N LEU D 131 12.04 -78.35 -18.09
CA LEU D 131 12.08 -77.21 -18.99
C LEU D 131 12.00 -75.86 -18.28
N PHE D 132 11.56 -75.86 -17.01
CA PHE D 132 11.47 -74.65 -16.20
C PHE D 132 12.57 -74.53 -15.16
N PHE D 133 13.11 -75.65 -14.70
CA PHE D 133 14.17 -75.64 -13.69
C PHE D 133 15.39 -76.47 -14.08
N GLY D 134 15.27 -77.45 -14.98
CA GLY D 134 16.41 -78.16 -15.53
C GLY D 134 16.73 -79.49 -14.90
N GLY D 135 16.06 -79.87 -13.81
CA GLY D 135 16.33 -81.15 -13.19
C GLY D 135 16.16 -82.31 -14.16
N SER D 136 16.84 -83.40 -13.83
CA SER D 136 16.76 -84.62 -14.63
C SER D 136 15.66 -85.52 -14.10
N VAL D 137 14.99 -86.21 -15.02
CA VAL D 137 13.95 -87.18 -14.68
C VAL D 137 14.59 -88.54 -14.49
N THR D 138 14.60 -89.02 -13.25
CA THR D 138 15.19 -90.33 -12.97
C THR D 138 14.55 -91.39 -13.85
N SER D 139 15.37 -92.34 -14.32
CA SER D 139 14.83 -93.47 -15.06
C SER D 139 13.73 -94.18 -14.27
N MET D 140 13.88 -94.20 -12.95
CA MET D 140 12.88 -94.81 -12.08
C MET D 140 11.58 -94.00 -12.06
N GLU D 141 11.70 -92.68 -11.98
CA GLU D 141 10.52 -91.81 -11.88
C GLU D 141 9.51 -92.07 -12.99
N LEU D 142 10.00 -92.27 -14.23
CA LEU D 142 9.09 -92.49 -15.35
C LEU D 142 8.21 -93.72 -15.13
N SER D 143 8.76 -94.77 -14.49
CA SER D 143 7.98 -95.98 -14.25
C SER D 143 6.77 -95.72 -13.38
N SER D 144 6.93 -94.94 -12.30
CA SER D 144 5.81 -94.65 -11.41
C SER D 144 4.63 -94.10 -12.19
N PHE D 145 4.87 -93.07 -13.01
CA PHE D 145 3.78 -92.49 -13.78
C PHE D 145 3.08 -93.54 -14.62
N LEU D 146 3.86 -94.44 -15.23
CA LEU D 146 3.28 -95.52 -16.02
C LEU D 146 2.45 -96.44 -15.15
N LEU D 147 2.94 -96.75 -13.95
CA LEU D 147 2.17 -97.59 -13.04
C LEU D 147 0.87 -96.90 -12.66
N MET D 148 0.94 -95.59 -12.36
CA MET D 148 -0.28 -94.82 -12.18
C MET D 148 -1.15 -94.89 -13.41
N VAL D 149 -0.54 -94.82 -14.60
CA VAL D 149 -1.30 -94.92 -15.83
C VAL D 149 -2.03 -96.26 -15.91
N LEU D 150 -1.32 -97.35 -15.59
CA LEU D 150 -1.97 -98.64 -15.56
C LEU D 150 -3.09 -98.65 -14.51
N SER D 151 -2.75 -98.30 -13.27
CA SER D 151 -3.78 -98.16 -12.26
C SER D 151 -4.90 -97.27 -12.74
N SER D 152 -4.58 -96.26 -13.54
CA SER D 152 -5.63 -95.45 -14.17
C SER D 152 -6.29 -96.21 -15.31
N VAL D 153 -5.50 -96.69 -16.26
CA VAL D 153 -6.05 -97.49 -17.35
C VAL D 153 -6.70 -98.75 -16.79
N VAL D 154 -6.01 -99.44 -15.88
CA VAL D 154 -6.49 -100.74 -15.38
C VAL D 154 -7.87 -100.60 -14.78
N ALA D 155 -8.11 -99.53 -14.02
CA ALA D 155 -9.44 -99.31 -13.46
C ALA D 155 -10.47 -99.10 -14.57
N THR D 156 -10.09 -98.36 -15.61
CA THR D 156 -11.02 -98.08 -16.71
C THR D 156 -11.54 -99.36 -17.34
N TRP D 157 -10.64 -100.28 -17.72
CA TRP D 157 -11.06 -101.56 -18.28
C TRP D 157 -12.01 -102.31 -17.36
N GLY D 158 -12.08 -101.93 -16.08
CA GLY D 158 -13.03 -102.54 -15.18
C GLY D 158 -14.22 -101.66 -14.81
N ASP D 159 -14.84 -101.02 -15.80
CA ASP D 159 -15.99 -100.15 -15.54
C ASP D 159 -16.76 -99.95 -16.84
N GLN D 160 -17.89 -99.24 -16.75
CA GLN D 160 -18.74 -98.99 -17.92
C GLN D 160 -18.59 -97.56 -18.43
N GLN D 161 -19.39 -96.65 -17.89
CA GLN D 161 -19.33 -95.24 -18.27
C GLN D 161 -19.02 -94.39 -17.05
N PHE D 181 -17.73 -88.36 -29.42
CA PHE D 181 -16.41 -88.49 -28.80
C PHE D 181 -15.71 -87.16 -28.54
N ASN D 182 -15.33 -86.49 -29.62
CA ASN D 182 -14.38 -85.38 -29.58
C ASN D 182 -14.66 -84.29 -28.55
N PRO D 183 -15.90 -83.86 -28.31
CA PRO D 183 -16.09 -82.73 -27.39
C PRO D 183 -15.34 -82.88 -26.08
N GLY D 184 -15.27 -84.09 -25.54
CA GLY D 184 -14.53 -84.29 -24.30
C GLY D 184 -13.02 -84.22 -24.52
N TYR D 185 -12.51 -85.00 -25.48
CA TYR D 185 -11.06 -85.09 -25.67
C TYR D 185 -10.46 -83.71 -25.95
N PHE D 186 -11.19 -82.87 -26.67
CA PHE D 186 -10.68 -81.52 -26.92
C PHE D 186 -10.59 -80.73 -25.61
N TRP D 187 -11.68 -80.72 -24.84
CA TRP D 187 -11.65 -80.04 -23.56
C TRP D 187 -10.69 -80.70 -22.58
N MET D 188 -10.55 -82.02 -22.65
CA MET D 188 -9.58 -82.71 -21.79
C MET D 188 -8.16 -82.42 -22.24
N PHE D 189 -7.94 -82.32 -23.55
CA PHE D 189 -6.64 -81.88 -24.02
C PHE D 189 -6.30 -80.50 -23.47
N THR D 190 -7.33 -79.69 -23.19
CA THR D 190 -7.13 -78.37 -22.60
C THR D 190 -6.82 -78.46 -21.10
N ASN D 191 -7.55 -79.32 -20.38
CA ASN D 191 -7.28 -79.47 -18.96
C ASN D 191 -5.86 -79.96 -18.72
N CYS D 192 -5.39 -80.90 -19.53
CA CYS D 192 -4.03 -81.41 -19.37
C CYS D 192 -3.02 -80.29 -19.41
N ILE D 193 -3.21 -79.31 -20.31
CA ILE D 193 -2.24 -78.23 -20.43
C ILE D 193 -2.48 -77.16 -19.37
N THR D 194 -3.74 -76.79 -19.12
CA THR D 194 -4.00 -75.77 -18.11
C THR D 194 -3.66 -76.28 -16.71
N SER D 195 -4.00 -77.55 -16.41
CA SER D 195 -3.54 -78.13 -15.16
C SER D 195 -2.03 -78.22 -15.11
N ALA D 196 -1.39 -78.38 -16.28
CA ALA D 196 0.06 -78.37 -16.34
C ALA D 196 0.62 -76.96 -16.24
N LEU D 197 0.21 -76.07 -17.14
CA LEU D 197 0.74 -74.71 -17.12
C LEU D 197 0.45 -74.02 -15.79
N PHE D 198 -0.63 -74.44 -15.11
CA PHE D 198 -0.96 -73.86 -13.81
C PHE D 198 0.03 -74.30 -12.76
N VAL D 199 0.06 -75.61 -12.46
CA VAL D 199 0.91 -76.11 -11.40
C VAL D 199 2.37 -75.82 -11.71
N LEU D 200 2.73 -75.74 -12.99
CA LEU D 200 4.11 -75.42 -13.35
C LEU D 200 4.44 -73.96 -13.04
N ILE D 201 3.66 -73.03 -13.59
CA ILE D 201 4.00 -71.61 -13.48
C ILE D 201 3.93 -71.15 -12.03
N MET D 202 2.87 -71.53 -11.30
CA MET D 202 2.73 -71.15 -9.91
C MET D 202 4.00 -71.47 -9.11
N ARG D 203 4.52 -72.69 -9.29
CA ARG D 203 5.79 -73.03 -8.65
C ARG D 203 6.90 -72.04 -9.03
N LYS D 204 6.86 -71.52 -10.25
CA LYS D 204 7.87 -70.54 -10.67
C LYS D 204 7.71 -69.23 -9.91
N ARG D 205 6.54 -68.60 -10.01
CA ARG D 205 6.34 -67.31 -9.35
C ARG D 205 6.48 -67.40 -7.84
N ILE D 206 6.19 -68.56 -7.25
CA ILE D 206 6.33 -68.71 -5.81
C ILE D 206 7.78 -68.54 -5.38
N LYS D 207 8.66 -69.39 -5.90
CA LYS D 207 10.07 -69.30 -5.52
C LYS D 207 10.74 -68.06 -6.08
N LEU D 208 10.14 -67.41 -7.08
CA LEU D 208 10.74 -66.19 -7.62
C LEU D 208 10.48 -64.96 -6.74
N THR D 209 9.27 -64.82 -6.20
CA THR D 209 8.92 -63.69 -5.35
C THR D 209 8.99 -64.03 -3.86
N ASN D 210 9.68 -65.13 -3.51
CA ASN D 210 9.81 -65.58 -2.12
C ASN D 210 8.47 -65.57 -1.38
N PHE D 211 7.41 -65.95 -2.10
CA PHE D 211 6.07 -66.07 -1.54
C PHE D 211 6.02 -67.24 -0.56
N LYS D 212 6.05 -66.94 0.73
CA LYS D 212 5.82 -67.99 1.71
C LYS D 212 4.36 -68.42 1.69
N ASP D 213 4.08 -69.55 2.34
CA ASP D 213 2.71 -70.02 2.41
C ASP D 213 1.83 -68.96 3.07
N PHE D 214 0.53 -69.06 2.81
CA PHE D 214 -0.40 -67.95 3.05
C PHE D 214 -0.30 -66.97 1.89
N ASP D 215 0.92 -66.51 1.60
CA ASP D 215 1.13 -65.69 0.41
C ASP D 215 0.58 -66.40 -0.83
N THR D 216 1.03 -67.64 -1.05
CA THR D 216 0.46 -68.44 -2.12
C THR D 216 -1.06 -68.57 -1.98
N MET D 217 -1.52 -68.98 -0.79
CA MET D 217 -2.96 -69.17 -0.59
C MET D 217 -3.75 -67.90 -0.87
N PHE D 218 -3.34 -66.79 -0.28
CA PHE D 218 -4.12 -65.56 -0.38
C PHE D 218 -4.35 -65.19 -1.83
N TYR D 219 -3.27 -65.04 -2.61
CA TYR D 219 -3.39 -64.57 -3.98
C TYR D 219 -4.30 -65.49 -4.79
N ASN D 220 -4.19 -66.80 -4.59
CA ASN D 220 -5.02 -67.74 -5.34
C ASN D 220 -6.49 -67.59 -4.97
N ASN D 221 -6.78 -67.27 -3.71
CA ASN D 221 -8.18 -67.06 -3.32
C ASN D 221 -8.70 -65.75 -3.88
N VAL D 222 -7.91 -64.68 -3.74
CA VAL D 222 -8.37 -63.34 -4.13
C VAL D 222 -8.53 -63.24 -5.64
N LEU D 223 -7.44 -63.44 -6.39
CA LEU D 223 -7.44 -63.18 -7.82
C LEU D 223 -8.37 -64.11 -8.60
N ALA D 224 -8.73 -65.27 -8.04
CA ALA D 224 -9.70 -66.12 -8.73
C ALA D 224 -11.10 -65.53 -8.66
N LEU D 225 -11.43 -64.85 -7.57
CA LEU D 225 -12.73 -64.20 -7.39
C LEU D 225 -13.21 -63.43 -8.62
N PRO D 226 -12.39 -62.56 -9.25
CA PRO D 226 -12.87 -61.82 -10.43
C PRO D 226 -13.09 -62.72 -11.64
N ILE D 227 -12.08 -63.52 -11.97
CA ILE D 227 -12.18 -64.42 -13.11
C ILE D 227 -13.38 -65.36 -12.93
N LEU D 228 -13.58 -65.84 -11.70
CA LEU D 228 -14.73 -66.71 -11.45
C LEU D 228 -16.04 -66.00 -11.76
N LEU D 229 -16.15 -64.72 -11.40
CA LEU D 229 -17.36 -63.96 -11.73
C LEU D 229 -17.50 -63.77 -13.23
N LEU D 230 -16.38 -63.62 -13.94
CA LEU D 230 -16.43 -63.63 -15.40
C LEU D 230 -16.90 -64.97 -15.92
N PHE D 231 -16.25 -66.06 -15.48
CA PHE D 231 -16.64 -67.38 -15.94
C PHE D 231 -18.02 -67.77 -15.43
N SER D 232 -18.43 -67.20 -14.30
CA SER D 232 -19.75 -67.51 -13.76
C SER D 232 -20.85 -67.08 -14.72
N PHE D 233 -20.75 -65.88 -15.27
CA PHE D 233 -21.74 -65.44 -16.25
C PHE D 233 -21.46 -65.99 -17.63
N CYS D 234 -20.20 -66.26 -17.95
CA CYS D 234 -19.88 -66.72 -19.30
C CYS D 234 -20.35 -68.15 -19.53
N VAL D 235 -20.37 -68.98 -18.48
CA VAL D 235 -20.66 -70.39 -18.59
C VAL D 235 -22.01 -70.75 -17.97
N GLU D 236 -22.19 -70.45 -16.69
CA GLU D 236 -23.46 -70.75 -16.03
C GLU D 236 -24.59 -69.95 -16.67
N ASP D 237 -25.81 -70.38 -16.38
CA ASP D 237 -27.01 -69.64 -16.74
C ASP D 237 -27.56 -68.96 -15.50
N TRP D 238 -27.79 -67.66 -15.59
CA TRP D 238 -28.30 -66.84 -14.49
C TRP D 238 -29.75 -66.44 -14.76
N SER D 239 -30.58 -66.52 -13.73
CA SER D 239 -31.95 -66.01 -13.81
C SER D 239 -32.38 -65.63 -12.40
N SER D 240 -32.46 -64.32 -12.14
CA SER D 240 -32.83 -63.86 -10.81
C SER D 240 -34.27 -64.23 -10.43
N VAL D 241 -35.13 -64.47 -11.41
CA VAL D 241 -36.49 -64.91 -11.10
C VAL D 241 -36.49 -66.36 -10.64
N ASN D 242 -35.55 -67.17 -11.13
CA ASN D 242 -35.51 -68.60 -10.81
C ASN D 242 -34.25 -69.00 -10.04
N LEU D 243 -33.07 -68.70 -10.58
CA LEU D 243 -31.83 -69.25 -10.04
C LEU D 243 -31.39 -68.58 -8.75
N THR D 244 -31.65 -67.27 -8.59
CA THR D 244 -31.42 -66.65 -7.29
C THR D 244 -32.15 -67.41 -6.19
N ASN D 245 -33.27 -68.04 -6.53
CA ASN D 245 -33.96 -68.91 -5.58
C ASN D 245 -33.21 -70.21 -5.39
N ASN D 246 -32.34 -70.57 -6.32
CA ASN D 246 -31.63 -71.85 -6.25
C ASN D 246 -30.69 -71.90 -5.05
N PHE D 247 -29.72 -70.97 -5.00
CA PHE D 247 -28.80 -71.00 -3.85
C PHE D 247 -29.54 -70.28 -2.72
N SER D 248 -30.39 -71.05 -2.05
CA SER D 248 -31.25 -70.54 -0.99
C SER D 248 -30.47 -70.39 0.32
N ASN D 249 -31.18 -69.93 1.36
CA ASN D 249 -30.57 -69.76 2.67
C ASN D 249 -29.89 -71.06 3.13
N ASP D 250 -30.42 -72.21 2.69
CA ASP D 250 -29.80 -73.48 3.04
C ASP D 250 -28.52 -73.68 2.25
N SER D 251 -28.59 -73.59 0.92
CA SER D 251 -27.47 -73.97 0.07
C SER D 251 -26.23 -73.14 0.39
N LEU D 252 -26.42 -71.84 0.65
CA LEU D 252 -25.28 -71.01 1.03
C LEU D 252 -24.58 -71.59 2.25
N THR D 253 -25.34 -72.17 3.17
CA THR D 253 -24.74 -72.83 4.32
C THR D 253 -23.77 -73.91 3.87
N ALA D 254 -24.16 -74.69 2.87
CA ALA D 254 -23.25 -75.69 2.33
C ALA D 254 -22.09 -75.01 1.59
N MET D 255 -22.41 -74.03 0.75
CA MET D 255 -21.39 -73.32 0.00
C MET D 255 -20.37 -72.66 0.92
N ILE D 256 -20.82 -72.20 2.10
CA ILE D 256 -19.87 -71.65 3.06
C ILE D 256 -19.20 -72.77 3.84
N ILE D 257 -19.96 -73.82 4.19
CA ILE D 257 -19.37 -74.99 4.82
C ILE D 257 -18.30 -75.58 3.91
N SER D 258 -18.60 -75.69 2.61
CA SER D 258 -17.63 -76.25 1.68
C SER D 258 -16.37 -75.40 1.63
N GLY D 259 -16.53 -74.08 1.63
CA GLY D 259 -15.37 -73.20 1.63
C GLY D 259 -14.51 -73.36 2.86
N VAL D 260 -15.15 -73.55 4.03
CA VAL D 260 -14.39 -73.69 5.27
C VAL D 260 -13.47 -74.90 5.21
N ALA D 261 -13.94 -75.99 4.62
CA ALA D 261 -13.09 -77.17 4.47
C ALA D 261 -11.98 -76.94 3.45
N SER D 262 -12.27 -76.18 2.40
CA SER D 262 -11.29 -75.89 1.36
C SER D 262 -10.12 -75.03 1.85
N VAL D 263 -10.19 -74.47 3.06
CA VAL D 263 -9.05 -73.72 3.58
C VAL D 263 -7.83 -74.61 3.68
N GLY D 264 -8.01 -75.85 4.13
CA GLY D 264 -6.92 -76.80 4.23
C GLY D 264 -6.21 -76.94 2.89
N ILE D 265 -6.94 -77.44 1.89
CA ILE D 265 -6.35 -77.65 0.57
C ILE D 265 -5.71 -76.37 0.06
N SER D 266 -6.35 -75.22 0.31
CA SER D 266 -5.84 -73.96 -0.21
C SER D 266 -4.42 -73.69 0.26
N TYR D 267 -4.21 -73.70 1.58
CA TYR D 267 -2.88 -73.45 2.12
C TYR D 267 -1.92 -74.57 1.74
N CYS D 268 -2.41 -75.81 1.71
CA CYS D 268 -1.55 -76.96 1.49
C CYS D 268 -1.19 -77.16 0.01
N SER D 269 -2.12 -76.84 -0.90
CA SER D 269 -1.78 -76.95 -2.32
C SER D 269 -0.56 -76.10 -2.66
N GLY D 270 -0.64 -74.80 -2.35
CA GLY D 270 0.52 -73.93 -2.56
C GLY D 270 1.68 -74.29 -1.67
N TRP D 271 1.41 -74.84 -0.49
CA TRP D 271 2.49 -75.30 0.38
C TRP D 271 3.16 -76.55 -0.20
N CYS D 272 2.37 -77.45 -0.79
CA CYS D 272 2.92 -78.67 -1.37
C CYS D 272 3.78 -78.34 -2.59
N VAL D 273 3.24 -77.56 -3.54
CA VAL D 273 3.97 -77.24 -4.76
C VAL D 273 5.32 -76.60 -4.43
N ARG D 274 5.35 -75.74 -3.42
CA ARG D 274 6.57 -75.01 -3.10
C ARG D 274 7.68 -75.95 -2.60
N VAL D 275 7.39 -76.73 -1.58
CA VAL D 275 8.43 -77.53 -0.93
C VAL D 275 8.94 -78.62 -1.87
N THR D 276 8.03 -79.42 -2.42
CA THR D 276 8.42 -80.57 -3.22
C THR D 276 8.65 -80.18 -4.67
N SER D 277 7.66 -80.47 -5.51
CA SER D 277 7.69 -80.10 -6.92
C SER D 277 6.25 -80.01 -7.40
N SER D 278 6.03 -79.21 -8.45
CA SER D 278 4.70 -79.16 -9.05
C SER D 278 4.26 -80.54 -9.52
N THR D 279 5.19 -81.44 -9.77
CA THR D 279 4.84 -82.83 -10.07
C THR D 279 4.36 -83.55 -8.82
N THR D 280 5.10 -83.42 -7.71
CA THR D 280 4.72 -84.09 -6.47
C THR D 280 3.30 -83.72 -6.07
N TYR D 281 2.97 -82.43 -6.11
CA TYR D 281 1.59 -82.03 -5.91
C TYR D 281 0.68 -82.67 -6.96
N SER D 282 1.17 -82.76 -8.19
CA SER D 282 0.40 -83.40 -9.25
C SER D 282 0.28 -84.91 -9.04
N MET D 283 1.20 -85.52 -8.30
CA MET D 283 1.16 -86.94 -8.01
C MET D 283 0.32 -87.26 -6.79
N VAL D 284 0.62 -86.63 -5.66
CA VAL D 284 -0.14 -86.88 -4.43
C VAL D 284 -1.62 -86.69 -4.68
N GLY D 285 -1.98 -85.72 -5.51
CA GLY D 285 -3.40 -85.52 -5.83
C GLY D 285 -4.00 -86.74 -6.51
N ALA D 286 -3.25 -87.39 -7.39
CA ALA D 286 -3.74 -88.61 -8.02
C ALA D 286 -3.71 -89.78 -7.04
N LEU D 287 -2.68 -89.84 -6.18
CA LEU D 287 -2.58 -90.95 -5.23
C LEU D 287 -3.66 -90.89 -4.17
N ASN D 288 -4.05 -89.68 -3.74
CA ASN D 288 -5.00 -89.57 -2.64
C ASN D 288 -6.29 -90.32 -2.93
N LYS D 289 -6.78 -90.25 -4.16
CA LYS D 289 -8.07 -90.85 -4.46
C LYS D 289 -8.06 -92.37 -4.30
N LEU D 290 -6.87 -92.98 -4.24
CA LEU D 290 -6.82 -94.42 -4.00
C LEU D 290 -7.20 -94.77 -2.57
N PRO D 291 -6.50 -94.29 -1.54
CA PRO D 291 -6.92 -94.62 -0.17
C PRO D 291 -8.39 -94.32 0.09
N ILE D 292 -8.95 -93.33 -0.60
CA ILE D 292 -10.38 -93.09 -0.53
C ILE D 292 -11.14 -94.21 -1.25
N ALA D 293 -10.66 -94.61 -2.43
CA ALA D 293 -11.31 -95.69 -3.15
C ALA D 293 -11.24 -97.00 -2.38
N LEU D 294 -10.10 -97.30 -1.75
CA LEU D 294 -10.01 -98.48 -0.91
C LEU D 294 -11.00 -98.39 0.25
N SER D 295 -11.14 -97.20 0.83
CA SER D 295 -12.16 -96.98 1.85
C SER D 295 -13.56 -97.25 1.30
N GLY D 296 -13.78 -96.94 0.02
CA GLY D 296 -15.10 -97.13 -0.56
C GLY D 296 -15.54 -98.57 -0.60
N LEU D 297 -14.59 -99.50 -0.68
CA LEU D 297 -14.92 -100.91 -0.70
C LEU D 297 -15.06 -101.50 0.71
N ILE D 298 -14.27 -101.02 1.66
CA ILE D 298 -14.36 -101.51 3.03
C ILE D 298 -15.57 -100.90 3.74
N PHE D 299 -15.57 -99.57 3.89
CA PHE D 299 -16.66 -98.89 4.58
C PHE D 299 -18.01 -99.07 3.89
N PHE D 300 -18.05 -99.70 2.73
CA PHE D 300 -19.27 -99.79 1.95
C PHE D 300 -19.43 -101.18 1.37
N ASP D 301 -20.65 -101.71 1.45
CA ASP D 301 -21.00 -102.97 0.81
C ASP D 301 -21.31 -102.68 -0.65
N ALA D 302 -20.24 -102.56 -1.44
CA ALA D 302 -20.37 -102.17 -2.84
C ALA D 302 -19.90 -103.29 -3.76
N PRO D 303 -20.61 -103.52 -4.86
CA PRO D 303 -20.14 -104.50 -5.85
C PRO D 303 -18.74 -104.14 -6.34
N ARG D 304 -17.84 -105.12 -6.30
CA ARG D 304 -16.44 -104.90 -6.66
C ARG D 304 -16.06 -105.73 -7.87
N ASN D 305 -14.90 -105.39 -8.43
CA ASN D 305 -14.27 -106.17 -9.50
C ASN D 305 -12.77 -106.26 -9.20
N PHE D 306 -12.20 -107.44 -9.44
CA PHE D 306 -10.75 -107.58 -9.24
C PHE D 306 -9.98 -106.56 -10.07
N LEU D 307 -10.47 -106.22 -11.26
CA LEU D 307 -9.82 -105.20 -12.06
C LEU D 307 -9.71 -103.88 -11.30
N SER D 308 -10.81 -103.45 -10.69
CA SER D 308 -10.79 -102.24 -9.87
C SER D 308 -9.74 -102.36 -8.77
N ILE D 309 -9.64 -103.53 -8.15
CA ILE D 309 -8.68 -103.73 -7.07
C ILE D 309 -7.26 -103.63 -7.61
N LEU D 310 -6.98 -104.31 -8.73
CA LEU D 310 -5.65 -104.22 -9.32
C LEU D 310 -5.24 -102.76 -9.53
N SER D 311 -6.15 -101.95 -10.08
CA SER D 311 -5.86 -100.53 -10.24
C SER D 311 -5.43 -99.94 -8.91
N ILE D 312 -6.18 -100.24 -7.85
CA ILE D 312 -5.89 -99.66 -6.54
C ILE D 312 -4.51 -100.08 -6.06
N PHE D 313 -4.24 -101.38 -6.05
CA PHE D 313 -2.93 -101.86 -5.61
C PHE D 313 -1.83 -101.42 -6.55
N ILE D 314 -2.13 -101.32 -7.85
CA ILE D 314 -1.18 -100.72 -8.77
C ILE D 314 -0.96 -99.25 -8.45
N GLY D 315 -2.06 -98.52 -8.19
CA GLY D 315 -1.91 -97.15 -7.78
C GLY D 315 -1.13 -97.01 -6.48
N PHE D 316 -1.43 -97.87 -5.51
CA PHE D 316 -0.67 -97.86 -4.27
C PHE D 316 0.80 -98.18 -4.55
N LEU D 317 1.04 -99.21 -5.38
CA LEU D 317 2.40 -99.50 -5.82
C LEU D 317 3.06 -98.27 -6.44
N SER D 318 2.35 -97.60 -7.36
CA SER D 318 2.93 -96.45 -8.05
C SER D 318 3.45 -95.42 -7.06
N GLY D 319 2.70 -95.18 -5.97
CA GLY D 319 3.18 -94.26 -4.97
C GLY D 319 4.46 -94.75 -4.32
N ILE D 320 4.50 -96.04 -3.99
CA ILE D 320 5.68 -96.60 -3.35
C ILE D 320 6.90 -96.41 -4.22
N ILE D 321 6.74 -96.63 -5.53
CA ILE D 321 7.85 -96.48 -6.48
C ILE D 321 8.31 -95.02 -6.53
N TYR D 322 7.37 -94.10 -6.62
CA TYR D 322 7.73 -92.68 -6.70
C TYR D 322 8.45 -92.24 -5.43
N ALA D 323 8.07 -92.80 -4.29
CA ALA D 323 8.73 -92.46 -3.03
C ALA D 323 10.20 -92.86 -3.04
N VAL D 324 10.50 -94.07 -3.53
CA VAL D 324 11.87 -94.55 -3.50
C VAL D 324 12.75 -93.77 -4.46
N ALA D 325 12.24 -93.42 -5.64
CA ALA D 325 13.02 -92.66 -6.61
C ALA D 325 13.55 -91.37 -5.99
N LYS D 326 12.67 -90.63 -5.30
CA LYS D 326 13.11 -89.41 -4.63
C LYS D 326 14.27 -89.69 -3.68
N GLN D 327 14.27 -90.85 -3.02
CA GLN D 327 15.38 -91.17 -2.14
C GLN D 327 16.69 -91.24 -2.91
N LYS D 328 16.67 -91.89 -4.07
CA LYS D 328 17.89 -91.94 -4.87
C LYS D 328 18.22 -90.58 -5.47
N LYS D 329 17.22 -89.70 -5.58
CA LYS D 329 17.52 -88.32 -5.97
C LYS D 329 18.35 -87.65 -4.89
N GLN D 330 17.93 -87.77 -3.63
CA GLN D 330 18.78 -87.34 -2.54
C GLN D 330 20.07 -88.15 -2.54
N GLN D 331 19.95 -89.46 -2.76
CA GLN D 331 21.13 -90.32 -2.86
C GLN D 331 22.01 -89.92 -4.04
N ALA D 332 21.37 -89.51 -5.15
CA ALA D 332 22.13 -89.23 -6.38
C ALA D 332 23.06 -88.04 -6.21
N GLN D 333 22.64 -87.02 -5.48
CA GLN D 333 23.44 -85.81 -5.31
C GLN D 333 23.76 -85.58 -3.84
N ALA E 18 -50.99 -40.85 16.35
CA ALA E 18 -49.89 -40.53 17.26
C ALA E 18 -48.75 -39.81 16.55
N ASN E 19 -48.37 -40.27 15.36
CA ASN E 19 -47.22 -39.73 14.63
C ASN E 19 -47.67 -39.18 13.28
N SER E 20 -47.86 -37.86 13.23
CA SER E 20 -48.10 -37.11 12.00
C SER E 20 -48.08 -35.63 12.36
N GLY E 21 -47.93 -34.79 11.33
CA GLY E 21 -47.92 -33.36 11.50
C GLY E 21 -46.57 -32.86 11.98
N PRO E 22 -46.54 -31.66 12.57
CA PRO E 22 -45.25 -31.06 12.95
C PRO E 22 -44.57 -31.76 14.12
N ILE E 23 -45.26 -32.65 14.81
CA ILE E 23 -44.64 -33.37 15.92
C ILE E 23 -43.36 -34.03 15.45
N SER E 24 -43.36 -34.52 14.21
CA SER E 24 -42.15 -35.05 13.60
C SER E 24 -40.99 -34.09 13.76
N ILE E 25 -41.22 -32.80 13.47
CA ILE E 25 -40.12 -31.86 13.42
C ILE E 25 -39.52 -31.65 14.80
N LEU E 26 -40.36 -31.51 15.83
CA LEU E 26 -39.81 -31.42 17.19
C LEU E 26 -38.99 -32.66 17.52
N SER E 27 -39.45 -33.83 17.08
CA SER E 27 -38.69 -35.05 17.31
C SER E 27 -37.34 -35.00 16.59
N TYR E 28 -37.37 -34.67 15.28
CA TYR E 28 -36.11 -34.57 14.54
C TYR E 28 -35.20 -33.49 15.13
N CYS E 29 -35.79 -32.39 15.59
CA CYS E 29 -34.99 -31.32 16.18
C CYS E 29 -34.41 -31.77 17.51
N GLY E 30 -35.27 -32.13 18.45
CA GLY E 30 -34.77 -32.58 19.74
C GLY E 30 -33.74 -33.69 19.60
N SER E 31 -33.95 -34.58 18.64
CA SER E 31 -33.00 -35.67 18.43
C SER E 31 -31.70 -35.15 17.81
N SER E 32 -31.79 -34.24 16.85
CA SER E 32 -30.58 -33.66 16.28
C SER E 32 -29.79 -32.88 17.32
N ILE E 33 -30.48 -32.27 18.28
CA ILE E 33 -29.79 -31.58 19.37
C ILE E 33 -29.22 -32.60 20.35
N LEU E 34 -30.03 -33.59 20.74
CA LEU E 34 -29.56 -34.59 21.70
C LEU E 34 -28.35 -35.33 21.15
N MET E 35 -28.38 -35.70 19.87
CA MET E 35 -27.26 -36.41 19.27
C MET E 35 -26.05 -35.51 19.08
N THR E 36 -26.28 -34.21 18.87
CA THR E 36 -25.16 -33.28 18.69
C THR E 36 -24.41 -33.10 20.01
N VAL E 37 -25.14 -32.82 21.08
CA VAL E 37 -24.52 -32.60 22.39
C VAL E 37 -23.78 -33.86 22.83
N THR E 38 -24.45 -35.01 22.78
CA THR E 38 -23.87 -36.24 23.27
C THR E 38 -22.50 -36.52 22.65
N ASN E 39 -22.25 -36.06 21.43
CA ASN E 39 -20.97 -36.31 20.79
C ASN E 39 -19.83 -35.40 21.27
N LYS E 40 -20.14 -34.26 21.91
CA LYS E 40 -19.08 -33.35 22.35
C LYS E 40 -19.00 -33.17 23.86
N PHE E 41 -20.10 -33.35 24.57
CA PHE E 41 -20.10 -33.25 26.03
C PHE E 41 -20.03 -34.60 26.71
N VAL E 42 -20.90 -35.54 26.34
CA VAL E 42 -20.86 -36.86 26.96
C VAL E 42 -19.59 -37.59 26.57
N VAL E 43 -19.28 -37.62 25.27
CA VAL E 43 -18.02 -38.17 24.79
C VAL E 43 -17.23 -37.07 24.11
N ASN E 44 -16.55 -36.24 24.89
CA ASN E 44 -15.71 -35.20 24.32
C ASN E 44 -14.53 -35.83 23.60
N LEU E 45 -14.00 -35.13 22.60
CA LEU E 45 -13.02 -35.68 21.68
C LEU E 45 -13.61 -36.87 20.92
N LYS E 46 -14.68 -36.58 20.17
CA LYS E 46 -15.22 -37.52 19.21
C LYS E 46 -14.53 -37.40 17.84
N ASP E 47 -13.42 -36.67 17.76
CA ASP E 47 -12.65 -36.59 16.52
C ASP E 47 -11.91 -37.91 16.40
N PHE E 48 -12.66 -38.92 15.94
CA PHE E 48 -12.24 -40.31 15.95
C PHE E 48 -11.32 -40.61 14.76
N ASN E 49 -10.62 -41.74 14.86
CA ASN E 49 -9.74 -42.18 13.78
C ASN E 49 -10.47 -43.00 12.72
N MET E 50 -11.58 -43.66 13.06
CA MET E 50 -12.33 -44.51 12.13
C MET E 50 -13.82 -44.21 12.26
N ASN E 51 -14.30 -43.22 11.49
CA ASN E 51 -15.68 -42.76 11.63
C ASN E 51 -16.69 -43.85 11.25
N PHE E 52 -16.40 -44.62 10.19
CA PHE E 52 -17.40 -45.52 9.63
C PHE E 52 -17.85 -46.58 10.64
N VAL E 53 -16.91 -47.09 11.45
CA VAL E 53 -17.28 -48.09 12.44
C VAL E 53 -18.17 -47.50 13.52
N MET E 54 -17.84 -46.28 13.98
CA MET E 54 -18.74 -45.59 14.90
C MET E 54 -20.16 -45.54 14.34
N LEU E 55 -20.28 -45.24 13.05
CA LEU E 55 -21.61 -45.28 12.42
C LEU E 55 -22.07 -46.72 12.20
N PHE E 56 -21.13 -47.65 11.98
CA PHE E 56 -21.53 -49.05 11.87
C PHE E 56 -22.12 -49.55 13.19
N VAL E 57 -21.49 -49.19 14.31
CA VAL E 57 -22.09 -49.49 15.61
C VAL E 57 -23.35 -48.67 15.81
N GLN E 58 -23.27 -47.36 15.54
CA GLN E 58 -24.46 -46.52 15.63
C GLN E 58 -25.59 -47.09 14.79
N SER E 59 -25.24 -47.63 13.61
CA SER E 59 -26.21 -48.30 12.76
C SER E 59 -26.44 -49.74 13.21
N LEU E 60 -25.52 -50.31 13.99
CA LEU E 60 -25.71 -51.66 14.52
C LEU E 60 -26.58 -51.62 15.77
N VAL E 61 -26.28 -50.70 16.68
CA VAL E 61 -27.10 -50.55 17.88
C VAL E 61 -28.54 -50.24 17.52
N CYS E 62 -28.75 -49.43 16.48
CA CYS E 62 -30.12 -49.12 16.06
C CYS E 62 -30.86 -50.38 15.62
N THR E 63 -30.21 -51.22 14.81
CA THR E 63 -30.86 -52.46 14.40
C THR E 63 -31.08 -53.39 15.59
N ILE E 64 -30.01 -53.67 16.33
CA ILE E 64 -30.14 -54.54 17.51
C ILE E 64 -31.18 -53.98 18.46
N THR E 65 -31.10 -52.68 18.75
CA THR E 65 -32.06 -52.07 19.67
C THR E 65 -33.49 -52.31 19.22
N LEU E 66 -33.73 -52.28 17.90
CA LEU E 66 -35.08 -52.43 17.39
C LEU E 66 -35.60 -53.85 17.60
N ILE E 67 -34.76 -54.87 17.39
CA ILE E 67 -35.24 -56.24 17.46
C ILE E 67 -35.81 -56.54 18.83
N ILE E 68 -35.19 -55.98 19.88
CA ILE E 68 -35.75 -56.14 21.21
C ILE E 68 -37.18 -55.60 21.24
N LEU E 69 -37.43 -54.52 20.50
CA LEU E 69 -38.76 -53.95 20.37
C LEU E 69 -39.62 -54.76 19.42
N ARG E 70 -39.01 -55.51 18.50
CA ARG E 70 -39.77 -56.42 17.65
C ARG E 70 -40.56 -57.41 18.50
N ILE E 71 -40.01 -57.80 19.65
CA ILE E 71 -40.64 -58.76 20.55
C ILE E 71 -41.32 -58.08 21.74
N LEU E 72 -41.47 -56.75 21.73
CA LEU E 72 -42.09 -56.02 22.85
C LEU E 72 -43.11 -55.01 22.33
N GLY E 73 -44.35 -55.45 22.19
CA GLY E 73 -45.44 -54.58 21.76
C GLY E 73 -46.81 -55.13 22.06
N PHE E 77 -43.93 -53.96 14.69
CA PHE E 77 -43.75 -52.56 14.31
C PHE E 77 -43.19 -52.45 12.89
N ARG E 78 -42.40 -53.44 12.50
CA ARG E 78 -41.66 -53.42 11.24
C ARG E 78 -41.83 -54.74 10.48
N SER E 79 -41.05 -54.93 9.42
CA SER E 79 -41.03 -56.19 8.67
C SER E 79 -39.67 -56.37 8.02
N LEU E 80 -39.43 -57.58 7.49
CA LEU E 80 -38.24 -57.92 6.73
C LEU E 80 -38.64 -58.57 5.40
N ASN E 81 -38.13 -58.04 4.29
CA ASN E 81 -38.41 -58.54 2.97
C ASN E 81 -37.11 -58.72 2.17
N LYS E 82 -37.25 -59.29 0.98
CA LYS E 82 -36.23 -59.19 -0.05
C LYS E 82 -36.72 -58.50 -1.30
N THR E 83 -38.03 -58.41 -1.50
CA THR E 83 -38.56 -57.58 -2.59
C THR E 83 -38.32 -56.12 -2.28
N ASP E 84 -38.65 -55.70 -1.06
CA ASP E 84 -38.30 -54.36 -0.61
C ASP E 84 -36.79 -54.19 -0.55
N ALA E 85 -36.07 -55.28 -0.24
CA ALA E 85 -34.64 -55.19 0.05
C ALA E 85 -33.86 -54.60 -1.11
N LYS E 86 -33.93 -55.23 -2.29
CA LYS E 86 -33.12 -54.74 -3.39
C LYS E 86 -33.64 -53.43 -3.96
N ASN E 87 -34.82 -53.00 -3.55
CA ASN E 87 -35.27 -51.65 -3.84
C ASN E 87 -34.77 -50.66 -2.79
N TRP E 88 -34.31 -51.16 -1.64
CA TRP E 88 -33.76 -50.32 -0.60
C TRP E 88 -32.24 -50.20 -0.64
N PHE E 89 -31.55 -51.16 -1.24
CA PHE E 89 -30.09 -51.08 -1.30
C PHE E 89 -29.58 -49.74 -1.82
N PRO E 90 -30.23 -49.10 -2.79
CA PRO E 90 -29.74 -47.77 -3.22
C PRO E 90 -29.75 -46.74 -2.11
N ILE E 91 -30.77 -46.76 -1.24
CA ILE E 91 -30.85 -45.76 -0.18
C ILE E 91 -29.66 -45.86 0.75
N SER E 92 -29.42 -47.05 1.31
CA SER E 92 -28.29 -47.22 2.21
C SER E 92 -26.98 -46.86 1.52
N PHE E 93 -26.75 -47.40 0.32
CA PHE E 93 -25.54 -47.03 -0.41
C PHE E 93 -25.54 -45.55 -0.78
N LEU E 94 -26.71 -45.02 -1.16
CA LEU E 94 -26.81 -43.58 -1.36
C LEU E 94 -26.56 -42.86 -0.05
N LEU E 95 -26.98 -43.47 1.06
CA LEU E 95 -26.78 -42.88 2.37
C LEU E 95 -25.30 -42.86 2.73
N VAL E 96 -24.65 -44.02 2.69
CA VAL E 96 -23.24 -44.11 3.06
C VAL E 96 -22.39 -43.23 2.13
N LEU E 97 -22.69 -43.25 0.84
CA LEU E 97 -21.97 -42.36 -0.06
C LEU E 97 -22.28 -40.90 0.28
N MET E 98 -23.52 -40.62 0.68
CA MET E 98 -23.84 -39.29 1.19
C MET E 98 -22.91 -38.93 2.35
N ILE E 99 -22.64 -39.89 3.23
CA ILE E 99 -21.75 -39.66 4.36
C ILE E 99 -20.31 -39.58 3.87
N TYR E 100 -19.88 -40.54 3.05
CA TYR E 100 -18.50 -40.55 2.58
C TYR E 100 -18.16 -39.27 1.82
N THR E 101 -19.07 -38.81 0.97
CA THR E 101 -18.82 -37.58 0.22
C THR E 101 -18.72 -36.38 1.15
N SER E 102 -19.64 -36.28 2.11
CA SER E 102 -19.58 -35.19 3.08
C SER E 102 -18.32 -35.30 3.94
N SER E 103 -18.07 -36.50 4.47
CA SER E 103 -16.87 -36.72 5.28
C SER E 103 -15.60 -36.34 4.53
N LYS E 104 -15.50 -36.73 3.25
CA LYS E 104 -14.32 -36.37 2.46
C LYS E 104 -14.32 -34.91 2.09
N ALA E 105 -15.51 -34.31 1.93
CA ALA E 105 -15.59 -32.87 1.68
C ALA E 105 -15.02 -32.07 2.84
N LEU E 106 -15.40 -32.44 4.07
CA LEU E 106 -14.94 -31.71 5.24
C LEU E 106 -13.43 -31.80 5.43
N GLN E 107 -12.75 -32.70 4.72
CA GLN E 107 -11.29 -32.76 4.78
C GLN E 107 -10.66 -31.52 4.17
N TYR E 108 -11.23 -31.01 3.07
CA TYR E 108 -10.62 -29.93 2.31
C TYR E 108 -11.34 -28.59 2.45
N LEU E 109 -12.40 -28.51 3.23
CA LEU E 109 -13.21 -27.30 3.29
C LEU E 109 -13.40 -26.86 4.74
N ALA E 110 -13.65 -25.56 4.90
CA ALA E 110 -13.95 -25.02 6.22
C ALA E 110 -15.41 -25.32 6.55
N VAL E 111 -15.70 -25.42 7.85
CA VAL E 111 -17.04 -25.82 8.28
C VAL E 111 -18.12 -24.91 7.71
N PRO E 112 -17.97 -23.58 7.69
CA PRO E 112 -19.07 -22.75 7.19
C PRO E 112 -19.39 -22.96 5.72
N ILE E 113 -18.39 -23.18 4.87
CA ILE E 113 -18.66 -23.28 3.44
C ILE E 113 -19.40 -24.57 3.11
N TYR E 114 -19.04 -25.68 3.77
CA TYR E 114 -19.83 -26.89 3.60
C TYR E 114 -21.29 -26.62 3.94
N THR E 115 -21.54 -25.78 4.93
CA THR E 115 -22.90 -25.42 5.31
C THR E 115 -23.63 -24.73 4.16
N ILE E 116 -22.93 -23.84 3.46
CA ILE E 116 -23.55 -23.07 2.37
C ILE E 116 -24.19 -24.01 1.36
N PHE E 117 -23.39 -24.89 0.77
CA PHE E 117 -23.91 -25.80 -0.25
C PHE E 117 -24.92 -26.78 0.33
N LYS E 118 -24.68 -27.29 1.53
CA LYS E 118 -25.67 -28.15 2.16
C LYS E 118 -27.00 -27.42 2.30
N ASN E 119 -26.99 -26.09 2.27
CA ASN E 119 -28.21 -25.30 2.17
C ASN E 119 -28.66 -25.12 0.73
N LEU E 120 -27.71 -25.08 -0.21
CA LEU E 120 -28.06 -25.00 -1.63
C LEU E 120 -28.71 -26.28 -2.14
N THR E 121 -28.28 -27.43 -1.62
CA THR E 121 -28.96 -28.67 -1.98
C THR E 121 -30.44 -28.60 -1.62
N ILE E 122 -30.79 -27.81 -0.62
CA ILE E 122 -32.20 -27.68 -0.23
C ILE E 122 -33.03 -27.24 -1.44
N ILE E 123 -32.49 -26.34 -2.24
CA ILE E 123 -33.23 -25.83 -3.40
C ILE E 123 -33.52 -26.95 -4.38
N LEU E 124 -32.47 -27.63 -4.85
CA LEU E 124 -32.69 -28.73 -5.78
C LEU E 124 -33.58 -29.80 -5.18
N ILE E 125 -33.39 -30.09 -3.89
CA ILE E 125 -34.26 -31.04 -3.23
C ILE E 125 -35.70 -30.54 -3.31
N ALA E 126 -35.92 -29.25 -3.08
CA ALA E 126 -37.25 -28.69 -3.28
C ALA E 126 -37.67 -28.83 -4.74
N TYR E 127 -36.76 -28.52 -5.67
CA TYR E 127 -37.06 -28.68 -7.08
C TYR E 127 -36.86 -30.11 -7.56
N GLY E 128 -36.14 -30.92 -6.79
CA GLY E 128 -36.09 -32.35 -7.06
C GLY E 128 -37.40 -33.03 -6.70
N GLU E 129 -38.09 -32.49 -5.70
CA GLU E 129 -39.43 -32.99 -5.37
C GLU E 129 -40.38 -32.80 -6.54
N VAL E 130 -40.13 -31.80 -7.39
CA VAL E 130 -40.96 -31.63 -8.58
C VAL E 130 -40.80 -32.79 -9.54
N LEU E 131 -39.61 -33.38 -9.61
CA LEU E 131 -39.36 -34.52 -10.49
C LEU E 131 -39.90 -35.83 -9.94
N PHE E 132 -40.19 -35.92 -8.64
CA PHE E 132 -40.65 -37.16 -8.04
C PHE E 132 -42.13 -37.16 -7.63
N PHE E 133 -42.68 -36.01 -7.25
CA PHE E 133 -44.05 -35.95 -6.78
C PHE E 133 -44.90 -34.92 -7.49
N GLY E 134 -44.31 -33.89 -8.09
CA GLY E 134 -45.01 -32.99 -8.97
C GLY E 134 -45.48 -31.68 -8.36
N GLY E 135 -45.39 -31.52 -7.04
CA GLY E 135 -45.78 -30.27 -6.44
C GLY E 135 -44.99 -29.10 -7.00
N SER E 136 -45.57 -27.91 -6.90
CA SER E 136 -44.89 -26.70 -7.33
C SER E 136 -44.15 -26.08 -6.15
N VAL E 137 -42.99 -25.49 -6.45
CA VAL E 137 -42.20 -24.81 -5.44
C VAL E 137 -42.70 -23.37 -5.36
N THR E 138 -43.41 -23.05 -4.28
CA THR E 138 -43.94 -21.71 -4.13
C THR E 138 -42.82 -20.68 -4.18
N SER E 139 -43.11 -19.54 -4.80
CA SER E 139 -42.15 -18.45 -4.78
C SER E 139 -41.76 -18.11 -3.35
N MET E 140 -42.69 -18.27 -2.41
CA MET E 140 -42.36 -18.03 -1.00
C MET E 140 -41.36 -19.06 -0.49
N GLU E 141 -41.57 -20.34 -0.81
CA GLU E 141 -40.59 -21.36 -0.42
C GLU E 141 -39.21 -21.01 -0.96
N LEU E 142 -39.16 -20.52 -2.20
CA LEU E 142 -37.88 -20.11 -2.77
C LEU E 142 -37.26 -19.00 -1.94
N SER E 143 -38.09 -18.12 -1.38
CA SER E 143 -37.58 -17.05 -0.54
C SER E 143 -36.87 -17.63 0.69
N SER E 144 -37.52 -18.60 1.35
CA SER E 144 -36.93 -19.22 2.52
C SER E 144 -35.54 -19.76 2.19
N PHE E 145 -35.47 -20.57 1.13
CA PHE E 145 -34.19 -21.18 0.76
C PHE E 145 -33.14 -20.12 0.48
N LEU E 146 -33.53 -19.04 -0.22
CA LEU E 146 -32.56 -17.98 -0.49
C LEU E 146 -32.10 -17.32 0.80
N LEU E 147 -33.01 -17.09 1.75
CA LEU E 147 -32.61 -16.55 3.04
C LEU E 147 -31.71 -17.53 3.78
N MET E 148 -32.05 -18.82 3.73
CA MET E 148 -31.14 -19.82 4.27
C MET E 148 -29.78 -19.73 3.60
N VAL E 149 -29.76 -19.46 2.29
CA VAL E 149 -28.50 -19.26 1.58
C VAL E 149 -27.75 -18.08 2.20
N LEU E 150 -28.45 -16.97 2.42
CA LEU E 150 -27.84 -15.81 3.05
C LEU E 150 -27.34 -16.12 4.45
N SER E 151 -28.21 -16.65 5.30
CA SER E 151 -27.81 -17.04 6.65
C SER E 151 -26.54 -17.88 6.63
N SER E 152 -26.35 -18.68 5.58
CA SER E 152 -25.10 -19.40 5.41
C SER E 152 -23.98 -18.47 4.99
N VAL E 153 -24.24 -17.64 3.97
CA VAL E 153 -23.23 -16.72 3.46
C VAL E 153 -22.69 -15.82 4.57
N VAL E 154 -23.59 -15.22 5.35
CA VAL E 154 -23.16 -14.21 6.32
C VAL E 154 -22.16 -14.79 7.30
N ALA E 155 -22.41 -15.99 7.81
CA ALA E 155 -21.48 -16.60 8.76
C ALA E 155 -20.12 -16.84 8.13
N THR E 156 -20.10 -17.40 6.92
CA THR E 156 -18.82 -17.62 6.24
C THR E 156 -18.08 -16.31 6.03
N TRP E 157 -18.77 -15.31 5.47
CA TRP E 157 -18.19 -13.98 5.33
C TRP E 157 -17.76 -13.41 6.68
N GLY E 158 -18.26 -13.96 7.79
CA GLY E 158 -17.83 -13.54 9.10
C GLY E 158 -16.92 -14.52 9.84
N ASP E 159 -15.92 -15.07 9.15
CA ASP E 159 -15.02 -16.01 9.78
C ASP E 159 -13.73 -16.11 8.97
N GLN E 160 -12.81 -16.93 9.48
CA GLN E 160 -11.48 -17.16 8.93
C GLN E 160 -11.46 -18.50 8.19
N GLN E 161 -11.23 -19.58 8.92
CA GLN E 161 -11.28 -20.92 8.34
C GLN E 161 -12.38 -21.72 9.04
N ALA E 177 -2.37 -23.76 -4.52
CA ALA E 177 -1.79 -24.57 -5.59
C ALA E 177 -2.86 -24.99 -6.59
N VAL E 178 -4.06 -24.41 -6.47
CA VAL E 178 -5.16 -24.70 -7.38
C VAL E 178 -5.65 -26.13 -7.21
N ALA E 179 -4.74 -27.09 -7.31
CA ALA E 179 -5.02 -28.51 -7.12
C ALA E 179 -5.46 -28.84 -5.70
N SER E 180 -5.42 -27.87 -4.80
CA SER E 180 -5.88 -28.10 -3.43
C SER E 180 -7.33 -27.65 -3.21
N PHE E 181 -7.76 -26.59 -3.90
CA PHE E 181 -9.18 -26.23 -3.90
C PHE E 181 -9.99 -27.35 -4.54
N ASN E 182 -9.75 -27.56 -5.84
CA ASN E 182 -10.63 -28.41 -6.64
C ASN E 182 -10.95 -29.76 -6.01
N PRO E 183 -10.01 -30.48 -5.41
CA PRO E 183 -10.35 -31.81 -4.86
C PRO E 183 -11.52 -31.79 -3.88
N GLY E 184 -11.62 -30.75 -3.04
CA GLY E 184 -12.69 -30.70 -2.07
C GLY E 184 -14.05 -30.44 -2.68
N TYR E 185 -14.17 -29.37 -3.48
CA TYR E 185 -15.47 -29.00 -4.03
C TYR E 185 -16.10 -30.14 -4.79
N PHE E 186 -15.30 -30.97 -5.47
CA PHE E 186 -15.85 -32.09 -6.23
C PHE E 186 -16.59 -33.06 -5.34
N TRP E 187 -16.02 -33.40 -4.18
CA TRP E 187 -16.71 -34.32 -3.28
C TRP E 187 -18.03 -33.74 -2.82
N MET E 188 -18.11 -32.41 -2.69
CA MET E 188 -19.37 -31.78 -2.34
C MET E 188 -20.37 -31.85 -3.49
N PHE E 189 -19.87 -31.77 -4.72
CA PHE E 189 -20.74 -31.96 -5.88
C PHE E 189 -21.43 -33.31 -5.85
N THR E 190 -20.77 -34.33 -5.31
CA THR E 190 -21.40 -35.63 -5.16
C THR E 190 -22.31 -35.66 -3.93
N ASN E 191 -21.86 -35.06 -2.82
CA ASN E 191 -22.69 -35.03 -1.62
C ASN E 191 -23.99 -34.29 -1.89
N CYS E 192 -23.92 -33.17 -2.59
CA CYS E 192 -25.13 -32.40 -2.90
C CYS E 192 -26.16 -33.26 -3.61
N ILE E 193 -25.71 -34.10 -4.55
CA ILE E 193 -26.66 -34.92 -5.29
C ILE E 193 -27.08 -36.15 -4.48
N THR E 194 -26.13 -36.82 -3.82
CA THR E 194 -26.48 -37.99 -3.03
C THR E 194 -27.34 -37.59 -1.82
N SER E 195 -27.04 -36.45 -1.19
CA SER E 195 -27.93 -35.95 -0.16
C SER E 195 -29.30 -35.66 -0.72
N ALA E 196 -29.36 -35.25 -1.99
CA ALA E 196 -30.65 -35.09 -2.67
C ALA E 196 -31.22 -36.44 -3.07
N LEU E 197 -30.43 -37.24 -3.79
CA LEU E 197 -30.88 -38.54 -4.26
C LEU E 197 -31.29 -39.44 -3.10
N PHE E 198 -30.72 -39.23 -1.92
CA PHE E 198 -31.05 -40.05 -0.76
C PHE E 198 -32.44 -39.72 -0.23
N VAL E 199 -32.63 -38.50 0.27
CA VAL E 199 -33.90 -38.14 0.90
C VAL E 199 -35.05 -38.23 -0.09
N LEU E 200 -34.78 -38.04 -1.38
CA LEU E 200 -35.85 -38.14 -2.37
C LEU E 200 -36.34 -39.58 -2.49
N ILE E 201 -35.40 -40.51 -2.76
CA ILE E 201 -35.80 -41.88 -3.05
C ILE E 201 -36.47 -42.52 -1.85
N MET E 202 -35.87 -42.35 -0.66
CA MET E 202 -36.48 -42.91 0.54
C MET E 202 -37.93 -42.45 0.70
N ARG E 203 -38.16 -41.14 0.61
CA ARG E 203 -39.54 -40.65 0.67
C ARG E 203 -40.38 -41.26 -0.44
N LYS E 204 -39.79 -41.49 -1.60
CA LYS E 204 -40.50 -42.14 -2.69
C LYS E 204 -40.83 -43.58 -2.33
N ARG E 205 -39.81 -44.39 -2.08
CA ARG E 205 -40.05 -45.79 -1.76
C ARG E 205 -40.84 -45.92 -0.46
N ILE E 206 -40.74 -44.93 0.43
CA ILE E 206 -41.52 -44.97 1.67
C ILE E 206 -43.01 -44.92 1.33
N LYS E 207 -43.44 -43.84 0.67
CA LYS E 207 -44.84 -43.71 0.33
C LYS E 207 -45.28 -44.72 -0.75
N LEU E 208 -44.32 -45.31 -1.47
CA LEU E 208 -44.68 -46.35 -2.43
C LEU E 208 -44.94 -47.68 -1.74
N THR E 209 -44.12 -48.03 -0.75
CA THR E 209 -44.26 -49.27 0.01
C THR E 209 -44.92 -49.06 1.37
N ASN E 210 -45.56 -47.90 1.58
CA ASN E 210 -46.19 -47.56 2.85
C ASN E 210 -45.30 -47.90 4.04
N PHE E 211 -44.00 -47.64 3.90
CA PHE E 211 -43.05 -47.87 4.99
C PHE E 211 -43.38 -46.96 6.17
N LYS E 212 -44.01 -47.51 7.20
CA LYS E 212 -44.16 -46.77 8.44
C LYS E 212 -42.78 -46.61 9.09
N ASP E 213 -42.71 -45.72 10.07
CA ASP E 213 -41.45 -45.55 10.78
C ASP E 213 -41.05 -46.88 11.41
N PHE E 214 -39.76 -47.00 11.74
CA PHE E 214 -39.13 -48.28 12.08
C PHE E 214 -38.76 -48.99 10.79
N ASP E 215 -39.76 -49.22 9.94
CA ASP E 215 -39.53 -49.77 8.62
C ASP E 215 -38.47 -48.96 7.90
N THR E 216 -38.72 -47.66 7.76
CA THR E 216 -37.67 -46.75 7.28
C THR E 216 -36.43 -46.88 8.16
N MET E 217 -36.63 -46.80 9.47
CA MET E 217 -35.50 -46.90 10.40
C MET E 217 -34.78 -48.22 10.23
N PHE E 218 -35.51 -49.33 10.28
CA PHE E 218 -34.89 -50.66 10.26
C PHE E 218 -34.06 -50.85 8.99
N TYR E 219 -34.70 -50.75 7.83
CA TYR E 219 -34.05 -51.10 6.57
C TYR E 219 -32.80 -50.26 6.33
N ASN E 220 -32.86 -48.96 6.63
CA ASN E 220 -31.70 -48.11 6.41
C ASN E 220 -30.56 -48.50 7.35
N ASN E 221 -30.87 -48.92 8.57
CA ASN E 221 -29.83 -49.36 9.47
C ASN E 221 -29.29 -50.73 9.06
N VAL E 222 -30.19 -51.68 8.76
CA VAL E 222 -29.76 -53.04 8.47
C VAL E 222 -28.92 -53.06 7.20
N LEU E 223 -29.49 -52.65 6.08
CA LEU E 223 -28.79 -52.72 4.81
C LEU E 223 -27.60 -51.76 4.75
N ALA E 224 -27.61 -50.70 5.55
CA ALA E 224 -26.46 -49.81 5.59
C ALA E 224 -25.30 -50.43 6.35
N LEU E 225 -25.59 -51.27 7.36
CA LEU E 225 -24.55 -51.98 8.10
C LEU E 225 -23.48 -52.56 7.19
N PRO E 226 -23.82 -53.26 6.11
CA PRO E 226 -22.78 -53.83 5.24
C PRO E 226 -21.98 -52.77 4.49
N ILE E 227 -22.67 -51.83 3.84
CA ILE E 227 -21.96 -50.81 3.07
C ILE E 227 -20.95 -50.09 3.96
N LEU E 228 -21.32 -49.83 5.22
CA LEU E 228 -20.34 -49.24 6.13
C LEU E 228 -19.12 -50.12 6.26
N LEU E 229 -19.32 -51.45 6.36
CA LEU E 229 -18.19 -52.36 6.35
C LEU E 229 -17.52 -52.37 4.98
N LEU E 230 -18.29 -52.15 3.92
CA LEU E 230 -17.69 -51.95 2.60
C LEU E 230 -16.76 -50.74 2.62
N PHE E 231 -17.27 -49.59 3.07
CA PHE E 231 -16.45 -48.40 3.17
C PHE E 231 -15.42 -48.50 4.29
N SER E 232 -15.67 -49.34 5.29
CA SER E 232 -14.71 -49.51 6.39
C SER E 232 -13.41 -50.12 5.90
N PHE E 233 -13.48 -51.17 5.09
CA PHE E 233 -12.27 -51.81 4.56
C PHE E 233 -11.73 -51.08 3.34
N CYS E 234 -12.61 -50.42 2.56
CA CYS E 234 -12.19 -49.77 1.34
C CYS E 234 -11.43 -48.47 1.57
N VAL E 235 -11.75 -47.74 2.65
CA VAL E 235 -11.24 -46.39 2.87
C VAL E 235 -10.26 -46.34 4.03
N GLU E 236 -10.66 -46.81 5.21
CA GLU E 236 -9.76 -46.74 6.35
C GLU E 236 -8.50 -47.55 6.09
N ASP E 237 -7.46 -47.24 6.87
CA ASP E 237 -6.22 -47.99 6.88
C ASP E 237 -6.19 -48.84 8.14
N TRP E 238 -5.94 -50.14 7.98
CA TRP E 238 -5.93 -51.08 9.09
C TRP E 238 -4.51 -51.46 9.46
N SER E 239 -4.22 -51.48 10.76
CA SER E 239 -2.92 -51.91 11.25
C SER E 239 -3.13 -52.48 12.64
N SER E 240 -3.02 -53.80 12.78
CA SER E 240 -3.21 -54.43 14.08
C SER E 240 -2.17 -53.99 15.09
N VAL E 241 -1.02 -53.49 14.63
CA VAL E 241 -0.01 -52.96 15.54
C VAL E 241 -0.43 -51.61 16.10
N ASN E 242 -1.25 -50.86 15.37
CA ASN E 242 -1.65 -49.52 15.75
C ASN E 242 -3.13 -49.41 16.10
N LEU E 243 -4.02 -49.85 15.20
CA LEU E 243 -5.44 -49.60 15.40
C LEU E 243 -6.04 -50.52 16.46
N THR E 244 -5.50 -51.73 16.61
CA THR E 244 -5.92 -52.60 17.71
C THR E 244 -5.80 -51.88 19.05
N ASN E 245 -4.79 -51.02 19.20
CA ASN E 245 -4.59 -50.22 20.40
C ASN E 245 -5.46 -48.98 20.48
N ASN E 246 -6.00 -48.50 19.36
CA ASN E 246 -6.66 -47.20 19.35
C ASN E 246 -7.92 -47.19 20.21
N PHE E 247 -8.90 -48.02 19.84
CA PHE E 247 -10.20 -48.06 20.52
C PHE E 247 -10.11 -48.96 21.76
N SER E 248 -9.69 -48.37 22.87
CA SER E 248 -9.54 -49.10 24.11
C SER E 248 -10.91 -49.29 24.78
N ASN E 249 -10.90 -49.93 25.95
CA ASN E 249 -12.15 -50.22 26.67
C ASN E 249 -13.01 -48.98 26.89
N ASP E 250 -12.40 -47.79 27.01
CA ASP E 250 -13.19 -46.58 27.18
C ASP E 250 -13.87 -46.17 25.89
N SER E 251 -13.10 -46.00 24.81
CA SER E 251 -13.64 -45.41 23.58
C SER E 251 -14.78 -46.23 23.01
N LEU E 252 -14.65 -47.56 23.02
CA LEU E 252 -15.70 -48.40 22.48
C LEU E 252 -17.04 -48.12 23.15
N THR E 253 -17.03 -47.83 24.45
CA THR E 253 -18.25 -47.44 25.14
C THR E 253 -18.89 -46.23 24.47
N ALA E 254 -18.06 -45.30 23.99
CA ALA E 254 -18.60 -44.11 23.33
C ALA E 254 -19.32 -44.46 22.04
N MET E 255 -18.74 -45.36 21.24
CA MET E 255 -19.36 -45.73 19.97
C MET E 255 -20.78 -46.28 20.15
N ILE E 256 -21.02 -46.99 21.25
CA ILE E 256 -22.39 -47.45 21.53
C ILE E 256 -23.20 -46.35 22.18
N ILE E 257 -22.58 -45.61 23.11
CA ILE E 257 -23.27 -44.47 23.72
C ILE E 257 -23.69 -43.48 22.64
N SER E 258 -22.77 -43.18 21.72
CA SER E 258 -23.14 -42.30 20.61
C SER E 258 -24.23 -42.96 19.76
N GLY E 259 -24.10 -44.25 19.51
CA GLY E 259 -25.15 -44.96 18.80
C GLY E 259 -26.45 -44.94 19.58
N VAL E 260 -26.37 -45.08 20.90
CA VAL E 260 -27.56 -45.02 21.74
C VAL E 260 -28.21 -43.67 21.59
N ALA E 261 -27.41 -42.60 21.51
CA ALA E 261 -27.98 -41.28 21.29
C ALA E 261 -28.49 -41.16 19.86
N SER E 262 -27.78 -41.75 18.90
CA SER E 262 -28.19 -41.72 17.50
C SER E 262 -29.49 -42.48 17.25
N VAL E 263 -30.00 -43.22 18.24
CA VAL E 263 -31.28 -43.88 18.06
C VAL E 263 -32.38 -42.86 17.78
N GLY E 264 -32.34 -41.73 18.46
CA GLY E 264 -33.33 -40.69 18.24
C GLY E 264 -33.43 -40.27 16.79
N ILE E 265 -32.36 -39.67 16.26
CA ILE E 265 -32.38 -39.19 14.89
C ILE E 265 -32.78 -40.31 13.92
N SER E 266 -32.33 -41.54 14.20
CA SER E 266 -32.59 -42.64 13.27
C SER E 266 -34.09 -42.82 13.05
N TYR E 267 -34.85 -43.01 14.13
CA TYR E 267 -36.29 -43.21 13.98
C TYR E 267 -36.98 -41.95 13.46
N CYS E 268 -36.54 -40.78 13.90
CA CYS E 268 -37.23 -39.54 13.59
C CYS E 268 -36.92 -39.01 12.18
N SER E 269 -35.71 -39.25 11.68
CA SER E 269 -35.35 -38.78 10.34
C SER E 269 -36.36 -39.27 9.30
N GLY E 270 -36.54 -40.59 9.22
CA GLY E 270 -37.50 -41.13 8.27
C GLY E 270 -38.93 -40.73 8.59
N TRP E 271 -39.21 -40.46 9.86
CA TRP E 271 -40.53 -39.94 10.22
C TRP E 271 -40.72 -38.53 9.68
N CYS E 272 -39.66 -37.72 9.72
CA CYS E 272 -39.74 -36.36 9.21
C CYS E 272 -39.92 -36.36 7.70
N VAL E 273 -39.06 -37.08 6.98
CA VAL E 273 -39.13 -37.10 5.53
C VAL E 273 -40.51 -37.58 5.07
N ARG E 274 -41.04 -38.61 5.73
CA ARG E 274 -42.30 -39.21 5.27
C ARG E 274 -43.45 -38.23 5.44
N VAL E 275 -43.62 -37.68 6.65
CA VAL E 275 -44.80 -36.88 6.94
C VAL E 275 -44.79 -35.59 6.14
N THR E 276 -43.71 -34.83 6.22
CA THR E 276 -43.66 -33.51 5.58
C THR E 276 -43.24 -33.61 4.12
N SER E 277 -41.97 -33.31 3.85
CA SER E 277 -41.40 -33.40 2.52
C SER E 277 -39.90 -33.58 2.68
N SER E 278 -39.27 -34.19 1.67
CA SER E 278 -37.82 -34.27 1.70
C SER E 278 -37.19 -32.89 1.81
N THR E 279 -37.92 -31.85 1.41
CA THR E 279 -37.44 -30.50 1.64
C THR E 279 -37.49 -30.16 3.12
N THR E 280 -38.60 -30.46 3.78
CA THR E 280 -38.74 -30.15 5.21
C THR E 280 -37.65 -30.84 6.02
N TYR E 281 -37.42 -32.13 5.78
CA TYR E 281 -36.32 -32.81 6.47
C TYR E 281 -34.98 -32.15 6.17
N SER E 282 -34.76 -31.76 4.92
CA SER E 282 -33.52 -31.07 4.56
C SER E 282 -33.47 -29.66 5.13
N MET E 283 -34.62 -29.06 5.42
CA MET E 283 -34.65 -27.70 5.95
C MET E 283 -34.40 -27.70 7.45
N VAL E 284 -35.17 -28.50 8.20
CA VAL E 284 -34.99 -28.58 9.64
C VAL E 284 -33.54 -28.89 9.99
N GLY E 285 -32.89 -29.72 9.18
CA GLY E 285 -31.48 -29.99 9.41
C GLY E 285 -30.63 -28.73 9.34
N ALA E 286 -30.98 -27.84 8.41
CA ALA E 286 -30.30 -26.55 8.35
C ALA E 286 -30.75 -25.64 9.48
N LEU E 287 -32.01 -25.73 9.89
CA LEU E 287 -32.51 -24.90 10.99
C LEU E 287 -31.91 -25.34 12.33
N ASN E 288 -31.71 -26.64 12.51
CA ASN E 288 -31.29 -27.16 13.80
C ASN E 288 -29.98 -26.52 14.26
N LYS E 289 -29.00 -26.40 13.42
CA LYS E 289 -27.80 -25.87 13.99
C LYS E 289 -27.95 -24.48 14.51
N LEU E 290 -28.88 -23.74 13.97
CA LEU E 290 -28.99 -22.36 14.45
C LEU E 290 -29.12 -22.31 15.96
N PRO E 291 -30.17 -22.87 16.57
CA PRO E 291 -30.27 -22.83 18.04
C PRO E 291 -29.04 -23.37 18.75
N ILE E 292 -28.33 -24.34 18.18
CA ILE E 292 -27.08 -24.78 18.79
C ILE E 292 -26.01 -23.70 18.66
N ALA E 293 -25.91 -23.09 17.47
CA ALA E 293 -24.97 -21.98 17.31
C ALA E 293 -25.38 -20.82 18.20
N LEU E 294 -26.70 -20.58 18.32
CA LEU E 294 -27.19 -19.56 19.25
C LEU E 294 -26.82 -19.89 20.69
N SER E 295 -26.91 -21.17 21.07
CA SER E 295 -26.45 -21.57 22.40
C SER E 295 -24.96 -21.29 22.59
N GLY E 296 -24.17 -21.44 21.52
CA GLY E 296 -22.73 -21.22 21.64
C GLY E 296 -22.37 -19.79 21.99
N LEU E 297 -23.23 -18.85 21.63
CA LEU E 297 -22.97 -17.44 21.92
C LEU E 297 -23.39 -17.07 23.34
N ILE E 298 -24.49 -17.65 23.82
CA ILE E 298 -25.05 -17.35 25.14
C ILE E 298 -24.32 -18.08 26.26
N PHE E 299 -24.44 -19.40 26.28
CA PHE E 299 -23.92 -20.23 27.37
C PHE E 299 -22.40 -20.18 27.47
N PHE E 300 -21.74 -19.46 26.58
CA PHE E 300 -20.29 -19.44 26.54
C PHE E 300 -19.81 -18.02 26.28
N ASP E 301 -18.81 -17.58 27.05
CA ASP E 301 -18.19 -16.29 26.86
C ASP E 301 -17.18 -16.39 25.73
N ALA E 302 -17.70 -16.36 24.50
CA ALA E 302 -16.89 -16.51 23.32
C ALA E 302 -16.98 -15.26 22.47
N PRO E 303 -15.87 -14.81 21.90
CA PRO E 303 -15.93 -13.65 20.99
C PRO E 303 -16.88 -13.92 19.84
N ARG E 304 -17.76 -12.96 19.60
CA ARG E 304 -18.79 -13.09 18.57
C ARG E 304 -18.52 -12.05 17.47
N ASN E 305 -19.27 -12.18 16.38
CA ASN E 305 -19.26 -11.19 15.32
C ASN E 305 -20.70 -10.87 14.98
N PHE E 306 -21.01 -9.59 14.79
CA PHE E 306 -22.37 -9.25 14.44
C PHE E 306 -22.79 -9.98 13.17
N LEU E 307 -21.87 -10.11 12.21
CA LEU E 307 -22.15 -10.92 11.03
C LEU E 307 -22.52 -12.34 11.42
N SER E 308 -21.72 -12.95 12.31
CA SER E 308 -22.05 -14.28 12.79
C SER E 308 -23.45 -14.31 13.40
N ILE E 309 -23.80 -13.27 14.15
CA ILE E 309 -25.11 -13.23 14.80
C ILE E 309 -26.22 -13.02 13.76
N LEU E 310 -26.03 -12.05 12.86
CA LEU E 310 -27.06 -11.73 11.88
C LEU E 310 -27.56 -12.94 11.10
N SER E 311 -26.63 -13.78 10.61
CA SER E 311 -27.03 -14.94 9.84
C SER E 311 -28.10 -15.74 10.57
N ILE E 312 -27.91 -15.94 11.88
CA ILE E 312 -28.81 -16.80 12.65
C ILE E 312 -30.24 -16.28 12.57
N PHE E 313 -30.44 -15.00 12.86
CA PHE E 313 -31.78 -14.45 12.72
C PHE E 313 -32.21 -14.42 11.26
N ILE E 314 -31.26 -14.25 10.35
CA ILE E 314 -31.59 -14.50 8.95
C ILE E 314 -31.98 -15.96 8.78
N GLY E 315 -31.22 -16.86 9.40
CA GLY E 315 -31.62 -18.25 9.45
C GLY E 315 -32.94 -18.42 10.16
N PHE E 316 -33.12 -17.73 11.29
CA PHE E 316 -34.41 -17.76 11.98
C PHE E 316 -35.51 -17.21 11.07
N LEU E 317 -35.24 -16.09 10.41
CA LEU E 317 -36.17 -15.58 9.41
C LEU E 317 -36.48 -16.65 8.38
N SER E 318 -35.44 -17.36 7.93
CA SER E 318 -35.63 -18.41 6.93
C SER E 318 -36.70 -19.41 7.35
N GLY E 319 -36.72 -19.78 8.64
CA GLY E 319 -37.73 -20.71 9.11
C GLY E 319 -39.13 -20.14 9.03
N ILE E 320 -39.31 -18.90 9.51
CA ILE E 320 -40.64 -18.30 9.52
C ILE E 320 -41.20 -18.20 8.11
N ILE E 321 -40.35 -17.81 7.16
CA ILE E 321 -40.78 -17.72 5.77
C ILE E 321 -41.19 -19.10 5.25
N TYR E 322 -40.39 -20.13 5.54
CA TYR E 322 -40.72 -21.48 5.10
C TYR E 322 -41.99 -22.00 5.77
N ALA E 323 -42.21 -21.65 7.04
CA ALA E 323 -43.39 -22.14 7.73
C ALA E 323 -44.67 -21.59 7.09
N VAL E 324 -44.68 -20.29 6.79
CA VAL E 324 -45.86 -19.70 6.17
C VAL E 324 -46.03 -20.23 4.75
N ALA E 325 -44.92 -20.45 4.05
CA ALA E 325 -45.01 -21.01 2.71
C ALA E 325 -45.79 -22.32 2.73
N LYS E 326 -45.43 -23.23 3.65
CA LYS E 326 -46.24 -24.44 3.83
C LYS E 326 -47.67 -24.09 4.20
N GLN E 327 -47.87 -23.04 5.01
CA GLN E 327 -49.22 -22.66 5.38
C GLN E 327 -50.01 -22.24 4.15
N LYS E 328 -49.38 -21.46 3.26
CA LYS E 328 -50.06 -21.03 2.04
C LYS E 328 -50.25 -22.18 1.06
N LYS E 329 -49.38 -23.21 1.13
CA LYS E 329 -49.51 -24.37 0.24
C LYS E 329 -50.70 -25.24 0.60
N GLN E 330 -50.72 -25.76 1.83
CA GLN E 330 -51.77 -26.68 2.25
C GLN E 330 -53.14 -26.02 2.26
N GLN E 331 -53.21 -24.79 2.76
CA GLN E 331 -54.48 -24.10 2.85
C GLN E 331 -55.14 -23.93 1.48
N ALA E 332 -54.34 -23.73 0.43
CA ALA E 332 -54.93 -23.47 -0.88
C ALA E 332 -55.70 -24.69 -1.39
N GLN E 333 -55.16 -25.88 -1.21
CA GLN E 333 -55.84 -27.10 -1.68
C GLN E 333 -56.05 -28.11 -0.55
N ALA F 18 -4.01 62.57 -28.81
CA ALA F 18 -5.31 62.67 -29.46
C ALA F 18 -6.45 62.82 -28.45
N ASN F 19 -6.37 62.11 -27.32
CA ASN F 19 -7.46 62.07 -26.37
C ASN F 19 -7.03 62.70 -25.04
N SER F 20 -7.41 63.96 -24.87
CA SER F 20 -7.32 64.69 -23.63
C SER F 20 -8.02 66.03 -23.83
N GLY F 21 -8.40 66.65 -22.72
CA GLY F 21 -9.03 67.96 -22.76
C GLY F 21 -10.49 67.89 -23.17
N PRO F 22 -11.03 69.03 -23.62
CA PRO F 22 -12.47 69.08 -23.94
C PRO F 22 -12.85 68.31 -25.19
N ILE F 23 -11.88 67.84 -25.97
CA ILE F 23 -12.21 67.06 -27.16
C ILE F 23 -13.13 65.90 -26.77
N SER F 24 -12.87 65.31 -25.60
CA SER F 24 -13.77 64.30 -25.07
C SER F 24 -15.22 64.78 -25.11
N ILE F 25 -15.45 66.02 -24.69
CA ILE F 25 -16.82 66.52 -24.57
C ILE F 25 -17.47 66.65 -25.94
N LEU F 26 -16.74 67.20 -26.91
CA LEU F 26 -17.29 67.27 -28.26
C LEU F 26 -17.62 65.87 -28.77
N SER F 27 -16.74 64.90 -28.51
CA SER F 27 -17.01 63.52 -28.92
C SER F 27 -18.26 63.00 -28.22
N TYR F 28 -18.32 63.15 -26.89
CA TYR F 28 -19.48 62.67 -26.14
C TYR F 28 -20.76 63.37 -26.61
N CYS F 29 -20.65 64.65 -26.99
CA CYS F 29 -21.81 65.37 -27.49
C CYS F 29 -22.25 64.85 -28.85
N GLY F 30 -21.34 64.91 -29.83
CA GLY F 30 -21.67 64.43 -31.17
C GLY F 30 -22.22 63.02 -31.15
N SER F 31 -21.70 62.17 -30.27
CA SER F 31 -22.19 60.80 -30.18
C SER F 31 -23.59 60.75 -29.61
N SER F 32 -23.87 61.58 -28.59
CA SER F 32 -25.24 61.65 -28.09
C SER F 32 -26.19 62.16 -29.16
N ILE F 33 -25.71 63.03 -30.05
CA ILE F 33 -26.52 63.48 -31.18
C ILE F 33 -26.66 62.37 -32.22
N LEU F 34 -25.53 61.75 -32.58
CA LEU F 34 -25.58 60.65 -33.53
C LEU F 34 -26.44 59.50 -32.99
N MET F 35 -26.28 59.20 -31.69
CA MET F 35 -27.02 58.10 -31.09
C MET F 35 -28.50 58.44 -30.93
N THR F 36 -28.82 59.71 -30.70
CA THR F 36 -30.21 60.11 -30.51
C THR F 36 -30.99 60.07 -31.83
N VAL F 37 -30.48 60.77 -32.85
CA VAL F 37 -31.18 60.82 -34.14
C VAL F 37 -31.23 59.43 -34.76
N THR F 38 -30.08 58.76 -34.84
CA THR F 38 -30.02 57.46 -35.50
C THR F 38 -31.08 56.51 -34.98
N ASN F 39 -31.44 56.63 -33.70
CA ASN F 39 -32.48 55.81 -33.10
C ASN F 39 -33.90 56.26 -33.44
N LYS F 40 -34.09 57.47 -33.97
CA LYS F 40 -35.45 57.97 -34.18
C LYS F 40 -35.81 58.17 -35.64
N PHE F 41 -34.84 58.43 -36.51
CA PHE F 41 -35.09 58.55 -37.94
C PHE F 41 -34.64 57.30 -38.70
N VAL F 42 -33.41 56.83 -38.48
CA VAL F 42 -32.92 55.66 -39.19
C VAL F 42 -33.70 54.43 -38.75
N VAL F 43 -33.94 54.28 -37.46
CA VAL F 43 -34.72 53.15 -36.95
C VAL F 43 -36.05 53.67 -36.42
N ASN F 44 -36.99 53.94 -37.31
CA ASN F 44 -38.33 54.34 -36.90
C ASN F 44 -39.02 53.15 -36.24
N LEU F 45 -39.95 53.45 -35.33
CA LEU F 45 -40.49 52.44 -34.44
C LEU F 45 -39.38 51.84 -33.58
N LYS F 46 -38.80 52.73 -32.77
CA LYS F 46 -37.86 52.38 -31.72
C LYS F 46 -38.57 51.91 -30.46
N ASP F 47 -39.89 51.71 -30.56
CA ASP F 47 -40.72 51.21 -29.47
C ASP F 47 -40.51 49.71 -29.33
N PHE F 48 -39.41 49.34 -28.68
CA PHE F 48 -39.06 47.93 -28.63
C PHE F 48 -39.88 47.24 -27.55
N ASN F 49 -40.01 45.92 -27.67
CA ASN F 49 -40.74 45.14 -26.68
C ASN F 49 -39.86 44.58 -25.57
N MET F 50 -38.57 44.33 -25.83
CA MET F 50 -37.64 43.75 -24.85
C MET F 50 -36.34 44.55 -24.91
N ASN F 51 -36.26 45.61 -24.10
CA ASN F 51 -35.19 46.59 -24.21
C ASN F 51 -33.80 45.99 -24.00
N PHE F 52 -33.66 45.05 -23.05
CA PHE F 52 -32.32 44.59 -22.69
C PHE F 52 -31.60 43.92 -23.87
N VAL F 53 -32.34 43.21 -24.72
CA VAL F 53 -31.71 42.56 -25.85
C VAL F 53 -31.17 43.59 -26.83
N MET F 54 -31.96 44.62 -27.14
CA MET F 54 -31.46 45.71 -27.96
C MET F 54 -30.16 46.27 -27.39
N LEU F 55 -30.11 46.47 -26.07
CA LEU F 55 -28.87 46.89 -25.44
C LEU F 55 -27.88 45.74 -25.34
N PHE F 56 -28.37 44.50 -25.21
CA PHE F 56 -27.48 43.35 -25.21
C PHE F 56 -26.74 43.22 -26.54
N VAL F 57 -27.45 43.38 -27.65
CA VAL F 57 -26.80 43.40 -28.95
C VAL F 57 -25.93 44.65 -29.08
N GLN F 58 -26.50 45.81 -28.74
CA GLN F 58 -25.73 47.06 -28.77
C GLN F 58 -24.43 46.92 -27.98
N SER F 59 -24.48 46.19 -26.87
CA SER F 59 -23.28 45.90 -26.10
C SER F 59 -22.49 44.73 -26.67
N LEU F 60 -23.12 43.90 -27.51
CA LEU F 60 -22.38 42.81 -28.13
C LEU F 60 -21.61 43.29 -29.36
N VAL F 61 -22.27 44.09 -30.22
CA VAL F 61 -21.58 44.68 -31.36
C VAL F 61 -20.41 45.53 -30.90
N CYS F 62 -20.57 46.24 -29.78
CA CYS F 62 -19.46 47.01 -29.24
C CYS F 62 -18.27 46.12 -28.89
N THR F 63 -18.54 44.98 -28.27
CA THR F 63 -17.46 44.04 -27.94
C THR F 63 -16.79 43.51 -29.20
N ILE F 64 -17.59 43.01 -30.15
CA ILE F 64 -17.04 42.46 -31.39
C ILE F 64 -16.15 43.49 -32.08
N THR F 65 -16.62 44.73 -32.18
CA THR F 65 -15.88 45.76 -32.89
C THR F 65 -14.46 45.91 -32.35
N LEU F 66 -14.28 45.75 -31.04
CA LEU F 66 -12.96 45.95 -30.45
C LEU F 66 -12.00 44.86 -30.89
N ILE F 67 -12.46 43.60 -30.94
CA ILE F 67 -11.54 42.51 -31.27
C ILE F 67 -10.96 42.70 -32.67
N ILE F 68 -11.76 43.21 -33.60
CA ILE F 68 -11.24 43.51 -34.93
C ILE F 68 -10.10 44.52 -34.84
N LEU F 69 -10.25 45.52 -33.96
CA LEU F 69 -9.16 46.45 -33.74
C LEU F 69 -8.10 45.84 -32.83
N ARG F 70 -8.48 44.87 -32.00
CA ARG F 70 -7.48 44.13 -31.24
C ARG F 70 -6.49 43.48 -32.19
N ILE F 71 -6.98 43.03 -33.35
CA ILE F 71 -6.14 42.42 -34.38
C ILE F 71 -5.88 43.38 -35.54
N LEU F 72 -6.29 44.64 -35.43
CA LEU F 72 -6.07 45.66 -36.48
C LEU F 72 -5.62 46.96 -35.80
N GLY F 73 -4.31 47.10 -35.64
CA GLY F 73 -3.75 48.31 -35.05
C GLY F 73 -2.26 48.47 -35.31
N PHE F 77 -5.11 47.69 -27.54
CA PHE F 77 -5.79 48.88 -27.04
C PHE F 77 -6.37 48.60 -25.66
N ARG F 78 -6.72 47.33 -25.44
CA ARG F 78 -7.46 46.91 -24.25
C ARG F 78 -6.80 45.71 -23.60
N SER F 79 -7.49 45.09 -22.63
CA SER F 79 -6.99 43.88 -22.01
C SER F 79 -8.16 43.03 -21.51
N LEU F 80 -7.86 41.79 -21.14
CA LEU F 80 -8.82 40.87 -20.53
C LEU F 80 -8.17 40.32 -19.26
N ASN F 81 -8.86 40.49 -18.13
CA ASN F 81 -8.33 40.06 -16.84
C ASN F 81 -9.38 39.32 -16.01
N LYS F 82 -8.94 38.84 -14.85
CA LYS F 82 -9.81 38.45 -13.75
C LYS F 82 -9.63 39.29 -12.49
N THR F 83 -8.47 39.93 -12.31
CA THR F 83 -8.29 40.85 -11.20
C THR F 83 -9.07 42.14 -11.44
N ASP F 84 -8.91 42.72 -12.63
CA ASP F 84 -9.71 43.89 -12.98
C ASP F 84 -11.19 43.51 -13.06
N ALA F 85 -11.49 42.27 -13.42
CA ALA F 85 -12.87 41.87 -13.71
C ALA F 85 -13.76 42.09 -12.50
N LYS F 86 -13.43 41.46 -11.37
CA LYS F 86 -14.33 41.56 -10.23
C LYS F 86 -14.29 42.92 -9.55
N ASN F 87 -13.33 43.77 -9.90
CA ASN F 87 -13.39 45.17 -9.49
C ASN F 87 -14.17 46.01 -10.49
N TRP F 88 -14.36 45.51 -11.70
CA TRP F 88 -15.16 46.20 -12.69
C TRP F 88 -16.60 45.70 -12.71
N PHE F 89 -16.83 44.46 -12.28
CA PHE F 89 -18.18 43.92 -12.25
C PHE F 89 -19.18 44.83 -11.55
N PRO F 90 -18.83 45.51 -10.45
CA PRO F 90 -19.79 46.42 -9.84
C PRO F 90 -20.22 47.54 -10.76
N ILE F 91 -19.31 48.03 -11.61
CA ILE F 91 -19.65 49.13 -12.51
C ILE F 91 -20.77 48.71 -13.46
N SER F 92 -20.57 47.59 -14.15
CA SER F 92 -21.58 47.10 -15.09
C SER F 92 -22.91 46.82 -14.39
N PHE F 93 -22.88 46.10 -13.27
CA PHE F 93 -24.13 45.84 -12.57
C PHE F 93 -24.77 47.15 -12.12
N LEU F 94 -23.94 48.11 -11.71
CA LEU F 94 -24.45 49.46 -11.48
C LEU F 94 -24.93 50.08 -12.77
N LEU F 95 -24.27 49.76 -13.88
CA LEU F 95 -24.66 50.30 -15.17
C LEU F 95 -26.03 49.78 -15.59
N VAL F 96 -26.16 48.45 -15.71
CA VAL F 96 -27.43 47.87 -16.14
C VAL F 96 -28.52 48.21 -15.13
N LEU F 97 -28.21 48.16 -13.84
CA LEU F 97 -29.19 48.57 -12.85
C LEU F 97 -29.55 50.04 -13.02
N MET F 98 -28.57 50.87 -13.40
CA MET F 98 -28.87 52.27 -13.71
C MET F 98 -29.94 52.37 -14.79
N ILE F 99 -29.83 51.53 -15.83
CA ILE F 99 -30.84 51.55 -16.90
C ILE F 99 -32.15 50.96 -16.38
N TYR F 100 -32.08 49.80 -15.71
CA TYR F 100 -33.29 49.18 -15.21
C TYR F 100 -34.05 50.16 -14.32
N THR F 101 -33.31 50.89 -13.47
CA THR F 101 -33.95 51.91 -12.67
C THR F 101 -34.52 53.02 -13.53
N SER F 102 -33.75 53.48 -14.52
CA SER F 102 -34.23 54.51 -15.44
C SER F 102 -35.42 54.00 -16.25
N SER F 103 -35.27 52.81 -16.84
CA SER F 103 -36.37 52.22 -17.61
C SER F 103 -37.63 52.07 -16.77
N LYS F 104 -37.49 51.59 -15.53
CA LYS F 104 -38.67 51.42 -14.68
C LYS F 104 -39.18 52.75 -14.16
N ALA F 105 -38.32 53.75 -14.01
CA ALA F 105 -38.76 55.09 -13.62
C ALA F 105 -39.66 55.70 -14.68
N LEU F 106 -39.24 55.63 -15.94
CA LEU F 106 -40.00 56.26 -17.03
C LEU F 106 -41.37 55.63 -17.26
N GLN F 107 -41.63 54.45 -16.70
CA GLN F 107 -42.97 53.87 -16.84
C GLN F 107 -44.01 54.71 -16.13
N TYR F 108 -43.68 55.27 -14.97
CA TYR F 108 -44.65 55.98 -14.15
C TYR F 108 -44.44 57.49 -14.09
N LEU F 109 -43.44 58.04 -14.77
CA LEU F 109 -43.13 59.46 -14.65
C LEU F 109 -43.03 60.10 -16.03
N ALA F 110 -43.25 61.40 -16.07
CA ALA F 110 -43.19 62.19 -17.29
C ALA F 110 -41.76 62.48 -17.70
N VAL F 111 -41.56 62.67 -19.01
CA VAL F 111 -40.21 62.88 -19.54
C VAL F 111 -39.55 64.10 -18.91
N PRO F 112 -40.21 65.24 -18.78
CA PRO F 112 -39.53 66.40 -18.18
C PRO F 112 -39.19 66.22 -16.72
N ILE F 113 -40.03 65.54 -15.95
CA ILE F 113 -39.80 65.41 -14.52
C ILE F 113 -38.59 64.52 -14.25
N TYR F 114 -38.46 63.43 -15.02
CA TYR F 114 -37.25 62.63 -14.95
C TYR F 114 -36.02 63.51 -15.17
N THR F 115 -36.15 64.52 -16.02
CA THR F 115 -35.05 65.45 -16.28
C THR F 115 -34.66 66.21 -15.02
N ILE F 116 -35.65 66.66 -14.23
CA ILE F 116 -35.33 67.43 -13.04
C ILE F 116 -34.39 66.64 -12.14
N PHE F 117 -34.82 65.44 -11.74
CA PHE F 117 -34.01 64.63 -10.84
C PHE F 117 -32.72 64.16 -11.49
N LYS F 118 -32.79 63.70 -12.75
CA LYS F 118 -31.56 63.33 -13.44
C LYS F 118 -30.64 64.54 -13.59
N ASN F 119 -31.19 65.75 -13.54
CA ASN F 119 -30.37 66.96 -13.45
C ASN F 119 -29.99 67.29 -12.02
N LEU F 120 -30.83 66.92 -11.06
CA LEU F 120 -30.49 67.11 -9.66
C LEU F 120 -29.35 66.21 -9.23
N THR F 121 -29.29 65.00 -9.80
CA THR F 121 -28.19 64.09 -9.50
C THR F 121 -26.84 64.73 -9.79
N ILE F 122 -26.81 65.72 -10.69
CA ILE F 122 -25.55 66.39 -11.01
C ILE F 122 -24.90 66.95 -9.75
N ILE F 123 -25.70 67.53 -8.85
CA ILE F 123 -25.15 68.11 -7.63
C ILE F 123 -24.50 67.04 -6.77
N LEU F 124 -25.24 66.00 -6.43
CA LEU F 124 -24.70 64.96 -5.58
C LEU F 124 -23.43 64.35 -6.19
N ILE F 125 -23.45 64.12 -7.49
CA ILE F 125 -22.24 63.59 -8.15
C ILE F 125 -21.09 64.56 -7.94
N ALA F 126 -21.33 65.85 -8.11
CA ALA F 126 -20.30 66.83 -7.81
C ALA F 126 -19.85 66.72 -6.36
N TYR F 127 -20.81 66.59 -5.44
CA TYR F 127 -20.45 66.40 -4.03
C TYR F 127 -20.15 64.95 -3.71
N GLY F 128 -20.57 64.02 -4.57
CA GLY F 128 -20.12 62.65 -4.46
C GLY F 128 -18.68 62.50 -4.88
N GLU F 129 -18.24 63.34 -5.82
CA GLU F 129 -16.83 63.37 -6.21
C GLU F 129 -15.96 63.76 -5.02
N VAL F 130 -16.50 64.52 -4.08
CA VAL F 130 -15.75 64.88 -2.88
C VAL F 130 -15.48 63.65 -2.02
N LEU F 131 -16.39 62.69 -1.99
CA LEU F 131 -16.17 61.47 -1.22
C LEU F 131 -15.24 60.48 -1.92
N PHE F 132 -15.04 60.63 -3.24
CA PHE F 132 -14.24 59.68 -4.00
C PHE F 132 -12.87 60.20 -4.41
N PHE F 133 -12.74 61.51 -4.62
CA PHE F 133 -11.50 62.10 -5.09
C PHE F 133 -11.03 63.26 -4.24
N GLY F 134 -11.94 63.91 -3.51
CA GLY F 134 -11.60 64.91 -2.52
C GLY F 134 -11.71 66.35 -2.99
N GLY F 135 -11.95 66.59 -4.27
CA GLY F 135 -12.13 67.96 -4.74
C GLY F 135 -13.30 68.65 -4.09
N SER F 136 -13.23 69.98 -4.06
CA SER F 136 -14.30 70.81 -3.53
C SER F 136 -15.23 71.26 -4.65
N VAL F 137 -16.50 71.43 -4.32
CA VAL F 137 -17.48 71.94 -5.28
C VAL F 137 -17.41 73.46 -5.22
N THR F 138 -16.84 74.05 -6.27
CA THR F 138 -16.69 75.51 -6.33
C THR F 138 -18.03 76.20 -6.17
N SER F 139 -18.00 77.36 -5.49
CA SER F 139 -19.23 78.15 -5.37
C SER F 139 -19.83 78.43 -6.74
N MET F 140 -18.98 78.65 -7.75
CA MET F 140 -19.49 78.90 -9.09
C MET F 140 -20.14 77.64 -9.68
N GLU F 141 -19.50 76.49 -9.49
CA GLU F 141 -20.10 75.25 -9.99
C GLU F 141 -21.50 75.06 -9.45
N LEU F 142 -21.72 75.42 -8.18
CA LEU F 142 -23.04 75.24 -7.58
C LEU F 142 -24.11 76.02 -8.34
N SER F 143 -23.77 77.20 -8.85
CA SER F 143 -24.74 78.00 -9.58
C SER F 143 -25.19 77.26 -10.84
N SER F 144 -24.24 76.71 -11.60
CA SER F 144 -24.59 76.02 -12.83
C SER F 144 -25.63 74.95 -12.57
N PHE F 145 -25.36 74.06 -11.61
CA PHE F 145 -26.28 72.97 -11.35
C PHE F 145 -27.67 73.49 -11.02
N LEU F 146 -27.73 74.57 -10.24
CA LEU F 146 -29.03 75.14 -9.90
C LEU F 146 -29.73 75.69 -11.14
N LEU F 147 -28.98 76.34 -12.03
CA LEU F 147 -29.57 76.83 -13.26
C LEU F 147 -30.08 75.69 -14.12
N MET F 148 -29.30 74.61 -14.24
CA MET F 148 -29.80 73.40 -14.88
C MET F 148 -31.08 72.93 -14.21
N VAL F 149 -31.17 73.07 -12.88
CA VAL F 149 -32.40 72.72 -12.18
C VAL F 149 -33.56 73.56 -12.72
N LEU F 150 -33.34 74.87 -12.84
CA LEU F 150 -34.38 75.75 -13.39
C LEU F 150 -34.73 75.37 -14.82
N SER F 151 -33.74 75.33 -15.71
CA SER F 151 -34.00 74.92 -17.08
C SER F 151 -34.76 73.60 -17.12
N SER F 152 -34.51 72.72 -16.15
CA SER F 152 -35.33 71.52 -16.00
C SER F 152 -36.69 71.88 -15.41
N VAL F 153 -36.69 72.63 -14.31
CA VAL F 153 -37.96 73.07 -13.73
C VAL F 153 -38.78 73.86 -14.74
N VAL F 154 -38.13 74.83 -15.39
CA VAL F 154 -38.85 75.72 -16.31
C VAL F 154 -39.50 74.93 -17.43
N ALA F 155 -38.77 73.99 -18.03
CA ALA F 155 -39.36 73.17 -19.07
C ALA F 155 -40.50 72.33 -18.53
N THR F 156 -40.31 71.72 -17.36
CA THR F 156 -41.39 70.94 -16.74
C THR F 156 -42.60 71.83 -16.49
N TRP F 157 -42.38 72.98 -15.86
CA TRP F 157 -43.45 73.97 -15.70
C TRP F 157 -44.05 74.36 -17.05
N GLY F 158 -43.34 74.08 -18.15
CA GLY F 158 -43.85 74.26 -19.49
C GLY F 158 -44.14 72.96 -20.23
N ASP F 159 -44.82 72.00 -19.60
CA ASP F 159 -45.08 70.71 -20.23
C ASP F 159 -46.30 70.05 -19.57
N GLN F 160 -46.70 68.91 -20.14
CA GLN F 160 -47.85 68.17 -19.66
C GLN F 160 -47.37 66.93 -18.91
N GLN F 161 -47.17 65.80 -19.59
CA GLN F 161 -46.66 64.57 -18.98
C GLN F 161 -45.38 64.12 -19.68
N PHE F 181 -48.43 56.94 -8.01
CA PHE F 181 -47.41 57.96 -8.22
C PHE F 181 -46.08 57.37 -7.75
N ASN F 182 -46.01 57.11 -6.44
CA ASN F 182 -44.76 56.77 -5.77
C ASN F 182 -43.94 55.69 -6.47
N PRO F 183 -44.53 54.62 -7.03
CA PRO F 183 -43.69 53.60 -7.67
C PRO F 183 -42.66 54.22 -8.60
N GLY F 184 -43.02 55.31 -9.27
CA GLY F 184 -42.04 56.02 -10.07
C GLY F 184 -41.00 56.69 -9.20
N TYR F 185 -41.44 57.49 -8.23
CA TYR F 185 -40.50 58.20 -7.37
C TYR F 185 -39.57 57.23 -6.65
N PHE F 186 -40.07 56.05 -6.26
CA PHE F 186 -39.23 55.06 -5.61
C PHE F 186 -38.14 54.56 -6.55
N TRP F 187 -38.53 54.20 -7.77
CA TRP F 187 -37.54 53.76 -8.74
C TRP F 187 -36.55 54.87 -9.09
N MET F 188 -37.02 56.12 -9.07
CA MET F 188 -36.11 57.24 -9.37
C MET F 188 -35.09 57.47 -8.26
N PHE F 189 -35.46 57.22 -7.00
CA PHE F 189 -34.47 57.32 -5.95
C PHE F 189 -33.30 56.38 -6.18
N THR F 190 -33.56 55.21 -6.78
CA THR F 190 -32.48 54.28 -7.07
C THR F 190 -31.71 54.67 -8.33
N ASN F 191 -32.41 55.09 -9.38
CA ASN F 191 -31.71 55.48 -10.60
C ASN F 191 -30.77 56.65 -10.33
N CYS F 192 -31.23 57.63 -9.57
CA CYS F 192 -30.39 58.78 -9.25
C CYS F 192 -29.10 58.35 -8.57
N ILE F 193 -29.19 57.38 -7.66
CA ILE F 193 -28.02 56.97 -6.90
C ILE F 193 -27.12 56.05 -7.72
N THR F 194 -27.71 55.14 -8.50
CA THR F 194 -26.89 54.25 -9.32
C THR F 194 -26.13 55.03 -10.37
N SER F 195 -26.76 56.06 -10.92
CA SER F 195 -26.05 56.98 -11.82
C SER F 195 -24.89 57.66 -11.10
N ALA F 196 -25.02 57.89 -9.79
CA ALA F 196 -23.91 58.44 -9.02
C ALA F 196 -22.84 57.39 -8.78
N LEU F 197 -23.22 56.26 -8.17
CA LEU F 197 -22.26 55.19 -7.90
C LEU F 197 -21.63 54.67 -9.18
N PHE F 198 -22.32 54.77 -10.31
CA PHE F 198 -21.75 54.31 -11.57
C PHE F 198 -20.65 55.22 -12.09
N VAL F 199 -20.99 56.45 -12.50
CA VAL F 199 -20.00 57.32 -13.11
C VAL F 199 -18.89 57.67 -12.13
N LEU F 200 -19.20 57.71 -10.83
CA LEU F 200 -18.16 58.01 -9.85
C LEU F 200 -17.17 56.86 -9.76
N ILE F 201 -17.67 55.66 -9.49
CA ILE F 201 -16.79 54.51 -9.25
C ILE F 201 -16.01 54.17 -10.51
N MET F 202 -16.70 54.10 -11.65
CA MET F 202 -16.00 53.84 -12.90
C MET F 202 -14.83 54.80 -13.08
N ARG F 203 -15.11 56.11 -12.95
CA ARG F 203 -14.04 57.09 -13.02
C ARG F 203 -12.99 56.81 -11.95
N LYS F 204 -13.42 56.32 -10.78
CA LYS F 204 -12.47 55.92 -9.76
C LYS F 204 -11.64 54.74 -10.24
N ARG F 205 -12.32 53.63 -10.57
CA ARG F 205 -11.58 52.47 -11.04
C ARG F 205 -10.83 52.78 -12.32
N ILE F 206 -11.33 53.74 -13.11
CA ILE F 206 -10.62 54.13 -14.33
C ILE F 206 -9.27 54.75 -13.98
N LYS F 207 -9.29 55.83 -13.19
CA LYS F 207 -8.03 56.46 -12.82
C LYS F 207 -7.21 55.58 -11.87
N LEU F 208 -7.84 54.61 -11.21
CA LEU F 208 -7.07 53.69 -10.37
C LEU F 208 -6.38 52.62 -11.20
N THR F 209 -7.06 52.10 -12.23
CA THR F 209 -6.54 51.04 -13.07
C THR F 209 -5.97 51.55 -14.40
N ASN F 210 -5.72 52.85 -14.50
CA ASN F 210 -5.18 53.45 -15.73
C ASN F 210 -5.89 52.92 -16.96
N PHE F 211 -7.19 52.70 -16.85
CA PHE F 211 -7.99 52.23 -17.98
C PHE F 211 -8.01 53.31 -19.05
N LYS F 212 -7.21 53.14 -20.10
CA LYS F 212 -7.36 54.00 -21.24
C LYS F 212 -8.67 53.69 -21.96
N ASP F 213 -9.07 54.57 -22.87
CA ASP F 213 -10.30 54.34 -23.61
C ASP F 213 -10.19 53.01 -24.35
N PHE F 214 -11.35 52.46 -24.70
CA PHE F 214 -11.44 51.07 -25.14
C PHE F 214 -11.47 50.18 -23.91
N ASP F 215 -10.46 50.29 -23.05
CA ASP F 215 -10.48 49.57 -21.77
C ASP F 215 -11.73 49.92 -20.98
N THR F 216 -11.92 51.22 -20.71
CA THR F 216 -13.18 51.68 -20.13
C THR F 216 -14.34 51.19 -20.98
N MET F 217 -14.23 51.41 -22.29
CA MET F 217 -15.26 50.92 -23.21
C MET F 217 -15.41 49.40 -23.09
N PHE F 218 -14.30 48.67 -23.23
CA PHE F 218 -14.38 47.21 -23.28
C PHE F 218 -15.00 46.63 -22.02
N TYR F 219 -14.39 46.87 -20.87
CA TYR F 219 -14.80 46.17 -19.64
C TYR F 219 -16.28 46.41 -19.34
N ASN F 220 -16.76 47.64 -19.54
CA ASN F 220 -18.19 47.86 -19.32
C ASN F 220 -19.04 47.10 -20.33
N ASN F 221 -18.54 46.93 -21.56
CA ASN F 221 -19.31 46.20 -22.56
C ASN F 221 -19.37 44.71 -22.23
N VAL F 222 -18.22 44.10 -21.94
CA VAL F 222 -18.17 42.66 -21.73
C VAL F 222 -18.97 42.28 -20.48
N LEU F 223 -18.59 42.85 -19.33
CA LEU F 223 -19.20 42.45 -18.08
C LEU F 223 -20.69 42.81 -18.02
N ALA F 224 -21.14 43.80 -18.80
CA ALA F 224 -22.55 44.16 -18.82
C ALA F 224 -23.41 43.16 -19.58
N LEU F 225 -22.88 42.58 -20.67
CA LEU F 225 -23.62 41.59 -21.44
C LEU F 225 -24.32 40.54 -20.58
N PRO F 226 -23.69 39.95 -19.57
CA PRO F 226 -24.37 38.92 -18.76
C PRO F 226 -25.53 39.48 -17.96
N ILE F 227 -25.28 40.56 -17.20
CA ILE F 227 -26.35 41.16 -16.42
C ILE F 227 -27.53 41.50 -17.32
N LEU F 228 -27.24 41.98 -18.53
CA LEU F 228 -28.32 42.24 -19.48
C LEU F 228 -29.10 40.97 -19.76
N LEU F 229 -28.40 39.84 -19.93
CA LEU F 229 -29.09 38.56 -20.04
C LEU F 229 -29.69 38.14 -18.71
N LEU F 230 -29.07 38.54 -17.60
CA LEU F 230 -29.69 38.31 -16.29
C LEU F 230 -31.04 39.02 -16.22
N PHE F 231 -31.06 40.31 -16.52
CA PHE F 231 -32.30 41.07 -16.52
C PHE F 231 -33.21 40.66 -17.66
N SER F 232 -32.67 39.99 -18.69
CA SER F 232 -33.51 39.52 -19.78
C SER F 232 -34.56 38.55 -19.27
N PHE F 233 -34.15 37.59 -18.42
CA PHE F 233 -35.11 36.66 -17.81
C PHE F 233 -35.77 37.26 -16.57
N CYS F 234 -35.07 38.17 -15.87
CA CYS F 234 -35.61 38.67 -14.61
C CYS F 234 -36.80 39.61 -14.82
N VAL F 235 -36.86 40.32 -15.94
CA VAL F 235 -37.87 41.36 -16.20
C VAL F 235 -38.83 40.95 -17.32
N GLU F 236 -38.31 40.67 -18.51
CA GLU F 236 -39.18 40.36 -19.65
C GLU F 236 -39.94 39.04 -19.45
N ASP F 237 -41.02 38.91 -20.21
CA ASP F 237 -41.75 37.65 -20.37
C ASP F 237 -41.50 37.12 -21.77
N TRP F 238 -41.09 35.86 -21.88
CA TRP F 238 -40.78 35.21 -23.14
C TRP F 238 -41.88 34.23 -23.52
N SER F 239 -42.22 34.20 -24.82
CA SER F 239 -43.19 33.24 -25.32
C SER F 239 -42.84 32.95 -26.78
N SER F 240 -42.32 31.75 -27.02
CA SER F 240 -41.92 31.36 -28.38
C SER F 240 -43.10 31.29 -29.33
N VAL F 241 -44.33 31.17 -28.81
CA VAL F 241 -45.49 31.16 -29.69
C VAL F 241 -45.75 32.54 -30.25
N ASN F 242 -45.42 33.60 -29.51
CA ASN F 242 -45.68 34.97 -29.92
C ASN F 242 -44.41 35.80 -30.10
N LEU F 243 -43.54 35.86 -29.07
CA LEU F 243 -42.43 36.80 -29.13
C LEU F 243 -41.32 36.32 -30.07
N THR F 244 -41.13 35.01 -30.21
CA THR F 244 -40.21 34.52 -31.24
C THR F 244 -40.61 35.08 -32.60
N ASN F 245 -41.91 35.26 -32.84
CA ASN F 245 -42.41 35.90 -34.05
C ASN F 245 -42.32 37.41 -34.03
N ASN F 246 -42.20 38.02 -32.85
CA ASN F 246 -42.26 39.49 -32.76
C ASN F 246 -41.06 40.15 -33.43
N PHE F 247 -39.85 39.85 -32.95
CA PHE F 247 -38.62 40.44 -33.48
C PHE F 247 -38.16 39.67 -34.70
N SER F 248 -38.71 40.06 -35.87
CA SER F 248 -38.45 39.42 -37.15
C SER F 248 -37.12 39.89 -37.77
N ASN F 249 -36.86 39.40 -38.98
CA ASN F 249 -35.64 39.72 -39.71
C ASN F 249 -35.39 41.22 -39.82
N ASP F 250 -36.45 42.03 -39.77
CA ASP F 250 -36.28 43.48 -39.83
C ASP F 250 -35.68 44.03 -38.55
N SER F 251 -36.28 43.68 -37.40
CA SER F 251 -35.91 44.32 -36.14
C SER F 251 -34.44 44.13 -35.80
N LEU F 252 -33.90 42.93 -36.04
CA LEU F 252 -32.50 42.67 -35.70
C LEU F 252 -31.56 43.66 -36.40
N THR F 253 -31.88 44.03 -37.64
CA THR F 253 -31.07 45.04 -38.32
C THR F 253 -31.01 46.33 -37.51
N ALA F 254 -32.14 46.73 -36.91
CA ALA F 254 -32.16 47.94 -36.10
C ALA F 254 -31.29 47.79 -34.86
N MET F 255 -31.40 46.65 -34.18
CA MET F 255 -30.60 46.44 -32.96
C MET F 255 -29.12 46.56 -33.26
N ILE F 256 -28.69 46.14 -34.44
CA ILE F 256 -27.29 46.28 -34.82
C ILE F 256 -27.01 47.69 -35.33
N ILE F 257 -27.94 48.27 -36.10
CA ILE F 257 -27.77 49.65 -36.54
C ILE F 257 -27.65 50.57 -35.34
N SER F 258 -28.56 50.42 -34.37
CA SER F 258 -28.49 51.24 -33.16
C SER F 258 -27.22 50.94 -32.37
N GLY F 259 -26.85 49.66 -32.25
CA GLY F 259 -25.63 49.32 -31.55
C GLY F 259 -24.42 49.94 -32.21
N VAL F 260 -24.40 49.98 -33.55
CA VAL F 260 -23.30 50.60 -34.28
C VAL F 260 -23.22 52.09 -33.93
N ALA F 261 -24.38 52.74 -33.78
CA ALA F 261 -24.38 54.15 -33.41
C ALA F 261 -23.91 54.35 -31.97
N SER F 262 -24.28 53.43 -31.08
CA SER F 262 -23.83 53.52 -29.70
C SER F 262 -22.33 53.37 -29.54
N VAL F 263 -21.61 52.99 -30.61
CA VAL F 263 -20.16 52.89 -30.52
C VAL F 263 -19.56 54.23 -30.14
N GLY F 264 -20.07 55.32 -30.71
CA GLY F 264 -19.58 56.63 -30.37
C GLY F 264 -19.63 56.92 -28.88
N ILE F 265 -20.85 57.00 -28.34
CA ILE F 265 -21.02 57.33 -26.93
C ILE F 265 -20.25 56.35 -26.05
N SER F 266 -20.24 55.07 -26.41
CA SER F 266 -19.58 54.07 -25.58
C SER F 266 -18.11 54.42 -25.38
N TYR F 267 -17.37 54.63 -26.47
CA TYR F 267 -15.95 54.96 -26.35
C TYR F 267 -15.76 56.31 -25.69
N CYS F 268 -16.62 57.28 -26.00
CA CYS F 268 -16.44 58.65 -25.54
C CYS F 268 -16.92 58.85 -24.11
N SER F 269 -17.95 58.12 -23.68
CA SER F 269 -18.41 58.24 -22.29
C SER F 269 -17.29 57.97 -21.32
N GLY F 270 -16.67 56.79 -21.42
CA GLY F 270 -15.54 56.49 -20.56
C GLY F 270 -14.37 57.41 -20.81
N TRP F 271 -14.25 57.92 -22.05
CA TRP F 271 -13.25 58.93 -22.33
C TRP F 271 -13.61 60.25 -21.66
N CYS F 272 -14.89 60.60 -21.67
CA CYS F 272 -15.32 61.84 -21.04
C CYS F 272 -15.15 61.78 -19.53
N VAL F 273 -15.69 60.73 -18.90
CA VAL F 273 -15.58 60.61 -17.44
C VAL F 273 -14.11 60.61 -17.03
N ARG F 274 -13.26 59.93 -17.80
CA ARG F 274 -11.87 59.76 -17.42
C ARG F 274 -11.11 61.08 -17.43
N VAL F 275 -11.10 61.76 -18.58
CA VAL F 275 -10.23 62.93 -18.73
C VAL F 275 -10.74 64.08 -17.87
N THR F 276 -12.02 64.42 -18.01
CA THR F 276 -12.56 65.61 -17.36
C THR F 276 -12.94 65.28 -15.93
N SER F 277 -14.22 65.04 -15.69
CA SER F 277 -14.70 64.65 -14.37
C SER F 277 -15.99 63.85 -14.52
N SER F 278 -16.24 62.97 -13.56
CA SER F 278 -17.53 62.29 -13.55
C SER F 278 -18.66 63.28 -13.42
N THR F 279 -18.40 64.46 -12.85
CA THR F 279 -19.40 65.53 -12.87
C THR F 279 -19.54 66.09 -14.27
N THR F 280 -18.41 66.35 -14.94
CA THR F 280 -18.45 66.88 -16.30
C THR F 280 -19.23 65.96 -17.23
N TYR F 281 -18.98 64.65 -17.14
CA TYR F 281 -19.76 63.70 -17.92
C TYR F 281 -21.25 63.81 -17.59
N SER F 282 -21.58 63.94 -16.32
CA SER F 282 -22.97 64.09 -15.92
C SER F 282 -23.54 65.44 -16.31
N MET F 283 -22.70 66.46 -16.51
CA MET F 283 -23.19 67.78 -16.85
C MET F 283 -23.46 67.90 -18.35
N VAL F 284 -22.45 67.61 -19.18
CA VAL F 284 -22.63 67.66 -20.62
C VAL F 284 -23.82 66.81 -21.04
N GLY F 285 -24.03 65.68 -20.35
CA GLY F 285 -25.19 64.86 -20.64
C GLY F 285 -26.49 65.61 -20.43
N ALA F 286 -26.52 66.46 -19.40
CA ALA F 286 -27.69 67.31 -19.19
C ALA F 286 -27.76 68.42 -20.23
N LEU F 287 -26.61 68.96 -20.62
CA LEU F 287 -26.58 70.00 -21.64
C LEU F 287 -26.89 69.46 -23.03
N ASN F 288 -26.49 68.21 -23.31
CA ASN F 288 -26.62 67.68 -24.67
C ASN F 288 -28.04 67.77 -25.19
N LYS F 289 -29.02 67.42 -24.36
CA LYS F 289 -30.39 67.34 -24.84
C LYS F 289 -30.95 68.70 -25.25
N LEU F 290 -30.28 69.80 -24.87
CA LEU F 290 -30.76 71.12 -25.28
C LEU F 290 -30.59 71.35 -26.78
N PRO F 291 -29.38 71.32 -27.33
CA PRO F 291 -29.24 71.55 -28.78
C PRO F 291 -30.13 70.68 -29.64
N ILE F 292 -30.42 69.45 -29.22
CA ILE F 292 -31.40 68.65 -29.97
C ILE F 292 -32.80 69.21 -29.78
N ALA F 293 -33.15 69.58 -28.54
CA ALA F 293 -34.44 70.23 -28.32
C ALA F 293 -34.49 71.58 -29.01
N LEU F 294 -33.38 72.34 -28.95
CA LEU F 294 -33.31 73.57 -29.71
C LEU F 294 -33.39 73.29 -31.20
N SER F 295 -32.73 72.22 -31.67
CA SER F 295 -32.91 71.79 -33.04
C SER F 295 -34.36 71.44 -33.32
N GLY F 296 -35.06 70.92 -32.32
CA GLY F 296 -36.46 70.56 -32.51
C GLY F 296 -37.33 71.76 -32.81
N LEU F 297 -36.93 72.94 -32.35
CA LEU F 297 -37.69 74.15 -32.61
C LEU F 297 -37.35 74.74 -33.98
N ILE F 298 -36.10 74.61 -34.41
CA ILE F 298 -35.69 75.15 -35.70
C ILE F 298 -36.16 74.22 -36.81
N PHE F 299 -35.60 73.02 -36.86
CA PHE F 299 -35.86 72.06 -37.93
C PHE F 299 -37.31 71.56 -37.99
N PHE F 300 -38.15 71.98 -37.05
CA PHE F 300 -39.53 71.53 -36.98
C PHE F 300 -40.47 72.67 -36.63
N ASP F 301 -41.63 72.69 -37.31
CA ASP F 301 -42.71 73.63 -37.02
C ASP F 301 -43.49 73.09 -35.82
N ALA F 302 -42.96 73.33 -34.63
CA ALA F 302 -43.58 72.76 -33.45
C ALA F 302 -44.11 73.84 -32.52
N PRO F 303 -45.29 73.63 -31.94
CA PRO F 303 -45.80 74.58 -30.93
C PRO F 303 -44.82 74.74 -29.79
N ARG F 304 -44.57 75.99 -29.42
CA ARG F 304 -43.58 76.37 -28.43
C ARG F 304 -44.24 76.96 -27.19
N ASN F 305 -43.43 77.14 -26.15
CA ASN F 305 -43.78 77.92 -24.97
C ASN F 305 -42.56 78.78 -24.63
N PHE F 306 -42.82 80.05 -24.30
CA PHE F 306 -41.71 80.88 -23.85
C PHE F 306 -41.01 80.23 -22.68
N LEU F 307 -41.79 79.59 -21.79
CA LEU F 307 -41.20 78.82 -20.71
C LEU F 307 -40.34 77.69 -21.26
N SER F 308 -40.88 76.95 -22.24
CA SER F 308 -40.09 75.89 -22.87
C SER F 308 -38.81 76.45 -23.46
N ILE F 309 -38.90 77.60 -24.14
CA ILE F 309 -37.72 78.22 -24.73
C ILE F 309 -36.81 78.79 -23.65
N LEU F 310 -37.38 79.50 -22.68
CA LEU F 310 -36.60 80.05 -21.58
C LEU F 310 -35.72 78.97 -20.93
N SER F 311 -36.31 77.80 -20.66
CA SER F 311 -35.54 76.72 -20.03
C SER F 311 -34.26 76.43 -20.81
N ILE F 312 -34.38 76.32 -22.13
CA ILE F 312 -33.23 75.89 -22.94
C ILE F 312 -32.08 76.87 -22.80
N PHE F 313 -32.34 78.16 -23.02
CA PHE F 313 -31.27 79.14 -22.90
C PHE F 313 -30.80 79.27 -21.46
N ILE F 314 -31.70 79.02 -20.49
CA ILE F 314 -31.26 78.89 -19.11
C ILE F 314 -30.26 77.75 -19.01
N GLY F 315 -30.57 76.62 -19.66
CA GLY F 315 -29.61 75.54 -19.76
C GLY F 315 -28.33 75.98 -20.45
N PHE F 316 -28.45 76.76 -21.53
CA PHE F 316 -27.27 77.31 -22.19
C PHE F 316 -26.51 78.21 -21.24
N LEU F 317 -27.22 79.11 -20.54
CA LEU F 317 -26.57 79.86 -19.48
C LEU F 317 -25.94 78.92 -18.47
N SER F 318 -26.70 77.90 -18.06
CA SER F 318 -26.17 76.93 -17.10
C SER F 318 -24.86 76.32 -17.58
N GLY F 319 -24.78 75.98 -18.87
CA GLY F 319 -23.55 75.42 -19.40
C GLY F 319 -22.40 76.41 -19.37
N ILE F 320 -22.66 77.64 -19.83
CA ILE F 320 -21.60 78.65 -19.90
C ILE F 320 -21.01 78.91 -18.52
N ILE F 321 -21.87 78.97 -17.50
CA ILE F 321 -21.39 79.22 -16.15
C ILE F 321 -20.46 78.09 -15.71
N TYR F 322 -20.83 76.84 -15.98
CA TYR F 322 -19.99 75.70 -15.63
C TYR F 322 -18.65 75.74 -16.37
N ALA F 323 -18.65 76.24 -17.60
CA ALA F 323 -17.41 76.31 -18.36
C ALA F 323 -16.39 77.21 -17.66
N VAL F 324 -16.84 78.37 -17.17
CA VAL F 324 -15.92 79.26 -16.48
C VAL F 324 -15.48 78.64 -15.16
N ALA F 325 -16.39 77.94 -14.48
CA ALA F 325 -16.02 77.25 -13.24
C ALA F 325 -14.84 76.32 -13.49
N LYS F 326 -14.91 75.50 -14.53
CA LYS F 326 -13.75 74.70 -14.91
C LYS F 326 -12.55 75.60 -15.20
N GLN F 327 -12.79 76.75 -15.82
CA GLN F 327 -11.71 77.68 -16.06
C GLN F 327 -11.15 78.22 -14.76
N LYS F 328 -12.02 78.60 -13.82
CA LYS F 328 -11.54 79.12 -12.55
C LYS F 328 -10.96 78.02 -11.65
N LYS F 329 -11.40 76.77 -11.84
CA LYS F 329 -10.79 75.66 -11.11
C LYS F 329 -9.36 75.39 -11.58
N GLN F 330 -9.23 75.12 -12.88
CA GLN F 330 -7.93 74.79 -13.46
C GLN F 330 -6.99 76.00 -13.42
N GLN F 331 -7.50 77.18 -13.71
CA GLN F 331 -6.66 78.38 -13.67
C GLN F 331 -6.10 78.61 -12.28
N ALA F 332 -6.88 78.30 -11.24
CA ALA F 332 -6.43 78.61 -9.88
C ALA F 332 -5.19 77.80 -9.51
N GLN F 333 -5.17 76.50 -9.82
CA GLN F 333 -3.98 75.72 -9.47
C GLN F 333 -3.45 74.99 -10.69
N ALA G 18 36.33 83.85 1.71
CA ALA G 18 35.24 83.89 0.73
C ALA G 18 33.89 84.04 1.43
N ASN G 19 33.69 83.35 2.54
CA ASN G 19 32.42 83.33 3.27
C ASN G 19 32.66 83.93 4.65
N SER G 20 32.31 85.20 4.82
CA SER G 20 32.31 85.85 6.12
C SER G 20 31.71 87.24 5.95
N GLY G 21 31.32 87.82 7.08
CA GLY G 21 30.79 89.16 7.10
C GLY G 21 29.34 89.25 6.68
N PRO G 22 28.93 90.44 6.22
CA PRO G 22 27.51 90.66 5.91
C PRO G 22 27.02 89.88 4.70
N ILE G 23 27.91 89.24 3.94
CA ILE G 23 27.48 88.48 2.78
C ILE G 23 26.40 87.49 3.16
N SER G 24 26.53 86.88 4.35
CA SER G 24 25.47 86.01 4.86
C SER G 24 24.12 86.71 4.79
N ILE G 25 24.05 87.96 5.24
CA ILE G 25 22.78 88.64 5.35
C ILE G 25 22.20 88.91 3.96
N LEU G 26 23.03 89.38 3.03
CA LEU G 26 22.57 89.58 1.66
C LEU G 26 22.13 88.26 1.03
N SER G 27 22.88 87.18 1.28
CA SER G 27 22.52 85.88 0.75
C SER G 27 21.17 85.44 1.30
N TYR G 28 20.99 85.56 2.61
CA TYR G 28 19.73 85.21 3.22
C TYR G 28 18.60 86.03 2.61
N CYS G 29 18.88 87.25 2.17
CA CYS G 29 17.88 88.06 1.49
C CYS G 29 17.53 87.49 0.12
N GLY G 30 18.53 87.36 -0.76
CA GLY G 30 18.27 86.85 -2.10
C GLY G 30 17.55 85.52 -2.10
N SER G 31 17.91 84.63 -1.17
CA SER G 31 17.22 83.35 -1.07
C SER G 31 15.83 83.52 -0.50
N SER G 32 15.70 84.35 0.54
CA SER G 32 14.37 84.66 1.08
C SER G 32 13.51 85.38 0.05
N ILE G 33 14.14 86.13 -0.85
CA ILE G 33 13.39 86.79 -1.92
C ILE G 33 12.92 85.76 -2.95
N LEU G 34 13.82 84.88 -3.39
CA LEU G 34 13.42 83.87 -4.38
C LEU G 34 12.36 82.93 -3.81
N MET G 35 12.53 82.45 -2.58
CA MET G 35 11.58 81.51 -2.02
C MET G 35 10.24 82.18 -1.74
N THR G 36 10.26 83.49 -1.46
CA THR G 36 9.00 84.21 -1.27
C THR G 36 8.26 84.35 -2.59
N VAL G 37 8.96 84.83 -3.63
CA VAL G 37 8.33 84.92 -4.94
C VAL G 37 7.99 83.54 -5.47
N THR G 38 8.97 82.64 -5.46
CA THR G 38 8.75 81.29 -6.02
C THR G 38 7.53 80.62 -5.40
N ASN G 39 7.26 80.88 -4.13
CA ASN G 39 6.05 80.35 -3.50
C ASN G 39 4.80 81.10 -3.94
N LYS G 40 4.96 82.25 -4.58
CA LYS G 40 3.83 83.10 -4.96
C LYS G 40 3.63 83.26 -6.46
N PHE G 41 4.71 83.17 -7.26
CA PHE G 41 4.60 83.24 -8.71
C PHE G 41 4.70 81.88 -9.39
N VAL G 42 5.78 81.13 -9.12
CA VAL G 42 6.00 79.87 -9.81
C VAL G 42 4.99 78.81 -9.36
N VAL G 43 4.74 78.72 -8.06
CA VAL G 43 3.83 77.72 -7.51
C VAL G 43 2.55 78.37 -6.98
N ASN G 44 1.59 78.58 -7.86
CA ASN G 44 0.31 79.15 -7.44
C ASN G 44 -0.46 78.17 -6.55
N LEU G 45 -1.13 78.73 -5.53
CA LEU G 45 -1.84 77.93 -4.53
C LEU G 45 -0.95 76.81 -3.99
N LYS G 46 0.10 77.24 -3.29
CA LYS G 46 1.00 76.34 -2.56
C LYS G 46 0.44 75.90 -1.21
N ASP G 47 -0.84 76.15 -0.94
CA ASP G 47 -1.50 75.73 0.30
C ASP G 47 -1.84 74.24 0.25
N PHE G 48 -0.84 73.42 0.55
CA PHE G 48 -1.02 71.97 0.46
C PHE G 48 -1.81 71.45 1.66
N ASN G 49 -2.27 70.21 1.54
CA ASN G 49 -3.02 69.54 2.58
C ASN G 49 -2.12 68.98 3.67
N MET G 50 -0.85 68.75 3.36
CA MET G 50 0.12 68.12 4.25
C MET G 50 1.38 68.98 4.21
N ASN G 51 1.44 70.00 5.08
CA ASN G 51 2.53 70.96 5.00
C ASN G 51 3.88 70.30 5.20
N PHE G 52 3.98 69.37 6.16
CA PHE G 52 5.27 68.76 6.48
C PHE G 52 5.83 67.99 5.29
N VAL G 53 4.95 67.35 4.51
CA VAL G 53 5.42 66.61 3.35
C VAL G 53 6.04 67.56 2.33
N MET G 54 5.36 68.68 2.07
CA MET G 54 5.95 69.74 1.27
C MET G 54 7.32 70.14 1.83
N LEU G 55 7.43 70.25 3.16
CA LEU G 55 8.73 70.54 3.77
C LEU G 55 9.67 69.34 3.71
N PHE G 56 9.13 68.11 3.77
CA PHE G 56 9.98 66.93 3.69
C PHE G 56 10.71 66.88 2.36
N VAL G 57 10.00 67.13 1.27
CA VAL G 57 10.66 67.23 -0.04
C VAL G 57 11.56 68.45 -0.07
N GLN G 58 11.05 69.59 0.36
CA GLN G 58 11.86 70.80 0.42
C GLN G 58 13.15 70.54 1.20
N SER G 59 13.05 69.75 2.27
CA SER G 59 14.24 69.30 3.00
C SER G 59 14.90 68.08 2.40
N LEU G 60 14.17 67.31 1.57
CA LEU G 60 14.77 66.13 0.93
C LEU G 60 15.55 66.50 -0.32
N VAL G 61 14.97 67.33 -1.18
CA VAL G 61 15.68 67.78 -2.37
C VAL G 61 16.98 68.46 -1.97
N CYS G 62 16.97 69.19 -0.86
CA CYS G 62 18.19 69.80 -0.34
C CYS G 62 19.24 68.74 -0.01
N THR G 63 18.83 67.63 0.62
CA THR G 63 19.79 66.58 0.95
C THR G 63 20.42 66.01 -0.32
N ILE G 64 19.58 65.61 -1.28
CA ILE G 64 20.10 65.15 -2.57
C ILE G 64 21.00 66.22 -3.18
N THR G 65 20.54 67.47 -3.15
CA THR G 65 21.33 68.55 -3.73
C THR G 65 22.75 68.56 -3.18
N LEU G 66 22.89 68.31 -1.88
CA LEU G 66 24.24 68.25 -1.32
C LEU G 66 24.97 67.00 -1.79
N ILE G 67 24.27 65.86 -1.80
CA ILE G 67 24.91 64.60 -2.19
C ILE G 67 25.38 64.66 -3.64
N ILE G 68 24.62 65.35 -4.50
CA ILE G 68 25.08 65.57 -5.86
C ILE G 68 26.43 66.28 -5.86
N LEU G 69 26.60 67.22 -4.94
CA LEU G 69 27.83 67.98 -4.79
C LEU G 69 28.89 67.22 -4.00
N ARG G 70 28.47 66.27 -3.16
CA ARG G 70 29.44 65.45 -2.42
C ARG G 70 30.40 64.72 -3.34
N ILE G 71 29.92 64.29 -4.51
CA ILE G 71 30.75 63.52 -5.44
C ILE G 71 31.35 64.40 -6.53
N LEU G 72 31.24 65.72 -6.41
CA LEU G 72 31.80 66.66 -7.36
C LEU G 72 32.48 67.76 -6.55
N GLY G 73 33.75 67.55 -6.22
CA GLY G 73 34.53 68.53 -5.49
C GLY G 73 36.02 68.28 -5.56
N PHE G 77 33.14 68.58 1.08
CA PHE G 77 32.58 69.83 1.57
C PHE G 77 31.98 69.65 2.96
N ARG G 78 31.54 68.43 3.24
CA ARG G 78 30.74 68.13 4.43
C ARG G 78 31.30 66.92 5.17
N SER G 79 30.56 66.42 6.15
CA SER G 79 30.94 65.19 6.85
C SER G 79 29.69 64.46 7.33
N LEU G 80 29.87 63.21 7.73
CA LEU G 80 28.81 62.38 8.28
C LEU G 80 29.26 61.73 9.58
N ASN G 81 28.47 61.86 10.63
CA ASN G 81 28.76 61.24 11.91
C ASN G 81 27.52 60.53 12.46
N LYS G 82 27.75 59.82 13.57
CA LYS G 82 26.70 59.38 14.47
C LYS G 82 26.86 59.91 15.88
N THR G 83 28.07 60.37 16.24
CA THR G 83 28.29 60.99 17.55
C THR G 83 27.63 62.37 17.62
N ASP G 84 27.84 63.20 16.59
CA ASP G 84 27.21 64.51 16.54
C ASP G 84 25.69 64.44 16.49
N ALA G 85 25.14 63.35 15.95
CA ALA G 85 23.71 63.30 15.67
C ALA G 85 22.89 63.61 16.92
N LYS G 86 23.12 62.86 18.01
CA LYS G 86 22.29 63.10 19.19
C LYS G 86 22.58 64.43 19.84
N ASN G 87 23.65 65.11 19.44
CA ASN G 87 23.84 66.50 19.86
C ASN G 87 23.18 67.48 18.91
N TRP G 88 22.84 67.07 17.69
CA TRP G 88 22.09 67.91 16.78
C TRP G 88 20.60 67.62 16.80
N PHE G 89 20.20 66.40 17.17
CA PHE G 89 18.79 66.05 17.14
C PHE G 89 17.90 67.07 17.84
N PRO G 90 18.31 67.68 18.95
CA PRO G 90 17.45 68.73 19.53
C PRO G 90 17.21 69.88 18.58
N ILE G 91 18.20 70.21 17.73
CA ILE G 91 18.03 71.32 16.80
C ILE G 91 16.90 71.04 15.83
N SER G 92 16.95 69.90 15.15
CA SER G 92 15.89 69.54 14.19
C SER G 92 14.54 69.46 14.87
N PHE G 93 14.46 68.76 16.01
CA PHE G 93 13.21 68.65 16.73
C PHE G 93 12.69 70.03 17.12
N LEU G 94 13.61 70.94 17.47
CA LEU G 94 13.20 72.32 17.71
C LEU G 94 12.67 72.98 16.45
N LEU G 95 13.26 72.65 15.29
CA LEU G 95 12.83 73.26 14.04
C LEU G 95 11.43 72.78 13.66
N VAL G 96 11.23 71.46 13.55
CA VAL G 96 9.93 70.97 13.14
C VAL G 96 8.85 71.45 14.09
N LEU G 97 9.13 71.43 15.39
CA LEU G 97 8.20 72.04 16.33
C LEU G 97 8.10 73.54 16.10
N MET G 98 9.20 74.18 15.73
CA MET G 98 9.14 75.58 15.31
C MET G 98 8.12 75.75 14.19
N ILE G 99 8.07 74.80 13.26
CA ILE G 99 7.06 74.83 12.21
C ILE G 99 5.69 74.46 12.76
N TYR G 100 5.61 73.35 13.50
CA TYR G 100 4.32 72.88 14.00
C TYR G 100 3.62 73.89 14.88
N THR G 101 4.36 74.50 15.81
CA THR G 101 3.74 75.46 16.72
C THR G 101 3.20 76.65 15.95
N SER G 102 3.97 77.16 14.99
CA SER G 102 3.47 78.26 14.17
C SER G 102 2.22 77.86 13.41
N SER G 103 2.24 76.68 12.79
CA SER G 103 1.09 76.19 12.05
C SER G 103 -0.16 76.21 12.92
N LYS G 104 -0.04 75.73 14.17
CA LYS G 104 -1.19 75.76 15.07
C LYS G 104 -1.47 77.15 15.61
N ALA G 105 -0.44 77.99 15.75
CA ALA G 105 -0.67 79.37 16.13
C ALA G 105 -1.46 80.11 15.05
N LEU G 106 -1.00 80.01 13.80
CA LEU G 106 -1.66 80.71 12.71
C LEU G 106 -3.04 80.14 12.38
N GLN G 107 -3.38 78.95 12.87
CA GLN G 107 -4.74 78.46 12.70
C GLN G 107 -5.71 79.30 13.52
N TYR G 108 -5.27 79.76 14.70
CA TYR G 108 -6.09 80.52 15.62
C TYR G 108 -5.68 81.99 15.71
N LEU G 109 -4.69 82.42 14.92
CA LEU G 109 -4.11 83.75 15.04
C LEU G 109 -4.13 84.49 13.71
N ALA G 110 -4.14 85.82 13.78
CA ALA G 110 -4.10 86.66 12.59
C ALA G 110 -2.67 86.84 12.09
N VAL G 111 -2.54 87.05 10.77
CA VAL G 111 -1.22 87.16 10.19
C VAL G 111 -0.42 88.33 10.74
N PRO G 112 -0.96 89.54 10.86
CA PRO G 112 -0.13 90.67 11.34
C PRO G 112 0.33 90.53 12.78
N ILE G 113 -0.52 90.01 13.65
CA ILE G 113 -0.21 89.93 15.08
C ILE G 113 0.85 88.87 15.36
N TYR G 114 0.82 87.76 14.63
CA TYR G 114 1.86 86.74 14.77
C TYR G 114 3.26 87.35 14.66
N THR G 115 3.42 88.34 13.77
CA THR G 115 4.71 88.99 13.64
C THR G 115 5.11 89.69 14.94
N ILE G 116 4.13 90.28 15.63
CA ILE G 116 4.43 90.97 16.89
C ILE G 116 5.19 90.04 17.82
N PHE G 117 4.62 88.87 18.10
CA PHE G 117 5.32 87.92 18.96
C PHE G 117 6.59 87.40 18.30
N LYS G 118 6.53 87.10 17.00
CA LYS G 118 7.74 86.71 16.29
C LYS G 118 8.80 87.80 16.30
N ASN G 119 8.39 89.06 16.45
CA ASN G 119 9.35 90.14 16.62
C ASN G 119 9.75 90.31 18.07
N LEU G 120 8.84 90.00 19.00
CA LEU G 120 9.20 90.00 20.41
C LEU G 120 10.17 88.88 20.73
N THR G 121 10.08 87.76 20.01
CA THR G 121 11.05 86.69 20.18
C THR G 121 12.47 87.19 19.98
N ILE G 122 12.65 88.20 19.12
CA ILE G 122 13.98 88.75 18.90
C ILE G 122 14.57 89.26 20.21
N ILE G 123 13.75 89.88 21.06
CA ILE G 123 14.27 90.41 22.32
C ILE G 123 14.84 89.28 23.17
N LEU G 124 13.99 88.29 23.50
CA LEU G 124 14.47 87.15 24.28
C LEU G 124 15.60 86.43 23.55
N ILE G 125 15.47 86.26 22.23
CA ILE G 125 16.54 85.66 21.45
C ILE G 125 17.82 86.47 21.59
N ALA G 126 17.70 87.79 21.50
CA ALA G 126 18.85 88.66 21.72
C ALA G 126 19.43 88.45 23.10
N TYR G 127 18.56 88.33 24.11
CA TYR G 127 19.01 88.06 25.47
C TYR G 127 19.30 86.58 25.69
N GLY G 128 18.83 85.72 24.80
CA GLY G 128 19.24 84.33 24.87
C GLY G 128 20.68 84.12 24.45
N GLU G 129 21.17 84.96 23.53
CA GLU G 129 22.58 84.91 23.18
C GLU G 129 23.44 85.28 24.39
N VAL G 130 22.92 86.12 25.27
CA VAL G 130 23.65 86.49 26.49
C VAL G 130 23.78 85.29 27.42
N LEU G 131 22.76 84.44 27.47
CA LEU G 131 22.80 83.27 28.33
C LEU G 131 23.62 82.12 27.73
N PHE G 132 23.92 82.17 26.44
CA PHE G 132 24.69 81.11 25.79
C PHE G 132 26.13 81.52 25.50
N PHE G 133 26.37 82.81 25.30
CA PHE G 133 27.69 83.28 24.92
C PHE G 133 28.20 84.44 25.78
N GLY G 134 27.31 85.19 26.44
CA GLY G 134 27.72 86.15 27.44
C GLY G 134 27.82 87.59 26.98
N GLY G 135 27.68 87.86 25.69
CA GLY G 135 27.76 89.23 25.20
C GLY G 135 26.74 90.13 25.86
N SER G 136 27.05 91.43 25.84
CA SER G 136 26.16 92.44 26.39
C SER G 136 25.23 92.97 25.28
N VAL G 137 24.00 93.29 25.68
CA VAL G 137 23.00 93.85 24.76
C VAL G 137 23.16 95.37 24.77
N THR G 138 23.64 95.92 23.66
CA THR G 138 23.81 97.37 23.57
C THR G 138 22.49 98.05 23.85
N SER G 139 22.53 99.17 24.58
CA SER G 139 21.31 99.93 24.80
C SER G 139 20.64 100.28 23.48
N MET G 140 21.44 100.51 22.44
CA MET G 140 20.87 100.81 21.12
C MET G 140 20.20 99.57 20.52
N GLU G 141 20.82 98.39 20.65
CA GLU G 141 20.18 97.19 20.14
C GLU G 141 18.79 97.02 20.71
N LEU G 142 18.61 97.33 21.99
CA LEU G 142 17.29 97.24 22.60
C LEU G 142 16.31 98.17 21.89
N SER G 143 16.79 99.33 21.46
CA SER G 143 15.93 100.27 20.74
C SER G 143 15.45 99.67 19.42
N SER G 144 16.35 99.03 18.67
CA SER G 144 15.97 98.44 17.39
C SER G 144 14.77 97.51 17.57
N PHE G 145 14.89 96.57 18.51
CA PHE G 145 13.80 95.61 18.73
C PHE G 145 12.51 96.34 19.06
N LEU G 146 12.58 97.39 19.88
CA LEU G 146 11.39 98.16 20.20
C LEU G 146 10.82 98.82 18.94
N LEU G 147 11.71 99.33 18.08
CA LEU G 147 11.27 99.95 16.83
C LEU G 147 10.60 98.92 15.94
N MET G 148 11.20 97.74 15.82
CA MET G 148 10.55 96.64 15.11
C MET G 148 9.19 96.35 15.73
N VAL G 149 9.09 96.43 17.06
CA VAL G 149 7.82 96.22 17.75
C VAL G 149 6.79 97.23 17.26
N LEU G 150 7.17 98.50 17.20
CA LEU G 150 6.25 99.51 16.68
C LEU G 150 5.89 99.18 15.25
N SER G 151 6.91 99.04 14.38
CA SER G 151 6.67 98.61 13.02
C SER G 151 5.84 97.33 12.98
N SER G 152 6.01 96.46 13.96
CA SER G 152 5.18 95.26 14.03
C SER G 152 3.76 95.59 14.50
N VAL G 153 3.64 96.21 15.68
CA VAL G 153 2.33 96.58 16.19
C VAL G 153 1.64 97.57 15.25
N VAL G 154 2.38 98.59 14.80
CA VAL G 154 1.77 99.67 14.03
C VAL G 154 1.03 99.12 12.82
N ALA G 155 1.62 98.13 12.14
CA ALA G 155 0.91 97.51 11.03
C ALA G 155 -0.37 96.84 11.53
N THR G 156 -0.29 96.18 12.69
CA THR G 156 -1.48 95.55 13.27
C THR G 156 -2.59 96.57 13.51
N TRP G 157 -2.26 97.67 14.21
CA TRP G 157 -3.21 98.75 14.41
C TRP G 157 -3.74 99.30 13.09
N GLY G 158 -3.05 99.04 11.99
CA GLY G 158 -3.56 99.43 10.68
C GLY G 158 -4.06 98.26 9.84
N ASP G 159 -4.79 97.34 10.46
CA ASP G 159 -5.34 96.20 9.75
C ASP G 159 -6.48 95.59 10.56
N GLN G 160 -7.11 94.57 9.99
CA GLN G 160 -8.20 93.85 10.62
C GLN G 160 -7.68 92.51 11.13
N GLN G 161 -7.68 91.51 10.26
CA GLN G 161 -7.16 90.19 10.59
C GLN G 161 -6.03 89.85 9.63
N ALA G 179 -12.96 82.25 24.99
CA ALA G 179 -12.84 80.86 24.57
C ALA G 179 -12.22 80.74 23.18
N SER G 180 -12.06 81.86 22.48
CA SER G 180 -11.40 81.91 21.18
C SER G 180 -9.95 82.40 21.28
N PHE G 181 -9.66 83.19 22.30
CA PHE G 181 -8.30 83.66 22.55
C PHE G 181 -7.33 82.49 22.74
N ASN G 182 -7.55 81.70 23.80
CA ASN G 182 -6.53 80.77 24.28
C ASN G 182 -5.84 79.96 23.20
N PRO G 183 -6.52 79.41 22.18
CA PRO G 183 -5.80 78.53 21.24
C PRO G 183 -4.58 79.16 20.59
N GLY G 184 -4.65 80.43 20.18
CA GLY G 184 -3.52 81.05 19.52
C GLY G 184 -2.33 81.43 20.38
N TYR G 185 -2.59 82.22 21.41
CA TYR G 185 -1.52 82.76 22.24
C TYR G 185 -0.69 81.65 22.88
N PHE G 186 -1.33 80.54 23.27
CA PHE G 186 -0.59 79.43 23.87
C PHE G 186 0.40 78.84 22.88
N TRP G 187 -0.06 78.53 21.66
CA TRP G 187 0.85 78.00 20.65
C TRP G 187 1.94 79.01 20.32
N MET G 188 1.62 80.30 20.38
CA MET G 188 2.64 81.32 20.17
C MET G 188 3.59 81.42 21.36
N PHE G 189 3.06 81.27 22.58
CA PHE G 189 3.93 81.21 23.74
C PHE G 189 4.93 80.08 23.62
N THR G 190 4.53 79.00 22.92
CA THR G 190 5.43 77.89 22.64
C THR G 190 6.35 78.20 21.45
N ASN G 191 5.81 78.79 20.38
CA ASN G 191 6.62 79.07 19.20
C ASN G 191 7.76 80.04 19.52
N CYS G 192 7.46 81.09 20.29
CA CYS G 192 8.50 82.07 20.60
C CYS G 192 9.72 81.40 21.23
N ILE G 193 9.48 80.42 22.10
CA ILE G 193 10.59 79.74 22.75
C ILE G 193 11.19 78.68 21.83
N THR G 194 10.36 77.91 21.13
CA THR G 194 10.89 76.88 20.23
C THR G 194 11.59 77.51 19.03
N SER G 195 11.00 78.56 18.45
CA SER G 195 11.69 79.29 17.40
C SER G 195 12.95 79.94 17.94
N ALA G 196 12.94 80.33 19.21
CA ALA G 196 14.12 80.88 19.86
C ALA G 196 15.13 79.79 20.21
N LEU G 197 14.69 78.76 20.94
CA LEU G 197 15.60 77.69 21.34
C LEU G 197 16.30 77.08 20.14
N PHE G 198 15.67 77.12 18.96
CA PHE G 198 16.30 76.57 17.77
C PHE G 198 17.47 77.42 17.33
N VAL G 199 17.19 78.67 16.93
CA VAL G 199 18.25 79.53 16.40
C VAL G 199 19.35 79.73 17.42
N LEU G 200 19.01 79.69 18.70
CA LEU G 200 20.02 79.82 19.74
C LEU G 200 20.91 78.58 19.80
N ILE G 201 20.30 77.41 19.97
CA ILE G 201 21.06 76.19 20.19
C ILE G 201 21.89 75.84 18.95
N MET G 202 21.28 75.91 17.77
CA MET G 202 22.03 75.64 16.54
C MET G 202 23.32 76.46 16.52
N ARG G 203 23.21 77.76 16.82
CA ARG G 203 24.39 78.59 16.95
C ARG G 203 25.34 78.03 17.98
N LYS G 204 24.81 77.38 19.02
CA LYS G 204 25.67 76.76 20.03
C LYS G 204 26.44 75.58 19.44
N ARG G 205 25.72 74.55 18.99
CA ARG G 205 26.39 73.36 18.45
C ARG G 205 27.20 73.68 17.21
N ILE G 206 26.83 74.72 16.46
CA ILE G 206 27.58 75.07 15.26
C ILE G 206 29.01 75.44 15.63
N LYS G 207 29.17 76.46 16.47
CA LYS G 207 30.49 76.87 16.89
C LYS G 207 31.13 75.85 17.84
N LEU G 208 30.34 74.95 18.41
CA LEU G 208 30.87 73.92 19.30
C LEU G 208 31.50 72.76 18.54
N THR G 209 30.89 72.31 17.45
CA THR G 209 31.38 71.19 16.66
C THR G 209 32.14 71.64 15.41
N ASN G 210 32.58 72.89 15.37
CA ASN G 210 33.29 73.45 14.21
C ASN G 210 32.56 73.14 12.91
N PHE G 211 31.23 73.17 12.97
CA PHE G 211 30.38 72.96 11.80
C PHE G 211 30.58 74.10 10.81
N LYS G 212 31.35 73.85 9.76
CA LYS G 212 31.38 74.82 8.68
C LYS G 212 30.06 74.79 7.92
N ASP G 213 29.83 75.80 7.10
CA ASP G 213 28.60 75.80 6.30
C ASP G 213 28.59 74.58 5.39
N PHE G 214 27.39 74.19 4.95
CA PHE G 214 27.16 72.88 4.37
C PHE G 214 27.00 71.86 5.49
N ASP G 215 27.99 71.78 6.38
CA ASP G 215 27.84 70.97 7.58
C ASP G 215 26.57 71.36 8.32
N THR G 216 26.43 72.65 8.64
CA THR G 216 25.18 73.14 9.22
C THR G 216 23.99 72.77 8.35
N MET G 217 24.06 73.10 7.05
CA MET G 217 22.93 72.83 6.15
C MET G 217 22.58 71.34 6.13
N PHE G 218 23.59 70.49 5.93
CA PHE G 218 23.33 69.08 5.68
C PHE G 218 22.55 68.45 6.82
N TYR G 219 23.06 68.55 8.05
CA TYR G 219 22.44 67.86 9.18
C TYR G 219 20.97 68.26 9.34
N ASN G 220 20.67 69.55 9.19
CA ASN G 220 19.30 70.01 9.38
C ASN G 220 18.33 69.42 8.35
N ASN G 221 18.79 69.23 7.12
CA ASN G 221 17.91 68.63 6.12
C ASN G 221 17.68 67.16 6.43
N VAL G 222 18.74 66.44 6.76
CA VAL G 222 18.64 65.00 7.00
C VAL G 222 17.80 64.72 8.23
N LEU G 223 18.20 65.27 9.38
CA LEU G 223 17.53 64.94 10.64
C LEU G 223 16.07 65.36 10.65
N ALA G 224 15.69 66.34 9.83
CA ALA G 224 14.29 66.72 9.75
C ALA G 224 13.48 65.68 8.99
N LEU G 225 14.08 65.05 7.98
CA LEU G 225 13.44 63.98 7.20
C LEU G 225 12.71 62.96 8.05
N PRO G 226 13.30 62.41 9.12
CA PRO G 226 12.57 61.47 9.97
C PRO G 226 11.47 62.14 10.78
N ILE G 227 11.82 63.24 11.45
CA ILE G 227 10.85 63.92 12.30
C ILE G 227 9.62 64.35 11.50
N LEU G 228 9.82 64.89 10.29
CA LEU G 228 8.69 65.32 9.48
C LEU G 228 7.73 64.16 9.19
N LEU G 229 8.26 62.99 8.86
CA LEU G 229 7.40 61.84 8.62
C LEU G 229 6.70 61.40 9.90
N LEU G 230 7.33 61.62 11.07
CA LEU G 230 6.62 61.44 12.33
C LEU G 230 5.46 62.43 12.42
N PHE G 231 5.75 63.72 12.26
CA PHE G 231 4.70 64.73 12.37
C PHE G 231 3.71 64.69 11.21
N SER G 232 4.14 64.23 10.03
CA SER G 232 3.22 64.24 8.89
C SER G 232 2.02 63.33 9.14
N PHE G 233 2.26 62.15 9.69
CA PHE G 233 1.17 61.23 9.98
C PHE G 233 0.46 61.61 11.28
N CYS G 234 1.19 62.24 12.22
CA CYS G 234 0.60 62.56 13.51
C CYS G 234 -0.38 63.73 13.44
N VAL G 235 -0.16 64.69 12.56
CA VAL G 235 -0.97 65.92 12.53
C VAL G 235 -1.84 65.98 11.28
N GLU G 236 -1.23 65.93 10.10
CA GLU G 236 -2.00 65.97 8.87
C GLU G 236 -2.93 64.77 8.80
N ASP G 237 -3.89 64.83 7.89
CA ASP G 237 -4.77 63.71 7.62
C ASP G 237 -4.35 63.02 6.32
N TRP G 238 -4.16 61.71 6.40
CA TRP G 238 -3.80 60.85 5.29
C TRP G 238 -4.99 59.99 4.88
N SER G 239 -5.22 59.86 3.57
CA SER G 239 -6.27 58.97 3.09
C SER G 239 -5.89 58.52 1.67
N SER G 240 -5.51 57.24 1.54
CA SER G 240 -5.14 56.71 0.23
C SER G 240 -6.32 56.67 -0.73
N VAL G 241 -7.55 56.67 -0.22
CA VAL G 241 -8.71 56.73 -1.10
C VAL G 241 -8.86 58.14 -1.68
N ASN G 242 -8.38 59.15 -0.95
CA ASN G 242 -8.56 60.54 -1.36
C ASN G 242 -7.23 61.24 -1.67
N LEU G 243 -6.28 61.23 -0.73
CA LEU G 243 -5.08 62.07 -0.84
C LEU G 243 -4.04 61.53 -1.81
N THR G 244 -3.94 60.21 -1.98
CA THR G 244 -3.04 59.68 -3.01
C THR G 244 -3.32 60.33 -4.36
N ASN G 245 -4.59 60.70 -4.62
CA ASN G 245 -4.92 61.48 -5.79
C ASN G 245 -4.57 62.96 -5.60
N ASN G 246 -4.49 63.42 -4.36
CA ASN G 246 -4.28 64.85 -4.09
C ASN G 246 -2.89 65.29 -4.51
N PHE G 247 -1.84 64.68 -3.92
CA PHE G 247 -0.48 65.07 -4.29
C PHE G 247 -0.17 64.33 -5.58
N SER G 248 -0.67 64.91 -6.68
CA SER G 248 -0.57 64.32 -8.00
C SER G 248 0.80 64.59 -8.62
N ASN G 249 0.97 64.09 -9.85
CA ASN G 249 2.22 64.30 -10.57
C ASN G 249 2.58 65.78 -10.64
N ASP G 250 1.58 66.65 -10.62
CA ASP G 250 1.84 68.09 -10.65
C ASP G 250 2.37 68.59 -9.31
N SER G 251 1.69 68.28 -8.21
CA SER G 251 2.02 68.90 -6.93
C SER G 251 3.48 68.63 -6.56
N LEU G 252 3.98 67.43 -6.84
CA LEU G 252 5.37 67.13 -6.54
C LEU G 252 6.30 68.11 -7.24
N THR G 253 5.95 68.53 -8.45
CA THR G 253 6.78 69.50 -9.16
C THR G 253 6.95 70.79 -8.34
N ALA G 254 5.86 71.26 -7.72
CA ALA G 254 5.98 72.45 -6.89
C ALA G 254 6.81 72.15 -5.64
N MET G 255 6.50 71.02 -4.97
CA MET G 255 7.27 70.65 -3.80
C MET G 255 8.73 70.44 -4.14
N ILE G 256 9.02 69.95 -5.35
CA ILE G 256 10.42 69.84 -5.78
C ILE G 256 10.92 71.17 -6.31
N ILE G 257 10.08 71.88 -7.08
CA ILE G 257 10.45 73.24 -7.48
C ILE G 257 10.67 74.10 -6.25
N SER G 258 9.78 73.99 -5.27
CA SER G 258 9.94 74.75 -4.04
C SER G 258 11.22 74.33 -3.31
N GLY G 259 11.50 73.02 -3.29
CA GLY G 259 12.71 72.56 -2.62
C GLY G 259 13.97 73.09 -3.27
N VAL G 260 14.01 73.14 -4.60
CA VAL G 260 15.19 73.63 -5.28
C VAL G 260 15.44 75.09 -4.93
N ALA G 261 14.37 75.87 -4.84
CA ALA G 261 14.50 77.28 -4.45
C ALA G 261 14.86 77.40 -2.98
N SER G 262 14.31 76.53 -2.14
CA SER G 262 14.60 76.55 -0.70
C SER G 262 16.03 76.18 -0.39
N VAL G 263 16.81 75.73 -1.37
CA VAL G 263 18.22 75.42 -1.12
C VAL G 263 18.95 76.67 -0.63
N GLY G 264 18.66 77.82 -1.23
CA GLY G 264 19.28 79.07 -0.85
C GLY G 264 19.15 79.41 0.62
N ILE G 265 17.91 79.67 1.06
CA ILE G 265 17.69 80.06 2.46
C ILE G 265 18.30 79.02 3.39
N SER G 266 18.18 77.74 3.05
CA SER G 266 18.69 76.67 3.91
C SER G 266 20.18 76.85 4.17
N TYR G 267 20.97 76.99 3.12
CA TYR G 267 22.41 77.15 3.29
C TYR G 267 22.74 78.42 4.04
N CYS G 268 21.99 79.50 3.78
CA CYS G 268 22.33 80.80 4.37
C CYS G 268 21.84 80.92 5.81
N SER G 269 20.72 80.27 6.16
CA SER G 269 20.25 80.33 7.54
C SER G 269 21.35 79.90 8.50
N GLY G 270 21.89 78.70 8.29
CA GLY G 270 22.99 78.25 9.11
C GLY G 270 24.25 79.07 8.92
N TRP G 271 24.42 79.64 7.73
CA TRP G 271 25.53 80.56 7.50
C TRP G 271 25.31 81.89 8.21
N CYS G 272 24.08 82.38 8.22
CA CYS G 272 23.79 83.66 8.87
C CYS G 272 23.96 83.58 10.39
N VAL G 273 23.29 82.62 11.03
CA VAL G 273 23.38 82.49 12.49
C VAL G 273 24.81 82.31 12.94
N ARG G 274 25.59 81.52 12.20
CA ARG G 274 26.93 81.16 12.64
C ARG G 274 27.83 82.39 12.68
N VAL G 275 27.95 83.10 11.57
CA VAL G 275 28.90 84.21 11.49
C VAL G 275 28.47 85.35 12.41
N THR G 276 27.21 85.79 12.27
CA THR G 276 26.73 86.95 13.00
C THR G 276 26.26 86.59 14.39
N SER G 277 24.94 86.45 14.56
CA SER G 277 24.34 86.04 15.81
C SER G 277 23.01 85.39 15.49
N SER G 278 22.59 84.46 16.36
CA SER G 278 21.28 83.87 16.18
C SER G 278 20.19 84.92 16.25
N THR G 279 20.44 86.03 16.94
CA THR G 279 19.52 87.17 16.89
C THR G 279 19.60 87.88 15.54
N THR G 280 20.82 88.13 15.06
CA THR G 280 20.96 88.79 13.77
C THR G 280 20.20 88.01 12.70
N TYR G 281 20.35 86.69 12.70
CA TYR G 281 19.52 85.87 11.82
C TYR G 281 18.04 86.08 12.12
N SER G 282 17.70 86.16 13.41
CA SER G 282 16.32 86.44 13.79
C SER G 282 15.93 87.87 13.43
N MET G 283 16.92 88.76 13.30
CA MET G 283 16.65 90.14 12.95
C MET G 283 16.53 90.30 11.43
N VAL G 284 17.58 89.91 10.69
CA VAL G 284 17.53 90.01 9.23
C VAL G 284 16.31 89.26 8.70
N GLY G 285 15.98 88.11 9.31
CA GLY G 285 14.80 87.38 8.88
C GLY G 285 13.52 88.17 9.04
N ALA G 286 13.42 88.93 10.14
CA ALA G 286 12.25 89.79 10.32
C ALA G 286 12.31 91.00 9.40
N LEU G 287 13.50 91.53 9.14
CA LEU G 287 13.63 92.71 8.28
C LEU G 287 13.32 92.41 6.82
N ASN G 288 13.67 91.20 6.37
CA ASN G 288 13.59 90.89 4.95
C ASN G 288 12.18 91.11 4.40
N LYS G 289 11.16 90.75 5.17
CA LYS G 289 9.80 90.76 4.66
C LYS G 289 9.33 92.16 4.29
N LEU G 290 10.03 93.22 4.75
CA LEU G 290 9.60 94.58 4.43
C LEU G 290 9.83 94.96 2.98
N PRO G 291 11.06 94.99 2.47
CA PRO G 291 11.25 95.40 1.06
C PRO G 291 10.35 94.65 0.10
N ILE G 292 9.99 93.41 0.42
CA ILE G 292 8.97 92.72 -0.35
C ILE G 292 7.60 93.34 -0.09
N ALA G 293 7.31 93.64 1.19
CA ALA G 293 6.05 94.33 1.51
C ALA G 293 6.01 95.71 0.89
N LEU G 294 7.12 96.45 0.94
CA LEU G 294 7.19 97.73 0.24
C LEU G 294 7.02 97.51 -1.26
N SER G 295 7.64 96.46 -1.79
CA SER G 295 7.45 96.08 -3.18
C SER G 295 6.00 95.72 -3.48
N GLY G 296 5.28 95.14 -2.51
CA GLY G 296 3.90 94.73 -2.74
C GLY G 296 2.95 95.88 -3.01
N LEU G 297 3.26 97.06 -2.48
CA LEU G 297 2.41 98.22 -2.71
C LEU G 297 2.73 98.91 -4.03
N ILE G 298 3.99 98.84 -4.47
CA ILE G 298 4.40 99.46 -5.72
C ILE G 298 3.89 98.65 -6.90
N PHE G 299 4.36 97.40 -7.03
CA PHE G 299 4.00 96.56 -8.16
C PHE G 299 2.51 96.25 -8.27
N PHE G 300 1.69 96.65 -7.31
CA PHE G 300 0.29 96.24 -7.32
C PHE G 300 -0.64 97.37 -6.89
N ASP G 301 -1.77 97.47 -7.60
CA ASP G 301 -2.81 98.44 -7.26
C ASP G 301 -3.58 97.88 -6.06
N ALA G 302 -2.98 98.08 -4.89
CA ALA G 302 -3.53 97.54 -3.67
C ALA G 302 -3.93 98.67 -2.73
N PRO G 303 -5.08 98.54 -2.06
CA PRO G 303 -5.45 99.54 -1.05
C PRO G 303 -4.37 99.66 0.01
N ARG G 304 -3.97 100.89 0.32
CA ARG G 304 -2.91 101.09 1.28
C ARG G 304 -3.49 101.82 2.50
N ASN G 305 -2.70 101.84 3.57
CA ASN G 305 -3.03 102.64 4.73
C ASN G 305 -1.76 103.33 5.20
N PHE G 306 -1.87 104.61 5.57
CA PHE G 306 -0.68 105.27 6.09
C PHE G 306 -0.12 104.49 7.28
N LEU G 307 -1.00 103.88 8.08
CA LEU G 307 -0.53 103.04 9.18
C LEU G 307 0.40 101.96 8.68
N SER G 308 0.01 101.27 7.60
CA SER G 308 0.88 100.26 7.01
C SER G 308 2.23 100.85 6.64
N ILE G 309 2.23 102.07 6.10
CA ILE G 309 3.47 102.70 5.66
C ILE G 309 4.35 103.01 6.86
N LEU G 310 3.78 103.58 7.92
CA LEU G 310 4.58 103.88 9.09
C LEU G 310 5.39 102.68 9.55
N SER G 311 4.73 101.51 9.61
CA SER G 311 5.43 100.29 10.03
C SER G 311 6.67 100.05 9.19
N ILE G 312 6.53 100.11 7.86
CA ILE G 312 7.65 99.78 6.98
C ILE G 312 8.80 100.76 7.18
N PHE G 313 8.51 102.06 7.11
CA PHE G 313 9.58 103.03 7.31
C PHE G 313 10.12 102.95 8.73
N ILE G 314 9.25 102.63 9.70
CA ILE G 314 9.73 102.30 11.03
C ILE G 314 10.54 101.02 11.00
N GLY G 315 10.04 100.01 10.28
CA GLY G 315 10.82 98.79 10.14
C GLY G 315 12.17 99.03 9.49
N PHE G 316 12.19 99.85 8.44
CA PHE G 316 13.47 100.20 7.83
C PHE G 316 14.35 100.94 8.84
N LEU G 317 13.76 101.90 9.55
CA LEU G 317 14.47 102.55 10.63
C LEU G 317 15.00 101.52 11.62
N SER G 318 14.14 100.57 12.01
CA SER G 318 14.54 99.54 12.95
C SER G 318 15.82 98.86 12.49
N GLY G 319 15.94 98.60 11.19
CA GLY G 319 17.17 98.02 10.68
C GLY G 319 18.34 98.96 10.84
N ILE G 320 18.14 100.24 10.48
CA ILE G 320 19.23 101.20 10.55
C ILE G 320 19.76 101.32 11.98
N ILE G 321 18.85 101.38 12.95
CA ILE G 321 19.28 101.49 14.35
C ILE G 321 20.05 100.24 14.76
N TYR G 322 19.50 99.06 14.44
CA TYR G 322 20.21 97.83 14.74
C TYR G 322 21.48 97.72 13.91
N ALA G 323 21.45 98.17 12.66
CA ALA G 323 22.64 98.06 11.82
C ALA G 323 23.79 98.89 12.36
N VAL G 324 23.51 100.15 12.72
CA VAL G 324 24.57 101.01 13.24
C VAL G 324 25.01 100.56 14.62
N ALA G 325 24.05 100.10 15.43
CA ALA G 325 24.38 99.64 16.78
C ALA G 325 25.47 98.57 16.75
N LYS G 326 25.32 97.58 15.85
CA LYS G 326 26.37 96.58 15.68
C LYS G 326 27.71 97.25 15.37
N GLN G 327 27.69 98.34 14.61
CA GLN G 327 28.93 99.02 14.26
C GLN G 327 29.63 99.58 15.48
N LYS G 328 28.88 100.20 16.40
CA LYS G 328 29.51 100.77 17.59
C LYS G 328 30.06 99.71 18.52
N LYS G 329 29.58 98.47 18.40
CA LYS G 329 30.17 97.40 19.18
C LYS G 329 31.62 97.19 18.79
N GLN G 330 31.92 97.17 17.49
CA GLN G 330 33.29 96.95 17.06
C GLN G 330 34.22 98.06 17.55
N GLN G 331 33.86 99.32 17.31
CA GLN G 331 34.71 100.42 17.77
C GLN G 331 34.72 100.51 19.29
N ALA G 332 33.56 100.31 19.92
CA ALA G 332 33.48 100.46 21.37
C ALA G 332 34.29 99.41 22.10
N GLN G 333 34.31 98.18 21.58
CA GLN G 333 34.97 97.07 22.24
C GLN G 333 36.09 96.49 21.38
N ALA H 18 51.88 -53.93 41.66
CA ALA H 18 50.52 -54.42 41.88
C ALA H 18 49.88 -54.87 40.58
N ASN H 19 50.12 -54.13 39.50
CA ASN H 19 49.51 -54.40 38.20
C ASN H 19 50.64 -54.73 37.22
N SER H 20 50.86 -56.04 37.03
CA SER H 20 51.78 -56.56 36.03
C SER H 20 51.62 -58.07 35.99
N GLY H 21 52.09 -58.67 34.90
CA GLY H 21 52.04 -60.10 34.74
C GLY H 21 50.66 -60.58 34.36
N PRO H 22 50.40 -61.88 34.55
CA PRO H 22 49.11 -62.44 34.11
C PRO H 22 47.93 -61.98 34.93
N ILE H 23 48.16 -61.31 36.06
CA ILE H 23 47.04 -60.81 36.86
C ILE H 23 46.12 -59.98 35.97
N SER H 24 46.71 -59.22 35.05
CA SER H 24 45.94 -58.49 34.05
C SER H 24 44.92 -59.40 33.39
N ILE H 25 45.33 -60.61 33.03
CA ILE H 25 44.47 -61.49 32.24
C ILE H 25 43.24 -61.90 33.05
N LEU H 26 43.45 -62.25 34.32
CA LEU H 26 42.31 -62.57 35.17
C LEU H 26 41.36 -61.40 35.27
N SER H 27 41.89 -60.19 35.34
CA SER H 27 41.05 -59.00 35.43
C SER H 27 40.18 -58.85 34.18
N TYR H 28 40.80 -58.92 33.00
CA TYR H 28 40.03 -58.79 31.77
C TYR H 28 38.96 -59.88 31.69
N CYS H 29 39.29 -61.08 32.17
CA CYS H 29 38.32 -62.17 32.16
C CYS H 29 37.21 -61.94 33.17
N GLY H 30 37.57 -61.86 34.45
CA GLY H 30 36.56 -61.67 35.48
C GLY H 30 35.66 -60.49 35.20
N SER H 31 36.24 -59.40 34.69
CA SER H 31 35.44 -58.24 34.35
C SER H 31 34.63 -58.50 33.08
N SER H 32 35.24 -59.15 32.08
CA SER H 32 34.49 -59.53 30.90
C SER H 32 33.42 -60.54 31.22
N ILE H 33 33.66 -61.40 32.21
CA ILE H 33 32.63 -62.33 32.66
C ILE H 33 31.57 -61.57 33.46
N LEU H 34 32.02 -60.71 34.37
CA LEU H 34 31.10 -59.92 35.18
C LEU H 34 30.20 -59.06 34.30
N MET H 35 30.78 -58.44 33.27
CA MET H 35 30.01 -57.55 32.39
C MET H 35 29.06 -58.35 31.50
N THR H 36 29.40 -59.59 31.14
CA THR H 36 28.53 -60.36 30.28
C THR H 36 27.25 -60.75 31.01
N VAL H 37 27.38 -61.31 32.21
CA VAL H 37 26.20 -61.73 32.96
C VAL H 37 25.31 -60.53 33.30
N THR H 38 25.92 -59.49 33.88
CA THR H 38 25.13 -58.34 34.31
C THR H 38 24.27 -57.78 33.18
N ASN H 39 24.76 -57.86 31.94
CA ASN H 39 23.97 -57.44 30.79
C ASN H 39 22.95 -58.49 30.40
N LYS H 40 23.07 -59.70 30.93
CA LYS H 40 22.20 -60.81 30.58
C LYS H 40 21.36 -61.30 31.74
N PHE H 41 21.84 -61.17 32.97
CA PHE H 41 21.10 -61.51 34.18
C PHE H 41 20.63 -60.30 34.96
N VAL H 42 21.54 -59.38 35.32
CA VAL H 42 21.15 -58.23 36.13
C VAL H 42 20.27 -57.28 35.32
N VAL H 43 20.69 -56.95 34.10
CA VAL H 43 19.88 -56.12 33.24
C VAL H 43 19.47 -56.96 32.03
N ASN H 44 18.45 -57.79 32.21
CA ASN H 44 17.95 -58.57 31.09
C ASN H 44 17.31 -57.64 30.07
N LEU H 45 17.39 -58.03 28.81
CA LEU H 45 17.07 -57.15 27.69
C LEU H 45 17.96 -55.90 27.73
N LYS H 46 19.26 -56.15 27.65
CA LYS H 46 20.27 -55.15 27.36
C LYS H 46 20.38 -54.92 25.88
N ASP H 47 19.43 -55.49 25.14
CA ASP H 47 19.30 -55.36 23.69
C ASP H 47 18.68 -54.00 23.38
N PHE H 48 19.53 -52.99 23.39
CA PHE H 48 19.09 -51.61 23.28
C PHE H 48 18.75 -51.27 21.82
N ASN H 49 18.00 -50.18 21.63
CA ASN H 49 17.66 -49.72 20.30
C ASN H 49 18.72 -48.81 19.70
N MET H 50 19.50 -48.14 20.54
CA MET H 50 20.54 -47.19 20.11
C MET H 50 21.80 -47.53 20.90
N ASN H 51 22.61 -48.45 20.38
CA ASN H 51 23.75 -48.94 21.15
C ASN H 51 24.67 -47.80 21.54
N PHE H 52 24.84 -46.81 20.66
CA PHE H 52 25.82 -45.76 20.90
C PHE H 52 25.48 -44.95 22.14
N VAL H 53 24.20 -44.70 22.38
CA VAL H 53 23.81 -43.96 23.58
C VAL H 53 24.06 -44.82 24.82
N MET H 54 23.62 -46.08 24.77
CA MET H 54 23.97 -47.02 25.83
C MET H 54 25.48 -47.08 26.03
N LEU H 55 26.23 -47.15 24.92
CA LEU H 55 27.68 -47.13 24.98
C LEU H 55 28.22 -45.73 25.26
N PHE H 56 27.49 -44.69 24.83
CA PHE H 56 27.92 -43.34 25.17
C PHE H 56 27.91 -43.16 26.68
N VAL H 57 26.89 -43.69 27.36
CA VAL H 57 26.89 -43.71 28.81
C VAL H 57 28.01 -44.62 29.33
N GLN H 58 28.13 -45.82 28.76
CA GLN H 58 29.19 -46.74 29.16
C GLN H 58 30.54 -46.07 29.11
N SER H 59 30.77 -45.22 28.10
CA SER H 59 31.96 -44.40 28.05
C SER H 59 31.82 -43.12 28.87
N LEU H 60 30.58 -42.72 29.18
CA LEU H 60 30.37 -41.51 29.97
C LEU H 60 30.51 -41.79 31.46
N VAL H 61 29.90 -42.89 31.94
CA VAL H 61 30.04 -43.27 33.34
C VAL H 61 31.52 -43.49 33.68
N CYS H 62 32.28 -44.07 32.74
CA CYS H 62 33.70 -44.25 32.96
C CYS H 62 34.39 -42.91 33.18
N THR H 63 34.03 -41.91 32.38
CA THR H 63 34.61 -40.58 32.58
C THR H 63 34.22 -40.03 33.94
N ILE H 64 32.92 -40.05 34.25
CA ILE H 64 32.44 -39.56 35.54
C ILE H 64 33.13 -40.31 36.67
N THR H 65 33.13 -41.64 36.61
CA THR H 65 33.71 -42.45 37.68
C THR H 65 35.16 -42.09 37.95
N LEU H 66 35.92 -41.80 36.90
CA LEU H 66 37.35 -41.55 37.08
C LEU H 66 37.60 -40.25 37.83
N ILE H 67 36.89 -39.19 37.48
CA ILE H 67 37.16 -37.90 38.11
C ILE H 67 36.88 -37.96 39.61
N ILE H 68 35.85 -38.72 40.00
CA ILE H 68 35.56 -38.91 41.41
C ILE H 68 36.78 -39.51 42.11
N LEU H 69 37.47 -40.43 41.45
CA LEU H 69 38.70 -41.01 41.99
C LEU H 69 39.89 -40.09 41.82
N ARG H 70 39.84 -39.18 40.84
CA ARG H 70 40.92 -38.20 40.70
C ARG H 70 41.08 -37.39 41.98
N ILE H 71 39.98 -37.19 42.72
CA ILE H 71 40.00 -36.44 43.97
C ILE H 71 40.03 -37.36 45.19
N LEU H 72 40.29 -38.66 44.99
CA LEU H 72 40.33 -39.65 46.08
C LEU H 72 41.58 -40.51 45.94
N GLY H 73 42.66 -40.06 46.58
CA GLY H 73 43.91 -40.80 46.58
C GLY H 73 44.85 -40.36 47.69
N PHE H 77 46.15 -40.04 38.96
CA PHE H 77 46.24 -41.35 38.34
C PHE H 77 46.41 -41.19 36.84
N ARG H 78 45.82 -40.10 36.32
CA ARG H 78 45.72 -39.85 34.90
C ARG H 78 46.16 -38.42 34.59
N SER H 79 45.93 -37.97 33.36
CA SER H 79 46.20 -36.59 32.98
C SER H 79 45.26 -36.17 31.86
N LEU H 80 45.29 -34.87 31.55
CA LEU H 80 44.57 -34.31 30.41
C LEU H 80 45.59 -33.54 29.60
N ASN H 81 45.68 -33.84 28.31
CA ASN H 81 46.69 -33.27 27.43
C ASN H 81 46.07 -32.75 26.15
N LYS H 82 46.92 -32.13 25.32
CA LYS H 82 46.65 -31.89 23.92
C LYS H 82 47.64 -32.57 22.98
N THR H 83 48.85 -32.88 23.45
CA THR H 83 49.79 -33.63 22.62
C THR H 83 49.40 -35.10 22.53
N ASP H 84 49.12 -35.73 23.67
CA ASP H 84 48.63 -37.10 23.63
C ASP H 84 47.28 -37.17 22.93
N ALA H 85 46.46 -36.13 23.07
CA ALA H 85 45.10 -36.18 22.55
C ALA H 85 45.07 -36.40 21.04
N LYS H 86 45.72 -35.50 20.29
CA LYS H 86 45.67 -35.58 18.84
C LYS H 86 46.51 -36.74 18.30
N ASN H 87 47.36 -37.33 19.13
CA ASN H 87 48.02 -38.58 18.83
C ASN H 87 47.19 -39.78 19.24
N TRP H 88 46.21 -39.57 20.10
CA TRP H 88 45.29 -40.59 20.58
C TRP H 88 43.96 -40.64 19.85
N PHE H 89 43.52 -39.53 19.25
CA PHE H 89 42.21 -39.48 18.63
C PHE H 89 41.92 -40.64 17.69
N PRO H 90 42.89 -41.17 16.93
CA PRO H 90 42.59 -42.34 16.09
C PRO H 90 42.15 -43.55 16.89
N ILE H 91 42.67 -43.74 18.11
CA ILE H 91 42.32 -44.93 18.89
C ILE H 91 40.84 -44.98 19.18
N SER H 92 40.30 -43.90 19.75
CA SER H 92 38.87 -43.85 20.02
C SER H 92 38.06 -44.01 18.72
N PHE H 93 38.46 -43.26 17.69
CA PHE H 93 37.78 -43.39 16.40
C PHE H 93 37.96 -44.79 15.81
N LEU H 94 39.14 -45.36 15.96
CA LEU H 94 39.32 -46.77 15.62
C LEU H 94 38.52 -47.65 16.56
N LEU H 95 38.38 -47.22 17.81
CA LEU H 95 37.64 -47.99 18.79
C LEU H 95 36.17 -48.08 18.39
N VAL H 96 35.52 -46.94 18.18
CA VAL H 96 34.10 -46.95 17.83
C VAL H 96 33.88 -47.66 16.51
N LEU H 97 34.75 -47.42 15.53
CA LEU H 97 34.57 -48.08 14.23
C LEU H 97 34.66 -49.59 14.34
N MET H 98 35.53 -50.09 15.22
CA MET H 98 35.54 -51.52 15.50
C MET H 98 34.15 -51.98 15.94
N ILE H 99 33.47 -51.16 16.73
CA ILE H 99 32.13 -51.51 17.20
C ILE H 99 31.12 -51.43 16.06
N TYR H 100 31.12 -50.31 15.32
CA TYR H 100 30.12 -50.13 14.27
C TYR H 100 30.23 -51.26 13.24
N THR H 101 31.45 -51.63 12.85
CA THR H 101 31.62 -52.74 11.92
C THR H 101 31.14 -54.04 12.55
N SER H 102 31.50 -54.29 13.81
CA SER H 102 31.03 -55.50 14.49
C SER H 102 29.51 -55.48 14.62
N SER H 103 28.95 -54.37 15.10
CA SER H 103 27.49 -54.24 15.16
C SER H 103 26.88 -54.40 13.77
N LYS H 104 27.48 -53.76 12.77
CA LYS H 104 26.97 -53.88 11.40
C LYS H 104 27.31 -55.25 10.80
N ALA H 105 28.44 -55.83 11.19
CA ALA H 105 28.76 -57.19 10.77
C ALA H 105 27.75 -58.17 11.33
N LEU H 106 27.42 -58.05 12.63
CA LEU H 106 26.47 -58.94 13.25
C LEU H 106 25.08 -58.79 12.65
N GLN H 107 24.84 -57.71 11.89
CA GLN H 107 23.58 -57.57 11.18
C GLN H 107 23.45 -58.61 10.08
N TYR H 108 24.54 -58.91 9.38
CA TYR H 108 24.52 -59.79 8.22
C TYR H 108 25.19 -61.14 8.43
N LEU H 109 25.75 -61.42 9.60
CA LEU H 109 26.47 -62.66 9.81
C LEU H 109 26.00 -63.36 11.08
N ALA H 110 26.18 -64.68 11.10
CA ALA H 110 25.81 -65.48 12.24
C ALA H 110 26.87 -65.38 13.34
N VAL H 111 26.43 -65.57 14.58
CA VAL H 111 27.35 -65.40 15.71
C VAL H 111 28.55 -66.32 15.62
N PRO H 112 28.42 -67.59 15.27
CA PRO H 112 29.62 -68.44 15.20
C PRO H 112 30.57 -67.98 14.10
N ILE H 113 30.03 -67.53 12.97
CA ILE H 113 30.90 -67.13 11.86
C ILE H 113 31.62 -65.83 12.21
N TYR H 114 30.93 -64.89 12.86
CA TYR H 114 31.62 -63.73 13.40
C TYR H 114 32.76 -64.18 14.31
N THR H 115 32.52 -65.26 15.07
CA THR H 115 33.57 -65.82 15.91
C THR H 115 34.73 -66.34 15.07
N ILE H 116 34.43 -67.01 13.95
CA ILE H 116 35.49 -67.57 13.11
C ILE H 116 36.44 -66.47 12.65
N PHE H 117 35.90 -65.44 12.00
CA PHE H 117 36.73 -64.35 11.51
C PHE H 117 37.35 -63.56 12.65
N LYS H 118 36.56 -63.28 13.70
CA LYS H 118 37.10 -62.59 14.87
C LYS H 118 38.23 -63.37 15.51
N ASN H 119 38.29 -64.68 15.31
CA ASN H 119 39.43 -65.46 15.77
C ASN H 119 40.57 -65.46 14.75
N LEU H 120 40.25 -65.33 13.46
CA LEU H 120 41.30 -65.21 12.46
C LEU H 120 42.07 -63.90 12.61
N THR H 121 41.39 -62.84 13.06
CA THR H 121 42.09 -61.59 13.31
C THR H 121 43.25 -61.79 14.28
N ILE H 122 43.15 -62.78 15.17
CA ILE H 122 44.24 -63.03 16.10
C ILE H 122 45.54 -63.27 15.34
N ILE H 123 45.46 -63.99 14.22
CA ILE H 123 46.67 -64.30 13.46
C ILE H 123 47.32 -63.02 12.95
N LEU H 124 46.56 -62.22 12.21
CA LEU H 124 47.13 -61.00 11.66
C LEU H 124 47.65 -60.08 12.75
N ILE H 125 46.89 -59.97 13.86
CA ILE H 125 47.33 -59.14 14.97
C ILE H 125 48.67 -59.64 15.49
N ALA H 126 48.81 -60.96 15.63
CA ALA H 126 50.10 -61.50 16.02
C ALA H 126 51.19 -61.11 15.04
N TYR H 127 50.88 -61.18 13.74
CA TYR H 127 51.84 -60.76 12.72
C TYR H 127 51.86 -59.26 12.50
N GLY H 128 50.83 -58.55 12.97
CA GLY H 128 50.91 -57.10 13.00
C GLY H 128 51.84 -56.60 14.07
N GLU H 129 51.97 -57.34 15.17
CA GLU H 129 52.94 -57.02 16.21
C GLU H 129 54.36 -57.05 15.69
N VAL H 130 54.63 -57.92 14.71
CA VAL H 130 55.96 -57.95 14.10
C VAL H 130 56.21 -56.64 13.37
N LEU H 131 55.15 -56.06 12.81
CA LEU H 131 55.27 -54.79 12.09
C LEU H 131 55.40 -53.60 13.04
N PHE H 132 55.10 -53.78 14.33
CA PHE H 132 55.17 -52.69 15.30
C PHE H 132 56.37 -52.76 16.23
N PHE H 133 56.86 -53.95 16.56
CA PHE H 133 57.95 -54.10 17.50
C PHE H 133 59.08 -54.99 17.01
N GLY H 134 58.82 -55.88 16.05
CA GLY H 134 59.86 -56.69 15.44
C GLY H 134 59.99 -58.09 15.99
N GLY H 135 59.26 -58.43 17.05
CA GLY H 135 59.31 -59.78 17.56
C GLY H 135 58.88 -60.78 16.51
N SER H 136 59.34 -62.02 16.68
CA SER H 136 58.99 -63.10 15.78
C SER H 136 57.76 -63.85 16.30
N VAL H 137 56.97 -64.36 15.36
CA VAL H 137 55.81 -65.17 15.71
C VAL H 137 56.31 -66.60 15.90
N THR H 138 56.33 -67.06 17.15
CA THR H 138 56.86 -68.38 17.46
C THR H 138 56.19 -69.44 16.61
N SER H 139 56.98 -70.43 16.18
CA SER H 139 56.43 -71.55 15.44
C SER H 139 55.28 -72.18 16.21
N MET H 140 55.38 -72.21 17.54
CA MET H 140 54.32 -72.74 18.38
C MET H 140 53.10 -71.82 18.37
N GLU H 141 53.32 -70.50 18.43
CA GLU H 141 52.21 -69.56 18.43
C GLU H 141 51.28 -69.80 17.25
N LEU H 142 51.84 -70.09 16.08
CA LEU H 142 51.00 -70.33 14.92
C LEU H 142 50.08 -71.51 15.16
N SER H 143 50.57 -72.52 15.88
CA SER H 143 49.73 -73.67 16.20
C SER H 143 48.56 -73.24 17.07
N SER H 144 48.83 -72.43 18.09
CA SER H 144 47.77 -71.98 19.00
C SER H 144 46.63 -71.33 18.23
N PHE H 145 46.97 -70.32 17.42
CA PHE H 145 45.95 -69.58 16.68
C PHE H 145 45.12 -70.50 15.79
N LEU H 146 45.77 -71.48 15.16
CA LEU H 146 45.03 -72.40 14.29
C LEU H 146 43.99 -73.21 15.07
N LEU H 147 44.33 -73.66 16.27
CA LEU H 147 43.36 -74.40 17.07
C LEU H 147 42.16 -73.55 17.42
N MET H 148 42.38 -72.29 17.81
CA MET H 148 41.27 -71.39 18.03
C MET H 148 40.41 -71.29 16.77
N VAL H 149 41.04 -71.32 15.60
CA VAL H 149 40.29 -71.34 14.34
C VAL H 149 39.41 -72.58 14.29
N LEU H 150 39.98 -73.75 14.62
CA LEU H 150 39.21 -74.97 14.64
C LEU H 150 38.08 -74.90 15.66
N SER H 151 38.42 -74.61 16.92
CA SER H 151 37.40 -74.45 17.96
C SER H 151 36.29 -73.50 17.53
N SER H 152 36.64 -72.45 16.77
CA SER H 152 35.61 -71.59 16.20
C SER H 152 34.92 -72.29 15.04
N VAL H 153 35.69 -72.79 14.08
CA VAL H 153 35.12 -73.51 12.95
C VAL H 153 34.32 -74.72 13.43
N VAL H 154 34.91 -75.51 14.34
CA VAL H 154 34.30 -76.78 14.74
C VAL H 154 32.89 -76.56 15.28
N ALA H 155 32.70 -75.56 16.12
CA ALA H 155 31.37 -75.27 16.63
C ALA H 155 30.43 -74.86 15.50
N THR H 156 30.92 -74.04 14.57
CA THR H 156 30.09 -73.58 13.46
C THR H 156 29.54 -74.74 12.66
N TRP H 157 30.41 -75.69 12.27
CA TRP H 157 29.93 -76.90 11.61
C TRP H 157 28.89 -77.62 12.47
N GLY H 158 28.84 -77.31 13.76
CA GLY H 158 27.82 -77.80 14.67
C GLY H 158 26.82 -76.73 15.09
N ASP H 159 26.27 -75.98 14.13
CA ASP H 159 25.35 -74.89 14.44
C ASP H 159 24.47 -74.59 13.22
N GLN H 160 23.57 -73.64 13.40
CA GLN H 160 22.61 -73.20 12.39
C GLN H 160 23.02 -71.85 11.79
N GLN H 161 22.58 -70.76 12.43
CA GLN H 161 22.94 -69.42 12.01
C GLN H 161 23.61 -68.69 13.17
N PHE H 181 24.30 -61.75 0.91
CA PHE H 181 25.45 -62.36 1.57
C PHE H 181 26.51 -61.29 1.77
N ASN H 182 27.03 -60.77 0.65
CA ASN H 182 28.24 -59.96 0.66
C ASN H 182 28.27 -58.84 1.69
N PRO H 183 27.18 -58.09 1.95
CA PRO H 183 27.31 -56.97 2.88
C PRO H 183 27.95 -57.34 4.21
N GLY H 184 27.69 -58.55 4.71
CA GLY H 184 28.28 -58.95 5.98
C GLY H 184 29.78 -59.17 5.86
N TYR H 185 30.20 -60.00 4.90
CA TYR H 185 31.63 -60.27 4.78
C TYR H 185 32.42 -58.98 4.61
N PHE H 186 31.84 -57.99 3.91
CA PHE H 186 32.53 -56.72 3.74
C PHE H 186 32.70 -56.01 5.08
N TRP H 187 31.64 -55.98 5.91
CA TRP H 187 31.75 -55.35 7.21
C TRP H 187 32.77 -56.04 8.10
N MET H 188 32.91 -57.36 8.00
CA MET H 188 33.91 -58.06 8.80
C MET H 188 35.32 -57.75 8.32
N PHE H 189 35.49 -57.58 7.00
CA PHE H 189 36.78 -57.16 6.47
C PHE H 189 37.22 -55.83 7.07
N THR H 190 36.27 -54.94 7.37
CA THR H 190 36.61 -53.68 8.02
C THR H 190 36.80 -53.87 9.52
N ASN H 191 35.95 -54.67 10.16
CA ASN H 191 36.10 -54.92 11.58
C ASN H 191 37.44 -55.55 11.91
N CYS H 192 37.84 -56.55 11.11
CA CYS H 192 39.10 -57.24 11.35
C CYS H 192 40.29 -56.26 11.34
N ILE H 193 40.26 -55.29 10.43
CA ILE H 193 41.38 -54.36 10.33
C ILE H 193 41.34 -53.31 11.44
N THR H 194 40.16 -52.79 11.75
CA THR H 194 40.06 -51.82 12.84
C THR H 194 40.40 -52.47 14.19
N SER H 195 40.00 -53.73 14.36
CA SER H 195 40.40 -54.45 15.57
C SER H 195 41.92 -54.57 15.67
N ALA H 196 42.60 -54.66 14.52
CA ALA H 196 44.06 -54.67 14.54
C ALA H 196 44.62 -53.29 14.84
N LEU H 197 44.25 -52.30 14.03
CA LEU H 197 44.74 -50.94 14.24
C LEU H 197 44.38 -50.42 15.63
N PHE H 198 43.30 -50.92 16.22
CA PHE H 198 42.92 -50.47 17.55
C PHE H 198 43.87 -51.01 18.61
N VAL H 199 43.86 -52.32 18.86
CA VAL H 199 44.68 -52.87 19.93
C VAL H 199 46.17 -52.70 19.64
N LEU H 200 46.55 -52.68 18.36
CA LEU H 200 47.96 -52.51 18.03
C LEU H 200 48.43 -51.11 18.37
N ILE H 201 47.78 -50.10 17.80
CA ILE H 201 48.23 -48.72 17.95
C ILE H 201 48.09 -48.27 19.39
N MET H 202 46.94 -48.57 20.03
CA MET H 202 46.78 -48.22 21.43
C MET H 202 47.97 -48.72 22.25
N ARG H 203 48.30 -50.01 22.10
CA ARG H 203 49.46 -50.55 22.78
C ARG H 203 50.73 -49.81 22.41
N LYS H 204 50.84 -49.33 21.17
CA LYS H 204 52.01 -48.57 20.78
C LYS H 204 52.06 -47.24 21.52
N ARG H 205 51.02 -46.41 21.36
CA ARG H 205 51.03 -45.11 22.02
C ARG H 205 51.11 -45.26 23.53
N ILE H 206 50.61 -46.36 24.08
CA ILE H 206 50.77 -46.62 25.51
C ILE H 206 52.24 -46.77 25.85
N LYS H 207 52.92 -47.73 25.21
CA LYS H 207 54.34 -47.89 25.45
C LYS H 207 55.14 -46.72 24.92
N LEU H 208 54.57 -45.92 24.01
CA LEU H 208 55.24 -44.70 23.57
C LEU H 208 55.06 -43.57 24.57
N THR H 209 53.85 -43.41 25.10
CA THR H 209 53.56 -42.36 26.07
C THR H 209 53.51 -42.85 27.51
N ASN H 210 54.03 -44.05 27.77
CA ASN H 210 54.04 -44.63 29.12
C ASN H 210 52.71 -44.43 29.83
N PHE H 211 51.61 -44.59 29.11
CA PHE H 211 50.28 -44.46 29.69
C PHE H 211 50.03 -45.50 30.76
N LYS H 212 50.07 -45.08 32.03
CA LYS H 212 49.63 -46.00 33.06
C LYS H 212 48.13 -46.25 32.90
N ASP H 213 47.66 -47.31 33.58
CA ASP H 213 46.24 -47.61 33.53
C ASP H 213 45.44 -46.44 34.09
N PHE H 214 44.16 -46.39 33.73
CA PHE H 214 43.33 -45.21 33.95
C PHE H 214 43.59 -44.20 32.84
N ASP H 215 44.86 -43.82 32.65
CA ASP H 215 45.22 -42.98 31.52
C ASP H 215 44.71 -43.58 30.21
N THR H 216 45.08 -44.83 29.94
CA THR H 216 44.48 -45.56 28.83
C THR H 216 42.97 -45.56 28.96
N MET H 217 42.45 -45.94 30.14
CA MET H 217 41.02 -45.98 30.36
C MET H 217 40.39 -44.61 30.13
N PHE H 218 40.92 -43.58 30.76
CA PHE H 218 40.33 -42.24 30.68
C PHE H 218 40.24 -41.76 29.24
N TYR H 219 41.39 -41.67 28.57
CA TYR H 219 41.43 -41.08 27.23
C TYR H 219 40.49 -41.80 26.27
N ASN H 220 40.45 -43.13 26.35
CA ASN H 220 39.54 -43.85 25.46
C ASN H 220 38.09 -43.54 25.77
N ASN H 221 37.76 -43.33 27.05
CA ASN H 221 36.39 -42.97 27.40
C ASN H 221 36.07 -41.54 27.02
N VAL H 222 36.96 -40.60 27.36
CA VAL H 222 36.69 -39.18 27.12
C VAL H 222 36.62 -38.90 25.63
N LEU H 223 37.72 -39.17 24.91
CA LEU H 223 37.77 -38.83 23.50
C LEU H 223 36.80 -39.65 22.66
N ALA H 224 36.40 -40.84 23.14
CA ALA H 224 35.43 -41.65 22.41
C ALA H 224 34.01 -41.09 22.51
N LEU H 225 33.65 -40.49 23.65
CA LEU H 225 32.33 -39.89 23.80
C LEU H 225 31.88 -39.08 22.59
N PRO H 226 32.71 -38.21 22.01
CA PRO H 226 32.27 -37.44 20.84
C PRO H 226 32.03 -38.29 19.60
N ILE H 227 32.99 -39.15 19.26
CA ILE H 227 32.84 -40.00 18.08
C ILE H 227 31.55 -40.79 18.16
N LEU H 228 31.22 -41.28 19.36
CA LEU H 228 29.96 -42.00 19.55
C LEU H 228 28.78 -41.12 19.15
N LEU H 229 28.83 -39.85 19.52
CA LEU H 229 27.77 -38.91 19.13
C LEU H 229 27.77 -38.68 17.62
N LEU H 230 28.93 -38.75 16.97
CA LEU H 230 28.95 -38.74 15.51
C LEU H 230 28.14 -39.91 14.96
N PHE H 231 28.45 -41.11 15.42
CA PHE H 231 27.75 -42.30 14.97
C PHE H 231 26.32 -42.36 15.49
N SER H 232 26.02 -41.66 16.59
CA SER H 232 24.66 -41.64 17.10
C SER H 232 23.69 -41.00 16.11
N PHE H 233 24.08 -39.87 15.53
CA PHE H 233 23.22 -39.20 14.55
C PHE H 233 23.37 -39.81 13.16
N CYS H 234 24.54 -40.37 12.85
CA CYS H 234 24.78 -40.89 11.50
C CYS H 234 24.02 -42.19 11.25
N VAL H 235 23.82 -43.00 12.29
CA VAL H 235 23.29 -44.34 12.18
C VAL H 235 21.88 -44.46 12.75
N GLU H 236 21.71 -44.06 14.01
CA GLU H 236 20.40 -44.16 14.64
C GLU H 236 19.39 -43.26 13.95
N ASP H 237 18.12 -43.56 14.17
CA ASP H 237 16.98 -42.75 13.75
C ASP H 237 16.39 -42.08 14.98
N TRP H 238 16.21 -40.76 14.92
CA TRP H 238 15.72 -39.98 16.05
C TRP H 238 14.30 -39.47 15.78
N SER H 239 13.43 -39.61 16.78
CA SER H 239 12.07 -39.05 16.73
C SER H 239 11.59 -38.87 18.16
N SER H 240 11.50 -37.62 18.61
CA SER H 240 11.10 -37.35 20.00
C SER H 240 9.67 -37.78 20.32
N VAL H 241 8.80 -37.88 19.32
CA VAL H 241 7.43 -38.34 19.58
C VAL H 241 7.40 -39.84 19.85
N ASN H 242 8.37 -40.58 19.31
CA ASN H 242 8.39 -42.04 19.38
C ASN H 242 9.52 -42.56 20.26
N LEU H 243 10.75 -42.14 19.99
CA LEU H 243 11.93 -42.69 20.65
C LEU H 243 12.08 -42.18 22.07
N THR H 244 11.60 -40.96 22.34
CA THR H 244 11.53 -40.47 23.71
C THR H 244 10.85 -41.47 24.63
N ASN H 245 9.91 -42.24 24.09
CA ASN H 245 9.24 -43.28 24.86
C ASN H 245 10.12 -44.49 25.11
N ASN H 246 11.18 -44.67 24.32
CA ASN H 246 11.96 -45.90 24.40
C ASN H 246 12.70 -46.04 25.73
N PHE H 247 13.67 -45.15 25.98
CA PHE H 247 14.47 -45.21 27.20
C PHE H 247 13.81 -44.40 28.33
N SER H 248 12.87 -45.06 29.01
CA SER H 248 12.16 -44.50 30.15
C SER H 248 13.01 -44.63 31.41
N ASN H 249 12.42 -44.26 32.56
CA ASN H 249 13.13 -44.34 33.84
C ASN H 249 13.79 -45.70 34.06
N ASP H 250 13.28 -46.77 33.42
CA ASP H 250 13.92 -48.07 33.52
C ASP H 250 15.27 -48.06 32.82
N SER H 251 15.31 -47.59 31.57
CA SER H 251 16.53 -47.68 30.78
C SER H 251 17.69 -47.02 31.48
N LEU H 252 17.45 -45.88 32.14
CA LEU H 252 18.52 -45.24 32.88
C LEU H 252 19.12 -46.22 33.87
N THR H 253 18.26 -47.03 34.51
CA THR H 253 18.78 -48.11 35.32
C THR H 253 19.59 -49.08 34.47
N ALA H 254 19.09 -49.41 33.28
CA ALA H 254 19.80 -50.33 32.41
C ALA H 254 21.09 -49.71 31.85
N MET H 255 20.99 -48.51 31.28
CA MET H 255 22.18 -47.88 30.70
C MET H 255 23.25 -47.60 31.73
N ILE H 256 22.86 -47.31 32.98
CA ILE H 256 23.85 -47.04 34.02
C ILE H 256 24.39 -48.33 34.61
N ILE H 257 23.55 -49.35 34.81
CA ILE H 257 24.03 -50.61 35.37
C ILE H 257 25.14 -51.21 34.50
N SER H 258 24.93 -51.25 33.18
CA SER H 258 25.93 -51.84 32.29
C SER H 258 27.23 -51.06 32.30
N GLY H 259 27.15 -49.73 32.33
CA GLY H 259 28.36 -48.93 32.34
C GLY H 259 29.25 -49.21 33.54
N VAL H 260 28.64 -49.45 34.69
CA VAL H 260 29.42 -49.74 35.89
C VAL H 260 30.24 -51.00 35.69
N ALA H 261 29.69 -51.99 34.99
CA ALA H 261 30.43 -53.20 34.71
C ALA H 261 31.57 -52.95 33.72
N SER H 262 31.35 -52.05 32.76
CA SER H 262 32.41 -51.75 31.81
C SER H 262 33.63 -51.13 32.46
N VAL H 263 33.54 -50.72 33.72
CA VAL H 263 34.73 -50.25 34.42
C VAL H 263 35.76 -51.36 34.46
N GLY H 264 35.32 -52.59 34.75
CA GLY H 264 36.23 -53.71 34.73
C GLY H 264 36.90 -53.83 33.39
N ILE H 265 36.12 -54.17 32.36
CA ILE H 265 36.70 -54.36 31.04
C ILE H 265 37.45 -53.11 30.58
N SER H 266 36.89 -51.93 30.85
CA SER H 266 37.54 -50.70 30.41
C SER H 266 38.94 -50.58 30.98
N TYR H 267 39.07 -50.68 32.30
CA TYR H 267 40.39 -50.57 32.91
C TYR H 267 41.27 -51.74 32.52
N CYS H 268 40.67 -52.94 32.40
CA CYS H 268 41.44 -54.15 32.15
C CYS H 268 41.83 -54.31 30.69
N SER H 269 41.02 -53.83 29.75
CA SER H 269 41.41 -53.92 28.35
C SER H 269 42.77 -53.27 28.12
N GLY H 270 42.89 -51.99 28.47
CA GLY H 270 44.15 -51.29 28.34
C GLY H 270 45.23 -51.79 29.28
N TRP H 271 44.83 -52.33 30.44
CA TRP H 271 45.81 -52.92 31.34
C TRP H 271 46.38 -54.20 30.75
N CYS H 272 45.53 -55.00 30.10
CA CYS H 272 46.01 -56.23 29.50
C CYS H 272 46.97 -55.94 28.35
N VAL H 273 46.53 -55.07 27.43
CA VAL H 273 47.35 -54.75 26.26
C VAL H 273 48.70 -54.19 26.68
N ARG H 274 48.74 -53.36 27.72
CA ARG H 274 49.99 -52.71 28.09
C ARG H 274 51.00 -53.71 28.61
N VAL H 275 50.63 -54.46 29.66
CA VAL H 275 51.60 -55.31 30.34
C VAL H 275 52.00 -56.50 29.47
N THR H 276 51.02 -57.24 28.95
CA THR H 276 51.31 -58.48 28.25
C THR H 276 51.65 -58.24 26.78
N SER H 277 50.70 -58.46 25.88
CA SER H 277 50.92 -58.23 24.47
C SER H 277 49.60 -57.95 23.77
N SER H 278 49.67 -57.17 22.70
CA SER H 278 48.47 -56.90 21.90
C SER H 278 47.88 -58.16 21.31
N THR H 279 48.69 -59.20 21.12
CA THR H 279 48.14 -60.49 20.71
C THR H 279 47.39 -61.15 21.85
N THR H 280 47.97 -61.14 23.04
CA THR H 280 47.33 -61.77 24.20
C THR H 280 45.95 -61.18 24.45
N TYR H 281 45.83 -59.84 24.41
CA TYR H 281 44.53 -59.22 24.58
C TYR H 281 43.54 -59.76 23.54
N SER H 282 44.01 -59.94 22.31
CA SER H 282 43.17 -60.52 21.27
C SER H 282 42.88 -61.99 21.53
N MET H 283 43.71 -62.66 22.30
CA MET H 283 43.54 -64.09 22.58
C MET H 283 42.60 -64.34 23.75
N VAL H 284 42.88 -63.74 24.91
CA VAL H 284 42.03 -63.92 26.09
C VAL H 284 40.58 -63.57 25.74
N GLY H 285 40.38 -62.55 24.91
CA GLY H 285 39.03 -62.20 24.50
C GLY H 285 38.34 -63.35 23.78
N ALA H 286 39.10 -64.09 22.97
CA ALA H 286 38.55 -65.27 22.32
C ALA H 286 38.35 -66.42 23.30
N LEU H 287 39.24 -66.53 24.30
CA LEU H 287 39.14 -67.62 25.26
C LEU H 287 37.94 -67.45 26.22
N ASN H 288 37.58 -66.21 26.56
CA ASN H 288 36.55 -66.00 27.57
C ASN H 288 35.23 -66.70 27.23
N LYS H 289 34.80 -66.62 25.97
CA LYS H 289 33.49 -67.18 25.64
C LYS H 289 33.41 -68.69 25.87
N LEU H 290 34.55 -69.37 26.00
CA LEU H 290 34.50 -70.81 26.25
C LEU H 290 33.93 -71.13 27.63
N PRO H 291 34.57 -70.72 28.73
CA PRO H 291 33.98 -71.01 30.05
C PRO H 291 32.55 -70.53 30.20
N ILE H 292 32.17 -69.41 29.57
CA ILE H 292 30.77 -68.99 29.61
C ILE H 292 29.89 -69.90 28.78
N ALA H 293 30.35 -70.27 27.58
CA ALA H 293 29.58 -71.22 26.78
C ALA H 293 29.48 -72.56 27.49
N LEU H 294 30.59 -72.99 28.10
CA LEU H 294 30.57 -74.20 28.91
C LEU H 294 29.62 -74.04 30.09
N SER H 295 29.59 -72.84 30.69
CA SER H 295 28.60 -72.58 31.74
C SER H 295 27.18 -72.77 31.22
N GLY H 296 26.95 -72.47 29.94
CA GLY H 296 25.62 -72.65 29.39
C GLY H 296 25.20 -74.10 29.38
N LEU H 297 26.17 -75.02 29.33
CA LEU H 297 25.87 -76.44 29.38
C LEU H 297 25.78 -76.96 30.80
N ILE H 298 26.60 -76.45 31.71
CA ILE H 298 26.60 -76.88 33.10
C ILE H 298 25.43 -76.23 33.85
N PHE H 299 25.50 -74.92 34.03
CA PHE H 299 24.49 -74.19 34.80
C PHE H 299 23.10 -74.22 34.15
N PHE H 300 22.95 -74.82 32.96
CA PHE H 300 21.69 -74.82 32.24
C PHE H 300 21.47 -76.18 31.61
N ASP H 301 20.23 -76.67 31.67
CA ASP H 301 19.82 -77.92 31.02
C ASP H 301 19.58 -77.63 29.54
N ALA H 302 20.66 -77.60 28.77
CA ALA H 302 20.53 -77.18 27.37
C ALA H 302 20.91 -78.31 26.41
N PRO H 303 20.16 -78.45 25.32
CA PRO H 303 20.55 -79.42 24.28
C PRO H 303 21.94 -79.10 23.75
N ARG H 304 22.77 -80.13 23.65
CA ARG H 304 24.18 -79.99 23.29
C ARG H 304 24.47 -80.67 21.96
N ASN H 305 25.69 -80.42 21.48
CA ASN H 305 26.23 -81.13 20.32
C ASN H 305 27.65 -81.56 20.67
N PHE H 306 27.99 -82.81 20.34
CA PHE H 306 29.36 -83.25 20.56
C PHE H 306 30.33 -82.33 19.81
N LEU H 307 29.93 -81.89 18.62
CA LEU H 307 30.72 -80.89 17.91
C LEU H 307 30.85 -79.63 18.75
N SER H 308 29.74 -79.16 19.32
CA SER H 308 29.80 -78.01 20.21
C SER H 308 30.79 -78.25 21.35
N ILE H 309 30.76 -79.45 21.93
CA ILE H 309 31.66 -79.76 23.03
C ILE H 309 33.11 -79.83 22.55
N LEU H 310 33.35 -80.56 21.45
CA LEU H 310 34.69 -80.65 20.89
C LEU H 310 35.32 -79.28 20.67
N SER H 311 34.56 -78.34 20.10
CA SER H 311 35.09 -77.01 19.85
C SER H 311 35.69 -76.42 21.11
N ILE H 312 34.95 -76.49 22.22
CA ILE H 312 35.40 -75.85 23.45
C ILE H 312 36.71 -76.46 23.92
N PHE H 313 36.74 -77.79 24.04
CA PHE H 313 37.97 -78.43 24.49
C PHE H 313 39.10 -78.25 23.47
N ILE H 314 38.75 -78.09 22.19
CA ILE H 314 39.74 -77.66 21.22
C ILE H 314 40.25 -76.28 21.60
N GLY H 315 39.33 -75.37 21.96
CA GLY H 315 39.74 -74.06 22.43
C GLY H 315 40.58 -74.11 23.68
N PHE H 316 40.20 -74.94 24.65
CA PHE H 316 41.00 -75.06 25.85
C PHE H 316 42.40 -75.56 25.51
N LEU H 317 42.50 -76.58 24.67
CA LEU H 317 43.79 -76.97 24.15
C LEU H 317 44.49 -75.79 23.49
N SER H 318 43.75 -75.04 22.68
CA SER H 318 44.32 -73.87 22.00
C SER H 318 44.98 -72.92 22.99
N GLY H 319 44.32 -72.68 24.12
CA GLY H 319 44.90 -71.77 25.11
C GLY H 319 46.19 -72.30 25.70
N ILE H 320 46.20 -73.57 26.08
CA ILE H 320 47.38 -74.14 26.73
C ILE H 320 48.60 -74.01 25.84
N ILE H 321 48.43 -74.25 24.54
CA ILE H 321 49.56 -74.13 23.61
C ILE H 321 50.07 -72.70 23.60
N TYR H 322 49.16 -71.72 23.56
CA TYR H 322 49.58 -70.32 23.59
C TYR H 322 50.27 -69.98 24.89
N ALA H 323 49.83 -70.58 26.01
CA ALA H 323 50.46 -70.32 27.30
C ALA H 323 51.91 -70.77 27.31
N VAL H 324 52.18 -71.96 26.76
CA VAL H 324 53.56 -72.45 26.73
C VAL H 324 54.40 -71.58 25.80
N ALA H 325 53.81 -71.15 24.68
CA ALA H 325 54.53 -70.27 23.77
C ALA H 325 55.04 -69.03 24.50
N LYS H 326 54.17 -68.34 25.24
CA LYS H 326 54.65 -67.24 26.07
C LYS H 326 55.73 -67.72 27.04
N GLN H 327 55.56 -68.93 27.57
CA GLN H 327 56.59 -69.48 28.44
C GLN H 327 57.89 -69.69 27.66
N LYS H 328 57.80 -70.18 26.43
CA LYS H 328 59.00 -70.38 25.63
C LYS H 328 59.62 -69.07 25.20
N LYS H 329 58.85 -67.98 25.14
CA LYS H 329 59.43 -66.67 24.91
C LYS H 329 60.25 -66.22 26.10
N GLN H 330 59.67 -66.31 27.30
CA GLN H 330 60.37 -65.90 28.51
C GLN H 330 61.62 -66.74 28.73
N GLN H 331 61.55 -68.04 28.45
CA GLN H 331 62.76 -68.85 28.54
C GLN H 331 63.81 -68.29 27.59
N ALA H 332 63.37 -67.75 26.45
CA ALA H 332 64.30 -67.19 25.47
C ALA H 332 65.03 -65.97 26.01
N GLN H 333 64.36 -65.16 26.84
CA GLN H 333 64.93 -63.92 27.34
C GLN H 333 65.09 -63.93 28.87
N2 GDD I . 19.41 -15.57 6.68
C2 GDD I . 20.42 -15.42 7.55
N1 GDD I . 20.75 -16.53 8.29
N3 GDD I . 21.03 -14.26 7.66
C4 GDD I . 22.02 -14.27 8.58
C5 GDD I . 22.43 -15.31 9.37
C6 GDD I . 21.77 -16.57 9.24
O6 GDD I . 22.00 -17.62 9.85
N7 GDD I . 23.48 -14.92 10.18
C8 GDD I . 23.68 -13.66 9.87
N9 GDD I . 22.83 -13.20 8.90
C1' GDD I . 22.78 -11.85 8.30
C2' GDD I . 22.43 -10.74 9.28
O2' GDD I . 21.02 -10.65 9.48
C3' GDD I . 22.97 -9.52 8.52
O3' GDD I . 22.04 -9.02 7.57
C4' GDD I . 24.21 -10.09 7.80
O4' GDD I . 24.07 -11.52 7.82
C5' GDD I . 25.54 -9.69 8.41
O5' GDD I . 25.39 -9.61 9.84
PA GDD I . 25.52 -8.23 10.69
O1A GDD I . 26.91 -8.09 11.19
O2A GDD I . 24.46 -8.33 11.79
O3A GDD I . 25.11 -7.01 9.75
PB GDD I . 24.13 -5.76 9.90
O2B GDD I . 22.92 -6.05 9.01
O3B GDD I . 23.79 -5.52 11.32
O1B GDD I . 24.86 -4.43 9.27
C11 GDD I . 25.28 -4.20 7.94
O51 GDD I . 25.00 -2.87 7.56
C51 GDD I . 25.60 -1.89 8.42
C61 GDD I . 25.15 -0.53 7.90
O6A GDD I . 23.74 -0.38 7.97
C21 GDD I . 26.78 -4.46 7.86
O21 GDD I . 27.22 -4.30 6.52
C31 GDD I . 27.51 -3.47 8.76
O31 GDD I . 28.91 -3.64 8.65
C41 GDD I . 27.11 -2.04 8.42
O41 GDD I . 27.66 -1.15 9.40
H2N1 GDD I . 19.12 -14.79 6.10
H2N2 GDD I . 18.90 -16.43 6.54
H1 GDD I . 20.25 -17.40 8.16
H8 GDD I . 24.45 -13.03 10.33
H1' GDD I . 22.10 -11.89 7.45
H2' GDD I . 22.94 -10.87 10.23
HA GDD I . 20.79 -11.35 10.15
H3' GDD I . 23.24 -8.71 9.21
HB GDD I . 21.89 -9.74 6.91
H4' GDD I . 24.17 -9.83 6.75
H5'1 GDD I . 26.33 -10.38 8.16
H5'2 GDD I . 25.87 -8.69 8.13
HO2A GDD I . 23.61 -8.84 11.82
HO2B GDD I . 22.80 -6.26 8.05
H11 GDD I . 24.68 -4.79 7.24
H51 GDD I . 25.21 -2.01 9.42
H611 GDD I . 25.66 0.23 8.50
H612 GDD I . 25.49 -0.37 6.88
H6A GDD I . 23.53 0.38 7.36
H21 GDD I . 27.02 -5.48 8.15
HC GDD I . 27.86 -5.03 6.30
H31 GDD I . 27.30 -3.70 9.81
HD GDD I . 29.15 -4.03 7.77
H41 GDD I . 27.50 -1.80 7.44
HE GDD I . 28.65 -1.22 9.32
C18 OLC J . 23.23 18.72 2.96
C10 OLC J . 13.81 18.54 3.41
C9 OLC J . 12.51 18.31 3.13
C17 OLC J . 21.78 18.71 3.41
C11 OLC J . 14.78 17.59 4.02
C8 OLC J . 11.76 17.03 3.38
C24 OLC J . -0.20 12.36 2.41
C16 OLC J . 20.99 17.52 2.84
C12 OLC J . 15.93 17.31 3.04
C7 OLC J . 10.72 16.86 2.26
C15 OLC J . 19.73 17.30 3.69
C13 OLC J . 17.24 17.08 3.79
C6 OLC J . 9.86 15.60 2.45
C14 OLC J . 18.46 17.12 2.85
C5 OLC J . 8.48 15.98 3.02
C4 OLC J . 7.59 14.75 3.30
C3 OLC J . 6.65 14.41 2.13
C2 OLC J . 5.35 13.80 2.69
C21 OLC J . 2.14 12.47 1.38
C1 OLC J . 4.39 13.37 1.61
C22 OLC J . 1.23 11.70 2.40
O19 OLC J . 4.53 13.38 0.39
O25 OLC J . -0.78 12.06 1.17
O23 OLC J . 1.18 10.35 2.09
O20 OLC J . 3.22 12.94 2.19
H18 OLC J . 23.78 19.57 3.38
H18A OLC J . 23.76 17.83 3.29
H18B OLC J . 23.33 18.77 1.88
H10 OLC J . 14.24 19.52 3.18
H9 OLC J . 11.92 19.11 2.68
H17 OLC J . 21.72 18.71 4.50
H17A OLC J . 21.30 19.64 3.11
H11 OLC J . 15.17 18.02 4.96
H11A OLC J . 14.30 16.66 4.32
H8 OLC J . 12.45 16.20 3.39
H8A OLC J . 11.28 17.02 4.35
H24 OLC J . -0.78 11.96 3.24
H24A OLC J . -0.13 13.43 2.58
H16 OLC J . 20.73 17.70 1.80
H16A OLC J . 21.61 16.63 2.83
H12 OLC J . 15.68 16.45 2.42
H12A OLC J . 16.04 18.14 2.34
H7 OLC J . 10.08 17.74 2.22
H7A OLC J . 11.21 16.83 1.29
H15 OLC J . 19.87 16.43 4.33
H15A OLC J . 19.60 18.13 4.38
H13 OLC J . 17.36 17.82 4.59
H13A OLC J . 17.20 16.11 4.31
H6 OLC J . 9.73 15.08 1.49
H6A OLC J . 10.36 14.88 3.09
H14 OLC J . 18.36 17.94 2.13
H14A OLC J . 18.52 16.21 2.25
H5 OLC J . 8.61 16.55 3.93
H5A OLC J . 7.97 16.65 2.34
H4 OLC J . 8.22 13.88 3.53
H4A OLC J . 7.01 14.91 4.21
H3 OLC J . 6.42 15.30 1.54
H3A OLC J . 7.13 13.72 1.42
H2 OLC J . 5.57 12.93 3.32
H2A OLC J . 4.85 14.50 3.35
H21 OLC J . 2.49 11.84 0.58
H21A OLC J . 1.60 13.31 0.92
H22 OLC J . 1.67 11.71 3.39
HO25 OLC J . -1.70 12.43 1.20
HO23 OLC J . 0.26 10.03 2.23
C18 OLC K . 31.73 5.26 -7.74
C10 OLC K . 22.55 6.85 -7.95
C9 OLC K . 21.23 6.76 -8.20
C17 OLC K . 30.26 5.58 -8.02
C11 OLC K . 23.57 6.17 -8.78
C8 OLC K . 20.69 5.95 -9.34
C24 OLC K . 10.49 6.41 -11.54
C16 OLC K . 29.64 4.52 -8.93
C12 OLC K . 24.98 6.36 -8.20
C7 OLC K . 19.15 5.99 -9.36
C15 OLC K . 28.35 5.03 -9.58
C13 OLC K . 25.98 5.69 -9.15
C6 OLC K . 18.62 5.15 -10.54
C14 OLC K . 27.37 5.58 -8.53
C5 OLC K . 17.10 5.30 -10.71
C4 OLC K . 16.62 4.55 -11.96
C3 OLC K . 15.09 4.64 -12.10
C2 OLC K . 14.64 4.00 -13.43
C21 OLC K . 11.02 4.17 -12.59
C1 OLC K . 13.19 3.59 -13.37
C22 OLC K . 10.49 4.88 -11.30
O19 OLC K . 12.69 2.58 -13.85
O25 OLC K . 9.98 6.96 -10.37
O23 OLC K . 9.23 4.42 -10.96
O20 OLC K . 12.40 4.48 -12.67
H18 OLC K . 31.86 4.30 -7.25
H18A OLC K . 32.31 5.23 -8.66
H18B OLC K . 32.19 6.01 -7.10
H10 OLC K . 22.92 7.44 -7.11
H9 OLC K . 20.50 7.28 -7.59
H17 OLC K . 29.70 5.64 -7.09
H17A OLC K . 30.17 6.56 -8.47
H11 OLC K . 23.33 5.10 -8.84
H11A OLC K . 23.55 6.51 -9.81
H8 OLC K . 21.09 6.34 -10.28
H8A OLC K . 21.04 4.93 -9.30
H24 OLC K . 11.50 6.76 -11.77
H24A OLC K . 9.88 6.68 -12.41
H16 OLC K . 30.35 4.21 -9.70
H16A OLC K . 29.44 3.60 -8.37
H12 OLC K . 25.20 7.42 -8.07
H12A OLC K . 25.05 5.91 -7.20
H7 OLC K . 18.75 5.62 -8.42
H7A OLC K . 18.79 7.02 -9.44
H15 OLC K . 28.59 5.81 -10.30
H15A OLC K . 27.87 4.25 -10.16
H13 OLC K . 25.62 4.71 -9.45
H13A OLC K . 26.02 6.27 -10.08
H6 OLC K . 19.13 5.43 -11.46
H6A OLC K . 18.88 4.10 -10.39
H14 OLC K . 27.34 4.94 -7.65
H14A OLC K . 27.70 6.55 -8.16
H5 OLC K . 16.59 4.93 -9.84
H5A OLC K . 16.84 6.36 -10.78
H4 OLC K . 17.11 4.95 -12.85
H4A OLC K . 16.93 3.51 -11.93
H3 OLC K . 14.60 4.16 -11.26
H3A OLC K . 14.76 5.68 -12.06
H2 OLC K . 14.79 4.69 -14.26
H2A OLC K . 15.26 3.14 -13.66
H21 OLC K . 10.87 3.10 -12.54
H21A OLC K . 10.48 4.51 -13.47
H22 OLC K . 11.09 4.62 -10.43
HO25 OLC K . 9.42 6.25 -9.94
HO23 OLC K . 8.83 3.97 -11.75
C18 OLC L . -24.06 -6.71 6.01
C10 OLC L . -33.15 -10.03 4.31
C9 OLC L . -34.41 -9.67 4.15
C17 OLC L . -24.97 -7.89 6.39
C11 OLC L . -32.21 -9.51 5.34
C8 OLC L . -35.14 -8.69 5.01
C24 OLC L . -44.97 -12.47 1.26
C16 OLC L . -26.18 -7.98 5.46
C12 OLC L . -30.80 -9.75 4.82
C7 OLC L . -36.42 -8.27 4.30
C15 OLC L . -27.19 -9.01 5.99
C13 OLC L . -29.74 -9.08 5.70
C6 OLC L . -37.46 -9.39 4.23
C14 OLC L . -28.37 -9.19 5.01
C5 OLC L . -38.40 -9.31 5.43
C4 OLC L . -39.68 -10.08 5.12
C3 OLC L . -40.72 -9.87 6.24
C2 OLC L . -42.14 -10.08 5.70
C21 OLC L . -42.94 -11.60 2.41
C1 OLC L . -42.15 -11.16 4.64
C22 OLC L . -44.24 -11.17 1.71
O19 OLC L . -41.66 -12.26 4.67
O25 OLC L . -46.21 -12.05 0.80
O23 OLC L . -45.03 -10.38 2.54
O20 OLC L . -42.82 -10.72 3.53
H18 OLC L . -24.59 -5.76 6.07
H18A OLC L . -23.20 -6.64 6.68
H18B OLC L . -23.69 -6.80 5.00
H10 OLC L . -32.71 -10.76 3.63
H9 OLC L . -35.01 -10.11 3.35
H17 OLC L . -24.40 -8.82 6.36
H17A OLC L . -25.29 -7.79 7.42
H11 OLC L . -32.41 -8.45 5.51
H11A OLC L . -32.37 -9.99 6.31
H8 OLC L . -35.37 -9.15 5.98
H8A OLC L . -34.53 -7.82 5.25
H24 OLC L . -44.39 -12.97 0.49
H24A OLC L . -45.07 -13.19 2.08
H16 OLC L . -26.66 -7.00 5.36
H16A OLC L . -25.87 -8.24 4.45
H12 OLC L . -30.61 -10.82 4.75
H12A OLC L . -30.72 -9.38 3.80
H7 OLC L . -36.84 -7.40 4.79
H7A OLC L . -36.18 -7.93 3.28
H15 OLC L . -26.70 -9.97 6.15
H15A OLC L . -27.56 -8.71 6.97
H13 OLC L . -30.00 -8.03 5.88
H13A OLC L . -29.71 -9.55 6.68
H6 OLC L . -38.02 -9.34 3.30
H6A OLC L . -36.97 -10.36 4.20
H14 OLC L . -28.30 -8.45 4.21
H14A OLC L . -28.29 -10.16 4.51
H5 OLC L . -37.93 -9.72 6.32
H5A OLC L . -38.63 -8.28 5.66
H4 OLC L . -40.09 -9.77 4.16
H4A OLC L . -39.46 -11.14 4.99
H3 OLC L . -40.52 -10.56 7.06
H3A OLC L . -40.62 -8.87 6.66
H2 OLC L . -42.82 -10.37 6.50
H2A OLC L . -42.55 -9.16 5.29
H21 OLC L . -42.96 -12.64 2.75
H21A OLC L . -42.07 -11.51 1.75
H22 OLC L . -44.04 -10.51 0.86
HO25 OLC L . -46.63 -11.50 1.51
HO23 OLC L . -45.61 -9.80 1.98
C18 OLC M . -38.56 -8.12 8.53
C10 OLC M . -29.01 -6.31 8.02
C9 OLC M . -27.85 -5.81 8.50
C17 OLC M . -37.04 -8.18 8.68
C11 OLC M . -30.38 -5.71 8.15
C8 OLC M . -27.65 -4.56 9.31
C24 OLC M . -28.55 5.27 14.30
C16 OLC M . -36.47 -6.76 8.86
C12 OLC M . -31.49 -6.78 7.92
C7 OLC M . -26.19 -4.04 9.15
C15 OLC M . -35.06 -6.82 9.50
C13 OLC M . -32.76 -6.33 8.69
C6 OLC M . -25.45 -3.89 10.49
C14 OLC M . -33.96 -7.29 8.54
C5 OLC M . -25.02 -2.43 10.72
C4 OLC M . -24.64 -2.18 12.19
C3 OLC M . -24.56 -0.67 12.48
C2 OLC M . -25.97 -0.06 12.66
C21 OLC M . -27.17 3.46 13.21
C1 OLC M . -25.89 1.45 12.76
C22 OLC M . -28.54 3.76 13.90
O19 OLC M . -24.91 2.16 12.59
O25 OLC M . -27.68 5.35 15.39
O23 OLC M . -29.61 3.44 13.08
O20 OLC M . -27.10 2.03 13.08
H18 OLC M . -38.87 -7.54 7.66
H18A OLC M . -38.98 -9.12 8.40
H18B OLC M . -39.05 -7.68 9.39
H10 OLC M . -29.00 -7.25 7.46
H9 OLC M . -26.93 -6.35 8.29
H17 OLC M . -36.77 -8.80 9.53
H17A OLC M . -36.59 -8.66 7.82
H11 OLC M . -30.48 -5.26 9.15
H11A OLC M . -30.51 -4.87 7.46
H8 OLC M . -28.37 -3.82 8.98
H8A OLC M . -27.88 -4.72 10.36
H24 OLC M . -28.22 5.89 13.47
H24A OLC M . -29.55 5.61 14.55
H16 OLC M . -36.42 -6.26 7.89
H16A OLC M . -37.13 -6.16 9.46
H12 OLC M . -31.69 -6.88 6.86
H12A OLC M . -31.16 -7.76 8.26
H7 OLC M . -25.64 -4.72 8.49
H7A OLC M . -26.21 -3.09 8.62
H15 OLC M . -34.81 -5.84 9.90
H15A OLC M . -35.09 -7.48 10.37
H13 OLC M . -32.52 -6.20 9.73
H13A OLC M . -33.05 -5.33 8.35
H6 OLC M . -26.08 -4.22 11.31
H6A OLC M . -24.58 -4.54 10.51
H14 OLC M . -33.66 -8.31 8.75
H14A OLC M . -34.32 -7.30 7.50
H5 OLC M . -24.18 -2.18 10.07
H5A OLC M . -25.81 -1.75 10.41
H4 OLC M . -25.36 -2.67 12.85
H4A OLC M . -23.69 -2.67 12.42
H3 OLC M . -23.97 -0.49 13.37
H3A OLC M . -24.03 -0.16 11.68
H2 OLC M . -26.63 -0.33 11.82
H2A OLC M . -26.47 -0.46 13.54
H21 OLC M . -27.09 3.93 12.23
H21A OLC M . -26.34 3.82 13.79
H22 OLC M . -28.69 3.13 14.77
HO25 OLC M . -27.13 6.17 15.27
HO23 OLC M . -30.41 3.29 13.64
N2 GDD N . -2.89 -73.23 -4.61
C2 GDD N . -4.21 -73.36 -4.47
N1 GDD N . -4.86 -72.42 -3.71
N3 GDD N . -4.84 -74.35 -5.08
C4 GDD N . -6.17 -74.35 -4.85
C5 GDD N . -6.91 -73.46 -4.10
C6 GDD N . -6.21 -72.39 -3.45
O6 GDD N . -6.70 -71.51 -2.74
N7 GDD N . -8.24 -73.80 -4.11
C8 GDD N . -8.30 -74.87 -4.87
N9 GDD N . -7.08 -75.25 -5.35
C1' GDD N . -6.79 -76.41 -6.22
C2' GDD N . -6.84 -77.75 -5.49
O2' GDD N . -5.54 -78.11 -5.02
C3' GDD N . -7.30 -78.69 -6.62
O3' GDD N . -6.23 -79.09 -7.46
C4' GDD N . -8.28 -77.81 -7.38
O4' GDD N . -7.77 -76.46 -7.24
C5' GDD N . -9.70 -77.86 -6.89
O5' GDD N . -10.35 -79.01 -7.48
PA GDD N . -10.22 -80.51 -6.90
O1A GDD N . -11.46 -81.29 -7.15
O2A GDD N . -9.83 -80.40 -5.43
O3A GDD N . -8.98 -81.14 -7.68
PB GDD N . -8.02 -82.39 -7.44
O2B GDD N . -6.78 -82.17 -8.31
O3B GDD N . -7.71 -82.57 -6.01
O1B GDD N . -8.82 -83.69 -8.06
C11 GDD N . -9.04 -83.97 -9.42
O51 GDD N . -8.77 -85.33 -9.73
C51 GDD N . -9.65 -86.26 -9.06
C61 GDD N . -9.17 -87.65 -9.40
O6A GDD N . -9.97 -88.65 -8.78
C21 GDD N . -10.47 -83.61 -9.82
O21 GDD N . -10.59 -83.60 -11.24
C31 GDD N . -11.47 -84.57 -9.21
O31 GDD N . -12.77 -84.30 -9.71
C41 GDD N . -11.08 -86.01 -9.51
O41 GDD N . -11.96 -86.90 -8.82
H2N1 GDD N . -2.36 -73.88 -5.17
H2N2 GDD N . -2.35 -72.49 -4.17
H1 GDD N . -4.32 -71.67 -3.26
H8 GDD N . -9.23 -75.40 -5.09
H1' GDD N . -5.83 -76.23 -6.71
H2' GDD N . -7.55 -77.74 -4.68
HA GDD N . -5.60 -78.04 -4.03
H3' GDD N . -7.78 -79.58 -6.22
HB GDD N . -5.65 -79.69 -6.91
H4' GDD N . -8.21 -78.01 -8.45
H5'1 GDD N . -9.79 -77.91 -5.81
H5'2 GDD N . -10.31 -77.02 -7.23
HO2A GDD N . -9.68 -81.12 -4.77
HO2B GDD N . -5.92 -81.71 -8.15
H11 GDD N . -8.28 -83.48 -10.03
H51 GDD N . -9.56 -86.12 -7.99
H611 GDD N . -9.18 -87.76 -10.48
H612 GDD N . -8.13 -87.78 -9.11
H6A GDD N . -9.65 -89.51 -9.16
H21 GDD N . -10.69 -82.59 -9.49
HC GDD N . -11.00 -82.74 -11.52
H31 GDD N . -11.56 -84.41 -8.14
HD GDD N . -12.76 -84.11 -10.68
H41 GDD N . -11.15 -86.18 -10.59
HE GDD N . -12.74 -87.05 -9.43
C18 OLC O . -1.13 -92.65 9.50
C10 OLC O . -8.50 -92.66 3.95
C9 OLC O . -9.80 -92.41 3.96
C17 OLC O . -1.12 -93.02 8.02
C11 OLC O . -7.62 -92.18 5.05
C8 OLC O . -10.46 -91.63 5.05
C24 OLC O . -18.50 -95.07 -2.91
C16 OLC O . -2.28 -93.97 7.70
C12 OLC O . -6.17 -92.63 4.86
C7 OLC O . -11.92 -91.36 4.70
C15 OLC O . -3.60 -93.20 7.63
C13 OLC O . -5.40 -92.30 6.14
C6 OLC O . -12.77 -92.62 4.87
C14 OLC O . -4.05 -93.01 6.17
C5 OLC O . -13.44 -92.95 3.55
C4 OLC O . -14.48 -91.91 3.16
C3 OLC O . -15.45 -92.51 2.14
C2 OLC O . -14.68 -93.23 1.02
C21 OLC O . -17.75 -93.59 -1.03
C1 OLC O . -15.52 -93.22 -0.23
C22 OLC O . -17.31 -94.78 -1.94
O19 OLC O . -15.16 -92.97 -1.38
O25 OLC O . -18.16 -96.28 -3.53
O23 OLC O . -16.15 -94.51 -2.64
O20 OLC O . -16.81 -93.56 0.03
H18 OLC O . -1.02 -93.53 10.15
H18A OLC O . -2.05 -92.15 9.80
H18B OLC O . -0.31 -91.97 9.76
H10 OLC O . -8.02 -93.22 3.14
H9 OLC O . -10.45 -92.75 3.15
H17 OLC O . -1.19 -92.12 7.41
H17A OLC O . -0.17 -93.48 7.76
H11 OLC O . -7.68 -91.09 5.10
H11A OLC O . -7.99 -92.52 6.01
H8 OLC O . -10.39 -92.19 5.98
H8A OLC O . -9.94 -90.69 5.25
H24 OLC O . -19.43 -95.13 -2.35
H24A OLC O . -18.63 -94.26 -3.64
H16 OLC O . -2.09 -94.48 6.76
H16A OLC O . -2.34 -94.76 8.44
H12 OLC O . -6.13 -93.70 4.64
H12A OLC O . -5.73 -92.13 3.99
H7 OLC O . -12.31 -90.56 5.33
H7A OLC O . -12.01 -90.99 3.69
H15 OLC O . -4.37 -93.72 8.20
H15A OLC O . -3.51 -92.23 8.11
H13 OLC O . -5.26 -91.22 6.22
H13A OLC O . -6.00 -92.58 7.00
H6 OLC O . -12.16 -93.45 5.22
H6A OLC O . -13.52 -92.48 5.65
H14 OLC O . -3.31 -92.45 5.61
H14A OLC O . -4.11 -93.98 5.67
H5 OLC O . -12.68 -93.04 2.76
H5A OLC O . -13.90 -93.94 3.60
H4 OLC O . -15.01 -91.56 4.04
H4A OLC O . -14.00 -91.02 2.75
H3 OLC O . -16.13 -93.20 2.63
H3A OLC O . -16.08 -91.74 1.71
H2 OLC O . -13.73 -92.74 0.82
H2A OLC O . -14.44 -94.25 1.30
H21 OLC O . -17.76 -92.65 -1.58
H21A OLC O . -18.75 -93.75 -0.65
H22 OLC O . -17.06 -95.66 -1.36
HO25 OLC O . -18.09 -96.96 -2.81
HO23 OLC O . -16.11 -93.53 -2.84
N2 GDD P . -32.67 -42.16 8.52
C2 GDD P . -31.45 -42.20 9.04
N1 GDD P . -31.01 -43.40 9.55
N3 GDD P . -30.71 -41.10 9.03
C4 GDD P . -29.48 -41.29 9.56
C5 GDD P . -28.96 -42.44 10.09
C6 GDD P . -29.77 -43.63 10.09
O6 GDD P . -29.46 -44.74 10.53
N7 GDD P . -27.65 -42.22 10.53
C8 GDD P . -27.43 -40.96 10.27
N9 GDD P . -28.50 -40.33 9.68
C1' GDD P . -28.60 -38.93 9.24
C2' GDD P . -29.01 -37.96 10.35
O2' GDD P . -30.42 -37.91 10.48
C3' GDD P . -28.42 -36.67 9.82
O3' GDD P . -29.25 -36.10 8.80
C4' GDD P . -27.10 -37.14 9.22
O4' GDD P . -27.32 -38.50 8.78
C5' GDD P . -25.91 -37.12 10.16
O5' GDD P . -25.70 -35.77 10.63
PA GDD P . -26.15 -35.32 12.11
O1A GDD P . -25.00 -35.25 13.05
O2A GDD P . -27.24 -36.32 12.51
O3A GDD P . -26.85 -33.90 11.94
PB GDD P . -27.34 -33.04 10.70
O2B GDD P . -27.49 -33.99 9.51
O3B GDD P . -28.56 -32.26 11.03
O1B GDD P . -26.08 -32.07 10.35
C11 GDD P . -25.45 -31.92 9.10
O51 GDD P . -25.33 -30.56 8.76
C51 GDD P . -24.57 -29.80 9.71
C61 GDD P . -24.60 -28.36 9.24
O6A GDD P . -25.91 -27.80 9.38
C21 GDD P . -24.08 -32.58 9.15
O21 GDD P . -23.49 -32.60 7.86
C31 GDD P . -23.18 -31.84 10.14
O31 GDD P . -21.86 -32.38 10.07
C41 GDD P . -23.15 -30.36 9.82
O41 GDD P . -22.46 -29.66 10.84
H2N1 GDD P . -33.05 -41.31 8.13
H2N2 GDD P . -33.29 -42.98 8.48
H1 GDD P . -31.63 -44.20 9.53
H8 GDD P . -26.49 -40.46 10.49
H1' GDD P . -29.28 -38.89 8.39
H2' GDD P . -28.55 -38.24 11.30
HA GDD P . -30.71 -38.84 10.69
H3' GDD P . -28.28 -35.93 10.60
HB GDD P . -30.06 -35.77 9.27
H4' GDD P . -26.88 -36.60 8.30
H5'1 GDD P . -26.03 -37.78 11.02
H5'2 GDD P . -24.97 -37.38 9.69
HO2A GDD P . -28.17 -36.15 12.81
HO2B GDD P . -26.96 -34.13 8.68
H11 GDD P . -26.10 -32.30 8.31
H51 GDD P . -25.06 -29.86 10.69
H611 GDD P . -23.88 -27.80 9.84
H612 GDD P . -24.27 -28.28 8.22
H6A GDD P . -26.06 -27.75 10.36
H21 GDD P . -24.17 -33.63 9.46
HC GDD P . -22.78 -33.29 7.83
H31 GDD P . -23.50 -32.01 11.16
HD GDD P . -21.21 -31.79 10.55
H41 GDD P . -22.64 -30.20 8.86
HE GDD P . -22.85 -29.95 11.71
C18 OLC Q . -18.06 -20.81 -3.15
C10 OLC Q . -25.72 -18.83 -6.54
C9 OLC Q . -26.68 -19.20 -7.39
C17 OLC Q . -19.36 -20.31 -3.76
C11 OLC Q . -25.93 -18.36 -5.12
C8 OLC Q . -28.15 -19.22 -7.10
C24 OLC Q . -40.49 -19.99 -10.29
C16 OLC Q . -19.99 -19.21 -2.89
C12 OLC Q . -24.92 -19.04 -4.19
C7 OLC Q . -28.81 -20.33 -7.90
C15 OLC Q . -21.11 -18.46 -3.63
C13 OLC Q . -23.53 -18.39 -4.30
C6 OLC Q . -30.21 -20.57 -7.31
C14 OLC Q . -22.45 -19.22 -3.60
C5 OLC Q . -31.21 -20.99 -8.40
C4 OLC Q . -32.53 -20.25 -8.18
C3 OLC Q . -33.50 -20.54 -9.34
C2 OLC Q . -34.58 -19.46 -9.37
C21 OLC Q . -38.01 -20.35 -10.44
C1 OLC Q . -35.66 -19.82 -10.36
C22 OLC Q . -39.15 -19.91 -9.50
O19 OLC Q . -35.59 -19.96 -11.57
O25 OLC Q . -41.34 -19.11 -9.63
O23 OLC Q . -39.18 -20.71 -8.36
O20 OLC Q . -36.84 -20.00 -9.70
H18 OLC Q . -17.59 -21.59 -3.75
H18A OLC Q . -17.33 -20.01 -3.06
H18B OLC Q . -18.21 -21.23 -2.15
H10 OLC Q . -24.68 -18.85 -6.85
H9 OLC Q . -26.41 -19.53 -8.40
H17 OLC Q . -19.18 -19.94 -4.77
H17A OLC Q . -20.06 -21.14 -3.89
H11 OLC Q . -25.81 -17.27 -5.09
H11A OLC Q . -26.95 -18.54 -4.78
H8 OLC Q . -28.29 -19.36 -6.03
H8A OLC Q . -28.61 -18.26 -7.33
H24 OLC Q . -40.32 -19.71 -11.33
H24A OLC Q . -40.88 -21.01 -10.31
H16 OLC Q . -20.37 -19.64 -1.97
H16A OLC Q . -19.22 -18.51 -2.57
H12 OLC Q . -25.27 -19.00 -3.16
H12A OLC Q . -24.86 -20.11 -4.42
H7 OLC Q . -28.87 -20.06 -8.95
H7A OLC Q . -28.21 -21.24 -7.86
H15 OLC Q . -21.24 -17.47 -3.19
H15A OLC Q . -20.82 -18.27 -4.66
H13 OLC Q . -23.28 -18.26 -5.36
H13A OLC Q . -23.56 -17.37 -3.90
H6 OLC Q . -30.16 -21.33 -6.53
H6A OLC Q . -30.56 -19.67 -6.81
H14 OLC Q . -22.36 -20.19 -4.07
H14A OLC Q . -22.75 -19.43 -2.57
H5 OLC Q . -30.81 -20.78 -9.39
H5A OLC Q . -31.36 -22.07 -8.37
H4 OLC Q . -32.97 -20.53 -7.24
H4A OLC Q . -32.34 -19.18 -8.11
H3 OLC Q . -32.96 -20.59 -10.28
H3A OLC Q . -33.95 -21.53 -9.22
H2 OLC Q . -35.03 -19.31 -8.40
H2A OLC Q . -34.15 -18.49 -9.65
H21 OLC Q . -38.03 -21.41 -10.66
H21A OLC Q . -38.03 -19.81 -11.39
H22 OLC Q . -39.00 -18.91 -9.10
HO25 OLC Q . -42.20 -19.60 -9.48
HO23 OLC Q . -38.28 -20.70 -7.95
C18 OLC R . 15.97 94.68 -2.27
C10 OLC R . 9.21 92.20 -5.08
C9 OLC R . 7.90 92.15 -4.87
C17 OLC R . 15.13 93.41 -2.42
C11 OLC R . 10.18 91.07 -4.87
C8 OLC R . 7.13 90.98 -4.38
C24 OLC R . -0.57 86.92 -6.86
C16 OLC R . 13.75 93.73 -2.99
C12 OLC R . 11.53 91.63 -4.41
C7 OLC R . 5.73 90.98 -5.00
C15 OLC R . 13.78 93.78 -4.52
C13 OLC R . 12.45 91.91 -5.61
C6 OLC R . 4.73 90.28 -4.10
C14 OLC R . 13.84 92.38 -5.16
C5 OLC R . 4.18 91.31 -3.09
C4 OLC R . 3.23 90.66 -2.07
C3 OLC R . 1.75 90.96 -2.41
C2 OLC R . 1.04 89.82 -3.15
C21 OLC R . -0.76 88.52 -4.92
C1 OLC R . 1.14 90.07 -4.65
C22 OLC R . -1.49 87.97 -6.19
O19 OLC R . 1.92 90.81 -5.18
O25 OLC R . -1.28 86.52 -8.00
O23 OLC R . -2.73 87.46 -5.86
O20 OLC R . 0.23 89.39 -5.44
H18 OLC R . 15.50 95.40 -1.60
H18A OLC R . 16.95 94.47 -1.87
H18B OLC R . 16.12 95.19 -3.22
H10 OLC R . 9.68 93.13 -5.43
H9 OLC R . 7.29 93.04 -5.05
H17 OLC R . 15.65 92.70 -3.06
H17A OLC R . 15.04 92.91 -1.45
H11 OLC R . 9.77 90.38 -4.13
H11A OLC R . 10.30 90.47 -5.77
H8 OLC R . 7.66 90.06 -4.63
H8A OLC R . 7.06 90.96 -3.29
H24 OLC R . 0.39 87.37 -7.11
H24A OLC R . -0.36 86.09 -6.20
H16 OLC R . 13.02 92.98 -2.65
H16A OLC R . 13.38 94.67 -2.59
H12 OLC R . 11.37 92.55 -3.84
H12A OLC R . 12.00 90.95 -3.72
H7 OLC R . 5.41 92.00 -5.20
H7A OLC R . 5.75 90.49 -5.98
H15 OLC R . 12.92 94.32 -4.90
H15A OLC R . 14.64 94.37 -4.85
H13 OLC R . 12.54 91.01 -6.23
H13A OLC R . 12.00 92.65 -6.26
H6 OLC R . 3.92 89.84 -4.67
H6A OLC R . 5.20 89.44 -3.58
H14 OLC R . 14.54 92.37 -6.00
H14A OLC R . 14.26 91.67 -4.44
H5 OLC R . 5.01 91.77 -2.57
H5A OLC R . 3.69 92.11 -3.62
H4 OLC R . 3.39 89.58 -2.05
H4A OLC R . 3.47 91.00 -1.07
H3 OLC R . 1.21 91.19 -1.49
H3A OLC R . 1.68 91.87 -3.00
H2 OLC R . 1.48 88.85 -2.93
H2A OLC R . -0.01 89.73 -2.86
H21 OLC R . -1.43 89.04 -4.25
H21A OLC R . -0.29 87.71 -4.35
H22 OLC R . -1.74 88.79 -6.88
HO25 OLC R . -1.20 87.25 -8.66
HO23 OLC R . -3.22 88.12 -5.29
C18 OLC S . 3.42 105.28 15.59
C10 OLC S . 12.17 109.65 15.93
C9 OLC S . 13.40 109.68 15.39
C17 OLC S . 4.52 106.29 15.93
C11 OLC S . 11.46 108.48 16.56
C8 OLC S . 14.39 108.55 15.27
C24 OLC S . 25.18 111.46 20.39
C16 OLC S . 5.89 105.85 15.38
C12 OLC S . 10.22 108.10 15.73
C7 OLC S . 15.63 108.83 16.15
C15 OLC S . 7.02 106.65 16.06
C13 OLC S . 9.56 106.83 16.28
C6 OLC S . 16.96 108.71 15.37
C14 OLC S . 8.39 106.35 15.40
C5 OLC S . 17.94 107.72 16.04
C4 OLC S . 18.79 108.35 17.17
C3 OLC S . 19.91 107.37 17.57
C2 OLC S . 20.75 107.88 18.76
C21 OLC S . 23.40 110.52 18.85
C1 OLC S . 21.97 108.64 18.29
C22 OLC S . 23.64 111.35 20.16
O19 OLC S . 22.69 108.40 17.34
O25 OLC S . 25.70 111.82 19.14
O23 OLC S . 23.02 112.60 20.11
O20 OLC S . 22.26 109.70 19.13
H18 OLC S . 3.64 104.29 15.99
H18A OLC S . 2.45 105.59 15.98
H18B OLC S . 3.31 105.17 14.51
H10 OLC S . 11.57 110.56 15.94
H9 OLC S . 13.77 110.62 14.99
H17 OLC S . 4.25 107.27 15.55
H17A OLC S . 4.57 106.42 17.01
H11 OLC S . 12.15 107.64 16.61
H11A OLC S . 11.19 108.68 17.59
H8 OLC S . 13.91 107.63 15.58
H8A OLC S . 14.68 108.38 14.24
H24 OLC S . 25.38 112.20 21.16
H24A OLC S . 25.59 110.52 20.74
H16 OLC S . 5.92 106.00 14.30
H16A OLC S . 6.02 104.79 15.53
H12 OLC S . 9.51 108.93 15.74
H12A OLC S . 10.49 107.97 14.69
H7 OLC S . 15.55 109.84 16.58
H7A OLC S . 15.65 108.16 17.00
H15 OLC S . 6.81 107.72 16.01
H15A OLC S . 7.06 106.41 17.13
H13 OLC S . 10.29 106.03 16.37
H13A OLC S . 9.21 107.00 17.30
H6 OLC S . 16.77 108.40 14.34
H6A OLC S . 17.43 109.69 15.27
H14 OLC S . 8.47 105.29 15.19
H14A OLC S . 8.43 106.84 14.42
H5 OLC S . 17.38 106.88 16.44
H5A OLC S . 18.59 107.28 15.28
H4 OLC S . 19.22 109.30 16.83
H4A OLC S . 18.17 108.61 18.02
H3 OLC S . 19.48 106.40 17.81
H3A OLC S . 20.56 107.18 16.72
H2 OLC S . 20.16 108.54 19.40
H2A OLC S . 21.06 107.06 19.40
H21 OLC S . 23.21 111.16 17.99
H21A OLC S . 24.26 109.91 18.61
H22 OLC S . 23.16 110.88 21.02
HO25 OLC S . 25.25 112.65 18.86
HO23 OLC S . 23.05 112.92 19.18
#